data_5UOW
#
_entry.id   5UOW
#
loop_
_entity.id
_entity.type
_entity.pdbx_description
1 polymer 'N-methyl-D-aspartate receptor subunit NR1-8a'
2 polymer 'N-methyl-D-aspartate receptor subunit NR2A'
3 polymer 'Ionotropic glutamate receptor subunit NR2B'
4 polymer 'GluN2B-specific Fab, termed 11D1'
5 branched 2-acetamido-2-deoxy-beta-D-glucopyranose-(1-4)-2-acetamido-2-deoxy-beta-D-glucopyranose
6 non-polymer 'GLUTAMIC ACID'
7 non-polymer (5S,10R)-5-methyl-10,11-dihydro-5H-5,10-epiminodibenzo[a,d][7]annulene
#
loop_
_entity_poly.entity_id
_entity_poly.type
_entity_poly.pdbx_seq_one_letter_code
_entity_poly.pdbx_strand_id
1 'polypeptide(L)'
;DPKIVNIGAVLSTKKHEQIFREAVNQANKRHFTRKIQLNATSVTHRPNAIQMALSVCEDLISSQVYAILVSHPPAPTDHL
TPTPISYTAGFYRIPVIGLTTRMSIYSDKSIHLSFLRTVPPYSHQALVWFEMMRLFNWNHVILIVSDDHEGRAAQKKLET
LLEEKESKADKVLQFEPGTKNLTALLLEAKELEARVIILSASEDDATAVYKSAAMLDMTGAGYVWLVGEREISGSALRYA
PDGIIGLQLINGKNESAHISDAVAVVAQAIHELFEMEQITDPPRGCVGNTNIWKTGPLFKRVLMSSKYPDGVTGRIEFNE
DGDRKFAQYSIMNLQNRKLVQVGIFDGSYIIQNDRKIIWPGGETERPQGYQMSTRLKIVTIHQEPFVYVRPTTSDGTCRE
EYTINGDPIKKVICNGPDETIPGRPTVPQCCYGFCVDLLIKLAREMDFTYEVHLVADGKFGTQERVNNSNAAAWNGMMGE
LLSGQADMIVAPLTINNERAQYIEFSKPFKYQGLTILVKKEIPRSTLDSFMQPFQSTLWLLVGLSVHVVAVMLYLLDRFS
PFGRFKVNSAAAEEDALTLSSAMWFSWRVLLNSGLGEGAPRSFSARILGMVWALFAMIIVASYTANLAAFLVLRRPEERI
TGINDPRLRNPSDKFIYATVKQSSVDIYFRRQVELSTMYRHMEKHNYESAAEAIQAVRDNKLHAFIWDSAVLEFEASQDC
DLVTTGELFFRSGFGIGMRKDSPWKQEVSLNILKSHENGFMEELDKTWVRYQECDSRSNAPATLTFENMAGVFYLVAGGI
VAGIFLIFIEIAYK
;
A,C
2 'polypeptide(L)'
;MGMFVLLLYTFLYAGDLGHGAEKSFPVLNIAVILGRTRYITERDIRSLWTRDMSLDFDVNVVTLLVQQTDPKSIITHVCD
LMSGTKIHGVVFGDDTDQEAIAQILDFVSSQTFIPILGIHGGSSMIMADKDEMSTFFQFGASIKQQATVMLNIMEEYDWH
VFSVITSNFPGYRDFISFIKTTVDNSFVGWEVQNYITLDTSYTDAQTLTQLKKIHSSVILLYCSKDEATYIFEEARSLGL
MGYGFVWIVPSLVTGNTDIIPYEFPSGLVSVSYDDWDYGIEARVRDGLGIITTAASAMLEKHSVIPEAKTSCYGQNERND
PPLHTLHNFMINVTWDGKDLSFTEDGYQANPKLVVLLLNMEREWEKVGKWEAKSLNMKYPVWPRIDSDHDDNHLSIVTLE
EAPFVIVENIDYLTGTCVRNTVPCRKYFRLANSTTEGTSVKKCCKGFCIDILKKLSKTVKFTYDLYLVTNGKHGKKIKNV
WNGMIGEVVYKRAVMAVGSLTINEERSVAVDFSVPFVETGISVMVSRSAGTVSPSAFLEPFSASVWVMMFVMLLLVSAMA
VFIFEYFSPVGYNRNLAQGKDPHGPSFTIGKAVWLLWGLVFNNSLPVQNPKGTTSKIIVSIWAFFAVIFLASYTANLAAF
MIQRRFVDQVTGLSDNKFQRPHDYSPPFRFGTVPQGSTERNIRNNYPDMHQYMVKFHQKGVQDALVSLKTGKLDAFIYDA
AVLNYMAGRDEGCKLVTIGSGYIFATTGYGIALQKGSRWKRPIDLALLQFVGDGEMEELEKLWLTGICHTEKNEVMSSQL
DIDNMAGVFYMLAAAMALSLITFVWEHLFYKE
;
B
3 'polypeptide(L)'
;MRPTEACCYLKISLIILFYSRAYAQKHPNMDIAVILVGTTEEVAIKDVHEKDDFHHLPVTPRVELVTMQESDPKSIITRI
CDLMSDKKVQGVVFGDDTDQEAIAQILDFISVQTLTPILGIHGGSSMIMADKEEASMFFQFGPSIEQQASVMLNIMEEYD
WYIFSIVTTYFPGYQDFENKVRSTIENSFVGWELEEVIHLDMSLDDIDSKIQNQLKKLQSPVILLYCTKEEATYIFEVAH
SVGLTGYGFTWIVPSLVAGDTDTVPDEFPTGLISVSYDEWDYDLPARVRDGIAIITTAASTMLSEHNSIPQSKSSCNNIQ
ESRVYEAHMLKRYLINVTFEGRDLSFSEDGYQMHPKLVIILLNQERKWERVGKYKDRSLKMWPVFDLYPNSEEHKDEHLS
IVTLEEAPFVIVEDVDPLSGTCMRNTVPCRKQIRPENRTEEGGNYIKRCCKGFCIDILKKIAKTVKFTYDLYLVTNGKHG
KKINGVWNGMIGEVVTKRAYMAVGSLTINEERSEVVDFSVPFIETGISVMVSRSNGTVSPSAFLEPFSADVWVMMFVMLL
IVSAVAVFVFEYFSPVGYNRALADGREPGGPSFTIGKAIWLLWGLVFNNSLPVQNPKGTTSKIMVSVWAFFAVIFLASYT
ANLAAFMIQRRYVDQVSGLSDKKFQRPNDFSPAFRFGTVPNGSTERNIRNNYLEMHSYMVKFNQRSVQDALLSLKSGKLD
AFIYDAAVLNYMAGRDEGCKLVTIGSGKVFATTGYGIAIQKDSGWKRQVDLAILQLFGDGEMEELEALWLTGICHNEKNE
VMSSQLDIDNMAGVFYMLAAAMALSLITFIMEHLFYK
;
D
4 'polypeptide(L)'
;(UNK)(UNK)(UNK)(UNK)(UNK)(UNK)(UNK)(UNK)(UNK)(UNK)(UNK)(UNK)(UNK)(UNK)(UNK)(UNK)
(UNK)(UNK)(UNK)(UNK)(UNK)(UNK)(UNK)(UNK)(UNK)(UNK)(UNK)(UNK)(UNK)(UNK)(UNK)(UNK)
(UNK)(UNK)(UNK)(UNK)(UNK)(UNK)(UNK)(UNK)(UNK)(UNK)(UNK)(UNK)(UNK)(UNK)(UNK)(UNK)
(UNK)(UNK)(UNK)(UNK)(UNK)(UNK)(UNK)(UNK)(UNK)(UNK)(UNK)(UNK)(UNK)(UNK)(UNK)(UNK)
(UNK)(UNK)(UNK)(UNK)(UNK)(UNK)(UNK)(UNK)(UNK)(UNK)(UNK)(UNK)(UNK)(UNK)(UNK)(UNK)
(UNK)(UNK)(UNK)(UNK)(UNK)(UNK)(UNK)(UNK)(UNK)(UNK)(UNK)(UNK)(UNK)(UNK)(UNK)(UNK)
(UNK)(UNK)(UNK)(UNK)(UNK)(UNK)(UNK)(UNK)(UNK)(UNK)(UNK)(UNK)(UNK)(UNK)(UNK)(UNK)
(UNK)(UNK)(UNK)(UNK)(UNK)(UNK)(UNK)(UNK)(UNK)(UNK)(UNK)(UNK)(UNK)(UNK)(UNK)(UNK)
(UNK)(UNK)(UNK)(UNK)(UNK)(UNK)(UNK)(UNK)(UNK)(UNK)(UNK)(UNK)(UNK)(UNK)(UNK)(UNK)
(UNK)(UNK)(UNK)(UNK)(UNK)(UNK)(UNK)(UNK)(UNK)(UNK)(UNK)(UNK)(UNK)(UNK)(UNK)(UNK)
(UNK)(UNK)(UNK)(UNK)(UNK)(UNK)(UNK)(UNK)(UNK)(UNK)(UNK)(UNK)(UNK)(UNK)(UNK)(UNK)
(UNK)(UNK)(UNK)(UNK)(UNK)(UNK)(UNK)(UNK)(UNK)(UNK)(UNK)(UNK)(UNK)(UNK)(UNK)(UNK)
(UNK)(UNK)(UNK)(UNK)(UNK)(UNK)(UNK)(UNK)(UNK)(UNK)(UNK)(UNK)(UNK)(UNK)(UNK)(UNK)
(UNK)(UNK)(UNK)(UNK)(UNK)(UNK)(UNK)(UNK)
;
F,G
#
loop_
_chem_comp.id
_chem_comp.type
_chem_comp.name
_chem_comp.formula
BMK non-polymer (5S,10R)-5-methyl-10,11-dihydro-5H-5,10-epiminodibenzo[a,d][7]annulene 'C16 H15 N'
NAG D-saccharide, beta linking 2-acetamido-2-deoxy-beta-D-glucopyranose 'C8 H15 N O6'
#
# COMPACT_ATOMS: atom_id res chain seq x y z
N ASP A 1 66.67 -3.19 26.73
CA ASP A 1 66.79 -2.93 28.16
C ASP A 1 65.94 -3.90 28.97
N PRO A 2 66.43 -4.26 30.15
CA PRO A 2 65.71 -5.18 31.03
C PRO A 2 65.33 -4.53 32.35
N LYS A 3 64.05 -4.53 32.67
CA LYS A 3 63.58 -3.96 33.90
C LYS A 3 63.00 -5.16 34.61
N ILE A 4 63.43 -5.40 35.84
CA ILE A 4 62.89 -6.54 36.54
C ILE A 4 61.45 -6.15 36.75
N VAL A 5 60.55 -6.98 36.24
CA VAL A 5 59.14 -6.71 36.40
C VAL A 5 58.76 -7.61 37.53
N ASN A 6 58.51 -7.02 38.69
CA ASN A 6 58.16 -7.86 39.82
C ASN A 6 56.88 -8.63 39.60
N ILE A 7 56.81 -9.75 40.32
CA ILE A 7 55.63 -10.59 40.37
C ILE A 7 55.45 -10.86 41.86
N GLY A 8 54.25 -11.21 42.28
CA GLY A 8 54.06 -11.48 43.68
C GLY A 8 53.13 -12.63 43.87
N ALA A 9 53.18 -13.22 45.06
CA ALA A 9 52.39 -14.40 45.34
C ALA A 9 52.19 -14.61 46.83
N VAL A 10 51.17 -15.39 47.13
CA VAL A 10 50.94 -15.87 48.48
C VAL A 10 50.81 -17.37 48.39
N LEU A 11 51.67 -18.06 49.13
CA LEU A 11 51.74 -19.50 49.00
C LEU A 11 51.78 -20.16 50.38
N SER A 12 51.58 -21.47 50.39
CA SER A 12 51.47 -22.21 51.64
C SER A 12 52.73 -22.23 52.50
N THR A 13 53.88 -22.51 51.88
CA THR A 13 55.12 -22.69 52.66
C THR A 13 56.33 -22.11 51.93
N LYS A 14 57.38 -21.83 52.69
CA LYS A 14 58.63 -21.25 52.16
C LYS A 14 59.25 -22.12 51.06
N LYS A 15 59.11 -23.44 51.18
CA LYS A 15 59.59 -24.34 50.15
C LYS A 15 58.92 -24.04 48.81
N HIS A 16 57.61 -23.80 48.86
CA HIS A 16 56.86 -23.46 47.66
C HIS A 16 57.22 -22.08 47.15
N GLU A 17 57.64 -21.19 48.05
CA GLU A 17 58.16 -19.90 47.65
C GLU A 17 59.42 -20.09 46.83
N GLN A 18 60.30 -20.97 47.31
CA GLN A 18 61.52 -21.31 46.59
C GLN A 18 61.20 -21.91 45.22
N ILE A 19 60.17 -22.75 45.18
CA ILE A 19 59.70 -23.31 43.91
C ILE A 19 59.25 -22.20 42.95
N PHE A 20 58.53 -21.23 43.51
CA PHE A 20 58.06 -20.08 42.76
C PHE A 20 59.22 -19.31 42.13
N ARG A 21 60.16 -18.90 42.97
CA ARG A 21 61.34 -18.17 42.53
C ARG A 21 62.11 -18.94 41.47
N GLU A 22 62.24 -20.26 41.67
CA GLU A 22 62.90 -21.13 40.70
C GLU A 22 62.22 -21.09 39.33
N ALA A 23 60.89 -21.20 39.34
CA ALA A 23 60.13 -21.16 38.09
C ALA A 23 60.29 -19.81 37.40
N VAL A 24 60.25 -18.74 38.20
CA VAL A 24 60.46 -17.40 37.68
C VAL A 24 61.82 -17.28 37.00
N ASN A 25 62.86 -17.78 37.66
CA ASN A 25 64.19 -17.76 37.08
C ASN A 25 64.28 -18.56 35.79
N GLN A 26 63.56 -19.69 35.74
CA GLN A 26 63.45 -20.45 34.49
C GLN A 26 62.82 -19.59 33.41
N ALA A 27 61.89 -18.73 33.84
CA ALA A 27 61.10 -17.87 32.96
C ALA A 27 61.87 -16.88 32.10
N ASN A 28 62.95 -16.31 32.62
CA ASN A 28 63.71 -15.33 31.85
C ASN A 28 64.25 -15.93 30.54
N LYS A 29 64.72 -17.16 30.60
CA LYS A 29 65.24 -17.85 29.42
C LYS A 29 64.18 -18.10 28.34
N ARG A 30 62.98 -18.53 28.76
CA ARG A 30 61.87 -18.83 27.81
C ARG A 30 61.30 -17.67 26.99
N HIS A 31 61.02 -16.54 27.64
CA HIS A 31 60.59 -15.32 26.97
C HIS A 31 61.85 -14.47 26.73
N PHE A 32 61.78 -13.48 25.85
CA PHE A 32 62.98 -12.68 25.58
C PHE A 32 63.48 -11.93 26.81
N THR A 33 64.76 -12.12 27.12
CA THR A 33 65.42 -11.48 28.26
C THR A 33 65.62 -9.96 28.15
N ARG A 34 66.02 -9.51 26.97
CA ARG A 34 66.29 -8.09 26.73
C ARG A 34 65.08 -7.18 26.89
N LYS A 35 63.94 -7.64 26.40
CA LYS A 35 62.70 -6.87 26.47
C LYS A 35 62.24 -6.58 27.89
N ILE A 36 62.38 -7.57 28.76
CA ILE A 36 61.91 -7.42 30.14
C ILE A 36 62.66 -8.26 31.17
N GLN A 37 62.57 -7.85 32.44
CA GLN A 37 63.22 -8.54 33.54
C GLN A 37 62.17 -9.06 34.54
N LEU A 38 62.32 -10.31 34.96
CA LEU A 38 61.38 -10.93 35.90
C LEU A 38 61.99 -11.11 37.29
N ASN A 39 61.24 -10.68 38.32
CA ASN A 39 61.69 -10.77 39.69
C ASN A 39 60.55 -11.36 40.50
N ALA A 40 60.87 -12.15 41.52
CA ALA A 40 59.83 -12.84 42.26
C ALA A 40 59.73 -12.40 43.72
N THR A 41 58.50 -12.16 44.16
CA THR A 41 58.23 -11.86 45.56
C THR A 41 57.05 -12.69 46.06
N SER A 42 57.12 -13.16 47.29
CA SER A 42 56.05 -14.01 47.80
C SER A 42 55.95 -13.97 49.31
N VAL A 43 54.84 -14.47 49.83
CA VAL A 43 54.60 -14.52 51.26
C VAL A 43 54.20 -15.94 51.63
N THR A 44 54.54 -16.32 52.85
CA THR A 44 54.21 -17.65 53.37
C THR A 44 52.89 -17.68 54.13
N HIS A 45 52.09 -16.65 53.93
CA HIS A 45 50.72 -16.64 54.46
C HIS A 45 50.51 -16.94 55.94
N ARG A 46 51.16 -16.18 56.82
CA ARG A 46 50.93 -16.36 58.25
C ARG A 46 49.44 -16.06 58.44
N PRO A 47 48.78 -16.87 59.27
CA PRO A 47 47.32 -16.77 59.40
C PRO A 47 46.77 -15.65 60.29
N ASN A 48 46.67 -14.48 59.66
CA ASN A 48 46.08 -13.29 60.27
C ASN A 48 44.93 -13.00 59.31
N ALA A 49 43.72 -12.88 59.84
CA ALA A 49 42.57 -12.65 58.97
C ALA A 49 42.59 -11.33 58.19
N ILE A 50 42.96 -10.25 58.85
CA ILE A 50 43.00 -8.95 58.21
C ILE A 50 44.36 -8.25 58.18
N GLN A 51 45.45 -8.97 58.41
CA GLN A 51 46.74 -8.30 58.45
C GLN A 51 47.59 -8.78 57.32
N MET A 52 47.36 -10.00 56.88
CA MET A 52 48.11 -10.48 55.76
C MET A 52 47.82 -9.54 54.60
N ALA A 53 46.53 -9.22 54.44
CA ALA A 53 46.11 -8.27 53.42
C ALA A 53 46.77 -6.92 53.64
N LEU A 54 46.91 -6.50 54.90
CA LEU A 54 47.60 -5.25 55.21
C LEU A 54 48.95 -5.26 54.55
N SER A 55 49.70 -6.33 54.80
CA SER A 55 51.01 -6.48 54.22
C SER A 55 50.95 -6.63 52.71
N VAL A 56 49.87 -7.20 52.19
CA VAL A 56 49.82 -7.35 50.75
C VAL A 56 49.86 -5.95 50.13
N CYS A 57 49.07 -5.04 50.69
CA CYS A 57 49.06 -3.65 50.23
C CYS A 57 50.37 -2.93 50.53
N GLU A 58 50.87 -3.11 51.74
CA GLU A 58 52.10 -2.47 52.21
C GLU A 58 53.35 -2.92 51.45
N ASP A 59 53.43 -4.21 51.19
CA ASP A 59 54.55 -4.78 50.50
C ASP A 59 54.28 -4.99 49.03
N LEU A 60 53.25 -5.75 48.71
CA LEU A 60 53.06 -6.10 47.31
C LEU A 60 52.56 -4.94 46.47
N ILE A 61 51.62 -4.16 47.00
CA ILE A 61 51.16 -3.03 46.22
C ILE A 61 52.23 -1.99 46.19
N SER A 62 52.90 -1.80 47.31
CA SER A 62 54.03 -0.87 47.34
C SER A 62 55.12 -1.32 46.38
N SER A 63 55.21 -2.64 46.15
CA SER A 63 56.14 -3.23 45.19
C SER A 63 55.55 -3.24 43.79
N GLN A 64 54.32 -2.80 43.62
CA GLN A 64 53.74 -2.74 42.29
C GLN A 64 53.87 -4.03 41.48
N VAL A 65 53.53 -5.18 42.06
CA VAL A 65 53.64 -6.46 41.35
C VAL A 65 52.74 -6.40 40.11
N TYR A 66 53.20 -6.93 38.98
CA TYR A 66 52.37 -6.81 37.78
C TYR A 66 51.24 -7.80 37.83
N ALA A 67 51.31 -8.68 38.81
CA ALA A 67 50.35 -9.75 38.99
C ALA A 67 50.66 -10.50 40.26
N ILE A 68 49.66 -11.21 40.73
CA ILE A 68 49.77 -11.92 41.99
C ILE A 68 49.28 -13.33 41.79
N LEU A 69 49.92 -14.28 42.45
CA LEU A 69 49.45 -15.66 42.46
C LEU A 69 48.96 -15.96 43.86
N VAL A 70 47.96 -16.83 43.99
CA VAL A 70 47.45 -17.19 45.31
C VAL A 70 47.12 -18.67 45.40
N SER A 71 47.30 -19.25 46.57
CA SER A 71 46.99 -20.65 46.80
C SER A 71 46.21 -20.84 48.10
N HIS A 72 45.41 -21.89 48.18
CA HIS A 72 44.71 -22.22 49.42
C HIS A 72 45.71 -22.60 50.50
N PRO A 73 45.42 -22.08 51.68
CA PRO A 73 46.29 -22.19 52.82
C PRO A 73 46.59 -23.63 53.03
N PRO A 74 47.85 -23.87 53.36
CA PRO A 74 48.36 -25.20 53.66
C PRO A 74 47.63 -25.71 54.89
N ALA A 75 47.44 -24.85 55.89
CA ALA A 75 46.67 -25.25 57.05
C ALA A 75 45.29 -25.52 56.49
N PRO A 76 44.71 -26.62 56.90
CA PRO A 76 43.41 -27.05 56.39
C PRO A 76 42.27 -26.35 57.11
N THR A 77 42.23 -25.04 57.00
CA THR A 77 41.20 -24.35 57.72
C THR A 77 40.75 -23.15 56.93
N ASP A 78 39.47 -22.86 57.15
CA ASP A 78 38.67 -21.80 56.56
C ASP A 78 38.16 -22.18 55.18
N HIS A 79 37.21 -21.42 54.70
CA HIS A 79 36.61 -21.70 53.42
C HIS A 79 36.65 -20.40 52.67
N LEU A 80 37.15 -20.44 51.44
CA LEU A 80 37.23 -19.27 50.60
C LEU A 80 37.91 -18.12 51.31
N THR A 81 39.07 -18.38 51.90
CA THR A 81 39.76 -17.32 52.60
C THR A 81 40.17 -16.22 51.65
N PRO A 82 40.66 -16.59 50.48
CA PRO A 82 41.08 -15.54 49.54
C PRO A 82 39.91 -14.71 49.01
N THR A 83 39.01 -14.25 49.88
CA THR A 83 38.09 -13.17 49.53
C THR A 83 38.72 -11.76 49.53
N PRO A 84 39.53 -11.42 50.56
CA PRO A 84 39.89 -10.01 50.68
C PRO A 84 40.73 -9.51 49.52
N ILE A 85 41.67 -10.34 49.04
CA ILE A 85 42.65 -9.89 48.07
C ILE A 85 41.97 -9.44 46.79
N SER A 86 40.97 -10.21 46.36
CA SER A 86 40.24 -9.90 45.14
C SER A 86 39.63 -8.52 45.27
N TYR A 87 39.14 -8.19 46.46
CA TYR A 87 38.63 -6.85 46.71
C TYR A 87 39.77 -5.84 46.74
N THR A 88 40.82 -6.14 47.50
CA THR A 88 41.91 -5.19 47.71
C THR A 88 42.67 -4.83 46.44
N ALA A 89 43.05 -5.84 45.68
CA ALA A 89 43.69 -5.57 44.41
C ALA A 89 42.67 -4.91 43.50
N GLY A 90 41.40 -5.10 43.79
CA GLY A 90 40.37 -4.60 42.90
C GLY A 90 40.56 -3.13 42.61
N PHE A 91 40.92 -2.35 43.62
CA PHE A 91 41.21 -0.93 43.40
C PHE A 91 42.44 -0.79 42.49
N TYR A 92 43.43 -1.65 42.74
CA TYR A 92 44.69 -1.72 42.00
C TYR A 92 44.59 -2.13 40.52
N ARG A 93 43.57 -2.94 40.19
CA ARG A 93 43.35 -3.49 38.84
C ARG A 93 44.53 -4.34 38.38
N ILE A 94 45.06 -5.10 39.34
CA ILE A 94 46.18 -6.01 39.23
C ILE A 94 45.68 -7.45 39.07
N PRO A 95 46.06 -8.12 37.98
CA PRO A 95 45.57 -9.48 37.75
C PRO A 95 46.00 -10.45 38.85
N VAL A 96 45.07 -11.31 39.26
CA VAL A 96 45.34 -12.32 40.26
C VAL A 96 45.11 -13.69 39.66
N ILE A 97 45.98 -14.63 39.99
CA ILE A 97 45.84 -15.97 39.47
C ILE A 97 45.85 -16.92 40.64
N GLY A 98 44.75 -17.65 40.85
CA GLY A 98 44.75 -18.64 41.90
C GLY A 98 45.22 -20.00 41.40
N LEU A 99 46.02 -20.69 42.20
CA LEU A 99 46.34 -22.08 41.93
C LEU A 99 45.34 -23.13 42.45
N THR A 100 44.99 -23.02 43.73
CA THR A 100 44.15 -24.00 44.41
C THR A 100 42.67 -23.68 44.65
N THR A 101 42.19 -22.53 44.20
CA THR A 101 40.82 -22.15 44.50
C THR A 101 39.90 -22.67 43.43
N ARG A 102 39.42 -23.89 43.65
CA ARG A 102 38.44 -24.52 42.78
C ARG A 102 37.01 -24.21 43.26
N MET A 103 36.90 -23.60 44.43
CA MET A 103 35.60 -23.26 45.01
C MET A 103 34.87 -22.25 44.14
N SER A 104 33.55 -22.38 44.08
CA SER A 104 32.69 -21.52 43.27
C SER A 104 32.19 -20.27 43.97
N ILE A 105 32.59 -20.07 45.22
CA ILE A 105 32.15 -18.90 45.98
C ILE A 105 32.60 -17.60 45.32
N TYR A 106 33.83 -17.58 44.81
CA TYR A 106 34.37 -16.41 44.13
C TYR A 106 34.00 -16.28 42.69
N SER A 107 33.09 -17.12 42.25
CA SER A 107 32.55 -17.06 40.92
C SER A 107 31.83 -15.76 40.68
N ASP A 108 31.30 -15.15 41.73
CA ASP A 108 30.57 -13.90 41.56
C ASP A 108 31.42 -12.70 41.17
N LYS A 109 31.84 -12.69 39.92
CA LYS A 109 32.62 -11.63 39.33
C LYS A 109 31.97 -10.25 39.29
N SER A 110 30.75 -10.09 39.79
CA SER A 110 30.20 -8.75 39.85
C SER A 110 30.85 -8.03 41.00
N ILE A 111 31.32 -8.79 41.97
CA ILE A 111 32.02 -8.24 43.11
C ILE A 111 33.41 -8.80 43.18
N HIS A 112 33.62 -9.90 42.45
CA HIS A 112 34.90 -10.52 42.35
C HIS A 112 35.46 -10.27 40.97
N LEU A 113 35.16 -9.12 40.40
CA LEU A 113 35.56 -8.81 39.04
C LEU A 113 37.04 -9.04 38.75
N SER A 114 37.90 -8.64 39.68
CA SER A 114 39.34 -8.82 39.52
C SER A 114 39.79 -10.25 39.72
N PHE A 115 38.91 -11.11 40.24
CA PHE A 115 39.25 -12.53 40.53
C PHE A 115 39.41 -13.52 39.35
N LEU A 116 40.34 -14.48 39.50
CA LEU A 116 40.59 -15.54 38.51
C LEU A 116 41.17 -16.83 39.14
N ARG A 117 40.95 -17.99 38.53
CA ARG A 117 41.71 -19.21 38.85
C ARG A 117 41.87 -20.24 37.71
N THR A 118 43.01 -20.93 37.68
CA THR A 118 43.27 -21.92 36.63
C THR A 118 42.31 -23.11 36.65
N VAL A 119 42.04 -23.63 37.85
CA VAL A 119 41.14 -24.78 38.00
C VAL A 119 39.69 -24.40 37.78
N PRO A 120 38.90 -25.32 37.21
CA PRO A 120 37.49 -25.05 36.99
C PRO A 120 36.72 -25.19 38.29
N PRO A 121 35.60 -24.47 38.42
CA PRO A 121 34.84 -24.56 39.66
C PRO A 121 34.05 -25.84 39.74
N TYR A 122 33.40 -26.08 40.87
CA TYR A 122 32.59 -27.28 41.03
C TYR A 122 31.40 -27.31 40.08
N SER A 123 30.92 -26.13 39.70
CA SER A 123 29.81 -25.99 38.78
C SER A 123 30.15 -26.57 37.40
N HIS A 124 31.38 -26.31 36.96
CA HIS A 124 31.84 -26.75 35.64
C HIS A 124 31.90 -28.27 35.52
N GLN A 125 31.85 -28.94 36.66
CA GLN A 125 31.82 -30.40 36.69
C GLN A 125 30.63 -30.91 35.91
N ALA A 126 29.58 -30.09 35.82
CA ALA A 126 28.37 -30.46 35.10
C ALA A 126 28.68 -30.79 33.63
N LEU A 127 29.77 -30.24 33.10
CA LEU A 127 30.19 -30.51 31.73
C LEU A 127 30.33 -32.02 31.56
N VAL A 128 30.91 -32.65 32.58
CA VAL A 128 31.06 -34.10 32.60
C VAL A 128 29.72 -34.81 32.62
N TRP A 129 28.85 -34.35 33.51
CA TRP A 129 27.56 -35.00 33.68
C TRP A 129 26.75 -34.96 32.40
N PHE A 130 26.74 -33.82 31.73
CA PHE A 130 26.04 -33.75 30.46
C PHE A 130 26.66 -34.72 29.48
N GLU A 131 27.98 -34.77 29.45
CA GLU A 131 28.61 -35.72 28.55
C GLU A 131 28.27 -37.11 29.05
N MET A 132 28.29 -37.28 30.37
CA MET A 132 27.95 -38.59 30.87
C MET A 132 26.52 -38.92 30.47
N MET A 133 25.64 -37.94 30.65
CA MET A 133 24.24 -38.16 30.36
C MET A 133 24.07 -38.43 28.89
N ARG A 134 24.94 -37.78 28.12
CA ARG A 134 24.89 -37.89 26.68
C ARG A 134 25.14 -39.31 26.21
N LEU A 135 26.13 -39.96 26.82
CA LEU A 135 26.55 -41.28 26.35
C LEU A 135 25.54 -42.39 26.59
N PHE A 136 24.99 -42.35 27.79
CA PHE A 136 24.08 -43.33 28.34
C PHE A 136 22.66 -43.07 27.91
N ASN A 137 22.44 -41.89 27.32
CA ASN A 137 21.13 -41.61 26.78
C ASN A 137 20.08 -41.50 27.86
N TRP A 138 20.43 -40.96 29.03
CA TRP A 138 19.34 -40.72 29.93
C TRP A 138 19.15 -39.24 29.84
N ASN A 139 17.96 -38.86 29.39
CA ASN A 139 17.59 -37.47 29.31
C ASN A 139 16.88 -37.08 30.59
N HIS A 140 16.36 -38.09 31.27
CA HIS A 140 15.64 -37.87 32.51
C HIS A 140 16.50 -38.12 33.75
N VAL A 141 16.65 -37.09 34.56
CA VAL A 141 17.46 -37.18 35.77
C VAL A 141 16.79 -36.36 36.86
N ILE A 142 17.40 -36.34 38.03
CA ILE A 142 16.97 -35.50 39.12
C ILE A 142 18.20 -34.80 39.66
N LEU A 143 18.03 -33.55 40.07
CA LEU A 143 19.14 -32.79 40.56
C LEU A 143 18.83 -32.40 42.01
N ILE A 144 19.77 -32.68 42.89
CA ILE A 144 19.67 -32.30 44.29
C ILE A 144 20.80 -31.34 44.60
N VAL A 145 20.46 -30.13 45.01
CA VAL A 145 21.47 -29.13 45.27
C VAL A 145 21.29 -28.54 46.66
N SER A 146 22.40 -28.16 47.28
CA SER A 146 22.27 -27.35 48.48
C SER A 146 21.84 -25.93 48.07
N ASP A 147 21.32 -25.15 49.01
CA ASP A 147 20.88 -23.81 48.66
C ASP A 147 21.96 -22.79 49.05
N ASP A 148 22.62 -22.26 48.02
CA ASP A 148 23.73 -21.31 48.15
C ASP A 148 24.19 -20.94 46.75
N HIS A 149 25.16 -20.04 46.63
CA HIS A 149 25.65 -19.66 45.31
C HIS A 149 26.23 -20.89 44.58
N GLU A 150 26.84 -21.80 45.34
CA GLU A 150 27.44 -23.01 44.79
C GLU A 150 26.44 -23.94 44.08
N GLY A 151 25.44 -24.37 44.82
CA GLY A 151 24.44 -25.28 44.30
C GLY A 151 23.63 -24.67 43.17
N ARG A 152 23.15 -23.46 43.40
CA ARG A 152 22.35 -22.75 42.40
C ARG A 152 23.16 -22.51 41.14
N ALA A 153 24.46 -22.21 41.28
CA ALA A 153 25.31 -22.08 40.11
C ALA A 153 25.42 -23.39 39.37
N ALA A 154 25.54 -24.50 40.10
CA ALA A 154 25.65 -25.79 39.44
C ALA A 154 24.39 -26.04 38.62
N GLN A 155 23.25 -25.74 39.24
CA GLN A 155 21.96 -25.91 38.58
C GLN A 155 21.86 -25.08 37.32
N LYS A 156 22.28 -23.82 37.43
CA LYS A 156 22.25 -22.91 36.29
C LYS A 156 23.10 -23.43 35.16
N LYS A 157 24.28 -23.97 35.49
CA LYS A 157 25.21 -24.43 34.47
C LYS A 157 24.67 -25.64 33.72
N LEU A 158 24.19 -26.61 34.50
CA LEU A 158 23.67 -27.84 33.92
C LEU A 158 22.43 -27.50 33.06
N GLU A 159 21.57 -26.65 33.57
CA GLU A 159 20.33 -26.28 32.89
C GLU A 159 20.64 -25.54 31.60
N THR A 160 21.65 -24.67 31.66
CA THR A 160 22.17 -23.97 30.49
C THR A 160 22.68 -24.96 29.45
N LEU A 161 23.33 -26.02 29.91
CA LEU A 161 23.79 -27.10 29.02
C LEU A 161 22.59 -27.75 28.34
N LEU A 162 21.51 -27.90 29.11
CA LEU A 162 20.27 -28.52 28.67
C LEU A 162 19.46 -27.60 27.75
N GLU A 163 19.78 -26.31 27.78
CA GLU A 163 18.99 -25.28 27.13
C GLU A 163 19.20 -25.43 25.63
N GLU A 164 20.43 -25.73 25.22
CA GLU A 164 20.72 -26.07 23.83
C GLU A 164 19.79 -27.20 23.36
N LYS A 165 19.65 -28.23 24.19
CA LYS A 165 18.64 -29.27 23.95
C LYS A 165 17.29 -28.69 24.36
N GLU A 166 16.21 -29.45 24.19
CA GLU A 166 14.94 -28.98 24.74
C GLU A 166 15.24 -28.87 26.22
N SER A 167 14.81 -27.79 26.87
CA SER A 167 15.25 -27.56 28.23
C SER A 167 14.76 -28.72 29.05
N LYS A 168 15.66 -29.30 29.84
CA LYS A 168 15.25 -30.41 30.65
C LYS A 168 15.37 -30.08 32.11
N ALA A 169 14.26 -29.65 32.70
CA ALA A 169 14.26 -29.22 34.10
C ALA A 169 13.46 -30.05 35.10
N ASP A 170 13.10 -31.27 34.73
CA ASP A 170 12.30 -32.10 35.61
C ASP A 170 12.96 -32.45 36.96
N LYS A 171 12.16 -32.39 38.01
CA LYS A 171 12.56 -32.72 39.38
C LYS A 171 13.76 -32.02 40.05
N VAL A 172 13.93 -30.71 39.87
CA VAL A 172 15.03 -30.07 40.56
C VAL A 172 14.65 -30.01 42.02
N LEU A 173 15.62 -30.22 42.89
CA LEU A 173 15.35 -30.29 44.31
C LEU A 173 16.37 -29.50 45.11
N GLN A 174 15.85 -28.55 45.88
CA GLN A 174 16.69 -27.63 46.63
C GLN A 174 16.47 -27.91 48.12
N PHE A 175 17.58 -28.04 48.85
CA PHE A 175 17.55 -28.19 50.30
C PHE A 175 18.53 -27.19 50.88
N GLU A 176 18.42 -26.86 52.16
CA GLU A 176 19.21 -25.75 52.67
C GLU A 176 20.25 -26.44 53.55
N PRO A 177 21.47 -25.89 53.61
CA PRO A 177 22.62 -26.55 54.25
C PRO A 177 22.50 -26.71 55.76
N GLY A 178 23.15 -27.72 56.33
CA GLY A 178 23.22 -27.84 57.77
C GLY A 178 22.02 -28.57 58.35
N THR A 179 21.15 -29.03 57.47
CA THR A 179 19.94 -29.75 57.83
C THR A 179 20.16 -31.26 57.90
N LYS A 180 20.03 -31.69 59.16
CA LYS A 180 19.99 -33.06 59.61
C LYS A 180 18.67 -33.76 59.21
N ASN A 181 17.50 -33.11 59.33
CA ASN A 181 16.35 -33.89 58.92
C ASN A 181 16.11 -33.59 57.44
N LEU A 182 16.33 -34.58 56.60
CA LEU A 182 16.09 -34.42 55.16
C LEU A 182 15.28 -35.52 54.46
N THR A 183 14.80 -36.51 55.22
CA THR A 183 14.07 -37.63 54.64
C THR A 183 12.75 -37.29 53.94
N ALA A 184 11.99 -36.38 54.53
CA ALA A 184 10.69 -35.97 54.00
C ALA A 184 10.71 -35.66 52.50
N LEU A 185 11.75 -34.99 52.05
CA LEU A 185 11.87 -34.64 50.62
C LEU A 185 11.99 -35.86 49.71
N LEU A 186 12.75 -36.85 50.15
CA LEU A 186 12.99 -38.07 49.38
C LEU A 186 11.69 -38.84 49.18
N LEU A 187 10.83 -38.84 50.19
CA LEU A 187 9.51 -39.42 50.01
C LEU A 187 8.81 -38.77 48.81
N GLU A 188 9.01 -37.46 48.66
CA GLU A 188 8.52 -36.74 47.50
C GLU A 188 9.23 -37.23 46.23
N ALA A 189 10.54 -37.49 46.35
CA ALA A 189 11.37 -37.91 45.22
C ALA A 189 10.96 -39.26 44.61
N LYS A 190 10.46 -40.17 45.42
CA LYS A 190 10.07 -41.48 44.93
C LYS A 190 8.98 -41.36 43.86
N GLU A 191 8.17 -40.36 44.07
CA GLU A 191 7.06 -40.14 43.21
C GLU A 191 7.53 -39.93 41.81
N LEU A 192 8.61 -39.18 41.65
CA LEU A 192 9.04 -38.86 40.28
C LEU A 192 9.55 -40.00 39.37
N GLU A 193 9.10 -39.99 38.12
CA GLU A 193 9.43 -41.08 37.20
C GLU A 193 10.92 -41.35 36.99
N ALA A 194 11.72 -40.29 36.89
CA ALA A 194 13.12 -40.44 36.53
C ALA A 194 13.84 -41.23 37.62
N ARG A 195 14.77 -42.10 37.23
CA ARG A 195 15.46 -42.90 38.23
C ARG A 195 16.94 -42.56 38.40
N VAL A 196 17.42 -41.54 37.69
CA VAL A 196 18.83 -41.18 37.80
C VAL A 196 18.92 -39.90 38.59
N ILE A 197 19.91 -39.84 39.48
CA ILE A 197 20.09 -38.72 40.37
C ILE A 197 21.50 -38.16 40.32
N ILE A 198 21.61 -36.85 40.54
CA ILE A 198 22.87 -36.14 40.54
C ILE A 198 22.77 -35.17 41.70
N LEU A 199 23.85 -34.95 42.45
CA LEU A 199 23.70 -34.07 43.58
C LEU A 199 24.93 -33.23 43.81
N SER A 200 24.75 -32.02 44.33
CA SER A 200 25.91 -31.29 44.78
C SER A 200 25.66 -30.75 46.19
N ALA A 201 26.64 -30.99 47.06
CA ALA A 201 26.57 -30.54 48.44
C ALA A 201 27.95 -30.57 49.08
N SER A 202 28.05 -30.02 50.28
CA SER A 202 29.23 -30.13 51.11
C SER A 202 29.34 -31.51 51.74
N GLU A 203 30.53 -31.83 52.26
CA GLU A 203 30.74 -33.14 52.87
C GLU A 203 29.86 -33.39 54.09
N ASP A 204 29.72 -32.38 54.95
CA ASP A 204 28.90 -32.54 56.14
C ASP A 204 27.44 -32.77 55.79
N ASP A 205 26.93 -32.00 54.83
CA ASP A 205 25.55 -32.14 54.37
C ASP A 205 25.32 -33.49 53.71
N ALA A 206 26.31 -33.91 52.94
CA ALA A 206 26.26 -35.17 52.20
C ALA A 206 26.11 -36.36 53.11
N THR A 207 26.73 -36.29 54.28
CA THR A 207 26.54 -37.34 55.28
C THR A 207 25.06 -37.46 55.57
N ALA A 208 24.42 -36.33 55.86
CA ALA A 208 22.99 -36.29 56.16
C ALA A 208 22.17 -36.75 54.97
N VAL A 209 22.61 -36.40 53.76
CA VAL A 209 21.90 -36.80 52.55
C VAL A 209 21.88 -38.30 52.39
N TYR A 210 23.05 -38.93 52.48
CA TYR A 210 23.15 -40.38 52.34
C TYR A 210 22.46 -41.09 53.49
N LYS A 211 22.57 -40.49 54.68
CA LYS A 211 21.98 -41.03 55.90
C LYS A 211 20.47 -41.10 55.76
N SER A 212 19.88 -40.01 55.26
CA SER A 212 18.44 -39.92 55.01
C SER A 212 18.02 -40.78 53.82
N ALA A 213 18.87 -40.85 52.80
CA ALA A 213 18.56 -41.58 51.58
C ALA A 213 18.54 -43.08 51.81
N ALA A 214 19.45 -43.56 52.64
CA ALA A 214 19.53 -44.98 52.97
C ALA A 214 18.29 -45.45 53.74
N MET A 215 17.74 -44.57 54.56
CA MET A 215 16.53 -44.88 55.31
C MET A 215 15.36 -45.21 54.39
N LEU A 216 15.22 -44.45 53.31
CA LEU A 216 14.17 -44.68 52.33
C LEU A 216 14.59 -45.63 51.21
N ASP A 217 15.76 -46.24 51.35
CA ASP A 217 16.27 -47.20 50.35
C ASP A 217 16.40 -46.63 48.93
N MET A 218 16.84 -45.38 48.84
CA MET A 218 17.05 -44.70 47.55
C MET A 218 18.14 -45.32 46.68
N THR A 219 19.19 -45.81 47.33
CA THR A 219 20.38 -46.38 46.68
C THR A 219 20.21 -47.64 45.81
N GLY A 220 19.05 -48.28 45.94
CA GLY A 220 18.77 -49.53 45.27
C GLY A 220 18.86 -49.48 43.75
N ALA A 221 19.10 -50.64 43.16
CA ALA A 221 19.28 -50.78 41.72
C ALA A 221 18.12 -50.20 40.94
N GLY A 222 18.47 -49.59 39.81
CA GLY A 222 17.51 -48.89 38.97
C GLY A 222 17.65 -47.42 39.30
N TYR A 223 18.53 -47.11 40.26
CA TYR A 223 18.80 -45.73 40.62
C TYR A 223 20.26 -45.42 40.34
N VAL A 224 20.57 -44.21 39.90
CA VAL A 224 21.96 -43.94 39.62
C VAL A 224 22.29 -42.67 40.37
N TRP A 225 23.56 -42.57 40.76
CA TRP A 225 24.05 -41.41 41.48
C TRP A 225 25.26 -40.83 40.78
N LEU A 226 25.18 -39.53 40.56
CA LEU A 226 26.29 -38.78 40.00
C LEU A 226 26.60 -37.66 40.98
N VAL A 227 27.87 -37.37 41.17
CA VAL A 227 28.30 -36.48 42.25
C VAL A 227 29.60 -35.73 41.97
N GLY A 228 29.79 -34.73 42.82
CA GLY A 228 30.92 -33.82 42.86
C GLY A 228 32.08 -34.40 43.64
N GLU A 229 33.25 -33.80 43.48
CA GLU A 229 34.47 -34.27 44.10
C GLU A 229 34.30 -34.23 45.61
N ARG A 230 33.71 -33.15 46.12
CA ARG A 230 33.55 -32.96 47.54
C ARG A 230 32.72 -34.09 48.17
N GLU A 231 31.70 -34.54 47.45
CA GLU A 231 30.79 -35.55 47.97
C GLU A 231 31.47 -36.87 48.24
N ILE A 232 32.37 -37.30 47.36
CA ILE A 232 33.01 -38.59 47.59
C ILE A 232 34.00 -38.51 48.75
N SER A 233 34.55 -37.31 49.00
CA SER A 233 35.58 -37.14 50.03
C SER A 233 35.10 -36.92 51.47
N GLY A 234 35.98 -37.24 52.43
CA GLY A 234 35.72 -36.95 53.83
C GLY A 234 34.78 -37.92 54.50
N SER A 235 34.08 -37.41 55.51
CA SER A 235 33.14 -38.19 56.28
C SER A 235 32.06 -38.74 55.34
N ALA A 236 31.91 -38.15 54.17
CA ALA A 236 30.81 -38.62 53.31
C ALA A 236 30.90 -40.13 53.05
N LEU A 237 32.11 -40.65 52.88
CA LEU A 237 32.34 -42.08 52.61
C LEU A 237 31.93 -43.14 53.67
N ARG A 238 32.14 -42.85 54.95
CA ARG A 238 31.90 -43.85 56.02
C ARG A 238 30.48 -44.45 56.26
N TYR A 239 29.44 -43.63 56.28
CA TYR A 239 28.08 -44.13 56.48
C TYR A 239 27.50 -44.25 55.09
N ALA A 240 28.40 -44.00 54.16
CA ALA A 240 28.21 -43.94 52.72
C ALA A 240 27.98 -45.24 51.94
N PRO A 241 27.06 -45.15 50.99
CA PRO A 241 26.68 -46.26 49.97
C PRO A 241 27.60 -47.02 48.79
N ASP A 242 27.02 -47.67 47.79
CA ASP A 242 27.80 -48.35 46.76
C ASP A 242 27.31 -48.10 45.34
N GLY A 243 28.21 -48.33 44.37
CA GLY A 243 27.90 -48.15 42.97
C GLY A 243 27.47 -46.76 42.54
N ILE A 244 28.11 -45.74 43.11
CA ILE A 244 27.78 -44.36 42.76
C ILE A 244 28.94 -43.69 42.03
N ILE A 245 28.64 -43.09 40.88
CA ILE A 245 29.64 -42.40 40.07
C ILE A 245 30.19 -41.19 40.82
N GLY A 246 31.48 -40.92 40.65
CA GLY A 246 32.10 -39.79 41.32
C GLY A 246 33.20 -39.14 40.50
N LEU A 247 33.59 -37.93 40.89
CA LEU A 247 34.55 -37.15 40.12
C LEU A 247 35.72 -36.68 41.00
N GLN A 248 36.93 -36.68 40.45
CA GLN A 248 38.06 -36.02 41.11
C GLN A 248 38.87 -35.17 40.13
N LEU A 249 39.05 -33.89 40.41
CA LEU A 249 39.80 -33.03 39.50
C LEU A 249 41.23 -33.50 39.36
N ILE A 250 41.76 -33.47 38.14
CA ILE A 250 43.13 -33.91 37.89
C ILE A 250 44.11 -32.86 38.37
N ASN A 251 45.06 -33.29 39.21
CA ASN A 251 46.11 -32.45 39.80
C ASN A 251 45.59 -31.30 40.68
N GLY A 252 44.43 -31.50 41.29
CA GLY A 252 43.81 -30.51 42.15
C GLY A 252 44.57 -30.22 43.43
N LYS A 253 45.11 -31.27 44.02
CA LYS A 253 45.82 -31.14 45.28
C LYS A 253 47.11 -30.35 45.17
N ASN A 254 47.86 -30.59 44.09
CA ASN A 254 49.18 -30.01 43.88
C ASN A 254 49.25 -28.71 43.08
N GLU A 255 49.39 -27.63 43.81
CA GLU A 255 49.56 -26.32 43.22
C GLU A 255 50.85 -26.16 42.46
N SER A 256 51.96 -26.58 43.08
CA SER A 256 53.21 -26.37 42.33
C SER A 256 53.16 -26.54 40.81
N ALA A 257 52.53 -27.60 40.32
CA ALA A 257 52.39 -27.79 38.88
C ALA A 257 51.65 -26.59 38.33
N HIS A 258 50.52 -26.29 38.97
CA HIS A 258 49.72 -25.13 38.63
C HIS A 258 50.50 -23.83 38.77
N ILE A 259 51.46 -23.80 39.68
CA ILE A 259 52.32 -22.63 39.84
C ILE A 259 53.17 -22.44 38.61
N SER A 260 53.93 -23.46 38.22
CA SER A 260 54.76 -23.34 37.03
C SER A 260 53.90 -23.13 35.79
N ASP A 261 52.80 -23.88 35.69
CA ASP A 261 51.89 -23.77 34.55
C ASP A 261 51.19 -22.41 34.44
N ALA A 262 50.70 -21.89 35.56
CA ALA A 262 50.02 -20.61 35.59
C ALA A 262 50.96 -19.48 35.21
N VAL A 263 52.18 -19.57 35.73
CA VAL A 263 53.23 -18.60 35.50
C VAL A 263 53.68 -18.64 34.05
N ALA A 264 53.77 -19.83 33.47
CA ALA A 264 54.14 -19.92 32.07
C ALA A 264 53.03 -19.27 31.26
N VAL A 265 51.79 -19.55 31.63
CA VAL A 265 50.62 -18.99 30.95
C VAL A 265 50.52 -17.48 31.13
N VAL A 266 50.76 -17.01 32.35
CA VAL A 266 50.72 -15.59 32.65
C VAL A 266 51.81 -14.90 31.85
N ALA A 267 52.93 -15.59 31.71
CA ALA A 267 54.10 -15.05 31.01
C ALA A 267 53.72 -14.69 29.60
N GLN A 268 52.89 -15.53 28.97
CA GLN A 268 52.42 -15.26 27.63
C GLN A 268 51.55 -14.00 27.65
N ALA A 269 50.72 -13.87 28.68
CA ALA A 269 49.85 -12.73 28.87
C ALA A 269 50.61 -11.42 29.07
N ILE A 270 51.70 -11.45 29.85
CA ILE A 270 52.46 -10.22 30.06
C ILE A 270 53.46 -9.89 28.96
N HIS A 271 54.19 -10.90 28.48
CA HIS A 271 55.20 -10.68 27.45
C HIS A 271 54.55 -10.20 26.15
N GLU A 272 53.45 -10.84 25.79
CA GLU A 272 52.71 -10.46 24.60
C GLU A 272 52.15 -9.07 24.82
N LEU A 273 51.70 -8.82 26.05
CA LEU A 273 51.10 -7.56 26.44
C LEU A 273 51.95 -6.38 26.04
N PHE A 274 53.23 -6.46 26.36
CA PHE A 274 54.14 -5.35 26.12
C PHE A 274 54.35 -5.11 24.62
N GLU A 275 53.86 -6.02 23.80
CA GLU A 275 53.80 -5.79 22.36
C GLU A 275 52.86 -4.61 22.11
N MET A 276 51.89 -4.43 23.00
CA MET A 276 50.97 -3.28 22.92
C MET A 276 51.51 -2.03 23.59
N GLU A 277 51.02 -0.87 23.15
CA GLU A 277 51.48 0.40 23.70
C GLU A 277 50.39 1.03 24.57
N GLN A 278 50.70 2.20 25.14
CA GLN A 278 49.80 2.92 26.04
C GLN A 278 49.58 2.10 27.31
N ILE A 279 50.62 1.39 27.72
CA ILE A 279 50.61 0.63 28.96
C ILE A 279 50.90 1.51 30.16
N THR A 280 50.34 1.15 31.31
CA THR A 280 50.64 1.85 32.56
C THR A 280 50.96 0.85 33.65
N ASP A 281 51.98 1.15 34.46
CA ASP A 281 52.33 0.33 35.61
C ASP A 281 51.19 0.34 36.62
N PRO A 282 51.07 -0.74 37.39
CA PRO A 282 50.01 -0.82 38.38
C PRO A 282 50.20 0.29 39.40
N PRO A 283 49.14 0.77 40.02
CA PRO A 283 49.30 1.93 40.91
C PRO A 283 50.37 1.73 41.97
N ARG A 284 51.29 2.67 42.04
CA ARG A 284 52.41 2.55 42.96
C ARG A 284 52.13 3.22 44.30
N GLY A 285 52.01 2.39 45.32
CA GLY A 285 51.75 2.86 46.66
C GLY A 285 50.26 2.81 46.91
N CYS A 286 49.86 2.21 48.02
CA CYS A 286 48.44 2.13 48.37
C CYS A 286 47.88 3.53 48.62
N VAL A 287 48.66 4.36 49.29
CA VAL A 287 48.27 5.73 49.61
C VAL A 287 48.27 6.63 48.37
N GLY A 288 47.36 7.61 48.37
CA GLY A 288 47.26 8.55 47.26
C GLY A 288 46.51 8.00 46.06
N ASN A 289 45.90 6.83 46.23
CA ASN A 289 45.15 6.20 45.15
C ASN A 289 43.67 5.86 45.39
N THR A 290 42.84 6.25 44.43
CA THR A 290 41.42 5.98 44.39
C THR A 290 40.99 5.49 43.02
N ASN A 291 41.95 5.44 42.12
CA ASN A 291 41.67 5.17 40.72
C ASN A 291 42.05 3.75 40.30
N ILE A 292 41.32 3.21 39.34
CA ILE A 292 41.61 1.89 38.82
C ILE A 292 42.87 1.92 37.96
N TRP A 293 43.27 0.76 37.48
CA TRP A 293 44.45 0.63 36.64
C TRP A 293 44.04 0.24 35.22
N LYS A 294 44.16 1.16 34.28
CA LYS A 294 43.52 1.02 32.96
C LYS A 294 43.97 -0.23 32.22
N THR A 295 45.23 -0.63 32.44
CA THR A 295 45.78 -1.81 31.78
C THR A 295 45.13 -3.12 32.23
N GLY A 296 44.76 -3.18 33.51
CA GLY A 296 44.31 -4.42 34.13
C GLY A 296 43.30 -5.26 33.37
N PRO A 297 42.21 -4.64 32.89
CA PRO A 297 41.27 -5.39 32.05
C PRO A 297 41.91 -5.93 30.79
N LEU A 298 42.81 -5.16 30.17
CA LEU A 298 43.54 -5.66 28.99
C LEU A 298 44.40 -6.87 29.34
N PHE A 299 45.11 -6.76 30.45
CA PHE A 299 45.93 -7.86 30.95
C PHE A 299 45.05 -9.09 31.14
N LYS A 300 43.84 -8.88 31.65
CA LYS A 300 42.87 -9.95 31.78
C LYS A 300 42.49 -10.53 30.42
N ARG A 301 42.30 -9.65 29.43
CA ARG A 301 41.85 -10.08 28.10
C ARG A 301 42.88 -10.95 27.41
N VAL A 302 44.14 -10.51 27.40
CA VAL A 302 45.20 -11.32 26.82
C VAL A 302 45.36 -12.61 27.61
N LEU A 303 45.33 -12.50 28.93
CA LEU A 303 45.56 -13.64 29.80
C LEU A 303 44.50 -14.73 29.62
N MET A 304 43.25 -14.32 29.38
CA MET A 304 42.16 -15.28 29.10
C MET A 304 42.33 -15.96 27.73
N SER A 305 43.02 -15.28 26.83
CA SER A 305 43.31 -15.76 25.47
C SER A 305 44.78 -16.15 25.32
N SER A 306 45.41 -16.45 26.44
CA SER A 306 46.84 -16.79 26.53
C SER A 306 47.36 -18.07 25.85
N LYS A 307 46.44 -19.00 25.52
CA LYS A 307 46.77 -20.30 24.91
C LYS A 307 47.66 -21.14 25.82
N TYR A 308 48.75 -21.73 25.34
CA TYR A 308 49.51 -22.53 26.30
C TYR A 308 48.80 -23.83 26.61
N PRO A 309 48.31 -24.51 25.58
CA PRO A 309 47.62 -25.79 25.75
C PRO A 309 48.59 -26.79 26.36
N ASP A 310 49.83 -26.80 25.86
CA ASP A 310 50.84 -27.67 26.43
C ASP A 310 51.06 -27.09 27.82
N GLY A 311 51.11 -27.95 28.82
CA GLY A 311 51.27 -27.51 30.19
C GLY A 311 51.40 -28.66 31.17
N VAL A 312 51.95 -28.36 32.36
CA VAL A 312 52.10 -29.37 33.40
C VAL A 312 50.76 -29.88 33.89
N THR A 313 49.83 -28.96 34.11
CA THR A 313 48.45 -29.29 34.48
C THR A 313 47.54 -29.88 33.40
N GLY A 314 47.88 -29.70 32.13
CA GLY A 314 47.01 -30.10 31.03
C GLY A 314 46.69 -28.96 30.10
N ARG A 315 45.74 -29.13 29.19
CA ARG A 315 45.43 -28.05 28.26
C ARG A 315 44.88 -26.85 29.01
N ILE A 316 45.22 -25.66 28.53
CA ILE A 316 44.80 -24.42 29.15
C ILE A 316 44.07 -23.49 28.20
N GLU A 317 42.80 -23.21 28.49
CA GLU A 317 42.09 -22.19 27.74
C GLU A 317 41.04 -21.70 28.70
N PHE A 318 40.59 -20.48 28.53
CA PHE A 318 39.68 -19.92 29.51
C PHE A 318 38.33 -19.53 28.94
N ASN A 319 37.28 -19.95 29.64
CA ASN A 319 35.93 -19.60 29.26
C ASN A 319 35.68 -18.12 29.53
N GLU A 320 34.49 -17.68 29.16
CA GLU A 320 34.12 -16.27 29.28
C GLU A 320 34.20 -15.77 30.71
N ASP A 321 33.81 -16.61 31.65
CA ASP A 321 33.80 -16.22 33.05
C ASP A 321 35.21 -16.16 33.65
N GLY A 322 36.21 -16.59 32.87
CA GLY A 322 37.58 -16.64 33.33
C GLY A 322 37.89 -18.00 33.92
N ASP A 323 36.86 -18.84 34.01
CA ASP A 323 37.02 -20.21 34.47
C ASP A 323 37.76 -21.01 33.42
N ARG A 324 38.47 -22.03 33.86
CA ARG A 324 39.29 -22.85 32.97
C ARG A 324 38.44 -23.75 32.07
N LYS A 325 38.99 -24.08 30.91
CA LYS A 325 38.27 -24.90 29.93
C LYS A 325 38.89 -26.29 29.72
N PHE A 326 38.01 -27.28 29.61
CA PHE A 326 38.37 -28.69 29.37
C PHE A 326 39.29 -29.32 30.41
N ALA A 327 39.08 -29.00 31.68
CA ALA A 327 39.88 -29.59 32.75
C ALA A 327 39.58 -31.09 32.81
N GLN A 328 40.59 -31.91 33.07
CA GLN A 328 40.37 -33.35 33.12
C GLN A 328 39.99 -33.86 34.50
N TYR A 329 38.96 -34.70 34.55
CA TYR A 329 38.53 -35.34 35.80
C TYR A 329 38.70 -36.85 35.71
N SER A 330 38.84 -37.50 36.87
CA SER A 330 38.95 -38.94 36.94
C SER A 330 37.69 -39.48 37.60
N ILE A 331 36.93 -40.27 36.85
CA ILE A 331 35.71 -40.87 37.36
C ILE A 331 36.09 -41.93 38.41
N MET A 332 35.26 -42.05 39.44
CA MET A 332 35.56 -42.89 40.58
C MET A 332 34.35 -43.76 40.90
N ASN A 333 34.61 -44.98 41.35
CA ASN A 333 33.55 -45.89 41.71
C ASN A 333 33.76 -46.39 43.13
N LEU A 334 32.68 -46.83 43.75
CA LEU A 334 32.65 -47.17 45.17
C LEU A 334 32.89 -48.65 45.45
N GLN A 335 33.36 -49.39 44.45
CA GLN A 335 33.44 -50.85 44.52
C GLN A 335 34.03 -51.36 45.83
N ASN A 336 33.34 -52.33 46.43
CA ASN A 336 33.71 -52.93 47.71
C ASN A 336 33.95 -51.86 48.78
N ARG A 337 33.09 -50.84 48.77
CA ARG A 337 33.19 -49.68 49.67
C ARG A 337 34.57 -49.02 49.65
N LYS A 338 35.18 -48.97 48.48
CA LYS A 338 36.47 -48.32 48.30
C LYS A 338 36.50 -47.59 46.95
N LEU A 339 37.28 -46.52 46.87
CA LEU A 339 37.37 -45.72 45.65
C LEU A 339 38.27 -46.37 44.61
N VAL A 340 37.76 -46.49 43.39
CA VAL A 340 38.49 -47.08 42.27
C VAL A 340 38.23 -46.27 41.00
N GLN A 341 39.20 -46.25 40.09
CA GLN A 341 39.03 -45.50 38.87
C GLN A 341 38.47 -46.41 37.79
N VAL A 342 37.20 -46.21 37.48
CA VAL A 342 36.51 -46.99 36.45
C VAL A 342 36.91 -46.47 35.08
N GLY A 343 37.21 -45.17 35.03
CA GLY A 343 37.58 -44.49 33.81
C GLY A 343 38.18 -43.16 34.17
N ILE A 344 38.66 -42.43 33.16
CA ILE A 344 39.17 -41.08 33.38
C ILE A 344 38.67 -40.16 32.26
N PHE A 345 38.32 -38.94 32.63
CA PHE A 345 37.74 -38.01 31.68
C PHE A 345 38.70 -36.87 31.36
N ASP A 346 39.06 -36.73 30.10
CA ASP A 346 39.93 -35.63 29.68
C ASP A 346 39.42 -35.01 28.38
N GLY A 347 39.47 -33.69 28.29
CA GLY A 347 38.93 -33.00 27.14
C GLY A 347 37.42 -33.09 27.10
N SER A 348 36.84 -32.97 25.92
CA SER A 348 35.39 -33.05 25.76
C SER A 348 34.86 -34.49 25.73
N TYR A 349 35.78 -35.45 25.61
CA TYR A 349 35.40 -36.87 25.51
C TYR A 349 35.82 -37.69 26.71
N ILE A 350 34.90 -38.50 27.22
CA ILE A 350 35.21 -39.44 28.31
C ILE A 350 36.15 -40.55 27.82
N ILE A 351 36.94 -41.10 28.74
CA ILE A 351 37.76 -42.27 28.44
C ILE A 351 37.48 -43.39 29.43
N GLN A 352 37.32 -44.60 28.90
CA GLN A 352 36.96 -45.75 29.70
C GLN A 352 38.19 -46.56 30.11
N ASN A 353 38.47 -46.59 31.40
CA ASN A 353 39.56 -47.42 31.92
C ASN A 353 39.14 -48.88 31.88
N ASP A 354 40.12 -49.77 31.96
CA ASP A 354 39.86 -51.19 31.79
C ASP A 354 38.95 -51.76 32.89
N ARG A 355 38.77 -51.01 33.98
CA ARG A 355 38.06 -51.57 35.12
C ARG A 355 36.58 -51.77 34.79
N LYS A 356 35.99 -52.81 35.38
CA LYS A 356 34.60 -53.21 35.16
C LYS A 356 33.62 -52.18 35.69
N ILE A 357 32.51 -51.94 35.00
CA ILE A 357 31.57 -50.95 35.54
C ILE A 357 30.84 -51.55 36.73
N ILE A 358 30.61 -50.71 37.72
CA ILE A 358 29.76 -51.00 38.88
C ILE A 358 28.57 -50.04 38.96
N TRP A 359 27.43 -50.59 39.36
CA TRP A 359 26.17 -49.88 39.49
C TRP A 359 25.43 -50.36 40.73
N PRO A 360 24.32 -49.70 41.08
CA PRO A 360 23.53 -50.20 42.20
C PRO A 360 22.95 -51.54 41.76
N GLY A 361 23.02 -52.56 42.60
CA GLY A 361 22.49 -53.88 42.26
C GLY A 361 23.44 -54.84 41.57
N GLY A 362 24.62 -54.36 41.18
CA GLY A 362 25.63 -55.21 40.55
C GLY A 362 25.56 -55.60 39.07
N GLU A 363 24.60 -55.04 38.35
CA GLU A 363 24.48 -55.33 36.92
C GLU A 363 25.67 -54.70 36.21
N THR A 364 26.21 -55.38 35.21
CA THR A 364 27.36 -54.84 34.48
C THR A 364 26.99 -53.53 33.80
N GLU A 365 25.80 -53.51 33.19
CA GLU A 365 25.30 -52.32 32.53
C GLU A 365 23.90 -52.01 33.01
N ARG A 366 23.65 -50.75 33.37
CA ARG A 366 22.32 -50.36 33.84
C ARG A 366 21.79 -49.09 33.19
N PRO A 367 21.61 -49.14 31.88
CA PRO A 367 21.14 -48.00 31.07
C PRO A 367 19.73 -47.46 31.30
N GLN A 368 18.74 -48.34 31.48
CA GLN A 368 17.34 -47.89 31.62
C GLN A 368 17.00 -47.08 32.87
N GLY A 369 16.57 -45.85 32.62
CA GLY A 369 16.19 -44.92 33.66
C GLY A 369 14.71 -44.57 33.61
N TYR A 370 13.93 -45.34 32.85
CA TYR A 370 12.52 -45.06 32.72
C TYR A 370 11.66 -46.28 33.01
N GLN A 371 11.61 -46.64 34.29
CA GLN A 371 10.78 -47.74 34.77
C GLN A 371 9.30 -47.40 34.58
N MET A 372 9.01 -46.11 34.83
CA MET A 372 7.71 -45.43 34.71
C MET A 372 6.75 -45.67 35.88
N SER A 373 5.57 -45.08 35.77
CA SER A 373 4.55 -45.18 36.80
C SER A 373 3.27 -45.82 36.30
N THR A 374 2.88 -46.91 36.96
CA THR A 374 1.67 -47.65 36.60
C THR A 374 0.38 -46.85 36.77
N ARG A 375 0.31 -46.06 37.83
CA ARG A 375 -0.90 -45.28 38.11
C ARG A 375 -0.70 -43.76 37.96
N LEU A 376 -1.61 -43.15 37.22
CA LEU A 376 -1.59 -41.72 36.98
C LEU A 376 -2.64 -40.94 37.74
N LYS A 377 -2.15 -39.95 38.48
CA LYS A 377 -3.00 -39.10 39.21
C LYS A 377 -3.31 -38.10 38.16
N ILE A 378 -4.60 -38.00 38.03
CA ILE A 378 -5.33 -37.16 37.09
C ILE A 378 -6.01 -36.03 37.84
N VAL A 379 -6.08 -34.88 37.19
CA VAL A 379 -6.66 -33.71 37.82
C VAL A 379 -7.75 -33.16 36.90
N THR A 380 -8.75 -32.52 37.48
CA THR A 380 -9.79 -31.91 36.68
C THR A 380 -10.34 -30.66 37.36
N ILE A 381 -11.31 -30.04 36.72
CA ILE A 381 -11.96 -28.85 37.25
C ILE A 381 -13.46 -29.08 37.15
N HIS A 382 -14.24 -28.26 37.85
CA HIS A 382 -15.67 -28.50 37.81
C HIS A 382 -16.21 -27.70 36.63
N GLN A 383 -16.47 -28.43 35.55
CA GLN A 383 -17.09 -27.89 34.34
C GLN A 383 -18.27 -28.79 34.02
N GLU A 384 -19.45 -28.19 33.94
CA GLU A 384 -20.69 -28.97 33.92
C GLU A 384 -20.86 -29.98 32.78
N PRO A 385 -20.58 -29.58 31.52
CA PRO A 385 -20.87 -30.57 30.46
C PRO A 385 -19.98 -31.81 30.48
N PHE A 386 -18.67 -31.62 30.67
CA PHE A 386 -17.73 -32.73 30.56
C PHE A 386 -17.39 -33.38 31.91
N VAL A 387 -17.82 -32.75 33.00
CA VAL A 387 -17.59 -33.29 34.35
C VAL A 387 -18.79 -33.02 35.26
N TYR A 388 -19.18 -34.03 36.04
CA TYR A 388 -20.21 -33.82 37.06
C TYR A 388 -19.75 -34.30 38.43
N VAL A 389 -20.16 -33.55 39.45
CA VAL A 389 -19.77 -33.81 40.84
C VAL A 389 -20.95 -34.08 41.76
N ARG A 390 -20.95 -35.26 42.30
CA ARG A 390 -21.97 -35.64 43.21
C ARG A 390 -21.29 -36.24 44.40
N PRO A 391 -21.87 -35.99 45.56
CA PRO A 391 -21.38 -36.55 46.80
C PRO A 391 -21.68 -38.04 46.79
N THR A 392 -20.84 -38.81 47.46
CA THR A 392 -21.07 -40.25 47.54
C THR A 392 -22.40 -40.42 48.23
N THR A 393 -23.25 -41.31 47.72
CA THR A 393 -24.57 -41.46 48.32
C THR A 393 -24.24 -42.25 49.55
N SER A 394 -24.24 -41.53 50.68
CA SER A 394 -23.83 -42.03 51.99
C SER A 394 -22.41 -42.55 51.79
N ASP A 395 -22.14 -43.74 52.28
CA ASP A 395 -20.83 -44.31 52.05
C ASP A 395 -20.63 -44.68 50.58
N GLY A 396 -21.69 -45.18 49.95
CA GLY A 396 -21.58 -45.65 48.58
C GLY A 396 -21.11 -44.56 47.65
N THR A 397 -20.11 -44.90 46.85
CA THR A 397 -19.52 -43.93 45.97
C THR A 397 -20.46 -43.38 44.92
N CYS A 398 -21.25 -44.25 44.30
CA CYS A 398 -22.12 -43.78 43.23
C CYS A 398 -23.49 -44.37 43.04
N ARG A 399 -24.04 -43.89 41.94
CA ARG A 399 -25.42 -44.18 41.52
C ARG A 399 -25.48 -44.94 40.20
N GLU A 400 -26.52 -45.76 40.07
CA GLU A 400 -26.72 -46.63 38.91
C GLU A 400 -27.45 -45.85 37.82
N GLU A 401 -27.52 -44.53 38.00
CA GLU A 401 -28.24 -43.64 37.10
C GLU A 401 -27.88 -43.91 35.65
N TYR A 402 -28.86 -43.78 34.77
CA TYR A 402 -28.72 -44.25 33.41
C TYR A 402 -28.85 -43.13 32.38
N THR A 403 -28.06 -43.24 31.32
CA THR A 403 -28.08 -42.27 30.23
C THR A 403 -29.42 -42.34 29.49
N ILE A 404 -29.72 -41.32 28.68
CA ILE A 404 -31.01 -41.25 27.95
C ILE A 404 -31.08 -42.48 27.06
N ASN A 405 -30.00 -42.73 26.32
CA ASN A 405 -29.88 -44.02 25.66
C ASN A 405 -29.65 -45.03 26.78
N GLY A 406 -30.37 -46.15 26.77
CA GLY A 406 -30.28 -47.00 27.95
C GLY A 406 -28.88 -47.56 28.06
N ASP A 407 -28.16 -47.02 29.02
CA ASP A 407 -26.87 -47.51 29.48
C ASP A 407 -26.73 -47.04 30.91
N PRO A 408 -26.07 -47.84 31.77
CA PRO A 408 -25.81 -47.29 33.10
C PRO A 408 -24.69 -46.26 33.05
N ILE A 409 -24.76 -45.21 33.85
CA ILE A 409 -23.72 -44.19 33.82
C ILE A 409 -22.51 -44.67 34.60
N LYS A 410 -21.34 -44.56 33.98
CA LYS A 410 -20.09 -44.90 34.65
C LYS A 410 -19.69 -43.76 35.58
N LYS A 411 -18.87 -44.07 36.58
CA LYS A 411 -18.45 -43.05 37.55
C LYS A 411 -17.13 -43.42 38.22
N VAL A 412 -16.42 -42.40 38.73
CA VAL A 412 -15.14 -42.64 39.42
C VAL A 412 -14.97 -41.69 40.61
N ILE A 413 -14.11 -42.04 41.56
CA ILE A 413 -13.89 -41.20 42.74
C ILE A 413 -12.83 -40.11 42.50
N CYS A 414 -13.12 -38.89 42.98
CA CYS A 414 -12.26 -37.72 42.80
C CYS A 414 -12.18 -36.87 44.08
N ASN A 415 -10.97 -36.54 44.51
CA ASN A 415 -10.79 -35.67 45.66
C ASN A 415 -10.62 -34.22 45.25
N GLY A 416 -11.50 -33.35 45.71
CA GLY A 416 -11.46 -31.97 45.23
C GLY A 416 -11.99 -30.95 46.20
N PRO A 417 -11.79 -29.67 45.98
CA PRO A 417 -12.21 -28.76 47.04
C PRO A 417 -13.68 -28.92 47.35
N ASP A 418 -14.02 -28.95 48.63
CA ASP A 418 -15.42 -29.09 48.98
C ASP A 418 -16.04 -27.71 48.99
N GLU A 419 -16.44 -27.28 47.80
CA GLU A 419 -17.04 -25.99 47.57
C GLU A 419 -18.35 -25.84 48.29
N THR A 420 -19.12 -26.92 48.36
CA THR A 420 -20.42 -26.85 49.01
C THR A 420 -20.25 -26.46 50.47
N ILE A 421 -19.29 -27.04 51.15
CA ILE A 421 -19.06 -26.67 52.54
C ILE A 421 -18.54 -25.24 52.50
N PRO A 422 -19.01 -24.39 53.40
CA PRO A 422 -18.56 -22.98 53.39
C PRO A 422 -17.07 -22.94 53.60
N GLY A 423 -16.59 -23.69 54.58
CA GLY A 423 -15.15 -23.82 54.75
C GLY A 423 -14.76 -24.75 53.62
N ARG A 424 -13.72 -24.41 52.87
CA ARG A 424 -13.32 -25.23 51.75
C ARG A 424 -12.11 -26.07 52.10
N PRO A 425 -12.18 -27.35 51.78
CA PRO A 425 -11.09 -28.27 52.08
C PRO A 425 -11.19 -29.46 51.15
N THR A 426 -10.12 -30.22 51.08
CA THR A 426 -10.18 -31.37 50.21
C THR A 426 -11.36 -32.23 50.62
N VAL A 427 -12.01 -32.82 49.63
CA VAL A 427 -13.11 -33.72 49.95
C VAL A 427 -13.21 -34.90 48.98
N PRO A 428 -13.36 -36.11 49.51
CA PRO A 428 -13.67 -37.25 48.65
C PRO A 428 -15.04 -37.08 48.00
N GLN A 429 -15.09 -37.28 46.69
CA GLN A 429 -16.29 -37.02 45.91
C GLN A 429 -16.43 -38.06 44.81
N CYS A 430 -17.62 -38.16 44.24
CA CYS A 430 -17.84 -38.95 43.04
C CYS A 430 -17.97 -38.02 41.84
N CYS A 431 -17.23 -38.31 40.79
CA CYS A 431 -17.27 -37.54 39.55
C CYS A 431 -17.49 -38.45 38.35
N TYR A 432 -18.44 -38.06 37.51
CA TYR A 432 -18.69 -38.81 36.27
C TYR A 432 -18.75 -37.87 35.07
N GLY A 433 -18.11 -38.27 33.97
CA GLY A 433 -18.03 -37.40 32.81
C GLY A 433 -17.68 -38.01 31.46
N PHE A 434 -17.89 -37.21 30.43
CA PHE A 434 -17.43 -37.48 29.07
C PHE A 434 -15.93 -37.75 29.07
N CYS A 435 -15.20 -36.87 29.72
CA CYS A 435 -13.76 -37.02 29.85
C CYS A 435 -13.39 -38.26 30.66
N VAL A 436 -14.24 -38.64 31.60
CA VAL A 436 -14.03 -39.85 32.38
C VAL A 436 -14.22 -41.11 31.54
N ASP A 437 -15.30 -41.14 30.76
CA ASP A 437 -15.55 -42.25 29.85
C ASP A 437 -14.41 -42.37 28.85
N LEU A 438 -13.92 -41.23 28.39
CA LEU A 438 -12.77 -41.18 27.49
C LEU A 438 -11.53 -41.74 28.17
N LEU A 439 -11.35 -41.35 29.42
CA LEU A 439 -10.18 -41.74 30.20
C LEU A 439 -10.14 -43.25 30.43
N ILE A 440 -11.28 -43.81 30.81
CA ILE A 440 -11.41 -45.25 30.99
C ILE A 440 -11.33 -45.99 29.66
N LYS A 441 -11.82 -45.37 28.59
CA LYS A 441 -11.69 -45.93 27.24
C LYS A 441 -10.22 -46.10 26.92
N LEU A 442 -9.46 -45.06 27.24
CA LEU A 442 -8.02 -45.11 27.10
C LEU A 442 -7.46 -46.19 28.02
N ALA A 443 -7.96 -46.27 29.25
CA ALA A 443 -7.45 -47.18 30.28
C ALA A 443 -7.61 -48.65 29.90
N ARG A 444 -8.68 -48.95 29.16
CA ARG A 444 -8.85 -50.27 28.58
C ARG A 444 -7.88 -50.40 27.40
N GLU A 445 -7.88 -49.40 26.54
CA GLU A 445 -6.99 -49.34 25.39
C GLU A 445 -5.56 -49.21 25.91
N MET A 446 -5.41 -48.42 26.97
CA MET A 446 -4.12 -48.15 27.59
C MET A 446 -3.92 -48.93 28.88
N ASP A 447 -2.71 -49.45 29.04
CA ASP A 447 -2.31 -50.24 30.21
C ASP A 447 -2.40 -49.47 31.52
N PHE A 448 -2.08 -48.18 31.47
CA PHE A 448 -2.06 -47.35 32.68
C PHE A 448 -3.38 -47.29 33.45
N THR A 449 -3.25 -47.36 34.77
CA THR A 449 -4.33 -47.34 35.73
C THR A 449 -4.49 -45.90 36.25
N TYR A 450 -5.69 -45.52 36.64
CA TYR A 450 -5.97 -44.12 36.95
C TYR A 450 -6.54 -43.86 38.33
N GLU A 451 -6.03 -42.82 38.99
CA GLU A 451 -6.63 -42.27 40.19
C GLU A 451 -6.77 -40.77 40.00
N VAL A 452 -7.97 -40.24 40.23
CA VAL A 452 -8.28 -38.87 39.88
C VAL A 452 -8.64 -38.04 41.10
N HIS A 453 -8.07 -36.84 41.21
CA HIS A 453 -8.53 -35.88 42.19
C HIS A 453 -8.62 -34.49 41.54
N LEU A 454 -9.71 -33.79 41.82
CA LEU A 454 -9.93 -32.46 41.26
C LEU A 454 -8.95 -31.47 41.88
N VAL A 455 -8.48 -30.53 41.09
CA VAL A 455 -7.53 -29.52 41.54
C VAL A 455 -8.13 -28.55 42.55
N ALA A 456 -7.33 -28.19 43.56
CA ALA A 456 -7.77 -27.27 44.60
C ALA A 456 -8.08 -25.88 44.04
N ASP A 457 -7.24 -25.43 43.11
CA ASP A 457 -7.41 -24.11 42.50
C ASP A 457 -8.72 -23.99 41.72
N GLY A 458 -9.43 -22.89 41.92
CA GLY A 458 -10.71 -22.68 41.27
C GLY A 458 -10.63 -22.63 39.76
N LYS A 459 -9.59 -21.96 39.26
CA LYS A 459 -9.36 -21.83 37.84
C LYS A 459 -8.28 -22.82 37.40
N PHE A 460 -8.24 -23.11 36.10
CA PHE A 460 -7.24 -24.01 35.56
C PHE A 460 -5.92 -23.33 35.89
N GLY A 461 -5.94 -22.01 35.78
CA GLY A 461 -4.79 -21.18 36.09
C GLY A 461 -4.01 -20.63 34.93
N THR A 462 -3.37 -19.48 35.15
CA THR A 462 -2.58 -18.82 34.11
C THR A 462 -1.31 -18.28 34.71
N GLN A 463 -0.24 -18.20 33.91
CA GLN A 463 1.01 -17.71 34.43
C GLN A 463 0.83 -16.28 34.91
N GLU A 464 1.24 -15.99 36.12
CA GLU A 464 1.01 -14.68 36.67
C GLU A 464 2.13 -14.19 37.55
N ARG A 465 2.16 -12.89 37.84
CA ARG A 465 3.19 -12.37 38.70
C ARG A 465 3.03 -13.01 40.06
N VAL A 466 4.12 -13.54 40.60
CA VAL A 466 4.08 -14.20 41.90
C VAL A 466 4.34 -13.23 43.05
N ASN A 467 3.32 -12.47 43.42
CA ASN A 467 3.42 -11.51 44.53
C ASN A 467 4.59 -10.56 44.30
N ASN A 468 5.47 -10.47 45.29
CA ASN A 468 6.65 -9.61 45.21
C ASN A 468 7.58 -10.08 44.09
N SER A 469 7.71 -11.40 43.93
CA SER A 469 8.58 -11.95 42.90
C SER A 469 8.13 -11.53 41.50
N ASN A 470 6.83 -11.54 41.25
CA ASN A 470 6.30 -11.11 39.95
C ASN A 470 6.56 -12.07 38.78
N ALA A 471 7.17 -13.21 39.07
CA ALA A 471 7.39 -14.22 38.04
C ALA A 471 6.93 -15.54 38.60
N ALA A 472 5.96 -16.19 37.96
CA ALA A 472 5.45 -17.46 38.47
C ALA A 472 4.80 -18.40 37.46
N ALA A 473 4.74 -19.65 37.87
CA ALA A 473 4.14 -20.69 37.07
C ALA A 473 2.63 -20.48 37.00
N TRP A 474 2.04 -21.02 35.94
CA TRP A 474 0.60 -20.88 35.74
C TRP A 474 -0.16 -21.51 36.90
N ASN A 475 0.34 -22.54 37.53
CA ASN A 475 -0.40 -22.98 38.72
C ASN A 475 -1.76 -23.58 38.39
N GLY A 476 -2.62 -23.63 39.40
CA GLY A 476 -3.94 -24.21 39.24
C GLY A 476 -3.81 -25.63 38.75
N MET A 477 -4.60 -26.00 37.75
CA MET A 477 -4.49 -27.35 37.20
C MET A 477 -3.15 -27.60 36.52
N MET A 478 -2.71 -26.62 35.72
CA MET A 478 -1.45 -26.74 34.99
C MET A 478 -0.19 -26.78 35.86
N GLY A 479 -0.10 -25.87 36.83
CA GLY A 479 1.07 -25.84 37.70
C GLY A 479 1.10 -27.11 38.51
N GLU A 480 -0.02 -27.51 39.08
CA GLU A 480 0.05 -28.83 39.68
C GLU A 480 0.71 -29.80 38.71
N LEU A 481 0.34 -29.71 37.43
CA LEU A 481 0.94 -30.57 36.43
C LEU A 481 2.46 -30.36 36.31
N LEU A 482 2.92 -29.10 36.29
CA LEU A 482 4.37 -28.84 36.20
C LEU A 482 5.08 -29.37 37.46
N SER A 483 4.42 -29.09 38.56
CA SER A 483 4.74 -29.46 39.94
C SER A 483 4.75 -30.98 40.10
N GLY A 484 3.96 -31.65 39.27
CA GLY A 484 3.89 -33.09 39.34
C GLY A 484 2.83 -33.64 40.27
N GLN A 485 1.97 -32.76 40.80
CA GLN A 485 0.89 -33.20 41.66
C GLN A 485 -0.03 -34.10 40.85
N ALA A 486 -0.34 -33.68 39.63
CA ALA A 486 -1.13 -34.48 38.72
C ALA A 486 -0.23 -34.70 37.50
N ASP A 487 0.09 -35.96 37.22
CA ASP A 487 0.95 -36.29 36.09
C ASP A 487 0.33 -35.93 34.75
N MET A 488 -0.98 -36.17 34.66
CA MET A 488 -1.75 -35.94 33.45
C MET A 488 -3.05 -35.19 33.76
N ILE A 489 -3.46 -34.29 32.87
CA ILE A 489 -4.64 -33.47 33.09
C ILE A 489 -5.80 -33.83 32.16
N VAL A 490 -6.90 -34.34 32.72
CA VAL A 490 -8.08 -34.60 31.91
C VAL A 490 -9.22 -33.67 32.31
N ALA A 491 -9.57 -32.77 31.38
CA ALA A 491 -10.56 -31.73 31.62
C ALA A 491 -10.93 -31.09 30.27
N PRO A 492 -11.88 -30.14 30.28
CA PRO A 492 -12.11 -29.39 29.04
C PRO A 492 -11.16 -28.20 28.91
N LEU A 493 -9.95 -28.43 28.40
CA LEU A 493 -8.94 -27.37 28.34
C LEU A 493 -8.72 -26.91 26.90
N THR A 494 -8.93 -25.62 26.62
CA THR A 494 -8.61 -25.07 25.30
C THR A 494 -7.11 -25.09 25.05
N ILE A 495 -6.68 -25.27 23.80
CA ILE A 495 -5.25 -25.38 23.60
C ILE A 495 -4.62 -24.14 22.93
N ASN A 496 -3.68 -23.51 23.64
CA ASN A 496 -3.04 -22.25 23.24
C ASN A 496 -1.49 -22.22 23.37
N ASN A 497 -0.82 -21.44 22.51
CA ASN A 497 0.64 -21.38 22.45
C ASN A 497 1.34 -20.95 23.74
N GLU A 498 0.75 -20.00 24.45
CA GLU A 498 1.35 -19.48 25.69
C GLU A 498 1.56 -20.62 26.66
N ARG A 499 0.55 -21.48 26.79
CA ARG A 499 0.64 -22.69 27.58
C ARG A 499 1.53 -23.72 26.89
N ALA A 500 1.44 -23.76 25.56
CA ALA A 500 1.98 -24.84 24.73
C ALA A 500 3.49 -25.03 24.88
N GLN A 501 4.23 -23.93 25.01
CA GLN A 501 5.68 -24.00 25.22
C GLN A 501 6.04 -24.76 26.50
N TYR A 502 5.28 -24.53 27.52
CA TYR A 502 5.55 -25.21 28.73
C TYR A 502 5.27 -26.70 28.74
N ILE A 503 4.18 -27.10 28.10
CA ILE A 503 3.76 -28.50 28.10
C ILE A 503 3.31 -29.07 26.76
N GLU A 504 3.38 -30.39 26.67
CA GLU A 504 2.88 -31.13 25.52
C GLU A 504 1.37 -31.18 25.58
N PHE A 505 0.76 -31.16 24.40
CA PHE A 505 -0.69 -31.22 24.27
C PHE A 505 -1.05 -32.25 23.21
N SER A 506 -2.15 -32.98 23.46
CA SER A 506 -2.66 -33.97 22.54
C SER A 506 -3.43 -33.30 21.39
N LYS A 507 -3.70 -34.04 20.31
CA LYS A 507 -4.44 -33.47 19.19
C LYS A 507 -5.78 -33.03 19.75
N PRO A 508 -6.18 -31.81 19.41
CA PRO A 508 -7.41 -31.26 20.00
C PRO A 508 -8.60 -32.18 19.78
N PHE A 509 -9.33 -32.41 20.86
CA PHE A 509 -10.48 -33.27 20.79
C PHE A 509 -11.70 -32.57 20.21
N LYS A 510 -11.84 -31.29 20.56
CA LYS A 510 -13.06 -30.56 20.16
C LYS A 510 -12.68 -29.21 19.55
N TYR A 511 -13.59 -28.54 18.83
CA TYR A 511 -13.18 -27.27 18.28
C TYR A 511 -14.20 -26.25 18.63
N GLN A 512 -14.11 -25.74 19.83
CA GLN A 512 -15.13 -24.86 20.31
C GLN A 512 -14.70 -23.43 20.24
N GLY A 513 -15.66 -22.54 20.01
CA GLY A 513 -15.32 -21.15 19.79
C GLY A 513 -16.08 -20.24 20.69
N LEU A 514 -15.48 -19.13 21.03
CA LEU A 514 -16.11 -18.27 22.01
C LEU A 514 -17.29 -17.54 21.47
N THR A 515 -18.39 -17.58 22.22
CA THR A 515 -19.60 -16.85 21.88
C THR A 515 -20.09 -16.19 23.14
N ILE A 516 -21.11 -15.35 23.05
CA ILE A 516 -21.54 -14.71 24.27
C ILE A 516 -22.87 -15.24 24.72
N LEU A 517 -22.87 -15.99 25.82
CA LEU A 517 -24.09 -16.66 26.27
C LEU A 517 -25.04 -15.85 27.14
N VAL A 518 -25.92 -15.09 26.48
CA VAL A 518 -26.92 -14.31 27.19
C VAL A 518 -28.12 -13.97 26.33
N LYS A 519 -29.24 -13.71 26.99
CA LYS A 519 -30.48 -13.29 26.35
C LYS A 519 -31.63 -13.27 27.33
N LYS A 520 -32.52 -12.31 27.15
CA LYS A 520 -33.68 -12.18 28.00
C LYS A 520 -34.99 -12.26 27.24
N GLU A 521 -36.08 -12.31 28.02
CA GLU A 521 -37.45 -12.44 27.54
C GLU A 521 -37.83 -11.47 26.43
N ILE A 522 -38.61 -11.99 25.49
CA ILE A 522 -39.11 -11.23 24.36
C ILE A 522 -40.65 -11.18 24.38
N PRO A 523 -41.23 -10.01 24.64
CA PRO A 523 -42.66 -9.73 24.76
C PRO A 523 -43.50 -10.02 23.51
N ARG A 524 -44.76 -10.33 23.79
CA ARG A 524 -45.82 -10.61 22.82
C ARG A 524 -47.13 -10.20 23.46
N SER A 525 -47.63 -9.04 23.09
CA SER A 525 -48.83 -8.53 23.72
C SER A 525 -50.04 -9.42 23.60
N THR A 526 -50.62 -9.67 24.75
CA THR A 526 -51.90 -10.35 24.89
C THR A 526 -52.99 -9.41 24.46
N LEU A 527 -52.93 -8.16 24.87
CA LEU A 527 -53.99 -7.20 24.53
C LEU A 527 -53.80 -6.41 23.23
N ASP A 528 -52.69 -6.63 22.55
CA ASP A 528 -52.38 -5.89 21.33
C ASP A 528 -53.25 -6.02 20.07
N SER A 529 -53.69 -7.21 19.70
CA SER A 529 -54.46 -7.36 18.45
C SER A 529 -55.82 -6.66 18.32
N PHE A 530 -56.69 -6.80 19.31
CA PHE A 530 -58.00 -6.13 19.27
C PHE A 530 -57.79 -4.63 19.41
N MET A 531 -56.85 -4.34 20.31
CA MET A 531 -56.41 -3.03 20.73
C MET A 531 -56.34 -2.05 19.58
N GLN A 532 -56.02 -2.58 18.41
CA GLN A 532 -55.89 -1.81 17.19
C GLN A 532 -57.20 -1.04 16.99
N PRO A 533 -58.33 -1.69 17.24
CA PRO A 533 -59.62 -1.05 17.33
C PRO A 533 -59.67 -0.22 18.57
N PHE A 534 -59.61 -0.86 19.74
CA PHE A 534 -59.81 -0.16 21.00
C PHE A 534 -59.22 1.24 21.01
N GLN A 535 -57.92 1.32 20.82
CA GLN A 535 -57.23 2.59 20.78
C GLN A 535 -57.73 3.47 19.65
N SER A 536 -58.02 2.92 18.49
CA SER A 536 -58.35 3.83 17.40
C SER A 536 -59.50 4.70 17.83
N THR A 537 -60.50 4.07 18.45
CA THR A 537 -61.73 4.68 19.01
C THR A 537 -62.79 5.11 17.99
N LEU A 538 -62.52 4.85 16.71
CA LEU A 538 -63.44 5.13 15.65
C LEU A 538 -64.07 3.81 15.38
N TRP A 539 -63.59 2.77 16.09
CA TRP A 539 -64.17 1.45 15.88
C TRP A 539 -65.52 1.26 16.59
N LEU A 540 -65.66 1.89 17.74
CA LEU A 540 -66.85 1.76 18.53
C LEU A 540 -67.85 2.78 18.07
N LEU A 541 -67.34 3.98 17.90
CA LEU A 541 -68.16 5.11 17.53
C LEU A 541 -68.85 4.89 16.19
N VAL A 542 -68.14 4.29 15.26
CA VAL A 542 -68.71 4.02 13.96
C VAL A 542 -69.77 2.95 14.08
N GLY A 543 -69.63 2.04 15.04
CA GLY A 543 -70.64 1.03 15.26
C GLY A 543 -71.94 1.71 15.61
N LEU A 544 -71.85 2.73 16.45
CA LEU A 544 -73.01 3.49 16.83
C LEU A 544 -73.58 4.20 15.60
N SER A 545 -72.70 4.71 14.75
CA SER A 545 -73.17 5.38 13.54
C SER A 545 -73.82 4.37 12.58
N VAL A 546 -73.48 3.08 12.71
CA VAL A 546 -74.15 2.07 11.91
C VAL A 546 -75.60 2.08 12.37
N HIS A 547 -75.79 2.20 13.67
CA HIS A 547 -77.12 2.26 14.25
C HIS A 547 -77.83 3.52 13.77
N VAL A 548 -77.09 4.62 13.70
CA VAL A 548 -77.65 5.89 13.25
C VAL A 548 -78.19 5.82 11.84
N VAL A 549 -77.57 4.97 11.02
CA VAL A 549 -78.00 4.85 9.62
C VAL A 549 -79.49 4.50 9.55
N ALA A 550 -80.01 3.94 10.64
CA ALA A 550 -81.42 3.56 10.73
C ALA A 550 -82.29 4.81 10.59
N VAL A 551 -81.84 5.91 11.20
CA VAL A 551 -82.56 7.18 11.15
C VAL A 551 -82.63 7.66 9.71
N MET A 552 -81.54 7.52 8.97
CA MET A 552 -81.48 7.91 7.56
C MET A 552 -82.46 7.06 6.75
N LEU A 553 -82.53 5.77 7.08
CA LEU A 553 -83.45 4.84 6.42
C LEU A 553 -84.89 5.27 6.66
N TYR A 554 -85.20 5.71 7.88
CA TYR A 554 -86.54 6.16 8.20
C TYR A 554 -86.86 7.36 7.29
N LEU A 555 -85.86 8.21 7.12
CA LEU A 555 -85.97 9.38 6.24
C LEU A 555 -86.31 8.92 4.82
N LEU A 556 -85.67 7.82 4.39
CA LEU A 556 -85.91 7.21 3.09
C LEU A 556 -87.35 6.68 3.01
N ASP A 557 -87.83 6.15 4.13
CA ASP A 557 -89.20 5.64 4.26
C ASP A 557 -90.19 6.79 4.03
N ARG A 558 -89.87 7.97 4.57
CA ARG A 558 -90.73 9.13 4.42
C ARG A 558 -90.87 9.54 2.96
N PHE A 559 -92.10 9.84 2.55
CA PHE A 559 -92.41 10.27 1.19
C PHE A 559 -91.93 9.28 0.11
N SER A 560 -92.10 7.99 0.39
CA SER A 560 -91.68 6.95 -0.55
C SER A 560 -92.28 7.17 -1.93
N THR A 578 -89.66 -1.67 15.42
CA THR A 578 -88.84 -1.62 14.22
C THR A 578 -87.43 -1.13 14.53
N LEU A 579 -87.32 -0.27 15.54
CA LEU A 579 -86.02 0.26 15.94
C LEU A 579 -85.10 -0.86 16.41
N SER A 580 -85.66 -1.79 17.17
CA SER A 580 -84.88 -2.91 17.68
C SER A 580 -84.37 -3.77 16.53
N SER A 581 -85.23 -3.98 15.53
CA SER A 581 -84.86 -4.75 14.35
C SER A 581 -83.75 -4.05 13.59
N ALA A 582 -83.84 -2.74 13.49
CA ALA A 582 -82.83 -1.95 12.79
C ALA A 582 -81.47 -2.06 13.46
N MET A 583 -81.41 -1.73 14.74
CA MET A 583 -80.17 -1.81 15.49
C MET A 583 -79.58 -3.21 15.36
N TRP A 584 -80.45 -4.21 15.47
CA TRP A 584 -80.05 -5.60 15.34
C TRP A 584 -79.49 -5.85 13.95
N PHE A 585 -80.15 -5.25 12.95
CA PHE A 585 -79.72 -5.38 11.56
C PHE A 585 -78.34 -4.78 11.39
N SER A 586 -78.11 -3.63 12.03
CA SER A 586 -76.83 -2.94 11.96
C SER A 586 -75.76 -3.82 12.61
N TRP A 587 -76.12 -4.44 13.72
CA TRP A 587 -75.21 -5.33 14.44
C TRP A 587 -74.83 -6.50 13.55
N ARG A 588 -75.82 -7.02 12.82
CA ARG A 588 -75.58 -8.13 11.92
C ARG A 588 -74.57 -7.82 10.82
N VAL A 589 -74.62 -6.63 10.23
CA VAL A 589 -73.67 -6.32 9.18
C VAL A 589 -72.24 -6.35 9.72
N LEU A 590 -72.05 -5.87 10.93
CA LEU A 590 -70.75 -6.01 11.53
C LEU A 590 -70.51 -7.53 11.65
N LEU A 591 -71.56 -8.27 12.03
CA LEU A 591 -71.48 -9.71 12.30
C LEU A 591 -72.13 -10.70 11.30
N ASN A 592 -72.56 -10.23 10.12
CA ASN A 592 -73.18 -11.11 9.10
C ASN A 592 -74.36 -11.95 9.63
N SER A 593 -75.25 -11.27 10.33
CA SER A 593 -76.43 -11.84 10.99
C SER A 593 -77.45 -12.42 10.01
N GLY A 594 -77.73 -11.75 8.90
CA GLY A 594 -78.68 -12.37 7.98
C GLY A 594 -79.97 -12.77 8.66
N LEU A 595 -80.51 -11.85 9.46
CA LEU A 595 -81.71 -12.09 10.24
C LEU A 595 -83.02 -12.40 9.51
N GLY A 596 -83.34 -11.68 8.43
CA GLY A 596 -84.59 -11.96 7.74
C GLY A 596 -85.25 -10.93 6.85
N GLU A 597 -85.68 -9.82 7.46
CA GLU A 597 -86.42 -8.77 6.74
C GLU A 597 -85.68 -8.12 5.58
N GLY A 598 -84.39 -7.86 5.74
CA GLY A 598 -83.63 -7.25 4.68
C GLY A 598 -83.74 -5.74 4.54
N ALA A 599 -83.35 -5.24 3.37
CA ALA A 599 -83.34 -3.81 3.06
C ALA A 599 -84.69 -3.08 3.01
N PRO A 600 -84.64 -1.82 3.45
CA PRO A 600 -85.74 -0.88 3.48
C PRO A 600 -86.49 -0.98 2.16
N ARG A 601 -87.76 -0.60 2.15
CA ARG A 601 -88.54 -0.69 0.92
C ARG A 601 -87.91 0.19 -0.18
N SER A 602 -87.45 1.39 0.17
CA SER A 602 -86.82 2.21 -0.83
C SER A 602 -85.54 1.52 -1.26
N PHE A 603 -85.38 1.40 -2.58
CA PHE A 603 -84.21 0.80 -3.19
C PHE A 603 -82.99 1.68 -2.83
N SER A 604 -83.17 3.00 -2.91
CA SER A 604 -82.14 3.98 -2.65
C SER A 604 -81.64 3.90 -1.23
N ALA A 605 -82.56 3.69 -0.29
CA ALA A 605 -82.17 3.61 1.11
C ALA A 605 -81.20 2.45 1.35
N ARG A 606 -81.50 1.34 0.68
CA ARG A 606 -80.81 0.06 0.73
C ARG A 606 -79.39 0.14 0.22
N ILE A 607 -79.11 1.17 -0.58
CA ILE A 607 -77.78 1.40 -1.12
C ILE A 607 -76.78 1.61 0.01
N LEU A 608 -77.18 2.34 1.05
CA LEU A 608 -76.34 2.56 2.21
C LEU A 608 -76.05 1.20 2.84
N GLY A 609 -77.03 0.30 2.90
CA GLY A 609 -76.74 -0.99 3.49
C GLY A 609 -75.52 -1.57 2.85
N MET A 610 -75.45 -1.50 1.52
CA MET A 610 -74.30 -2.01 0.78
C MET A 610 -73.04 -1.25 1.18
N VAL A 611 -73.15 0.06 1.32
CA VAL A 611 -72.04 0.90 1.73
C VAL A 611 -71.53 0.62 3.13
N TRP A 612 -72.42 0.52 4.08
CA TRP A 612 -72.01 0.33 5.44
C TRP A 612 -71.46 -1.05 5.65
N ALA A 613 -72.06 -2.04 5.00
CA ALA A 613 -71.57 -3.39 5.08
C ALA A 613 -70.26 -3.48 4.33
N LEU A 614 -70.14 -2.70 3.27
CA LEU A 614 -68.90 -2.62 2.52
C LEU A 614 -67.79 -2.19 3.40
N PHE A 615 -67.98 -1.08 4.05
CA PHE A 615 -66.96 -0.57 4.90
C PHE A 615 -66.76 -1.46 6.09
N ALA A 616 -67.82 -2.06 6.61
CA ALA A 616 -67.66 -2.97 7.73
C ALA A 616 -66.74 -4.10 7.34
N MET A 617 -66.99 -4.67 6.17
CA MET A 617 -66.17 -5.73 5.62
C MET A 617 -64.74 -5.29 5.51
N ILE A 618 -64.55 -4.13 4.90
CA ILE A 618 -63.25 -3.54 4.72
C ILE A 618 -62.51 -3.40 6.01
N ILE A 619 -63.20 -2.90 7.01
CA ILE A 619 -62.63 -2.70 8.32
C ILE A 619 -62.18 -3.98 8.92
N VAL A 620 -63.01 -5.01 8.85
CA VAL A 620 -62.63 -6.29 9.39
C VAL A 620 -61.39 -6.82 8.73
N ALA A 621 -61.37 -6.74 7.42
CA ALA A 621 -60.25 -7.20 6.66
C ALA A 621 -59.01 -6.38 6.99
N SER A 622 -59.20 -5.07 7.09
CA SER A 622 -58.13 -4.15 7.38
C SER A 622 -57.55 -4.48 8.73
N TYR A 623 -58.44 -4.75 9.67
CA TYR A 623 -58.04 -5.17 10.98
C TYR A 623 -57.20 -6.38 10.91
N THR A 624 -57.68 -7.38 10.18
CA THR A 624 -56.97 -8.61 9.99
C THR A 624 -55.57 -8.33 9.46
N ALA A 625 -55.47 -7.40 8.53
CA ALA A 625 -54.17 -7.02 8.01
C ALA A 625 -53.32 -6.40 9.10
N ASN A 626 -53.93 -5.60 9.96
CA ASN A 626 -53.20 -4.97 11.03
C ASN A 626 -52.94 -5.95 12.15
N LEU A 627 -53.74 -6.99 12.19
CA LEU A 627 -53.56 -8.08 13.10
C LEU A 627 -52.26 -8.73 12.66
N ALA A 628 -52.14 -8.93 11.35
CA ALA A 628 -50.92 -9.43 10.78
C ALA A 628 -49.79 -8.42 11.01
N ALA A 629 -50.08 -7.13 10.98
CA ALA A 629 -49.05 -6.13 11.29
C ALA A 629 -48.46 -6.40 12.66
N PHE A 630 -49.31 -6.80 13.62
CA PHE A 630 -48.78 -7.21 14.91
C PHE A 630 -47.86 -8.39 14.69
N LEU A 631 -48.34 -9.41 13.98
CA LEU A 631 -47.54 -10.59 13.65
C LEU A 631 -46.18 -10.26 13.05
N VAL A 632 -46.08 -9.05 12.52
CA VAL A 632 -44.86 -8.67 11.90
C VAL A 632 -43.78 -8.99 12.89
N LEU A 633 -44.01 -8.67 14.15
CA LEU A 633 -43.00 -8.98 15.13
C LEU A 633 -41.80 -8.30 14.53
N ARG A 634 -40.72 -9.04 14.36
CA ARG A 634 -39.50 -8.55 13.75
C ARG A 634 -38.90 -7.33 14.43
N ARG A 635 -38.97 -7.32 15.75
CA ARG A 635 -38.36 -6.26 16.52
C ARG A 635 -37.33 -7.11 17.24
N PRO A 636 -36.06 -6.85 17.00
CA PRO A 636 -35.03 -7.68 17.61
C PRO A 636 -34.00 -6.84 18.30
N GLU A 637 -33.48 -7.33 19.41
CA GLU A 637 -32.50 -6.54 20.14
C GLU A 637 -31.29 -6.30 19.25
N GLU A 638 -30.88 -7.36 18.54
CA GLU A 638 -29.78 -7.31 17.59
C GLU A 638 -28.45 -6.78 18.13
N ARG A 639 -28.11 -7.19 19.35
CA ARG A 639 -26.84 -6.83 19.99
C ARG A 639 -25.88 -8.03 20.04
N ILE A 640 -26.19 -9.08 19.28
CA ILE A 640 -25.44 -10.34 19.24
C ILE A 640 -23.99 -10.30 18.75
N THR A 641 -23.68 -9.49 17.74
CA THR A 641 -22.33 -9.46 17.20
C THR A 641 -21.36 -8.60 18.02
N GLY A 642 -20.90 -9.16 19.12
CA GLY A 642 -19.97 -8.49 20.02
C GLY A 642 -18.59 -8.15 19.48
N ILE A 643 -17.98 -9.05 18.72
CA ILE A 643 -16.65 -8.80 18.20
C ILE A 643 -16.69 -7.62 17.22
N ASN A 644 -17.71 -7.62 16.35
CA ASN A 644 -17.89 -6.53 15.40
C ASN A 644 -19.00 -5.57 15.83
N ASP A 645 -19.67 -5.87 16.94
CA ASP A 645 -20.76 -5.05 17.45
C ASP A 645 -20.32 -3.71 18.04
N PRO A 646 -21.02 -2.65 17.68
CA PRO A 646 -20.68 -1.31 18.16
C PRO A 646 -20.83 -1.12 19.67
N ARG A 647 -21.90 -1.67 20.24
CA ARG A 647 -22.15 -1.54 21.67
C ARG A 647 -21.09 -2.19 22.56
N LEU A 648 -20.66 -3.39 22.18
CA LEU A 648 -19.66 -4.12 22.95
C LEU A 648 -18.30 -3.42 23.01
N ARG A 649 -17.89 -2.84 21.90
CA ARG A 649 -16.61 -2.15 21.81
C ARG A 649 -16.47 -0.92 22.71
N ASN A 650 -17.53 -0.13 22.82
CA ASN A 650 -17.50 1.07 23.60
C ASN A 650 -18.30 0.82 24.86
N PRO A 651 -17.72 0.09 25.81
CA PRO A 651 -18.34 -0.38 27.03
C PRO A 651 -18.78 0.76 27.92
N SER A 652 -19.76 0.46 28.76
CA SER A 652 -20.32 1.43 29.66
C SER A 652 -20.95 0.69 30.80
N ASP A 653 -21.62 1.43 31.66
CA ASP A 653 -22.35 0.84 32.76
C ASP A 653 -23.58 0.05 32.27
N LYS A 654 -23.92 0.20 30.99
CA LYS A 654 -24.99 -0.58 30.42
C LYS A 654 -24.43 -1.85 29.83
N PHE A 655 -23.11 -1.99 29.89
CA PHE A 655 -22.44 -3.15 29.37
C PHE A 655 -21.72 -3.88 30.47
N ILE A 656 -22.40 -4.20 31.55
CA ILE A 656 -21.71 -4.88 32.65
C ILE A 656 -21.29 -6.27 32.18
N TYR A 657 -20.07 -6.30 31.69
CA TYR A 657 -19.51 -7.44 31.03
C TYR A 657 -18.32 -8.11 31.70
N ALA A 658 -18.33 -9.44 31.69
CA ALA A 658 -17.28 -10.21 32.34
C ALA A 658 -16.80 -11.45 31.58
N THR A 659 -16.01 -12.23 32.30
CA THR A 659 -15.58 -13.57 31.97
C THR A 659 -15.24 -14.24 33.28
N VAL A 660 -14.62 -15.39 33.20
CA VAL A 660 -14.18 -16.05 34.39
C VAL A 660 -12.82 -15.50 34.75
N LYS A 661 -12.67 -15.08 35.99
CA LYS A 661 -11.41 -14.60 36.49
C LYS A 661 -10.39 -15.59 36.04
N GLN A 662 -9.37 -15.12 35.34
CA GLN A 662 -8.34 -16.02 34.87
C GLN A 662 -8.95 -17.04 33.92
N SER A 663 -9.29 -16.57 32.73
CA SER A 663 -9.80 -17.40 31.65
C SER A 663 -8.94 -17.14 30.43
N SER A 664 -8.84 -18.08 29.54
CA SER A 664 -7.92 -17.91 28.41
C SER A 664 -8.19 -16.71 27.54
N VAL A 665 -9.45 -16.30 27.44
CA VAL A 665 -9.78 -15.11 26.70
C VAL A 665 -9.08 -13.87 27.27
N ASP A 666 -8.70 -13.93 28.55
CA ASP A 666 -8.03 -12.85 29.20
C ASP A 666 -6.69 -12.64 28.58
N ILE A 667 -6.12 -13.71 28.02
CA ILE A 667 -4.88 -13.65 27.30
C ILE A 667 -5.11 -12.89 26.05
N TYR A 668 -6.24 -13.16 25.41
CA TYR A 668 -6.56 -12.41 24.21
C TYR A 668 -6.74 -10.96 24.51
N PHE A 669 -7.37 -10.64 25.62
CA PHE A 669 -7.51 -9.25 25.96
C PHE A 669 -6.19 -8.65 26.40
N ARG A 670 -5.38 -9.47 27.02
CA ARG A 670 -4.08 -9.04 27.46
C ARG A 670 -3.21 -8.70 26.29
N ARG A 671 -3.04 -9.65 25.40
CA ARG A 671 -2.18 -9.44 24.26
C ARG A 671 -2.76 -8.42 23.31
N GLN A 672 -4.07 -8.40 23.21
CA GLN A 672 -4.68 -7.42 22.35
C GLN A 672 -4.74 -6.09 23.01
N VAL A 673 -3.70 -5.31 22.79
CA VAL A 673 -3.70 -3.95 23.28
C VAL A 673 -4.90 -3.21 22.74
N GLU A 674 -5.37 -3.63 21.56
CA GLU A 674 -6.57 -3.13 20.93
C GLU A 674 -7.79 -3.28 21.81
N LEU A 675 -7.75 -4.26 22.68
CA LEU A 675 -8.84 -4.54 23.57
C LEU A 675 -8.59 -4.13 25.00
N SER A 676 -7.50 -3.40 25.28
CA SER A 676 -7.15 -3.01 26.64
C SER A 676 -8.30 -2.42 27.40
N THR A 677 -9.04 -1.57 26.72
CA THR A 677 -10.21 -0.94 27.25
C THR A 677 -11.15 -1.99 27.77
N MET A 678 -11.39 -2.95 26.90
CA MET A 678 -12.27 -4.04 27.18
C MET A 678 -11.68 -4.99 28.18
N TYR A 679 -10.36 -5.07 28.19
CA TYR A 679 -9.65 -5.95 29.07
C TYR A 679 -10.00 -5.56 30.46
N ARG A 680 -9.82 -4.29 30.78
CA ARG A 680 -10.17 -3.86 32.11
C ARG A 680 -11.65 -3.88 32.36
N HIS A 681 -12.42 -3.43 31.38
CA HIS A 681 -13.87 -3.42 31.52
C HIS A 681 -14.37 -4.77 31.92
N MET A 682 -13.84 -5.77 31.28
CA MET A 682 -14.10 -7.14 31.57
C MET A 682 -13.61 -7.56 32.95
N GLU A 683 -12.34 -7.28 33.24
CA GLU A 683 -11.68 -7.71 34.47
C GLU A 683 -12.42 -7.36 35.71
N LYS A 684 -12.83 -6.11 35.80
CA LYS A 684 -13.57 -5.60 36.94
C LYS A 684 -14.85 -6.37 37.27
N HIS A 685 -15.34 -7.20 36.36
CA HIS A 685 -16.58 -7.91 36.61
C HIS A 685 -16.41 -9.43 36.63
N ASN A 686 -15.19 -9.92 36.56
CA ASN A 686 -14.94 -11.37 36.46
C ASN A 686 -15.38 -12.26 37.61
N TYR A 687 -15.58 -13.54 37.29
CA TYR A 687 -16.06 -14.55 38.27
C TYR A 687 -15.12 -15.73 38.50
N GLU A 688 -15.22 -16.36 39.65
CA GLU A 688 -14.41 -17.54 39.92
C GLU A 688 -14.84 -18.74 39.09
N SER A 689 -16.10 -18.77 38.69
CA SER A 689 -16.62 -19.92 37.95
C SER A 689 -17.83 -19.66 37.06
N ALA A 690 -18.09 -20.62 36.18
CA ALA A 690 -19.19 -20.59 35.23
C ALA A 690 -20.57 -20.56 35.90
N ALA A 691 -20.71 -21.29 37.01
CA ALA A 691 -21.99 -21.35 37.71
C ALA A 691 -22.42 -19.96 38.14
N GLU A 692 -21.47 -19.18 38.64
CA GLU A 692 -21.76 -17.80 39.03
C GLU A 692 -21.86 -16.89 37.82
N ALA A 693 -21.00 -17.10 36.83
CA ALA A 693 -21.04 -16.30 35.61
C ALA A 693 -22.32 -16.47 34.81
N ILE A 694 -22.79 -17.70 34.67
CA ILE A 694 -24.09 -17.93 34.02
C ILE A 694 -25.23 -17.34 34.84
N GLN A 695 -25.13 -17.52 36.15
CA GLN A 695 -26.14 -17.05 37.09
C GLN A 695 -26.33 -15.55 37.03
N ALA A 696 -25.24 -14.79 36.83
CA ALA A 696 -25.36 -13.34 36.87
C ALA A 696 -26.30 -12.86 35.78
N VAL A 697 -26.16 -13.45 34.59
CA VAL A 697 -26.99 -13.16 33.44
C VAL A 697 -28.42 -13.64 33.70
N ARG A 698 -28.51 -14.83 34.30
CA ARG A 698 -29.80 -15.40 34.70
C ARG A 698 -30.45 -14.56 35.81
N ASP A 699 -29.63 -14.11 36.75
CA ASP A 699 -30.08 -13.28 37.86
C ASP A 699 -30.32 -11.87 37.33
N ASN A 700 -29.78 -11.63 36.14
CA ASN A 700 -29.78 -10.35 35.43
C ASN A 700 -28.91 -9.29 36.10
N LYS A 701 -27.98 -9.77 36.92
CA LYS A 701 -27.02 -8.91 37.59
C LYS A 701 -26.08 -8.27 36.55
N LEU A 702 -25.70 -9.10 35.58
CA LEU A 702 -24.86 -8.72 34.45
C LEU A 702 -25.55 -8.94 33.11
N HIS A 703 -25.59 -7.90 32.28
CA HIS A 703 -26.28 -7.95 31.00
C HIS A 703 -25.66 -8.93 30.00
N ALA A 704 -24.36 -9.15 30.06
CA ALA A 704 -23.70 -10.03 29.09
C ALA A 704 -22.63 -10.90 29.74
N PHE A 705 -22.40 -12.07 29.14
CA PHE A 705 -21.37 -13.00 29.61
C PHE A 705 -20.52 -13.54 28.46
N ILE A 706 -19.19 -13.56 28.61
CA ILE A 706 -18.33 -14.03 27.52
C ILE A 706 -17.56 -15.29 27.87
N TRP A 707 -17.79 -16.36 27.11
CA TRP A 707 -17.05 -17.60 27.29
C TRP A 707 -17.08 -18.47 26.02
N ASP A 708 -16.16 -19.43 25.94
CA ASP A 708 -16.06 -20.32 24.78
C ASP A 708 -17.35 -21.12 24.62
N SER A 709 -17.70 -21.41 23.37
CA SER A 709 -19.00 -21.96 23.07
C SER A 709 -19.28 -23.32 23.70
N ALA A 710 -18.31 -24.22 23.71
CA ALA A 710 -18.60 -25.60 24.08
C ALA A 710 -19.25 -25.72 25.46
N VAL A 711 -18.75 -24.94 26.41
CA VAL A 711 -19.39 -24.82 27.72
C VAL A 711 -20.72 -24.06 27.66
N LEU A 712 -20.79 -23.05 26.80
CA LEU A 712 -21.92 -22.11 26.75
C LEU A 712 -23.18 -22.58 26.01
N GLU A 713 -23.02 -23.19 24.84
CA GLU A 713 -24.13 -23.61 23.99
C GLU A 713 -24.99 -24.65 24.69
N PHE A 714 -24.35 -25.59 25.39
CA PHE A 714 -25.09 -26.60 26.14
C PHE A 714 -26.03 -25.93 27.15
N GLU A 715 -25.53 -24.90 27.82
CA GLU A 715 -26.32 -24.09 28.74
C GLU A 715 -27.43 -23.33 28.00
N ALA A 716 -27.11 -22.88 26.80
CA ALA A 716 -28.04 -22.15 25.94
C ALA A 716 -29.25 -23.02 25.64
N SER A 717 -28.98 -24.29 25.38
CA SER A 717 -30.02 -25.31 25.28
C SER A 717 -30.69 -25.52 26.63
N GLN A 718 -29.90 -25.52 27.70
CA GLN A 718 -30.42 -25.88 29.02
C GLN A 718 -31.50 -24.91 29.52
N ASP A 719 -31.36 -23.62 29.21
CA ASP A 719 -32.35 -22.66 29.70
C ASP A 719 -33.27 -22.14 28.58
N CYS A 720 -32.65 -21.53 27.57
CA CYS A 720 -33.30 -20.89 26.41
C CYS A 720 -33.86 -19.52 26.79
N ASP A 721 -33.82 -19.24 28.08
CA ASP A 721 -34.07 -17.91 28.61
C ASP A 721 -32.89 -17.06 28.20
N LEU A 722 -31.75 -17.73 28.04
CA LEU A 722 -30.51 -17.08 27.65
C LEU A 722 -30.13 -17.59 26.26
N VAL A 723 -29.40 -16.75 25.52
CA VAL A 723 -29.04 -17.07 24.14
C VAL A 723 -27.58 -16.74 23.85
N THR A 724 -27.03 -17.42 22.85
CA THR A 724 -25.67 -17.19 22.42
C THR A 724 -25.80 -16.34 21.18
N THR A 725 -24.85 -15.43 20.95
CA THR A 725 -24.97 -14.59 19.76
C THR A 725 -23.64 -14.34 19.06
N GLY A 726 -23.75 -14.06 17.75
CA GLY A 726 -22.60 -13.79 16.93
C GLY A 726 -21.88 -15.03 16.44
N GLU A 727 -20.65 -14.84 16.01
CA GLU A 727 -19.86 -15.88 15.38
C GLU A 727 -18.71 -16.25 16.30
N LEU A 728 -18.52 -17.54 16.52
CA LEU A 728 -17.41 -18.00 17.34
C LEU A 728 -16.12 -17.37 16.84
N PHE A 729 -15.35 -16.84 17.78
CA PHE A 729 -14.05 -16.24 17.49
C PHE A 729 -12.95 -17.01 18.25
N PHE A 730 -11.70 -16.89 17.79
CA PHE A 730 -10.56 -17.57 18.43
C PHE A 730 -10.70 -19.08 18.61
N ARG A 731 -10.95 -19.80 17.51
CA ARG A 731 -11.13 -21.25 17.53
C ARG A 731 -9.93 -22.04 18.07
N SER A 732 -10.24 -23.11 18.79
CA SER A 732 -9.31 -23.96 19.44
C SER A 732 -9.90 -25.35 19.58
N GLY A 733 -8.95 -26.24 19.54
CA GLY A 733 -8.91 -27.65 19.66
C GLY A 733 -8.73 -27.98 21.11
N PHE A 734 -9.31 -29.11 21.54
CA PHE A 734 -9.18 -29.55 22.93
C PHE A 734 -8.18 -30.67 23.03
N GLY A 735 -7.18 -30.56 23.87
CA GLY A 735 -6.18 -31.63 23.96
C GLY A 735 -5.69 -31.79 25.38
N ILE A 736 -5.40 -33.01 25.77
CA ILE A 736 -5.05 -33.24 27.16
C ILE A 736 -3.81 -32.50 27.52
N GLY A 737 -3.73 -32.01 28.75
CA GLY A 737 -2.53 -31.35 29.17
C GLY A 737 -1.71 -32.30 30.00
N MET A 738 -0.45 -32.44 29.66
CA MET A 738 0.42 -33.29 30.44
C MET A 738 1.80 -32.72 30.55
N ARG A 739 2.51 -33.19 31.54
CA ARG A 739 3.87 -32.75 31.68
C ARG A 739 4.68 -33.20 30.49
N LYS A 740 5.67 -32.38 30.14
CA LYS A 740 6.49 -32.60 28.97
C LYS A 740 7.16 -33.93 28.98
N ASP A 741 7.43 -34.39 27.78
CA ASP A 741 8.08 -35.64 27.50
C ASP A 741 7.22 -36.88 27.77
N SER A 742 5.96 -36.71 28.20
CA SER A 742 5.11 -37.86 28.36
C SER A 742 5.14 -38.75 27.16
N PRO A 743 5.69 -39.95 27.28
CA PRO A 743 5.82 -40.97 26.26
C PRO A 743 4.49 -41.54 25.83
N TRP A 744 3.39 -41.02 26.37
CA TRP A 744 2.10 -41.52 26.06
C TRP A 744 1.31 -40.54 25.26
N LYS A 745 1.67 -39.27 25.30
CA LYS A 745 0.85 -38.24 24.68
C LYS A 745 0.64 -38.56 23.22
N GLN A 746 1.69 -39.06 22.58
CA GLN A 746 1.63 -39.41 21.16
C GLN A 746 0.64 -40.53 20.92
N GLU A 747 0.69 -41.55 21.79
CA GLU A 747 -0.24 -42.68 21.72
C GLU A 747 -1.66 -42.17 21.98
N VAL A 748 -1.77 -41.28 22.96
CA VAL A 748 -3.03 -40.68 23.31
C VAL A 748 -3.59 -39.98 22.11
N SER A 749 -2.75 -39.22 21.45
CA SER A 749 -3.13 -38.53 20.26
C SER A 749 -3.62 -39.50 19.22
N LEU A 750 -2.95 -40.64 19.10
CA LEU A 750 -3.39 -41.65 18.17
C LEU A 750 -4.70 -42.26 18.61
N ASN A 751 -4.88 -42.38 19.91
CA ASN A 751 -6.06 -42.99 20.45
C ASN A 751 -7.28 -42.13 20.28
N ILE A 752 -7.11 -40.84 20.50
CA ILE A 752 -8.22 -39.94 20.33
C ILE A 752 -8.45 -39.75 18.87
N LEU A 753 -7.39 -39.88 18.09
CA LEU A 753 -7.55 -39.81 16.67
C LEU A 753 -8.45 -40.92 16.24
N LYS A 754 -8.17 -42.12 16.73
CA LYS A 754 -9.04 -43.25 16.49
C LYS A 754 -10.44 -42.98 16.98
N SER A 755 -10.57 -42.36 18.16
CA SER A 755 -11.89 -42.05 18.67
C SER A 755 -12.64 -41.20 17.64
N HIS A 756 -11.96 -40.33 16.94
CA HIS A 756 -12.64 -39.59 15.91
C HIS A 756 -12.93 -40.49 14.73
N GLU A 757 -11.95 -41.29 14.35
CA GLU A 757 -12.03 -42.15 13.19
C GLU A 757 -13.13 -43.17 13.26
N ASN A 758 -13.31 -43.75 14.44
CA ASN A 758 -14.34 -44.75 14.64
C ASN A 758 -15.68 -44.10 15.00
N GLY A 759 -15.71 -42.79 15.14
CA GLY A 759 -16.94 -42.15 15.51
C GLY A 759 -17.22 -42.18 17.00
N PHE A 760 -16.25 -42.55 17.82
CA PHE A 760 -16.48 -42.64 19.26
C PHE A 760 -16.64 -41.28 19.87
N MET A 761 -15.70 -40.41 19.54
CA MET A 761 -15.68 -39.05 20.00
C MET A 761 -17.00 -38.41 19.63
N GLU A 762 -17.37 -38.68 18.38
CA GLU A 762 -18.58 -38.21 17.78
C GLU A 762 -19.76 -38.78 18.46
N GLU A 763 -19.73 -40.08 18.73
CA GLU A 763 -20.85 -40.75 19.38
C GLU A 763 -21.10 -40.17 20.77
N LEU A 764 -20.03 -39.90 21.50
CA LEU A 764 -20.14 -39.32 22.84
C LEU A 764 -20.71 -37.91 22.84
N ASP A 765 -20.26 -37.08 21.90
CA ASP A 765 -20.72 -35.70 21.82
C ASP A 765 -22.21 -35.59 21.50
N LYS A 766 -22.69 -36.47 20.65
CA LYS A 766 -24.09 -36.49 20.41
C LYS A 766 -24.75 -36.98 21.67
N THR A 767 -24.17 -38.03 22.22
CA THR A 767 -24.82 -38.65 23.37
C THR A 767 -25.18 -37.67 24.48
N TRP A 768 -24.30 -36.74 24.80
CA TRP A 768 -24.59 -35.77 25.86
C TRP A 768 -25.26 -34.47 25.40
N VAL A 769 -24.71 -33.86 24.35
CA VAL A 769 -25.25 -32.62 23.81
C VAL A 769 -26.64 -32.76 23.21
N ARG A 770 -26.83 -33.87 22.49
CA ARG A 770 -28.06 -34.18 21.81
C ARG A 770 -29.27 -34.18 22.74
N TYR A 771 -29.05 -34.52 24.00
CA TYR A 771 -30.14 -34.60 24.95
C TYR A 771 -30.82 -33.27 25.17
N GLN A 772 -30.10 -32.19 24.90
CA GLN A 772 -30.62 -30.87 25.21
C GLN A 772 -31.09 -30.24 23.92
N GLU A 773 -32.25 -29.62 23.93
CA GLU A 773 -32.73 -28.90 22.77
C GLU A 773 -33.75 -27.83 23.15
N CYS A 774 -33.85 -26.78 22.34
CA CYS A 774 -34.78 -25.67 22.56
C CYS A 774 -35.44 -25.21 21.25
N ASP A 775 -36.54 -24.49 21.39
CA ASP A 775 -37.29 -23.98 20.24
C ASP A 775 -36.57 -22.84 19.53
N SER A 776 -36.82 -22.76 18.22
CA SER A 776 -36.28 -21.69 17.37
C SER A 776 -37.28 -20.54 17.30
N ARG A 777 -37.11 -19.66 16.32
CA ARG A 777 -38.03 -18.53 16.18
C ARG A 777 -39.31 -18.91 15.42
N SER A 778 -40.16 -19.68 16.08
CA SER A 778 -41.44 -20.11 15.51
C SER A 778 -42.55 -19.54 16.37
N ASN A 779 -43.51 -18.89 15.73
CA ASN A 779 -44.60 -18.24 16.46
C ASN A 779 -45.86 -19.09 16.70
N ALA A 780 -46.40 -18.98 17.91
CA ALA A 780 -47.63 -19.67 18.31
C ALA A 780 -48.54 -18.73 19.11
N PRO A 781 -49.85 -18.89 18.97
CA PRO A 781 -50.82 -18.03 19.68
C PRO A 781 -50.78 -18.11 21.22
N ALA A 782 -50.68 -19.32 21.76
CA ALA A 782 -50.59 -19.60 23.20
C ALA A 782 -51.75 -19.25 24.16
N THR A 783 -52.99 -19.22 23.66
CA THR A 783 -54.16 -18.97 24.53
C THR A 783 -54.09 -17.73 25.44
N LEU A 784 -53.70 -16.60 24.87
CA LEU A 784 -53.53 -15.35 25.59
C LEU A 784 -54.71 -14.44 25.35
N THR A 785 -54.84 -14.06 24.07
CA THR A 785 -55.85 -13.13 23.56
C THR A 785 -57.27 -13.67 23.72
N PHE A 786 -57.39 -14.94 24.05
CA PHE A 786 -58.68 -15.63 24.25
C PHE A 786 -59.55 -15.08 25.41
N GLU A 787 -58.93 -14.42 26.38
CA GLU A 787 -59.60 -13.85 27.55
C GLU A 787 -60.68 -12.81 27.19
N ASN A 788 -60.49 -12.06 26.12
CA ASN A 788 -61.48 -11.05 25.71
C ASN A 788 -62.77 -11.82 25.47
N MET A 789 -62.64 -12.97 24.81
CA MET A 789 -63.74 -13.88 24.64
C MET A 789 -64.22 -14.42 25.96
N ALA A 790 -63.31 -14.60 26.90
CA ALA A 790 -63.75 -15.01 28.23
C ALA A 790 -64.69 -13.92 28.72
N GLY A 791 -64.28 -12.67 28.51
CA GLY A 791 -65.07 -11.50 28.84
C GLY A 791 -66.42 -11.58 28.15
N VAL A 792 -66.42 -11.95 26.87
CA VAL A 792 -67.65 -12.10 26.11
C VAL A 792 -68.60 -13.07 26.77
N PHE A 793 -68.08 -14.21 27.21
CA PHE A 793 -68.93 -15.18 27.84
C PHE A 793 -69.47 -14.65 29.17
N TYR A 794 -68.66 -13.83 29.84
CA TYR A 794 -69.12 -13.22 31.08
C TYR A 794 -70.25 -12.25 30.74
N LEU A 795 -70.10 -11.57 29.61
CA LEU A 795 -71.10 -10.64 29.13
C LEU A 795 -72.36 -11.37 28.75
N VAL A 796 -72.24 -12.61 28.25
CA VAL A 796 -73.41 -13.41 27.94
C VAL A 796 -74.26 -13.58 29.16
N ALA A 797 -73.61 -13.92 30.27
CA ALA A 797 -74.32 -14.09 31.52
C ALA A 797 -75.05 -12.80 31.89
N GLY A 798 -74.35 -11.67 31.77
CA GLY A 798 -74.98 -10.39 32.06
C GLY A 798 -76.19 -10.18 31.16
N GLY A 799 -76.01 -10.50 29.87
CA GLY A 799 -77.02 -10.42 28.86
C GLY A 799 -78.29 -11.13 29.26
N ILE A 800 -78.19 -12.44 29.49
CA ILE A 800 -79.36 -13.21 29.86
C ILE A 800 -79.98 -12.73 31.16
N VAL A 801 -79.18 -12.16 32.07
CA VAL A 801 -79.76 -11.57 33.26
C VAL A 801 -80.63 -10.41 32.85
N ALA A 802 -80.11 -9.55 31.97
CA ALA A 802 -80.88 -8.42 31.47
C ALA A 802 -82.14 -8.91 30.77
N GLY A 803 -82.01 -10.08 30.12
CA GLY A 803 -83.10 -10.73 29.41
C GLY A 803 -84.37 -10.93 30.22
N ILE A 804 -84.28 -11.04 31.55
CA ILE A 804 -85.52 -11.25 32.27
C ILE A 804 -86.32 -9.96 32.33
N PHE A 805 -85.63 -8.84 32.16
CA PHE A 805 -86.27 -7.56 32.19
C PHE A 805 -86.75 -7.25 30.80
N LEU A 806 -86.05 -7.81 29.83
CA LEU A 806 -86.47 -7.65 28.46
C LEU A 806 -87.78 -8.39 28.24
N ILE A 807 -87.92 -9.56 28.86
CA ILE A 807 -89.19 -10.24 28.73
C ILE A 807 -90.22 -9.63 29.62
N PHE A 808 -89.79 -8.99 30.71
CA PHE A 808 -90.70 -8.22 31.54
C PHE A 808 -91.37 -7.19 30.66
N ILE A 809 -90.64 -6.62 29.72
CA ILE A 809 -91.22 -5.57 28.88
C ILE A 809 -92.44 -6.10 28.15
N GLU A 810 -92.36 -7.32 27.61
CA GLU A 810 -93.51 -7.91 26.94
C GLU A 810 -94.63 -8.09 27.97
N ILE A 811 -94.25 -8.60 29.14
CA ILE A 811 -95.18 -8.82 30.24
C ILE A 811 -95.75 -7.50 30.72
N ALA A 812 -94.90 -6.47 30.76
CA ALA A 812 -95.31 -5.13 31.18
C ALA A 812 -96.38 -4.58 30.24
N TYR A 813 -96.24 -4.87 28.95
CA TYR A 813 -97.26 -4.43 28.05
C TYR A 813 -98.35 -5.50 28.11
N LYS A 814 -98.71 -5.87 29.34
CA LYS A 814 -99.72 -6.89 29.60
C LYS A 814 -101.05 -6.27 30.03
N PHE B 25 24.26 5.22 82.35
CA PHE B 25 23.97 3.84 82.71
C PHE B 25 24.71 2.86 81.80
N PRO B 26 24.18 2.64 80.61
CA PRO B 26 24.80 1.72 79.64
C PRO B 26 26.19 2.20 79.21
N VAL B 27 26.33 3.51 79.00
CA VAL B 27 27.60 4.10 78.58
C VAL B 27 28.20 3.37 77.39
N LEU B 28 27.50 3.38 76.27
CA LEU B 28 27.97 2.73 75.05
C LEU B 28 29.25 3.37 74.51
N ASN B 29 29.99 2.64 73.68
CA ASN B 29 31.18 3.19 73.05
C ASN B 29 31.02 3.27 71.53
N ILE B 30 31.18 4.49 71.00
CA ILE B 30 30.92 4.79 69.60
C ILE B 30 32.03 5.65 68.97
N ALA B 31 32.22 5.49 67.66
CA ALA B 31 33.20 6.30 66.93
C ALA B 31 32.65 6.80 65.59
N VAL B 32 33.06 7.99 65.21
CA VAL B 32 32.66 8.59 63.94
C VAL B 32 33.85 9.30 63.26
N ILE B 33 33.91 9.20 61.94
CA ILE B 33 35.01 9.79 61.20
C ILE B 33 34.55 10.70 60.08
N LEU B 34 35.15 11.89 60.02
CA LEU B 34 34.83 12.84 58.97
C LEU B 34 36.07 13.01 58.10
N GLY B 35 35.92 12.73 56.82
CA GLY B 35 37.01 12.86 55.88
C GLY B 35 36.62 13.93 54.88
N ARG B 36 37.36 15.01 54.73
CA ARG B 36 36.85 15.96 53.74
C ARG B 36 37.72 17.03 53.11
N THR B 37 37.28 17.44 51.92
CA THR B 37 37.86 18.55 51.18
C THR B 37 37.02 19.85 51.38
N ARG B 38 35.93 19.73 52.13
CA ARG B 38 35.02 20.82 52.44
C ARG B 38 35.08 20.99 53.96
N TYR B 39 35.15 22.26 54.40
CA TYR B 39 35.45 22.54 55.80
C TYR B 39 34.42 22.50 56.93
N ILE B 40 34.69 21.56 57.82
CA ILE B 40 33.96 21.33 59.06
C ILE B 40 34.83 20.41 59.95
N THR B 41 34.68 20.48 61.26
CA THR B 41 35.40 19.56 62.10
C THR B 41 34.43 18.64 62.75
N GLU B 42 34.90 17.45 63.05
CA GLU B 42 34.09 16.48 63.73
C GLU B 42 33.71 17.01 65.07
N ARG B 43 34.64 17.72 65.71
CA ARG B 43 34.39 18.38 66.97
C ARG B 43 33.15 19.24 66.96
N ASP B 44 33.01 20.07 65.93
CA ASP B 44 31.82 20.90 65.79
C ASP B 44 30.58 20.06 66.00
N ILE B 45 30.44 19.08 65.12
CA ILE B 45 29.27 18.24 65.16
C ILE B 45 29.32 17.22 66.27
N ARG B 46 30.50 16.97 66.82
CA ARG B 46 30.70 16.06 67.92
C ARG B 46 29.91 16.49 69.08
N SER B 47 30.25 17.67 69.57
CA SER B 47 29.60 18.19 70.73
C SER B 47 28.14 18.39 70.44
N LEU B 48 27.83 18.75 69.20
CA LEU B 48 26.45 18.94 68.79
C LEU B 48 25.66 17.67 68.94
N TRP B 49 26.18 16.60 68.37
CA TRP B 49 25.48 15.35 68.43
C TRP B 49 25.39 14.84 69.82
N THR B 50 26.42 15.07 70.64
CA THR B 50 26.35 14.58 72.01
C THR B 50 25.32 15.35 72.79
N ARG B 51 25.13 16.62 72.45
CA ARG B 51 24.09 17.40 73.10
C ARG B 51 22.74 16.87 72.68
N ASP B 52 22.59 16.73 71.37
CA ASP B 52 21.38 16.18 70.77
C ASP B 52 21.27 14.73 71.18
N MET B 53 22.42 14.06 71.17
CA MET B 53 22.54 12.66 71.55
C MET B 53 22.20 12.50 73.03
N SER B 54 22.49 13.51 73.84
CA SER B 54 22.47 13.38 75.30
C SER B 54 21.26 12.84 76.08
N LEU B 55 20.09 13.42 75.79
CA LEU B 55 18.84 13.03 76.43
C LEU B 55 18.27 11.64 76.09
N ASP B 56 18.30 11.28 74.82
CA ASP B 56 17.74 10.01 74.37
C ASP B 56 18.40 8.75 74.90
N PHE B 57 19.73 8.71 74.87
CA PHE B 57 20.46 7.54 75.35
C PHE B 57 21.90 7.87 75.71
N ASP B 58 22.50 7.01 76.54
CA ASP B 58 23.89 7.20 76.92
C ASP B 58 24.79 6.89 75.73
N VAL B 59 25.86 7.66 75.58
CA VAL B 59 26.81 7.46 74.49
C VAL B 59 28.18 8.06 74.79
N ASN B 60 29.23 7.36 74.36
CA ASN B 60 30.59 7.83 74.56
C ASN B 60 31.22 7.93 73.18
N VAL B 61 31.69 9.10 72.79
CA VAL B 61 32.12 9.28 71.41
C VAL B 61 33.60 9.59 71.27
N VAL B 62 34.24 8.95 70.29
CA VAL B 62 35.58 9.40 69.92
C VAL B 62 35.53 9.79 68.45
N THR B 63 35.94 11.01 68.14
CA THR B 63 35.89 11.49 66.77
C THR B 63 37.28 11.56 66.17
N LEU B 64 37.41 11.10 64.92
CA LEU B 64 38.70 11.25 64.23
C LEU B 64 38.50 11.64 62.77
N LEU B 65 39.40 12.43 62.20
CA LEU B 65 39.29 12.72 60.77
C LEU B 65 40.58 12.34 60.03
N VAL B 66 40.41 11.97 58.76
CA VAL B 66 41.50 11.68 57.82
C VAL B 66 41.23 12.35 56.46
N GLN B 67 42.25 12.96 55.89
CA GLN B 67 42.11 13.79 54.69
C GLN B 67 41.71 13.21 53.31
N GLN B 68 42.29 12.08 52.90
CA GLN B 68 42.06 11.45 51.59
C GLN B 68 41.90 9.94 51.76
N THR B 69 41.12 9.27 50.92
CA THR B 69 40.77 7.89 51.25
C THR B 69 41.71 6.91 50.58
N ASP B 70 42.01 5.86 51.35
CA ASP B 70 42.86 4.77 50.90
C ASP B 70 42.40 3.48 51.57
N PRO B 71 42.60 2.35 50.90
CA PRO B 71 42.20 1.05 51.48
C PRO B 71 43.01 0.78 52.75
N LYS B 72 44.31 1.05 52.65
CA LYS B 72 45.26 0.93 53.75
C LYS B 72 45.06 1.94 54.90
N SER B 73 44.80 3.20 54.55
CA SER B 73 44.62 4.23 55.57
C SER B 73 43.36 3.94 56.36
N ILE B 74 42.25 3.72 55.67
CA ILE B 74 40.99 3.47 56.36
C ILE B 74 41.03 2.20 57.20
N ILE B 75 41.51 1.11 56.61
CA ILE B 75 41.57 -0.16 57.35
C ILE B 75 42.42 -0.03 58.61
N THR B 76 43.61 0.55 58.43
CA THR B 76 44.55 0.73 59.52
C THR B 76 43.92 1.56 60.60
N HIS B 77 43.33 2.70 60.22
CA HIS B 77 42.83 3.64 61.21
C HIS B 77 41.66 3.07 61.98
N VAL B 78 40.73 2.43 61.27
CA VAL B 78 39.54 1.90 61.93
C VAL B 78 39.94 0.80 62.91
N CYS B 79 40.85 -0.08 62.47
CA CYS B 79 41.38 -1.08 63.40
C CYS B 79 42.14 -0.43 64.56
N ASP B 80 42.85 0.65 64.27
CA ASP B 80 43.61 1.41 65.26
C ASP B 80 42.72 2.00 66.34
N LEU B 81 41.62 2.67 65.96
CA LEU B 81 40.68 3.19 66.97
C LEU B 81 39.85 2.12 67.74
N MET B 82 39.35 1.14 66.98
CA MET B 82 38.48 0.10 67.50
C MET B 82 39.12 -0.78 68.57
N SER B 83 40.33 -1.25 68.27
CA SER B 83 41.10 -2.10 69.19
C SER B 83 41.51 -1.41 70.49
N GLY B 84 41.93 -0.16 70.39
CA GLY B 84 42.37 0.59 71.56
C GLY B 84 41.24 0.78 72.55
N THR B 85 40.06 1.06 72.02
CA THR B 85 38.86 1.25 72.84
C THR B 85 37.81 0.29 72.30
N LYS B 86 37.03 -0.31 73.19
CA LYS B 86 36.01 -1.25 72.77
C LYS B 86 34.71 -0.56 72.35
N ILE B 87 34.76 0.15 71.22
CA ILE B 87 33.60 0.84 70.69
C ILE B 87 32.62 -0.18 70.11
N HIS B 88 31.34 0.10 70.24
CA HIS B 88 30.33 -0.79 69.71
C HIS B 88 29.78 -0.28 68.40
N GLY B 89 29.75 1.03 68.21
CA GLY B 89 29.15 1.49 66.96
C GLY B 89 29.79 2.72 66.40
N VAL B 90 29.84 2.77 65.08
CA VAL B 90 30.39 3.91 64.41
C VAL B 90 29.63 4.28 63.16
N VAL B 91 29.97 5.43 62.60
CA VAL B 91 29.46 5.92 61.32
C VAL B 91 30.66 6.41 60.48
N PHE B 92 30.44 6.66 59.20
CA PHE B 92 31.49 7.17 58.30
C PHE B 92 31.09 8.41 57.51
N GLY B 93 31.96 9.41 57.47
CA GLY B 93 31.68 10.66 56.74
C GLY B 93 32.79 11.04 55.74
N ASP B 94 32.41 11.41 54.52
CA ASP B 94 33.39 11.79 53.49
C ASP B 94 32.94 12.91 52.53
N ASP B 95 33.91 13.60 51.94
CA ASP B 95 33.62 14.65 50.97
C ASP B 95 33.96 14.13 49.58
N THR B 96 34.14 12.81 49.49
CA THR B 96 34.50 12.14 48.24
C THR B 96 33.48 11.04 47.87
N ASP B 97 33.33 10.84 46.56
CA ASP B 97 32.37 9.87 46.01
C ASP B 97 32.98 8.62 45.37
N GLN B 98 34.19 8.23 45.76
CA GLN B 98 34.81 7.08 45.12
C GLN B 98 33.98 5.83 45.28
N GLU B 99 33.84 5.10 44.18
CA GLU B 99 33.07 3.86 44.14
C GLU B 99 33.57 2.63 44.91
N ALA B 100 34.87 2.35 44.86
CA ALA B 100 35.39 1.15 45.50
C ALA B 100 35.28 1.15 47.01
N ILE B 101 35.31 2.35 47.59
CA ILE B 101 35.49 2.50 49.02
C ILE B 101 34.48 1.72 49.84
N ALA B 102 33.22 1.76 49.41
CA ALA B 102 32.16 1.13 50.16
C ALA B 102 32.47 -0.33 50.35
N GLN B 103 32.85 -0.98 49.25
CA GLN B 103 33.11 -2.40 49.30
C GLN B 103 34.19 -2.69 50.31
N ILE B 104 35.23 -1.87 50.32
CA ILE B 104 36.32 -2.10 51.26
C ILE B 104 35.86 -2.10 52.70
N LEU B 105 35.10 -1.08 53.05
CA LEU B 105 34.68 -0.99 54.43
C LEU B 105 33.74 -2.16 54.72
N ASP B 106 32.96 -2.53 53.71
CA ASP B 106 32.02 -3.65 53.82
C ASP B 106 32.81 -4.89 54.12
N PHE B 107 33.95 -5.04 53.47
CA PHE B 107 34.77 -6.22 53.71
C PHE B 107 35.15 -6.28 55.17
N VAL B 108 35.54 -5.14 55.74
CA VAL B 108 35.91 -5.08 57.15
C VAL B 108 34.74 -5.51 58.00
N SER B 109 33.56 -5.04 57.61
CA SER B 109 32.35 -5.40 58.33
C SER B 109 32.17 -6.92 58.32
N SER B 110 32.38 -7.59 57.21
CA SER B 110 32.09 -9.02 57.27
C SER B 110 32.90 -9.69 58.38
N GLN B 111 34.20 -9.40 58.49
CA GLN B 111 35.01 -10.00 59.55
C GLN B 111 34.73 -9.53 61.00
N THR B 112 34.62 -8.22 61.19
CA THR B 112 34.40 -7.61 62.52
C THR B 112 33.06 -7.82 63.24
N PHE B 113 31.97 -7.72 62.47
CA PHE B 113 30.63 -7.86 63.02
C PHE B 113 30.23 -6.60 63.78
N ILE B 114 30.95 -5.51 63.54
CA ILE B 114 30.67 -4.24 64.19
C ILE B 114 29.79 -3.42 63.25
N PRO B 115 28.69 -2.90 63.78
CA PRO B 115 27.77 -2.12 62.94
C PRO B 115 28.44 -0.86 62.40
N ILE B 116 28.23 -0.60 61.12
CA ILE B 116 28.78 0.57 60.45
C ILE B 116 27.75 1.15 59.50
N LEU B 117 27.83 2.44 59.24
CA LEU B 117 26.90 3.08 58.33
C LEU B 117 27.53 4.34 57.80
N GLY B 118 26.95 4.93 56.75
CA GLY B 118 27.52 6.19 56.31
C GLY B 118 26.52 7.18 55.76
N ILE B 119 26.83 8.46 56.00
CA ILE B 119 25.84 9.52 55.83
C ILE B 119 25.94 10.40 54.59
N HIS B 120 26.99 10.22 53.78
CA HIS B 120 27.23 11.17 52.71
C HIS B 120 28.11 10.53 51.66
N GLY B 121 28.09 11.08 50.45
CA GLY B 121 29.08 10.73 49.45
C GLY B 121 29.10 9.27 49.04
N GLY B 122 30.32 8.74 48.92
CA GLY B 122 30.55 7.39 48.46
C GLY B 122 29.98 6.28 49.30
N SER B 123 30.06 6.42 50.61
CA SER B 123 29.52 5.41 51.50
C SER B 123 28.01 5.31 51.29
N SER B 124 27.39 6.46 51.07
CA SER B 124 25.99 6.59 50.71
C SER B 124 25.73 6.05 49.30
N MET B 125 26.76 6.06 48.47
CA MET B 125 26.63 5.58 47.10
C MET B 125 26.42 4.07 47.14
N ILE B 126 25.65 3.54 46.19
CA ILE B 126 25.26 2.14 46.20
C ILE B 126 26.45 1.20 46.06
N MET B 127 26.24 -0.04 46.51
CA MET B 127 27.25 -1.13 46.48
C MET B 127 26.63 -2.48 46.15
N ALA B 128 27.48 -3.41 45.70
CA ALA B 128 27.12 -4.75 45.29
C ALA B 128 26.40 -5.48 46.40
N ASP B 129 25.80 -6.62 46.05
CA ASP B 129 25.00 -7.37 47.01
C ASP B 129 25.73 -7.68 48.30
N LYS B 130 25.04 -7.38 49.39
CA LYS B 130 25.55 -7.59 50.72
C LYS B 130 25.77 -9.08 50.98
N ASP B 131 26.85 -9.39 51.69
CA ASP B 131 27.22 -10.76 52.00
C ASP B 131 26.25 -11.37 53.02
N GLU B 132 26.31 -12.68 53.21
CA GLU B 132 25.41 -13.33 54.15
C GLU B 132 25.64 -12.77 55.55
N MET B 133 26.91 -12.61 55.94
CA MET B 133 27.20 -11.99 57.22
C MET B 133 26.83 -10.52 57.01
N SER B 134 26.12 -9.92 57.95
CA SER B 134 25.70 -8.54 57.79
C SER B 134 26.87 -7.56 57.71
N THR B 135 26.78 -6.61 56.78
CA THR B 135 27.81 -5.62 56.63
C THR B 135 27.29 -4.25 56.88
N PHE B 136 28.16 -3.31 56.69
CA PHE B 136 27.75 -1.94 56.74
C PHE B 136 26.82 -1.73 55.57
N PHE B 137 25.74 -0.96 55.75
CA PHE B 137 24.81 -0.81 54.62
C PHE B 137 23.83 0.38 54.58
N GLN B 138 24.31 1.59 54.33
CA GLN B 138 23.37 2.72 54.24
C GLN B 138 23.20 3.24 52.81
N PHE B 139 24.24 3.02 52.01
CA PHE B 139 24.30 3.47 50.60
C PHE B 139 23.38 2.91 49.51
N GLY B 140 23.10 1.61 49.52
CA GLY B 140 22.36 1.02 48.43
C GLY B 140 20.86 1.19 48.46
N ALA B 141 20.25 1.11 47.28
CA ALA B 141 18.84 1.23 47.10
C ALA B 141 18.56 0.26 46.06
N SER B 142 17.45 -0.44 46.17
CA SER B 142 17.15 -1.38 45.13
C SER B 142 17.34 -0.68 43.83
N ILE B 143 18.37 -1.09 43.10
CA ILE B 143 18.65 -0.50 41.82
C ILE B 143 17.45 -0.64 40.96
N LYS B 144 16.75 -1.75 41.12
CA LYS B 144 15.52 -1.98 40.47
C LYS B 144 14.58 -0.84 40.78
N GLN B 145 14.35 -0.63 42.08
CA GLN B 145 13.56 0.50 42.54
C GLN B 145 14.02 1.81 41.94
N GLN B 146 15.32 2.02 41.92
CA GLN B 146 15.88 3.23 41.36
C GLN B 146 15.43 3.35 39.93
N ALA B 147 15.48 2.24 39.22
CA ALA B 147 15.04 2.21 37.85
C ALA B 147 13.55 2.47 37.76
N THR B 148 12.77 2.02 38.74
CA THR B 148 11.33 2.26 38.68
C THR B 148 11.04 3.73 38.90
N VAL B 149 11.91 4.39 39.64
CA VAL B 149 11.81 5.83 39.80
C VAL B 149 12.00 6.47 38.46
N MET B 150 13.06 6.04 37.81
CA MET B 150 13.42 6.50 36.50
C MET B 150 12.32 6.18 35.52
N LEU B 151 11.72 5.01 35.68
CA LEU B 151 10.62 4.58 34.82
C LEU B 151 9.44 5.52 34.97
N ASN B 152 9.22 6.01 36.19
CA ASN B 152 8.12 6.93 36.44
C ASN B 152 8.35 8.14 35.54
N ILE B 153 9.60 8.58 35.46
CA ILE B 153 9.97 9.68 34.58
C ILE B 153 9.72 9.24 33.14
N MET B 154 10.10 8.00 32.82
CA MET B 154 9.88 7.40 31.52
C MET B 154 8.38 7.28 31.26
N GLU B 155 7.61 6.93 32.30
CA GLU B 155 6.17 6.82 32.14
C GLU B 155 5.61 8.18 31.74
N GLU B 156 6.06 9.25 32.40
CA GLU B 156 5.61 10.58 32.04
C GLU B 156 6.02 10.99 30.62
N TYR B 157 7.31 10.86 30.32
CA TYR B 157 7.80 11.23 28.99
C TYR B 157 8.61 10.17 28.22
N ASP B 158 8.83 9.01 28.81
CA ASP B 158 9.64 7.99 28.12
C ASP B 158 8.97 6.65 27.81
N TRP B 159 9.06 6.27 26.55
CA TRP B 159 8.54 4.99 26.05
C TRP B 159 9.57 4.42 25.05
N HIS B 160 9.62 3.09 24.94
CA HIS B 160 10.56 2.43 24.01
C HIS B 160 12.01 2.94 24.16
N VAL B 161 12.54 2.80 25.38
CA VAL B 161 13.87 3.31 25.69
C VAL B 161 14.94 2.79 24.74
N PHE B 162 15.81 3.72 24.33
CA PHE B 162 16.88 3.49 23.38
C PHE B 162 17.77 2.39 23.81
N SER B 163 18.33 2.48 25.01
CA SER B 163 19.19 1.39 25.44
C SER B 163 19.39 1.21 26.93
N VAL B 164 19.57 -0.03 27.34
CA VAL B 164 19.89 -0.38 28.71
C VAL B 164 21.11 -1.25 28.52
N ILE B 165 22.26 -0.83 29.03
CA ILE B 165 23.46 -1.64 28.86
C ILE B 165 24.20 -1.91 30.15
N THR B 166 24.50 -3.18 30.38
CA THR B 166 25.23 -3.59 31.57
C THR B 166 26.72 -3.41 31.31
N SER B 167 27.14 -2.15 31.17
CA SER B 167 28.55 -1.78 30.96
C SER B 167 29.61 -1.98 32.08
N ASN B 168 29.33 -1.56 33.30
CA ASN B 168 30.32 -1.69 34.36
C ASN B 168 29.80 -1.73 35.80
N PHE B 169 30.68 -2.20 36.69
CA PHE B 169 30.45 -2.31 38.13
C PHE B 169 29.40 -3.35 38.54
N PRO B 170 28.79 -3.17 39.70
CA PRO B 170 27.78 -4.15 40.16
C PRO B 170 26.52 -4.21 39.28
N GLY B 171 25.85 -5.36 39.37
CA GLY B 171 24.60 -5.63 38.70
C GLY B 171 24.50 -5.57 37.20
N TYR B 172 25.55 -5.90 36.46
CA TYR B 172 25.39 -5.86 35.02
C TYR B 172 24.33 -6.89 34.69
N ARG B 173 24.48 -8.08 35.26
CA ARG B 173 23.49 -9.16 35.12
C ARG B 173 22.17 -8.84 35.84
N ASP B 174 22.28 -8.25 37.04
CA ASP B 174 21.14 -7.90 37.87
C ASP B 174 20.22 -6.84 37.29
N PHE B 175 20.79 -5.79 36.71
CA PHE B 175 20.00 -4.73 36.13
C PHE B 175 19.24 -5.32 34.96
N ILE B 176 19.92 -6.19 34.23
CA ILE B 176 19.33 -6.84 33.06
C ILE B 176 17.98 -7.50 33.38
N SER B 177 17.87 -8.20 34.50
CA SER B 177 16.61 -8.90 34.86
C SER B 177 15.36 -8.04 35.16
N PHE B 178 15.66 -6.98 35.88
CA PHE B 178 14.62 -6.14 36.28
C PHE B 178 14.00 -5.54 35.05
N ILE B 179 14.80 -4.93 34.18
CA ILE B 179 14.14 -4.40 32.99
C ILE B 179 13.11 -5.40 32.47
N LYS B 180 13.50 -6.67 32.47
CA LYS B 180 12.61 -7.75 32.05
C LYS B 180 11.42 -7.88 32.98
N THR B 181 11.67 -7.75 34.29
CA THR B 181 10.62 -7.82 35.29
C THR B 181 9.63 -6.69 35.10
N THR B 182 10.14 -5.49 34.79
CA THR B 182 9.31 -4.32 34.56
C THR B 182 8.42 -4.55 33.34
N VAL B 183 9.07 -5.05 32.29
CA VAL B 183 8.47 -5.41 31.01
C VAL B 183 7.50 -6.59 31.09
N ASP B 184 7.82 -7.52 31.98
CA ASP B 184 7.05 -8.75 32.21
C ASP B 184 5.61 -8.52 32.70
N ASN B 185 5.40 -7.48 33.48
CA ASN B 185 4.05 -7.27 33.96
C ASN B 185 3.18 -7.15 32.73
N SER B 186 3.65 -6.42 31.73
CA SER B 186 2.89 -6.25 30.50
C SER B 186 1.57 -5.52 30.79
N PHE B 187 1.54 -4.72 31.84
CA PHE B 187 0.34 -3.96 32.19
C PHE B 187 0.07 -2.91 31.11
N VAL B 188 1.15 -2.26 30.68
CA VAL B 188 1.09 -1.24 29.65
C VAL B 188 1.62 -1.83 28.35
N GLY B 189 2.33 -1.01 27.57
CA GLY B 189 2.89 -1.46 26.32
C GLY B 189 4.37 -1.12 26.29
N TRP B 190 5.15 -1.86 27.08
CA TRP B 190 6.59 -1.64 27.16
C TRP B 190 7.37 -2.45 26.13
N GLU B 191 8.56 -1.96 25.82
CA GLU B 191 9.46 -2.61 24.86
C GLU B 191 10.88 -2.04 24.88
N VAL B 192 11.85 -2.84 24.42
CA VAL B 192 13.27 -2.46 24.39
C VAL B 192 13.84 -2.60 22.98
N GLN B 193 14.90 -1.85 22.69
CA GLN B 193 15.48 -1.88 21.35
C GLN B 193 16.96 -2.27 21.40
N ASN B 194 17.67 -1.74 22.39
CA ASN B 194 19.09 -2.01 22.58
C ASN B 194 19.32 -2.76 23.89
N TYR B 195 20.10 -3.83 23.83
CA TYR B 195 20.36 -4.64 25.02
C TYR B 195 21.72 -5.33 24.97
N ILE B 196 22.79 -4.58 25.18
CA ILE B 196 24.17 -5.14 25.16
C ILE B 196 25.05 -4.74 26.35
N THR B 197 26.31 -5.21 26.34
CA THR B 197 27.26 -4.88 27.40
C THR B 197 28.63 -4.45 26.86
N LEU B 198 29.60 -4.28 27.76
CA LEU B 198 31.01 -4.03 27.35
C LEU B 198 31.55 -2.61 27.23
N ASP B 199 32.89 -2.52 27.27
CA ASP B 199 33.61 -1.25 27.18
C ASP B 199 35.12 -1.32 26.82
N THR B 200 35.95 -1.25 27.86
CA THR B 200 37.42 -1.19 27.82
C THR B 200 38.38 -2.29 27.27
N SER B 201 38.08 -3.57 27.48
CA SER B 201 39.04 -4.62 27.10
C SER B 201 39.51 -4.73 25.65
N TYR B 202 38.59 -4.58 24.70
CA TYR B 202 38.91 -4.64 23.29
C TYR B 202 38.52 -3.34 22.62
N THR B 203 38.42 -3.38 21.30
CA THR B 203 37.99 -2.20 20.58
C THR B 203 36.57 -1.95 21.07
N ASP B 204 36.28 -0.70 21.41
CA ASP B 204 34.99 -0.31 21.94
C ASP B 204 33.96 -0.67 20.90
N ALA B 205 34.48 -0.78 19.67
CA ALA B 205 33.72 -0.96 18.43
C ALA B 205 32.74 -2.11 18.33
N GLN B 206 33.05 -3.30 18.82
CA GLN B 206 31.97 -4.30 18.68
C GLN B 206 30.74 -3.68 19.39
N THR B 207 30.87 -3.31 20.68
CA THR B 207 29.71 -2.77 21.36
C THR B 207 29.14 -1.59 20.57
N LEU B 208 30.02 -0.74 20.04
CA LEU B 208 29.64 0.46 19.29
C LEU B 208 28.88 0.18 17.99
N THR B 209 29.34 -0.79 17.22
CA THR B 209 28.67 -1.17 16.01
C THR B 209 27.31 -1.75 16.29
N GLN B 210 27.19 -2.41 17.44
CA GLN B 210 25.92 -2.97 17.86
C GLN B 210 25.01 -1.86 18.30
N LEU B 211 25.59 -0.88 18.97
CA LEU B 211 24.87 0.26 19.44
C LEU B 211 24.34 1.09 18.30
N LYS B 212 25.14 1.19 17.24
CA LYS B 212 24.72 1.90 16.04
C LYS B 212 23.40 1.34 15.54
N LYS B 213 23.23 0.03 15.69
CA LYS B 213 22.00 -0.60 15.22
C LYS B 213 20.72 -0.09 15.89
N ILE B 214 20.76 0.13 17.20
CA ILE B 214 19.58 0.61 17.92
C ILE B 214 19.19 2.03 17.50
N HIS B 215 17.89 2.27 17.38
CA HIS B 215 17.37 3.59 17.04
C HIS B 215 16.26 3.97 18.00
N SER B 216 16.59 4.46 19.20
CA SER B 216 15.54 4.80 20.16
C SER B 216 15.63 6.11 20.98
N SER B 217 14.51 6.43 21.60
CA SER B 217 14.34 7.65 22.39
C SER B 217 15.15 7.89 23.69
N VAL B 218 15.24 6.91 24.59
CA VAL B 218 16.01 7.18 25.80
C VAL B 218 17.13 6.17 26.18
N ILE B 219 18.35 6.65 26.26
CA ILE B 219 19.52 5.89 26.63
C ILE B 219 19.54 5.61 28.13
N LEU B 220 19.76 4.36 28.53
CA LEU B 220 19.80 4.05 29.96
C LEU B 220 21.22 3.72 30.38
N LEU B 221 21.75 4.41 31.39
CA LEU B 221 23.15 4.16 31.77
C LEU B 221 23.39 3.55 33.14
N TYR B 222 24.18 2.47 33.13
CA TYR B 222 24.56 1.78 34.36
C TYR B 222 26.07 1.54 34.32
N CYS B 223 26.83 2.62 34.41
CA CYS B 223 28.28 2.57 34.39
C CYS B 223 28.84 3.64 35.32
N SER B 224 30.07 3.45 35.81
CA SER B 224 30.64 4.44 36.70
C SER B 224 30.97 5.71 35.98
N LYS B 225 31.08 6.82 36.73
CA LYS B 225 31.45 8.10 36.15
C LYS B 225 32.74 8.07 35.34
N ASP B 226 33.63 7.14 35.66
CA ASP B 226 34.87 7.04 34.95
C ASP B 226 34.60 6.43 33.61
N GLU B 227 33.80 5.38 33.62
CA GLU B 227 33.42 4.72 32.41
C GLU B 227 32.62 5.68 31.57
N ALA B 228 31.74 6.39 32.26
CA ALA B 228 30.86 7.35 31.68
C ALA B 228 31.64 8.40 30.98
N THR B 229 32.72 8.86 31.59
CA THR B 229 33.58 9.84 30.95
C THR B 229 33.92 9.38 29.55
N TYR B 230 34.37 8.14 29.45
CA TYR B 230 34.67 7.61 28.15
C TYR B 230 33.42 7.47 27.30
N ILE B 231 32.35 7.03 27.91
CA ILE B 231 31.08 6.91 27.23
C ILE B 231 30.64 8.22 26.63
N PHE B 232 30.90 9.32 27.30
CA PHE B 232 30.53 10.62 26.79
C PHE B 232 31.25 10.84 25.50
N GLU B 233 32.50 10.43 25.49
CA GLU B 233 33.34 10.54 24.34
C GLU B 233 32.82 9.66 23.23
N GLU B 234 32.32 8.49 23.62
CA GLU B 234 31.75 7.54 22.70
C GLU B 234 30.49 8.11 22.08
N ALA B 235 29.59 8.63 22.92
CA ALA B 235 28.32 9.15 22.44
C ALA B 235 28.42 10.27 21.43
N ARG B 236 29.37 11.19 21.61
CA ARG B 236 29.52 12.28 20.65
C ARG B 236 29.85 11.70 19.28
N SER B 237 30.78 10.76 19.24
CA SER B 237 31.15 10.10 17.98
C SER B 237 29.97 9.28 17.48
N LEU B 238 29.31 8.62 18.42
CA LEU B 238 28.15 7.77 18.17
C LEU B 238 26.95 8.53 17.63
N GLY B 239 26.78 9.76 18.10
CA GLY B 239 25.63 10.58 17.73
C GLY B 239 24.48 10.49 18.72
N LEU B 240 24.71 9.77 19.82
CA LEU B 240 23.74 9.60 20.90
C LEU B 240 23.44 10.95 21.57
N MET B 241 24.45 11.80 21.58
CA MET B 241 24.37 13.13 22.19
C MET B 241 23.32 13.99 21.50
N GLY B 242 23.05 13.68 20.24
CA GLY B 242 22.07 14.39 19.44
C GLY B 242 20.64 14.16 19.90
N TYR B 243 19.74 15.05 19.47
CA TYR B 243 18.35 14.98 19.89
C TYR B 243 17.72 13.62 19.58
N GLY B 244 16.82 13.20 20.46
CA GLY B 244 16.15 11.92 20.36
C GLY B 244 16.87 10.81 21.11
N PHE B 245 17.94 11.16 21.81
CA PHE B 245 18.71 10.19 22.60
C PHE B 245 18.95 10.68 24.01
N VAL B 246 17.89 10.72 24.82
CA VAL B 246 17.98 11.16 26.21
C VAL B 246 18.76 10.16 27.05
N TRP B 247 19.48 10.64 28.06
CA TRP B 247 20.26 9.76 28.91
C TRP B 247 19.72 9.67 30.32
N ILE B 248 19.56 8.44 30.80
CA ILE B 248 19.13 8.20 32.17
C ILE B 248 20.31 7.79 33.01
N VAL B 249 20.72 8.69 33.86
CA VAL B 249 21.88 8.50 34.66
C VAL B 249 21.61 8.39 36.16
N PRO B 250 22.07 7.29 36.78
CA PRO B 250 22.06 6.96 38.18
C PRO B 250 23.24 7.54 38.92
N SER B 251 23.26 7.26 40.22
CA SER B 251 24.31 7.62 41.18
C SER B 251 25.69 7.18 40.74
N LEU B 252 25.76 6.16 39.89
CA LEU B 252 27.02 5.64 39.35
C LEU B 252 27.86 6.72 38.75
N VAL B 253 27.20 7.69 38.18
CA VAL B 253 27.88 8.81 37.63
C VAL B 253 27.54 10.00 38.47
N THR B 254 26.23 10.23 38.64
CA THR B 254 25.64 11.36 39.37
C THR B 254 26.37 11.73 40.66
N GLY B 255 27.07 10.74 41.22
CA GLY B 255 27.70 10.87 42.52
C GLY B 255 28.63 12.04 42.66
N ASN B 256 29.36 12.38 41.60
CA ASN B 256 30.22 13.55 41.68
C ASN B 256 29.39 14.80 41.38
N THR B 257 28.62 15.26 42.35
CA THR B 257 27.79 16.45 42.19
C THR B 257 28.68 17.66 41.96
N ASP B 258 29.76 17.73 42.74
CA ASP B 258 30.71 18.82 42.64
C ASP B 258 31.39 18.86 41.28
N ILE B 259 31.74 17.69 40.74
CA ILE B 259 32.42 17.68 39.44
C ILE B 259 31.81 16.90 38.28
N ILE B 260 31.47 17.66 37.24
CA ILE B 260 30.95 17.19 35.97
C ILE B 260 31.90 17.34 34.80
N PRO B 261 32.45 16.22 34.28
CA PRO B 261 33.26 16.13 33.08
C PRO B 261 32.63 17.02 32.04
N TYR B 262 33.36 17.98 31.53
CA TYR B 262 32.76 18.84 30.53
C TYR B 262 32.13 18.08 29.39
N GLU B 263 32.79 17.02 28.92
CA GLU B 263 32.32 16.25 27.79
C GLU B 263 31.00 15.54 28.01
N PHE B 264 30.46 15.60 29.23
CA PHE B 264 29.21 15.00 29.57
C PHE B 264 28.09 15.70 28.84
N PRO B 265 27.67 15.17 27.66
CA PRO B 265 26.60 15.69 26.81
C PRO B 265 25.35 15.98 27.60
N SER B 266 25.28 17.19 28.17
CA SER B 266 24.20 17.60 29.08
C SER B 266 22.78 17.64 28.52
N GLY B 267 21.84 17.68 29.46
CA GLY B 267 20.41 17.65 29.20
C GLY B 267 19.83 16.28 29.51
N LEU B 268 20.67 15.26 29.62
CA LEU B 268 20.25 13.92 29.99
C LEU B 268 20.01 13.91 31.50
N VAL B 269 19.03 13.14 31.94
CA VAL B 269 18.71 13.13 33.34
C VAL B 269 19.81 12.43 34.14
N SER B 270 20.30 13.16 35.13
CA SER B 270 21.31 12.65 36.03
C SER B 270 20.61 12.85 37.36
N VAL B 271 20.43 11.79 38.12
CA VAL B 271 19.74 11.94 39.36
C VAL B 271 19.99 10.94 40.46
N SER B 272 20.17 11.54 41.64
CA SER B 272 20.47 10.87 42.91
C SER B 272 20.10 11.81 44.08
N TYR B 273 20.28 11.34 45.31
CA TYR B 273 19.95 12.15 46.49
C TYR B 273 20.76 13.46 46.50
N ASP B 274 20.12 14.54 46.94
CA ASP B 274 20.74 15.87 46.94
C ASP B 274 21.19 16.41 48.30
N ASP B 275 22.40 16.96 48.34
CA ASP B 275 22.97 17.51 49.56
C ASP B 275 22.16 18.69 50.09
N TRP B 276 21.70 19.54 49.18
CA TRP B 276 20.91 20.71 49.55
C TRP B 276 19.61 20.30 50.23
N ASP B 277 18.98 19.26 49.70
CA ASP B 277 17.71 18.77 50.26
C ASP B 277 17.86 18.29 51.69
N TYR B 278 18.92 17.52 51.93
CA TYR B 278 19.22 17.00 53.26
C TYR B 278 20.67 17.29 53.63
N GLY B 279 20.88 17.85 54.83
CA GLY B 279 22.22 18.16 55.28
C GLY B 279 23.03 16.90 55.54
N ILE B 280 24.31 16.92 55.21
CA ILE B 280 25.17 15.77 55.43
C ILE B 280 25.33 15.53 56.93
N GLU B 281 25.49 16.61 57.69
CA GLU B 281 25.62 16.52 59.12
C GLU B 281 24.32 15.96 59.69
N ALA B 282 23.20 16.40 59.11
CA ALA B 282 21.88 15.94 59.54
C ALA B 282 21.72 14.43 59.63
N ARG B 283 22.30 13.70 58.69
CA ARG B 283 22.19 12.24 58.65
C ARG B 283 22.78 11.51 59.87
N VAL B 284 23.91 11.99 60.38
CA VAL B 284 24.60 11.34 61.50
C VAL B 284 23.88 11.23 62.85
N ARG B 285 23.18 12.28 63.27
CA ARG B 285 22.49 12.26 64.54
C ARG B 285 21.38 11.24 64.52
N ASP B 286 20.60 11.28 63.46
CA ASP B 286 19.47 10.38 63.33
C ASP B 286 19.91 8.94 63.43
N GLY B 287 20.99 8.60 62.73
CA GLY B 287 21.55 7.27 62.73
C GLY B 287 21.96 6.90 64.14
N LEU B 288 22.57 7.86 64.84
CA LEU B 288 22.98 7.63 66.21
C LEU B 288 21.78 7.33 67.06
N GLY B 289 20.69 8.04 66.79
CA GLY B 289 19.44 7.83 67.46
C GLY B 289 18.90 6.45 67.17
N ILE B 290 19.00 6.05 65.91
CA ILE B 290 18.57 4.73 65.51
C ILE B 290 19.35 3.68 66.24
N ILE B 291 20.65 3.89 66.35
CA ILE B 291 21.51 2.98 67.10
C ILE B 291 21.03 2.88 68.52
N THR B 292 20.73 4.03 69.12
CA THR B 292 20.21 4.06 70.47
C THR B 292 18.92 3.27 70.59
N THR B 293 18.02 3.47 69.64
CA THR B 293 16.76 2.77 69.67
C THR B 293 16.93 1.30 69.40
N ALA B 294 17.94 0.94 68.63
CA ALA B 294 18.22 -0.44 68.36
C ALA B 294 18.65 -1.10 69.64
N ALA B 295 19.51 -0.40 70.39
CA ALA B 295 19.98 -0.89 71.67
C ALA B 295 18.83 -0.97 72.64
N SER B 296 17.95 0.01 72.64
CA SER B 296 16.79 -0.07 73.50
C SER B 296 15.90 -1.24 73.08
N ALA B 297 15.92 -1.57 71.82
CA ALA B 297 15.15 -2.69 71.35
C ALA B 297 15.91 -4.01 71.49
N MET B 298 17.22 -3.95 71.65
CA MET B 298 17.99 -5.16 71.87
C MET B 298 18.43 -5.32 73.32
N LEU B 299 19.27 -4.39 73.76
CA LEU B 299 19.85 -4.41 75.09
C LEU B 299 18.78 -4.43 76.13
N GLU B 300 17.88 -3.45 76.09
CA GLU B 300 16.82 -3.40 77.09
C GLU B 300 15.97 -4.67 77.00
N LYS B 301 15.71 -5.14 75.78
CA LYS B 301 14.90 -6.35 75.59
C LYS B 301 15.70 -7.66 75.66
N HIS B 302 16.26 -7.95 76.84
CA HIS B 302 16.97 -9.21 77.12
C HIS B 302 18.11 -9.63 76.16
N SER B 303 18.94 -8.68 75.73
CA SER B 303 20.04 -9.01 74.83
C SER B 303 21.37 -8.36 75.25
N VAL B 304 22.49 -9.04 74.97
CA VAL B 304 23.78 -8.47 75.32
C VAL B 304 24.45 -7.86 74.12
N ILE B 305 24.89 -6.63 74.27
CA ILE B 305 25.55 -5.97 73.15
C ILE B 305 27.08 -6.07 73.38
N PRO B 306 27.69 -7.08 72.77
CA PRO B 306 29.13 -7.35 72.90
C PRO B 306 30.07 -6.41 72.14
N GLU B 307 31.25 -6.19 72.72
CA GLU B 307 32.28 -5.35 72.13
C GLU B 307 32.95 -6.07 70.96
N ALA B 308 33.65 -5.32 70.12
CA ALA B 308 34.31 -5.91 68.96
C ALA B 308 35.34 -6.95 69.39
N LYS B 309 36.10 -6.62 70.43
CA LYS B 309 37.12 -7.49 71.03
C LYS B 309 38.40 -7.80 70.27
N THR B 310 38.31 -8.47 69.11
CA THR B 310 39.53 -8.79 68.35
C THR B 310 39.46 -8.48 66.86
N SER B 311 40.34 -7.60 66.37
CA SER B 311 40.30 -7.27 64.95
C SER B 311 41.57 -7.39 64.09
N CYS B 312 42.74 -7.14 64.68
CA CYS B 312 43.98 -7.15 63.90
C CYS B 312 45.00 -8.30 63.98
N TYR B 313 44.70 -9.39 64.67
CA TYR B 313 45.71 -10.46 64.77
C TYR B 313 45.25 -11.92 64.64
N GLY B 314 46.17 -12.75 64.15
CA GLY B 314 45.95 -14.18 64.03
C GLY B 314 44.67 -14.49 63.26
N GLN B 315 44.29 -15.76 63.33
CA GLN B 315 43.07 -16.27 62.70
C GLN B 315 42.41 -17.21 63.71
N ASN B 316 41.89 -16.63 64.79
CA ASN B 316 41.24 -17.41 65.86
C ASN B 316 39.71 -17.38 65.76
N GLU B 317 39.20 -16.87 64.64
CA GLU B 317 37.75 -16.79 64.45
C GLU B 317 37.13 -15.74 65.38
N ARG B 318 37.96 -14.84 65.91
CA ARG B 318 37.51 -13.78 66.80
C ARG B 318 36.71 -14.31 68.00
N ASN B 319 37.20 -15.38 68.61
CA ASN B 319 36.55 -16.02 69.77
C ASN B 319 35.11 -16.34 69.39
N ASP B 320 34.95 -16.82 68.16
CA ASP B 320 33.63 -17.16 67.60
C ASP B 320 32.72 -15.94 67.37
N PRO B 321 31.55 -16.17 66.79
CA PRO B 321 30.59 -15.10 66.54
C PRO B 321 29.85 -14.74 67.83
N PRO B 322 29.50 -13.47 68.02
CA PRO B 322 28.77 -13.12 69.25
C PRO B 322 27.43 -13.85 69.26
N LEU B 323 27.10 -14.45 70.41
CA LEU B 323 25.83 -15.15 70.54
C LEU B 323 24.72 -14.15 70.77
N HIS B 324 23.62 -14.31 70.03
CA HIS B 324 22.48 -13.43 70.21
C HIS B 324 22.84 -11.95 70.05
N THR B 325 23.66 -11.65 69.04
CA THR B 325 24.08 -10.27 68.78
C THR B 325 22.88 -9.41 68.42
N LEU B 326 21.95 -9.99 67.65
CA LEU B 326 20.71 -9.34 67.25
C LEU B 326 20.87 -8.01 66.51
N HIS B 327 21.87 -7.91 65.65
CA HIS B 327 22.10 -6.68 64.89
C HIS B 327 20.97 -6.31 63.92
N ASN B 328 20.43 -7.30 63.22
CA ASN B 328 19.37 -7.07 62.23
C ASN B 328 17.92 -7.34 62.63
N PHE B 329 17.64 -7.47 63.91
CA PHE B 329 16.28 -7.75 64.32
C PHE B 329 15.35 -6.65 63.81
N MET B 330 15.77 -5.39 63.86
CA MET B 330 14.90 -4.32 63.36
C MET B 330 15.44 -3.66 62.10
N ILE B 331 14.66 -3.73 61.02
CA ILE B 331 15.03 -3.14 59.74
C ILE B 331 14.08 -2.03 59.29
N ASN B 332 12.99 -1.84 60.03
CA ASN B 332 11.99 -0.83 59.70
C ASN B 332 11.66 0.01 60.93
N VAL B 333 12.52 0.98 61.22
CA VAL B 333 12.33 1.82 62.39
C VAL B 333 12.09 3.28 62.06
N THR B 334 11.92 4.06 63.11
CA THR B 334 11.74 5.48 62.97
C THR B 334 12.66 6.22 63.92
N TRP B 335 12.83 7.50 63.68
CA TRP B 335 13.64 8.32 64.56
C TRP B 335 13.16 9.74 64.52
N ASP B 336 12.84 10.29 65.68
CA ASP B 336 12.18 11.60 65.79
C ASP B 336 10.81 11.52 65.12
N GLY B 337 10.27 10.32 64.96
CA GLY B 337 9.02 10.12 64.25
C GLY B 337 9.26 10.00 62.75
N LYS B 338 10.50 10.16 62.30
CA LYS B 338 10.80 10.08 60.88
C LYS B 338 10.72 8.66 60.46
N ASP B 339 10.03 8.38 59.39
CA ASP B 339 9.97 6.99 58.99
C ASP B 339 11.24 6.64 58.26
N LEU B 340 12.16 6.10 59.02
CA LEU B 340 13.45 5.73 58.50
C LEU B 340 13.53 4.23 58.38
N SER B 341 12.39 3.60 58.07
CA SER B 341 12.40 2.18 57.89
C SER B 341 13.36 1.87 56.79
N PHE B 342 14.11 0.79 56.95
CA PHE B 342 15.15 0.46 55.99
C PHE B 342 14.89 -0.71 55.05
N THR B 343 15.59 -0.69 53.92
CA THR B 343 15.53 -1.70 52.88
C THR B 343 16.55 -2.75 53.11
N GLU B 344 16.64 -3.69 52.18
CA GLU B 344 17.65 -4.74 52.20
C GLU B 344 19.06 -4.16 52.01
N ASP B 345 19.14 -2.90 51.62
CA ASP B 345 20.38 -2.20 51.45
C ASP B 345 20.66 -1.36 52.67
N GLY B 346 19.78 -1.49 53.68
CA GLY B 346 19.80 -0.76 54.92
C GLY B 346 19.28 0.65 54.68
N TYR B 347 18.73 0.89 53.51
CA TYR B 347 18.42 2.22 53.04
C TYR B 347 17.03 2.62 53.30
N GLN B 348 16.84 3.89 53.61
CA GLN B 348 15.52 4.36 53.88
C GLN B 348 14.53 3.84 52.84
N ALA B 349 13.69 2.90 53.27
CA ALA B 349 12.62 2.28 52.51
C ALA B 349 11.57 3.27 52.05
N ASN B 350 11.66 4.48 52.58
CA ASN B 350 10.89 5.61 52.20
C ASN B 350 11.85 6.46 51.39
N PRO B 351 12.23 6.00 50.22
CA PRO B 351 13.28 6.74 49.52
C PRO B 351 12.89 8.19 49.41
N LYS B 352 13.83 9.03 49.85
CA LYS B 352 13.64 10.46 49.78
C LYS B 352 14.48 10.75 48.56
N LEU B 353 13.81 11.00 47.46
CA LEU B 353 14.51 11.25 46.22
C LEU B 353 14.09 12.52 45.51
N VAL B 354 15.03 13.08 44.76
CA VAL B 354 14.81 14.29 43.98
C VAL B 354 15.27 14.03 42.55
N VAL B 355 14.58 14.62 41.58
CA VAL B 355 14.95 14.42 40.18
C VAL B 355 15.82 15.57 39.70
N LEU B 356 16.99 15.24 39.16
CA LEU B 356 17.92 16.25 38.68
C LEU B 356 18.25 16.13 37.19
N LEU B 357 18.13 17.26 36.50
CA LEU B 357 18.44 17.34 35.08
C LEU B 357 19.76 18.04 34.80
N LEU B 358 20.53 17.48 33.87
CA LEU B 358 21.78 18.12 33.52
C LEU B 358 21.30 19.24 32.66
N ASN B 359 21.54 20.44 33.12
CA ASN B 359 21.12 21.66 32.48
C ASN B 359 22.00 22.03 31.34
N MET B 360 21.55 23.06 30.62
CA MET B 360 22.24 23.59 29.47
C MET B 360 23.64 24.10 29.82
N GLU B 361 23.79 24.70 31.00
CA GLU B 361 25.08 25.23 31.36
C GLU B 361 25.64 24.61 32.61
N ARG B 362 26.01 23.34 32.48
CA ARG B 362 26.67 22.62 33.55
C ARG B 362 25.96 22.68 34.89
N GLU B 363 24.64 22.63 34.88
CA GLU B 363 23.89 22.73 36.12
C GLU B 363 22.81 21.67 36.29
N TRP B 364 22.74 21.12 37.50
CA TRP B 364 21.73 20.13 37.82
C TRP B 364 20.46 20.85 38.27
N GLU B 365 19.73 21.43 37.32
CA GLU B 365 18.50 22.14 37.66
C GLU B 365 17.53 21.12 38.23
N LYS B 366 16.82 21.48 39.29
CA LYS B 366 15.93 20.50 39.90
C LYS B 366 14.76 20.17 39.00
N VAL B 367 14.88 19.02 38.32
CA VAL B 367 13.85 18.53 37.41
C VAL B 367 12.58 18.19 38.16
N GLY B 368 12.73 17.57 39.33
CA GLY B 368 11.58 17.21 40.15
C GLY B 368 12.00 16.50 41.44
N LYS B 369 11.02 16.07 42.22
CA LYS B 369 11.27 15.32 43.44
C LYS B 369 10.28 14.17 43.62
N TRP B 370 10.76 13.07 44.20
CA TRP B 370 9.98 11.86 44.39
C TRP B 370 9.50 11.70 45.83
N GLU B 371 8.19 11.65 46.03
CA GLU B 371 7.64 11.45 47.35
C GLU B 371 6.79 10.18 47.38
N ALA B 372 7.19 9.24 48.22
CA ALA B 372 6.50 7.96 48.39
C ALA B 372 6.32 7.22 47.05
N LYS B 373 5.13 6.65 46.85
CA LYS B 373 4.81 5.92 45.63
C LYS B 373 4.75 6.81 44.39
N SER B 374 4.17 8.00 44.54
CA SER B 374 3.99 8.95 43.44
C SER B 374 5.29 9.53 42.90
N LEU B 375 5.29 9.79 41.59
CA LEU B 375 6.45 10.38 40.92
C LEU B 375 6.13 11.83 40.56
N ASN B 376 7.00 12.75 40.96
CA ASN B 376 6.77 14.16 40.71
C ASN B 376 7.84 14.87 39.88
N MET B 377 7.38 15.61 38.87
CA MET B 377 8.23 16.40 38.00
C MET B 377 7.72 17.83 38.13
N LYS B 378 8.62 18.74 38.49
CA LYS B 378 8.24 20.13 38.72
C LYS B 378 7.59 20.79 37.51
N TYR B 379 8.12 20.54 36.31
CA TYR B 379 7.52 21.13 35.13
C TYR B 379 6.77 20.07 34.32
N PRO B 380 5.47 20.25 34.17
CA PRO B 380 4.65 19.31 33.40
C PRO B 380 5.05 19.27 31.93
N VAL B 381 5.29 20.44 31.36
CA VAL B 381 5.69 20.56 29.96
C VAL B 381 7.12 20.06 29.78
N TRP B 382 7.40 19.43 28.65
CA TRP B 382 8.74 18.94 28.38
C TRP B 382 9.59 20.09 27.83
N PRO B 383 10.74 20.32 28.45
CA PRO B 383 11.64 21.40 28.03
C PRO B 383 12.20 21.14 26.64
N ARG B 384 12.32 22.19 25.83
CA ARG B 384 12.86 22.04 24.50
C ARG B 384 14.35 22.08 24.77
N ILE B 385 15.09 21.13 24.20
CA ILE B 385 16.53 21.14 24.38
C ILE B 385 17.01 22.20 23.40
N ASP B 386 17.70 23.21 23.92
CA ASP B 386 18.20 24.33 23.12
C ASP B 386 17.03 24.92 22.34
N SER B 387 17.23 25.14 21.05
CA SER B 387 16.17 25.65 20.18
C SER B 387 15.26 24.50 19.76
N ASP B 388 13.98 24.78 19.54
CA ASP B 388 13.06 23.74 19.09
C ASP B 388 13.50 23.28 17.72
N HIS B 389 13.47 21.97 17.44
CA HIS B 389 13.97 21.52 16.15
C HIS B 389 12.93 20.84 15.26
N ASP B 390 12.80 21.36 14.03
CA ASP B 390 11.87 20.82 13.02
C ASP B 390 10.43 20.72 13.53
N ASP B 391 9.98 21.75 14.25
CA ASP B 391 8.64 21.81 14.83
C ASP B 391 8.31 20.62 15.74
N ASN B 392 9.30 20.18 16.51
CA ASN B 392 9.11 19.06 17.43
C ASN B 392 8.22 19.47 18.59
N HIS B 393 7.43 18.50 19.08
CA HIS B 393 6.54 18.74 20.21
C HIS B 393 5.63 19.93 20.01
N LEU B 394 5.04 20.07 18.82
CA LEU B 394 4.13 21.18 18.55
C LEU B 394 2.98 21.04 19.53
N SER B 395 2.57 22.14 20.13
CA SER B 395 1.53 22.06 21.13
C SER B 395 0.17 22.04 20.44
N ILE B 396 -0.45 20.87 20.41
CA ILE B 396 -1.74 20.73 19.74
C ILE B 396 -2.83 20.28 20.68
N VAL B 397 -3.96 20.99 20.63
CA VAL B 397 -5.11 20.67 21.45
C VAL B 397 -6.23 20.20 20.54
N THR B 398 -6.79 19.03 20.84
CA THR B 398 -7.87 18.48 20.03
C THR B 398 -9.17 18.54 20.83
N LEU B 399 -10.18 19.20 20.31
CA LEU B 399 -11.38 19.26 21.10
C LEU B 399 -11.96 17.88 21.24
N GLU B 400 -12.66 17.68 22.33
CA GLU B 400 -13.25 16.40 22.71
C GLU B 400 -14.75 16.37 22.41
N GLU B 401 -15.16 15.37 21.67
CA GLU B 401 -16.56 15.20 21.27
C GLU B 401 -16.86 13.74 20.98
N ALA B 402 -18.13 13.37 20.88
CA ALA B 402 -18.44 11.98 20.63
C ALA B 402 -17.84 11.51 19.29
N PRO B 403 -17.94 12.36 18.27
CA PRO B 403 -17.44 12.02 16.93
C PRO B 403 -15.92 11.84 16.73
N PHE B 404 -15.08 12.70 17.29
CA PHE B 404 -13.63 12.58 17.04
C PHE B 404 -12.70 12.07 18.15
N VAL B 405 -12.80 12.64 19.35
CA VAL B 405 -11.94 12.26 20.47
C VAL B 405 -12.75 12.07 21.74
N ILE B 406 -12.24 11.31 22.70
CA ILE B 406 -13.02 11.10 23.90
C ILE B 406 -12.13 10.96 25.07
N VAL B 407 -12.45 11.63 26.15
CA VAL B 407 -11.58 11.59 27.30
C VAL B 407 -12.16 10.94 28.53
N GLU B 408 -11.33 10.10 29.14
CA GLU B 408 -11.63 9.35 30.35
C GLU B 408 -10.37 9.33 31.24
N ASN B 409 -10.57 9.16 32.55
CA ASN B 409 -9.45 9.14 33.50
C ASN B 409 -8.50 7.95 33.33
N ILE B 410 -7.20 8.22 33.56
CA ILE B 410 -6.16 7.20 33.48
C ILE B 410 -6.29 6.22 34.65
N ASP B 411 -5.83 4.98 34.46
CA ASP B 411 -5.97 4.02 35.52
C ASP B 411 -5.02 4.31 36.64
N TYR B 412 -5.46 5.21 37.49
CA TYR B 412 -4.79 5.68 38.67
C TYR B 412 -4.40 4.57 39.64
N LEU B 413 -5.04 3.41 39.54
CA LEU B 413 -4.71 2.28 40.38
C LEU B 413 -3.33 1.80 40.02
N THR B 414 -2.99 1.96 38.74
CA THR B 414 -1.70 1.62 38.21
C THR B 414 -0.91 2.89 38.01
N GLY B 415 -1.63 4.00 37.92
CA GLY B 415 -1.05 5.29 37.67
C GLY B 415 -0.73 5.41 36.19
N THR B 416 -1.43 4.62 35.36
CA THR B 416 -1.11 4.62 33.94
C THR B 416 -2.32 4.77 33.06
N CYS B 417 -2.07 5.16 31.82
CA CYS B 417 -3.10 5.35 30.81
C CYS B 417 -3.25 4.07 29.98
N VAL B 418 -4.47 3.85 29.51
CA VAL B 418 -4.79 2.66 28.72
C VAL B 418 -3.93 2.58 27.47
N ARG B 419 -3.37 1.38 27.26
CA ARG B 419 -2.43 1.08 26.20
C ARG B 419 -2.84 1.53 24.81
N ASN B 420 -4.11 1.36 24.49
CA ASN B 420 -4.60 1.74 23.17
C ASN B 420 -5.16 3.15 23.15
N THR B 421 -4.92 3.91 24.20
CA THR B 421 -5.35 5.27 24.27
C THR B 421 -4.14 6.12 24.41
N VAL B 422 -4.36 7.40 24.46
CA VAL B 422 -3.26 8.31 24.62
C VAL B 422 -3.39 9.03 25.94
N PRO B 423 -2.34 9.13 26.74
CA PRO B 423 -2.30 9.84 27.99
C PRO B 423 -2.43 11.27 27.63
N CYS B 424 -3.25 12.00 28.36
CA CYS B 424 -3.55 13.36 27.97
C CYS B 424 -3.46 14.36 29.04
N ARG B 425 -3.22 15.59 28.62
CA ARG B 425 -3.12 16.68 29.55
C ARG B 425 -3.93 17.84 29.08
N LYS B 426 -4.05 18.74 30.03
CA LYS B 426 -4.80 19.98 29.93
C LYS B 426 -4.33 20.95 31.00
N TYR B 427 -4.81 22.18 30.93
CA TYR B 427 -4.46 23.13 31.94
C TYR B 427 -5.64 23.21 32.86
N PHE B 428 -5.44 22.94 34.14
CA PHE B 428 -6.55 23.05 35.08
C PHE B 428 -6.87 24.53 35.05
N ARG B 429 -8.14 24.87 34.92
CA ARG B 429 -8.47 26.28 34.77
C ARG B 429 -8.05 27.14 35.95
N LEU B 430 -7.30 28.18 35.62
CA LEU B 430 -6.85 29.18 36.56
C LEU B 430 -6.62 30.40 35.70
N ALA B 431 -7.68 30.93 35.11
CA ALA B 431 -7.56 32.10 34.25
C ALA B 431 -7.11 33.34 35.03
N ASN B 432 -7.75 33.57 36.17
CA ASN B 432 -7.42 34.70 37.03
C ASN B 432 -6.03 34.55 37.58
N SER B 433 -5.70 33.31 37.94
CA SER B 433 -4.42 32.95 38.50
C SER B 433 -3.31 33.12 37.47
N THR B 434 -2.11 33.43 37.96
CA THR B 434 -0.96 33.57 37.07
C THR B 434 -0.68 32.25 36.40
N THR B 435 -0.74 31.17 37.18
CA THR B 435 -0.49 29.83 36.69
C THR B 435 -1.49 29.38 35.65
N GLU B 436 -0.96 28.65 34.68
CA GLU B 436 -1.74 28.04 33.61
C GLU B 436 -2.66 26.97 34.18
N GLY B 437 -2.13 26.24 35.17
CA GLY B 437 -2.84 25.17 35.85
C GLY B 437 -2.51 23.85 35.22
N THR B 438 -2.67 22.77 35.96
CA THR B 438 -2.38 21.48 35.41
C THR B 438 -3.55 20.55 35.50
N SER B 439 -3.95 20.03 34.35
CA SER B 439 -5.05 19.11 34.29
C SER B 439 -4.42 17.95 33.58
N VAL B 440 -3.69 17.15 34.34
CA VAL B 440 -2.99 15.96 33.83
C VAL B 440 -3.75 14.64 34.05
N LYS B 441 -3.14 13.56 33.53
CA LYS B 441 -3.65 12.18 33.66
C LYS B 441 -5.03 11.77 33.12
N LYS B 442 -5.40 12.26 31.94
CA LYS B 442 -6.68 11.88 31.32
C LYS B 442 -6.40 11.19 29.99
N CYS B 443 -7.01 10.02 29.74
CA CYS B 443 -6.73 9.34 28.47
C CYS B 443 -7.67 9.74 27.34
N CYS B 444 -7.16 9.71 26.10
CA CYS B 444 -7.95 10.10 24.95
C CYS B 444 -8.19 8.95 23.96
N LYS B 445 -9.39 8.94 23.40
CA LYS B 445 -9.87 7.91 22.47
C LYS B 445 -10.51 8.43 21.21
N GLY B 446 -10.59 7.59 20.21
CA GLY B 446 -11.31 7.95 19.02
C GLY B 446 -10.51 7.82 17.76
N PHE B 447 -11.18 7.93 16.64
CA PHE B 447 -10.48 7.77 15.39
C PHE B 447 -9.57 8.90 15.06
N CYS B 448 -9.76 10.06 15.68
CA CYS B 448 -8.85 11.14 15.40
C CYS B 448 -7.60 10.81 16.11
N ILE B 449 -7.77 10.39 17.34
CA ILE B 449 -6.67 9.93 18.15
C ILE B 449 -5.87 8.88 17.39
N ASP B 450 -6.59 7.96 16.74
CA ASP B 450 -5.95 6.94 15.95
C ASP B 450 -5.25 7.53 14.73
N ILE B 451 -5.84 8.52 14.11
CA ILE B 451 -5.20 9.20 13.01
C ILE B 451 -3.92 9.85 13.47
N LEU B 452 -3.95 10.44 14.65
CA LEU B 452 -2.77 11.06 15.21
C LEU B 452 -1.67 10.04 15.37
N LYS B 453 -2.05 8.81 15.74
CA LYS B 453 -1.10 7.73 15.84
C LYS B 453 -0.53 7.45 14.45
N LYS B 454 -1.40 7.46 13.44
CA LYS B 454 -0.98 7.28 12.06
C LYS B 454 0.01 8.35 11.67
N LEU B 455 -0.25 9.55 12.16
CA LEU B 455 0.57 10.69 11.89
C LEU B 455 1.89 10.68 12.63
N SER B 456 1.91 10.08 13.82
CA SER B 456 3.19 9.97 14.51
C SER B 456 4.18 9.31 13.59
N LYS B 457 3.72 8.19 13.02
CA LYS B 457 4.48 7.40 12.04
C LYS B 457 4.66 8.01 10.64
N THR B 458 3.59 8.60 10.12
CA THR B 458 3.56 9.19 8.77
C THR B 458 4.33 10.48 8.51
N VAL B 459 4.19 11.46 9.41
CA VAL B 459 4.88 12.73 9.27
C VAL B 459 6.07 12.70 10.21
N LYS B 460 6.19 11.60 10.95
CA LYS B 460 7.31 11.41 11.86
C LYS B 460 7.49 12.57 12.83
N PHE B 461 6.40 13.11 13.37
CA PHE B 461 6.52 14.23 14.30
C PHE B 461 5.93 14.01 15.69
N THR B 462 6.73 14.29 16.71
CA THR B 462 6.30 14.17 18.09
C THR B 462 5.30 15.28 18.40
N TYR B 463 4.31 15.00 19.25
CA TYR B 463 3.31 16.00 19.57
C TYR B 463 2.94 16.09 21.05
N ASP B 464 2.50 17.28 21.46
CA ASP B 464 2.07 17.55 22.83
C ASP B 464 0.59 17.88 22.71
N LEU B 465 -0.25 17.27 23.53
CA LEU B 465 -1.67 17.51 23.40
C LEU B 465 -2.29 18.02 24.69
N TYR B 466 -3.08 19.08 24.58
CA TYR B 466 -3.81 19.60 25.72
C TYR B 466 -5.24 19.98 25.35
N LEU B 467 -6.01 20.37 26.36
CA LEU B 467 -7.40 20.75 26.17
C LEU B 467 -7.59 22.25 26.27
N VAL B 468 -8.52 22.77 25.48
CA VAL B 468 -8.82 24.20 25.48
C VAL B 468 -9.66 24.56 26.70
N THR B 469 -9.54 25.81 27.15
CA THR B 469 -10.30 26.28 28.29
C THR B 469 -11.36 27.29 27.85
N ASN B 470 -10.91 28.41 27.29
CA ASN B 470 -11.87 29.46 26.92
C ASN B 470 -12.52 29.16 25.58
N GLY B 471 -13.83 28.94 25.64
CA GLY B 471 -14.68 28.79 24.48
C GLY B 471 -14.86 27.59 23.58
N LYS B 472 -14.20 26.46 23.84
CA LYS B 472 -14.33 25.28 22.97
C LYS B 472 -14.02 25.65 21.51
N HIS B 473 -14.91 25.29 20.58
CA HIS B 473 -14.68 25.63 19.18
C HIS B 473 -14.66 27.15 19.08
N GLY B 474 -13.70 27.70 18.35
CA GLY B 474 -13.57 29.14 18.31
C GLY B 474 -14.83 29.98 18.23
N LYS B 475 -14.93 31.01 19.08
CA LYS B 475 -16.08 31.90 19.06
C LYS B 475 -15.56 33.31 18.85
N LYS B 476 -16.12 34.03 17.88
CA LYS B 476 -15.63 35.38 17.63
C LYS B 476 -16.56 36.45 18.20
N ILE B 477 -16.06 37.18 19.18
CA ILE B 477 -16.81 38.27 19.79
C ILE B 477 -15.96 39.53 19.75
N LYS B 478 -16.50 40.59 19.16
CA LYS B 478 -15.83 41.88 19.06
C LYS B 478 -14.43 41.77 18.45
N ASN B 479 -13.46 42.41 19.09
CA ASN B 479 -12.06 42.43 18.64
C ASN B 479 -11.30 41.11 18.63
N VAL B 480 -11.49 40.28 19.66
CA VAL B 480 -10.74 39.02 19.77
C VAL B 480 -11.52 37.71 19.71
N TRP B 481 -11.03 36.79 18.90
CA TRP B 481 -11.61 35.46 18.73
C TRP B 481 -11.35 34.58 19.95
N ASN B 482 -12.18 33.55 20.12
CA ASN B 482 -12.05 32.63 21.26
C ASN B 482 -12.00 31.16 20.84
N GLY B 483 -11.40 30.35 21.72
CA GLY B 483 -11.25 28.92 21.51
C GLY B 483 -9.88 28.46 21.07
N MET B 484 -9.84 27.25 20.50
CA MET B 484 -8.59 26.65 20.04
C MET B 484 -7.93 27.56 19.02
N ILE B 485 -8.75 28.27 18.26
CA ILE B 485 -8.28 29.19 17.24
C ILE B 485 -7.46 30.30 17.88
N GLY B 486 -7.84 30.69 19.10
CA GLY B 486 -7.10 31.67 19.87
C GLY B 486 -5.70 31.19 20.17
N GLU B 487 -5.60 29.91 20.55
CA GLU B 487 -4.32 29.31 20.88
C GLU B 487 -3.50 29.06 19.62
N VAL B 488 -4.20 29.01 18.48
CA VAL B 488 -3.54 28.91 17.19
C VAL B 488 -3.00 30.27 16.76
N VAL B 489 -3.71 31.32 17.13
CA VAL B 489 -3.33 32.69 16.80
C VAL B 489 -2.27 33.20 17.78
N TYR B 490 -2.45 32.89 19.05
CA TYR B 490 -1.53 33.32 20.10
C TYR B 490 -0.16 32.62 20.02
N LYS B 491 -0.07 31.58 19.20
CA LYS B 491 1.17 30.81 19.06
C LYS B 491 1.32 29.73 20.14
N ARG B 492 0.28 29.54 20.95
CA ARG B 492 0.29 28.55 22.01
C ARG B 492 0.13 27.23 21.29
N ALA B 493 -0.73 27.23 20.26
CA ALA B 493 -0.96 26.00 19.50
C ALA B 493 -0.55 26.17 18.03
N VAL B 494 0.16 25.19 17.50
CA VAL B 494 0.51 25.16 16.07
C VAL B 494 -0.67 24.69 15.22
N MET B 495 -1.22 23.55 15.59
CA MET B 495 -2.36 22.97 14.89
C MET B 495 -3.49 22.61 15.86
N ALA B 496 -4.73 22.91 15.49
CA ALA B 496 -5.88 22.57 16.32
C ALA B 496 -6.67 21.42 15.70
N VAL B 497 -6.96 20.41 16.51
CA VAL B 497 -7.65 19.21 16.03
C VAL B 497 -8.96 18.98 16.77
N GLY B 498 -9.92 18.35 16.09
CA GLY B 498 -11.21 18.08 16.71
C GLY B 498 -12.33 17.84 15.71
N SER B 499 -13.55 18.10 16.16
CA SER B 499 -14.75 17.98 15.32
C SER B 499 -15.01 19.30 14.61
N LEU B 500 -14.04 20.21 14.66
CA LEU B 500 -14.26 21.55 14.12
C LEU B 500 -14.68 21.62 12.67
N THR B 501 -15.72 22.44 12.44
CA THR B 501 -16.29 22.67 11.13
C THR B 501 -15.46 23.71 10.38
N ILE B 502 -15.56 23.71 9.06
CA ILE B 502 -14.82 24.65 8.24
C ILE B 502 -15.68 25.81 7.77
N ASN B 503 -15.09 27.00 7.77
CA ASN B 503 -15.76 28.23 7.37
C ASN B 503 -14.78 29.14 6.63
N GLU B 504 -15.31 30.10 5.87
CA GLU B 504 -14.47 31.02 5.11
C GLU B 504 -13.59 31.90 6.00
N GLU B 505 -14.14 32.36 7.12
CA GLU B 505 -13.39 33.22 8.04
C GLU B 505 -12.18 32.51 8.62
N ARG B 506 -12.36 31.26 9.01
CA ARG B 506 -11.26 30.47 9.51
C ARG B 506 -10.24 30.43 8.36
N SER B 507 -10.73 30.31 7.11
CA SER B 507 -9.91 30.25 5.91
C SER B 507 -9.03 31.48 5.66
N VAL B 508 -9.54 32.68 5.92
CA VAL B 508 -8.70 33.85 5.74
C VAL B 508 -7.55 33.78 6.73
N ALA B 509 -7.90 33.47 7.99
CA ALA B 509 -6.95 33.34 9.10
C ALA B 509 -6.00 32.14 9.09
N VAL B 510 -6.52 30.97 8.72
CA VAL B 510 -5.78 29.71 8.75
C VAL B 510 -6.29 28.69 7.71
N ASP B 511 -5.73 27.50 7.71
CA ASP B 511 -6.18 26.48 6.71
C ASP B 511 -6.17 24.94 7.04
N PHE B 512 -6.99 24.20 6.31
CA PHE B 512 -7.07 22.76 6.43
C PHE B 512 -7.22 22.19 5.03
N SER B 513 -6.33 21.27 4.69
CA SER B 513 -6.29 20.68 3.35
C SER B 513 -6.77 19.24 3.27
N VAL B 514 -7.39 18.74 4.35
CA VAL B 514 -7.84 17.36 4.35
C VAL B 514 -9.30 17.02 4.02
N PRO B 515 -10.28 17.67 4.68
CA PRO B 515 -11.71 17.40 4.47
C PRO B 515 -12.05 15.90 4.48
N PHE B 516 -11.53 15.22 5.49
CA PHE B 516 -11.71 13.78 5.65
C PHE B 516 -13.14 13.32 5.82
N VAL B 517 -13.95 14.06 6.57
CA VAL B 517 -15.33 13.60 6.80
C VAL B 517 -16.49 14.45 6.22
N GLU B 518 -17.64 13.84 5.98
CA GLU B 518 -18.78 14.61 5.46
C GLU B 518 -19.72 14.98 6.60
N THR B 519 -19.89 16.28 6.82
CA THR B 519 -20.76 16.78 7.88
C THR B 519 -21.57 18.01 7.45
N GLY B 520 -22.78 18.14 7.99
CA GLY B 520 -23.65 19.25 7.68
C GLY B 520 -24.68 19.49 8.77
N ILE B 521 -25.31 20.66 8.76
CA ILE B 521 -26.35 20.98 9.74
C ILE B 521 -27.49 20.00 9.52
N SER B 522 -28.08 19.48 10.59
CA SER B 522 -29.11 18.48 10.40
C SER B 522 -30.05 18.43 11.60
N VAL B 523 -31.16 17.72 11.42
CA VAL B 523 -32.14 17.60 12.49
C VAL B 523 -32.55 16.16 12.70
N MET B 524 -32.68 15.76 13.97
CA MET B 524 -33.10 14.40 14.28
C MET B 524 -34.53 14.49 14.75
N VAL B 525 -35.43 13.82 14.03
CA VAL B 525 -36.84 13.85 14.39
C VAL B 525 -37.40 12.45 14.57
N SER B 526 -38.10 12.26 15.69
CA SER B 526 -38.71 10.97 15.99
C SER B 526 -40.14 11.11 15.56
N ARG B 527 -40.44 10.58 14.39
CA ARG B 527 -41.73 10.79 13.76
C ARG B 527 -42.15 9.49 13.09
N SER B 528 -43.21 9.53 12.30
CA SER B 528 -43.70 8.31 11.66
C SER B 528 -44.45 8.51 10.34
N ALA B 529 -44.58 7.41 9.59
CA ALA B 529 -45.28 7.40 8.31
C ALA B 529 -46.55 6.57 8.41
N GLY B 530 -47.65 7.07 7.85
CA GLY B 530 -48.93 6.38 7.91
C GLY B 530 -49.60 6.14 6.57
N THR B 531 -50.49 5.15 6.54
CA THR B 531 -51.21 4.79 5.32
C THR B 531 -52.10 5.92 4.84
N VAL B 532 -52.20 6.06 3.51
CA VAL B 532 -52.99 7.12 2.90
C VAL B 532 -54.11 6.56 2.04
N SER B 533 -55.35 6.81 2.41
CA SER B 533 -56.44 6.34 1.58
C SER B 533 -56.60 4.82 1.46
N PRO B 534 -56.12 4.07 2.47
CA PRO B 534 -56.25 2.60 2.52
C PRO B 534 -55.83 1.93 1.22
N SER B 535 -54.71 2.37 0.70
CA SER B 535 -54.14 1.87 -0.56
C SER B 535 -55.09 2.26 -1.68
N ALA B 536 -55.58 3.48 -1.54
CA ALA B 536 -56.54 4.11 -2.45
C ALA B 536 -57.70 3.17 -2.70
N PHE B 537 -58.14 2.47 -1.65
CA PHE B 537 -59.24 1.53 -1.78
C PHE B 537 -58.89 0.56 -2.89
N LEU B 538 -57.62 0.14 -2.91
CA LEU B 538 -57.13 -0.76 -3.96
C LEU B 538 -57.38 -0.09 -5.33
N GLU B 539 -56.67 1.02 -5.55
CA GLU B 539 -56.73 1.81 -6.78
C GLU B 539 -56.28 1.01 -7.99
N PRO B 540 -55.32 0.12 -7.80
CA PRO B 540 -54.80 -0.70 -8.90
C PRO B 540 -55.90 -1.56 -9.52
N PHE B 541 -56.78 -2.11 -8.68
CA PHE B 541 -57.92 -2.91 -9.14
C PHE B 541 -58.88 -2.02 -9.95
N SER B 542 -58.89 -0.75 -9.55
CA SER B 542 -59.72 0.29 -10.12
C SER B 542 -59.51 0.56 -11.60
N ALA B 543 -58.26 0.55 -12.06
CA ALA B 543 -58.01 0.79 -13.47
C ALA B 543 -58.67 -0.29 -14.30
N SER B 544 -58.53 -1.54 -13.87
CA SER B 544 -59.16 -2.66 -14.54
C SER B 544 -60.31 -3.24 -13.69
N VAL B 545 -60.04 -3.41 -12.40
CA VAL B 545 -61.02 -3.98 -11.47
C VAL B 545 -62.31 -3.20 -11.21
N TRP B 546 -62.22 -1.89 -11.01
CA TRP B 546 -63.42 -1.10 -10.75
C TRP B 546 -64.36 -1.10 -11.94
N VAL B 547 -63.81 -0.97 -13.13
CA VAL B 547 -64.69 -0.95 -14.30
C VAL B 547 -65.38 -2.30 -14.46
N MET B 548 -64.61 -3.36 -14.21
CA MET B 548 -65.09 -4.72 -14.34
C MET B 548 -66.19 -4.99 -13.35
N MET B 549 -66.15 -4.35 -12.18
CA MET B 549 -67.22 -4.45 -11.22
C MET B 549 -68.48 -3.89 -11.82
N PHE B 550 -68.36 -2.76 -12.51
CA PHE B 550 -69.53 -2.21 -13.16
C PHE B 550 -69.99 -3.17 -14.25
N VAL B 551 -68.99 -3.75 -14.92
CA VAL B 551 -69.14 -4.75 -15.97
C VAL B 551 -69.77 -5.99 -15.35
N MET B 552 -69.37 -6.28 -14.10
CA MET B 552 -69.88 -7.42 -13.35
C MET B 552 -71.39 -7.29 -13.16
N LEU B 553 -71.86 -6.08 -12.89
CA LEU B 553 -73.29 -5.80 -12.74
C LEU B 553 -74.00 -6.10 -14.07
N LEU B 554 -73.36 -5.72 -15.18
CA LEU B 554 -73.89 -5.98 -16.53
C LEU B 554 -73.99 -7.49 -16.77
N LEU B 555 -73.05 -8.27 -16.25
CA LEU B 555 -73.14 -9.72 -16.41
C LEU B 555 -74.39 -10.23 -15.68
N VAL B 556 -74.65 -9.61 -14.53
CA VAL B 556 -75.78 -9.95 -13.68
C VAL B 556 -77.11 -9.75 -14.39
N SER B 557 -77.22 -8.69 -15.20
CA SER B 557 -78.46 -8.45 -15.92
C SER B 557 -78.76 -9.61 -16.87
N ALA B 558 -77.73 -10.10 -17.56
CA ALA B 558 -77.87 -11.22 -18.48
C ALA B 558 -78.28 -12.48 -17.71
N MET B 559 -77.68 -12.65 -16.53
CA MET B 559 -78.03 -13.80 -15.70
C MET B 559 -79.50 -13.74 -15.30
N ALA B 560 -79.96 -12.54 -14.93
CA ALA B 560 -81.35 -12.33 -14.53
C ALA B 560 -82.29 -12.61 -15.71
N VAL B 561 -81.87 -12.20 -16.89
CA VAL B 561 -82.65 -12.41 -18.10
C VAL B 561 -82.83 -13.91 -18.34
N PHE B 562 -81.78 -14.70 -18.14
CA PHE B 562 -81.94 -16.15 -18.31
C PHE B 562 -82.97 -16.63 -17.28
N ILE B 563 -82.75 -16.12 -16.07
CA ILE B 563 -83.50 -16.42 -14.86
C ILE B 563 -84.97 -16.00 -14.86
N PHE B 564 -85.27 -14.85 -15.45
CA PHE B 564 -86.65 -14.40 -15.46
C PHE B 564 -87.55 -15.38 -16.19
N GLU B 565 -87.08 -15.90 -17.33
CA GLU B 565 -87.88 -16.85 -18.09
C GLU B 565 -88.12 -18.11 -17.29
N TYR B 566 -87.08 -18.60 -16.62
CA TYR B 566 -87.20 -19.81 -15.81
C TYR B 566 -88.18 -19.59 -14.67
N PHE B 567 -88.10 -18.42 -14.06
CA PHE B 567 -88.97 -18.06 -12.94
C PHE B 567 -90.42 -18.00 -13.37
N SER B 568 -90.67 -17.46 -14.57
CA SER B 568 -92.05 -17.35 -15.03
C SER B 568 -92.26 -17.84 -16.45
N PRO B 569 -92.11 -19.15 -16.64
CA PRO B 569 -92.35 -19.75 -17.94
C PRO B 569 -93.20 -18.80 -18.80
N VAL B 570 -94.19 -18.16 -18.17
CA VAL B 570 -95.05 -17.20 -18.86
C VAL B 570 -95.62 -16.17 -17.89
N HIS B 583 -93.97 -14.23 -4.15
CA HIS B 583 -94.77 -13.06 -4.48
C HIS B 583 -93.91 -11.93 -4.98
N GLY B 584 -94.19 -11.47 -6.19
CA GLY B 584 -93.44 -10.38 -6.78
C GLY B 584 -91.95 -10.62 -6.83
N PRO B 585 -91.54 -11.82 -7.20
CA PRO B 585 -90.13 -12.16 -7.29
C PRO B 585 -89.42 -11.17 -8.18
N SER B 586 -90.15 -10.47 -9.05
CA SER B 586 -89.44 -9.50 -9.90
C SER B 586 -88.52 -8.52 -9.17
N PHE B 587 -88.71 -8.41 -7.86
CA PHE B 587 -87.85 -7.58 -7.03
C PHE B 587 -86.46 -8.20 -6.83
N THR B 588 -86.35 -9.50 -7.16
CA THR B 588 -85.12 -10.26 -7.00
C THR B 588 -83.93 -9.74 -7.82
N ILE B 589 -84.19 -9.29 -9.05
CA ILE B 589 -83.12 -8.79 -9.89
C ILE B 589 -82.49 -7.56 -9.25
N GLY B 590 -83.33 -6.65 -8.75
CA GLY B 590 -82.82 -5.49 -8.05
C GLY B 590 -82.19 -5.98 -6.76
N LYS B 591 -82.92 -6.88 -6.11
CA LYS B 591 -82.49 -7.50 -4.86
C LYS B 591 -81.24 -8.33 -5.12
N ALA B 592 -81.23 -9.04 -6.26
CA ALA B 592 -80.08 -9.85 -6.61
C ALA B 592 -78.85 -8.98 -6.78
N VAL B 593 -79.01 -7.82 -7.42
CA VAL B 593 -77.88 -6.92 -7.60
C VAL B 593 -77.41 -6.48 -6.22
N TRP B 594 -78.37 -6.08 -5.38
CA TRP B 594 -78.06 -5.69 -4.02
C TRP B 594 -77.61 -6.96 -3.33
N LEU B 595 -78.32 -8.03 -3.68
CA LEU B 595 -78.11 -9.38 -3.14
C LEU B 595 -76.80 -9.96 -3.66
N LEU B 596 -76.56 -9.78 -4.95
CA LEU B 596 -75.34 -10.25 -5.59
C LEU B 596 -74.15 -9.50 -5.02
N TRP B 597 -74.34 -8.19 -4.83
CA TRP B 597 -73.32 -7.32 -4.29
C TRP B 597 -72.94 -7.71 -2.87
N GLY B 598 -73.94 -8.10 -2.06
CA GLY B 598 -73.64 -8.46 -0.69
C GLY B 598 -72.76 -9.69 -0.68
N LEU B 599 -73.18 -10.70 -1.45
CA LEU B 599 -72.42 -11.94 -1.57
C LEU B 599 -71.00 -11.66 -2.05
N VAL B 600 -70.85 -10.59 -2.85
CA VAL B 600 -69.54 -10.18 -3.32
C VAL B 600 -68.63 -9.77 -2.16
N PHE B 601 -69.11 -8.89 -1.28
CA PHE B 601 -68.28 -8.50 -0.14
C PHE B 601 -68.64 -9.27 1.12
N ASN B 602 -67.84 -10.28 1.44
CA ASN B 602 -67.85 -10.98 2.72
C ASN B 602 -69.25 -11.40 3.17
N ASN B 603 -70.10 -11.76 2.21
CA ASN B 603 -71.49 -12.12 2.49
C ASN B 603 -72.18 -11.00 3.27
N SER B 604 -72.73 -11.35 4.43
CA SER B 604 -73.37 -10.41 5.36
C SER B 604 -74.57 -9.69 4.76
N LEU B 605 -75.28 -10.38 3.87
CA LEU B 605 -76.55 -9.93 3.30
C LEU B 605 -77.71 -10.91 3.54
N PRO B 606 -78.74 -10.49 4.27
CA PRO B 606 -79.90 -11.35 4.42
C PRO B 606 -80.51 -11.50 3.03
N VAL B 607 -80.60 -10.38 2.33
CA VAL B 607 -81.09 -10.29 0.96
C VAL B 607 -82.45 -10.95 0.73
N GLN B 608 -82.53 -11.73 -0.35
CA GLN B 608 -83.72 -12.46 -0.75
C GLN B 608 -83.28 -13.80 -1.33
N ASN B 609 -84.15 -14.80 -1.29
CA ASN B 609 -83.77 -16.10 -1.82
C ASN B 609 -84.18 -16.27 -3.28
N PRO B 610 -83.19 -16.24 -4.17
CA PRO B 610 -83.43 -16.43 -5.60
C PRO B 610 -83.78 -17.90 -5.83
N LYS B 611 -84.67 -18.19 -6.77
CA LYS B 611 -85.03 -19.59 -6.99
C LYS B 611 -84.50 -20.16 -8.29
N GLY B 612 -84.45 -19.32 -9.33
CA GLY B 612 -84.22 -19.81 -10.68
C GLY B 612 -82.96 -20.63 -10.72
N THR B 613 -83.02 -21.78 -11.39
CA THR B 613 -81.99 -22.80 -11.28
C THR B 613 -80.65 -22.27 -11.76
N THR B 614 -80.69 -21.54 -12.86
CA THR B 614 -79.53 -20.96 -13.52
C THR B 614 -78.79 -19.97 -12.62
N SER B 615 -79.54 -19.22 -11.83
CA SER B 615 -78.97 -18.22 -10.92
C SER B 615 -78.02 -18.84 -9.91
N LYS B 616 -78.36 -20.04 -9.41
CA LYS B 616 -77.51 -20.72 -8.45
C LYS B 616 -76.13 -21.02 -9.03
N ILE B 617 -76.08 -21.43 -10.30
CA ILE B 617 -74.82 -21.71 -10.93
C ILE B 617 -74.11 -20.43 -11.20
N ILE B 618 -74.84 -19.47 -11.77
CA ILE B 618 -74.27 -18.17 -12.10
C ILE B 618 -73.79 -17.51 -10.82
N VAL B 619 -74.57 -17.67 -9.75
CA VAL B 619 -74.20 -17.11 -8.45
C VAL B 619 -72.91 -17.76 -7.94
N SER B 620 -72.79 -19.07 -8.15
CA SER B 620 -71.61 -19.80 -7.73
C SER B 620 -70.37 -19.31 -8.47
N ILE B 621 -70.52 -19.05 -9.77
CA ILE B 621 -69.40 -18.56 -10.56
C ILE B 621 -68.98 -17.20 -10.01
N TRP B 622 -69.97 -16.38 -9.68
CA TRP B 622 -69.74 -15.07 -9.08
C TRP B 622 -69.14 -15.18 -7.68
N ALA B 623 -69.63 -16.15 -6.90
CA ALA B 623 -69.18 -16.35 -5.54
C ALA B 623 -67.75 -16.74 -5.55
N PHE B 624 -67.40 -17.66 -6.44
CA PHE B 624 -66.03 -18.04 -6.59
C PHE B 624 -65.18 -16.82 -6.83
N PHE B 625 -65.62 -16.00 -7.78
CA PHE B 625 -64.93 -14.78 -8.06
C PHE B 625 -64.81 -13.91 -6.83
N ALA B 626 -65.90 -13.70 -6.12
CA ALA B 626 -65.90 -12.88 -4.94
C ALA B 626 -64.91 -13.39 -3.92
N VAL B 627 -64.84 -14.69 -3.75
CA VAL B 627 -63.92 -15.29 -2.82
C VAL B 627 -62.50 -15.00 -3.19
N ILE B 628 -62.14 -15.23 -4.45
CA ILE B 628 -60.78 -14.99 -4.85
C ILE B 628 -60.50 -13.51 -4.88
N PHE B 629 -61.55 -12.70 -5.08
CA PHE B 629 -61.40 -11.29 -4.97
C PHE B 629 -60.94 -10.96 -3.59
N LEU B 630 -61.66 -11.46 -2.60
CA LEU B 630 -61.33 -11.22 -1.23
C LEU B 630 -59.94 -11.71 -0.91
N ALA B 631 -59.54 -12.81 -1.52
CA ALA B 631 -58.19 -13.27 -1.33
C ALA B 631 -57.21 -12.21 -1.82
N SER B 632 -57.45 -11.68 -3.02
CA SER B 632 -56.58 -10.67 -3.57
C SER B 632 -56.69 -9.37 -2.79
N TYR B 633 -57.86 -9.13 -2.23
CA TYR B 633 -58.13 -7.96 -1.44
C TYR B 633 -57.25 -7.97 -0.23
N THR B 634 -57.25 -9.09 0.45
CA THR B 634 -56.43 -9.25 1.61
C THR B 634 -54.96 -9.32 1.26
N ALA B 635 -54.66 -9.82 0.06
CA ALA B 635 -53.28 -9.82 -0.40
C ALA B 635 -52.87 -8.38 -0.66
N ASN B 636 -53.82 -7.58 -1.12
CA ASN B 636 -53.59 -6.15 -1.30
C ASN B 636 -53.37 -5.57 0.10
N LEU B 637 -54.19 -6.05 1.04
CA LEU B 637 -54.12 -5.67 2.45
C LEU B 637 -52.82 -6.20 3.06
N ALA B 638 -52.46 -7.42 2.66
CA ALA B 638 -51.23 -8.06 3.14
C ALA B 638 -50.03 -7.25 2.67
N ALA B 639 -50.09 -6.78 1.42
CA ALA B 639 -49.05 -5.96 0.83
C ALA B 639 -48.96 -4.63 1.57
N PHE B 640 -50.11 -4.09 1.96
CA PHE B 640 -50.16 -2.83 2.68
C PHE B 640 -49.42 -2.93 4.00
N MET B 641 -49.43 -4.09 4.63
CA MET B 641 -48.81 -4.22 5.94
C MET B 641 -47.42 -3.72 5.70
N ILE B 642 -46.88 -4.04 4.54
CA ILE B 642 -45.56 -3.56 4.15
C ILE B 642 -45.60 -2.05 3.96
N GLN B 643 -46.67 -1.58 3.30
CA GLN B 643 -46.84 -0.17 3.02
C GLN B 643 -47.01 0.64 4.31
N ARG B 644 -47.24 -0.02 5.43
CA ARG B 644 -47.40 0.72 6.66
C ARG B 644 -45.98 1.05 7.03
N ARG B 645 -45.31 1.73 6.10
CA ARG B 645 -43.94 2.17 6.30
C ARG B 645 -44.02 3.24 7.36
N PHE B 646 -43.06 3.23 8.27
CA PHE B 646 -43.12 4.21 9.35
C PHE B 646 -41.83 4.95 9.42
N VAL B 647 -41.64 5.87 8.52
CA VAL B 647 -40.42 6.64 8.49
C VAL B 647 -40.71 8.06 8.93
N ASP B 648 -39.70 8.74 9.43
CA ASP B 648 -39.91 10.06 9.98
C ASP B 648 -40.43 11.04 8.92
N GLN B 649 -41.48 11.76 9.27
CA GLN B 649 -42.13 12.69 8.35
C GLN B 649 -41.83 14.17 8.51
N VAL B 650 -40.60 14.59 8.23
CA VAL B 650 -40.32 16.02 8.21
C VAL B 650 -39.56 16.36 6.95
N THR B 651 -39.55 17.64 6.59
CA THR B 651 -38.86 18.05 5.38
C THR B 651 -37.47 18.53 5.73
N GLY B 652 -36.81 19.11 4.73
CA GLY B 652 -35.47 19.64 4.88
C GLY B 652 -35.54 21.04 5.45
N LEU B 653 -34.49 21.83 5.22
CA LEU B 653 -34.39 23.21 5.71
C LEU B 653 -35.52 24.11 5.22
N SER B 654 -35.95 23.90 3.98
CA SER B 654 -37.03 24.67 3.34
C SER B 654 -38.44 24.48 3.93
N ASP B 655 -38.66 23.46 4.75
CA ASP B 655 -39.97 23.19 5.33
C ASP B 655 -40.51 24.40 6.09
N ASN B 656 -41.81 24.63 5.92
CA ASN B 656 -42.52 25.77 6.48
C ASN B 656 -42.56 25.75 8.00
N LYS B 657 -42.52 24.55 8.58
CA LYS B 657 -42.53 24.42 10.03
C LYS B 657 -41.30 25.10 10.61
N PHE B 658 -40.23 25.13 9.82
CA PHE B 658 -38.97 25.76 10.22
C PHE B 658 -38.93 27.23 9.79
N GLN B 659 -39.32 27.48 8.54
CA GLN B 659 -39.30 28.82 7.95
C GLN B 659 -40.28 29.82 8.57
N ARG B 660 -41.49 29.37 8.86
CA ARG B 660 -42.53 30.22 9.44
C ARG B 660 -43.16 29.50 10.61
N PRO B 661 -42.40 29.36 11.69
CA PRO B 661 -42.83 28.63 12.91
C PRO B 661 -44.07 29.21 13.61
N HIS B 662 -44.20 30.53 13.61
CA HIS B 662 -45.30 31.18 14.32
C HIS B 662 -46.71 30.81 13.85
N ASP B 663 -46.88 30.65 12.54
CA ASP B 663 -48.21 30.37 11.99
C ASP B 663 -48.92 29.12 12.53
N TYR B 664 -48.19 28.03 12.74
CA TYR B 664 -48.80 26.80 13.24
C TYR B 664 -49.36 26.99 14.66
N SER B 665 -50.57 26.46 14.88
CA SER B 665 -51.23 26.54 16.18
C SER B 665 -50.46 25.77 17.24
N PRO B 666 -49.97 24.59 16.85
CA PRO B 666 -49.22 23.73 17.76
C PRO B 666 -47.89 24.36 18.11
N PRO B 667 -47.39 24.12 19.32
CA PRO B 667 -46.12 24.71 19.74
C PRO B 667 -44.97 23.72 19.57
N PHE B 668 -44.02 24.10 18.71
CA PHE B 668 -42.85 23.30 18.44
C PHE B 668 -41.65 24.24 18.29
N ARG B 669 -40.47 23.76 18.65
CA ARG B 669 -39.29 24.60 18.48
C ARG B 669 -38.03 23.84 18.06
N PHE B 670 -37.29 24.43 17.13
CA PHE B 670 -36.00 23.88 16.72
C PHE B 670 -34.88 24.71 17.31
N GLY B 671 -33.77 24.06 17.65
CA GLY B 671 -32.66 24.74 18.28
C GLY B 671 -31.32 24.12 17.98
N THR B 672 -30.26 24.86 18.29
CA THR B 672 -28.89 24.38 18.09
C THR B 672 -27.98 24.90 19.19
N VAL B 673 -26.79 24.30 19.30
CA VAL B 673 -25.81 24.66 20.32
C VAL B 673 -25.22 26.06 20.14
N PRO B 674 -25.01 26.72 21.27
CA PRO B 674 -24.47 28.08 21.35
C PRO B 674 -23.01 28.18 20.91
N GLN B 675 -22.65 29.29 20.29
CA GLN B 675 -21.27 29.51 19.82
C GLN B 675 -20.85 28.53 18.71
N GLY B 676 -21.81 28.08 17.91
CA GLY B 676 -21.53 27.19 16.81
C GLY B 676 -21.31 27.97 15.52
N SER B 677 -20.71 27.31 14.54
CA SER B 677 -20.48 27.94 13.24
C SER B 677 -21.80 28.27 12.56
N THR B 678 -22.79 27.37 12.70
CA THR B 678 -24.10 27.56 12.11
C THR B 678 -24.87 28.77 12.62
N GLU B 679 -24.82 29.05 13.92
CA GLU B 679 -25.56 30.22 14.41
C GLU B 679 -25.49 31.28 13.37
N ARG B 680 -24.27 31.49 12.87
CA ARG B 680 -24.01 32.49 11.83
C ARG B 680 -24.77 32.17 10.55
N ASN B 681 -24.77 30.90 10.15
CA ASN B 681 -25.51 30.52 8.98
C ASN B 681 -26.97 30.82 9.16
N ILE B 682 -27.48 30.54 10.33
CA ILE B 682 -28.85 30.83 10.63
C ILE B 682 -29.07 32.30 10.57
N ARG B 683 -28.18 33.07 11.16
CA ARG B 683 -28.32 34.50 11.10
C ARG B 683 -28.17 35.01 9.67
N ASN B 684 -27.52 34.22 8.83
CA ASN B 684 -27.37 34.54 7.43
C ASN B 684 -28.34 33.77 6.55
N ASN B 685 -29.35 33.18 7.20
CA ASN B 685 -30.42 32.48 6.54
C ASN B 685 -31.66 33.18 7.09
N TYR B 686 -31.98 32.88 8.34
CA TYR B 686 -33.08 33.54 9.03
C TYR B 686 -32.58 34.04 10.38
N PRO B 687 -32.56 35.35 10.56
CA PRO B 687 -32.12 35.95 11.84
C PRO B 687 -33.07 35.62 12.97
N ASP B 688 -34.35 35.67 12.64
CA ASP B 688 -35.47 35.43 13.57
C ASP B 688 -35.40 34.00 14.12
N MET B 689 -35.08 33.06 13.24
CA MET B 689 -34.95 31.65 13.61
C MET B 689 -33.81 31.48 14.61
N HIS B 690 -32.71 32.20 14.37
CA HIS B 690 -31.55 32.15 15.25
C HIS B 690 -31.93 32.67 16.63
N GLN B 691 -32.72 33.73 16.67
CA GLN B 691 -33.19 34.30 17.94
C GLN B 691 -34.05 33.29 18.67
N TYR B 692 -34.90 32.60 17.92
CA TYR B 692 -35.77 31.57 18.51
C TYR B 692 -34.92 30.45 19.12
N MET B 693 -33.87 30.06 18.40
CA MET B 693 -32.96 29.02 18.86
C MET B 693 -32.25 29.46 20.15
N VAL B 694 -31.87 30.74 20.18
CA VAL B 694 -31.21 31.34 21.33
C VAL B 694 -32.12 31.31 22.55
N LYS B 695 -33.42 31.50 22.34
CA LYS B 695 -34.38 31.48 23.43
C LYS B 695 -34.48 30.12 24.13
N PHE B 696 -34.38 29.05 23.35
CA PHE B 696 -34.48 27.68 23.83
C PHE B 696 -33.15 26.94 23.93
N HIS B 697 -32.07 27.69 24.18
CA HIS B 697 -30.73 27.12 24.22
C HIS B 697 -30.47 26.02 25.25
N GLN B 698 -29.72 25.02 24.79
CA GLN B 698 -29.29 23.86 25.57
C GLN B 698 -27.78 23.85 25.53
N LYS B 699 -27.12 22.89 26.15
CA LYS B 699 -25.66 22.98 26.08
C LYS B 699 -24.96 21.69 25.76
N GLY B 700 -25.40 20.61 26.37
CA GLY B 700 -24.77 19.34 26.14
C GLY B 700 -25.59 18.45 25.25
N VAL B 701 -24.93 17.50 24.63
CA VAL B 701 -25.60 16.55 23.75
C VAL B 701 -26.75 15.87 24.43
N GLN B 702 -26.50 15.47 25.68
CA GLN B 702 -27.47 14.80 26.49
C GLN B 702 -28.62 15.70 26.88
N ASP B 703 -28.45 17.01 26.79
CA ASP B 703 -29.50 17.91 27.15
C ASP B 703 -30.50 17.80 26.08
N ALA B 704 -29.97 17.91 24.86
CA ALA B 704 -30.77 17.81 23.68
C ALA B 704 -31.39 16.45 23.61
N LEU B 705 -30.58 15.43 23.84
CA LEU B 705 -31.03 14.06 23.79
C LEU B 705 -32.20 13.81 24.68
N VAL B 706 -32.02 14.12 25.95
CA VAL B 706 -33.08 13.95 26.89
C VAL B 706 -34.27 14.75 26.51
N SER B 707 -34.06 15.99 26.11
CA SER B 707 -35.15 16.83 25.72
C SER B 707 -35.94 16.20 24.60
N LEU B 708 -35.24 15.60 23.66
CA LEU B 708 -35.86 14.92 22.56
C LEU B 708 -36.60 13.68 23.00
N LYS B 709 -36.01 12.96 23.96
CA LYS B 709 -36.62 11.74 24.46
C LYS B 709 -37.81 12.03 25.34
N THR B 710 -37.78 13.19 25.97
CA THR B 710 -38.86 13.63 26.82
C THR B 710 -39.85 14.50 26.08
N GLY B 711 -39.47 14.97 24.90
CA GLY B 711 -40.37 15.80 24.13
C GLY B 711 -40.26 17.26 24.53
N LYS B 712 -39.29 17.58 25.39
CA LYS B 712 -39.06 18.96 25.78
C LYS B 712 -38.56 19.72 24.58
N LEU B 713 -37.85 19.01 23.72
CA LEU B 713 -37.35 19.56 22.48
C LEU B 713 -38.00 18.82 21.35
N ASP B 714 -38.62 19.60 20.46
CA ASP B 714 -39.32 19.07 19.32
C ASP B 714 -38.42 18.28 18.37
N ALA B 715 -37.28 18.85 18.03
CA ALA B 715 -36.32 18.21 17.13
C ALA B 715 -35.00 18.91 17.26
N PHE B 716 -33.94 18.33 16.71
CA PHE B 716 -32.66 18.97 16.93
C PHE B 716 -31.67 18.96 15.80
N ILE B 717 -31.18 20.15 15.49
CA ILE B 717 -30.19 20.33 14.45
C ILE B 717 -28.78 20.48 14.97
N TYR B 718 -27.86 19.79 14.32
CA TYR B 718 -26.45 19.79 14.69
C TYR B 718 -25.62 19.28 13.52
N ASP B 719 -24.32 19.08 13.75
CA ASP B 719 -23.51 18.52 12.69
C ASP B 719 -24.12 17.14 12.50
N ALA B 720 -24.48 16.83 11.27
CA ALA B 720 -25.13 15.57 10.96
C ALA B 720 -24.24 14.40 11.31
N ALA B 721 -22.95 14.60 11.06
CA ALA B 721 -21.98 13.55 11.27
C ALA B 721 -22.08 13.05 12.70
N VAL B 722 -22.16 13.98 13.63
CA VAL B 722 -22.30 13.64 15.02
C VAL B 722 -23.66 13.07 15.29
N LEU B 723 -24.68 13.67 14.69
CA LEU B 723 -26.04 13.22 14.88
C LEU B 723 -26.22 11.82 14.34
N ASN B 724 -25.48 11.51 13.30
CA ASN B 724 -25.53 10.20 12.72
C ASN B 724 -24.92 9.28 13.70
N TYR B 725 -23.81 9.72 14.29
CA TYR B 725 -23.21 8.98 15.35
C TYR B 725 -24.16 8.80 16.53
N MET B 726 -24.97 9.82 16.84
CA MET B 726 -25.96 9.70 17.88
C MET B 726 -26.92 8.56 17.55
N ALA B 727 -27.34 8.48 16.29
CA ALA B 727 -28.17 7.37 15.83
C ALA B 727 -27.35 6.09 15.90
N GLY B 728 -26.05 6.26 15.72
CA GLY B 728 -25.13 5.20 15.85
C GLY B 728 -25.07 4.67 17.28
N ARG B 729 -25.51 5.48 18.25
CA ARG B 729 -25.51 5.10 19.66
C ARG B 729 -26.82 5.24 20.46
N ASP B 730 -27.94 5.42 19.78
CA ASP B 730 -29.19 5.58 20.51
C ASP B 730 -29.52 4.34 21.30
N GLU B 731 -30.18 4.54 22.43
CA GLU B 731 -30.69 3.45 23.23
C GLU B 731 -32.18 3.52 22.91
N GLY B 732 -32.72 2.47 22.32
CA GLY B 732 -34.13 2.42 21.94
C GLY B 732 -34.46 2.87 20.51
N CYS B 733 -33.48 3.46 19.82
CA CYS B 733 -33.64 3.88 18.42
C CYS B 733 -34.84 4.78 18.05
N LYS B 734 -35.11 5.81 18.84
CA LYS B 734 -36.25 6.71 18.57
C LYS B 734 -35.91 7.98 17.77
N LEU B 735 -34.65 8.12 17.34
CA LEU B 735 -34.17 9.29 16.61
C LEU B 735 -33.62 8.96 15.21
N VAL B 736 -33.88 9.85 14.25
CA VAL B 736 -33.44 9.65 12.86
C VAL B 736 -32.99 10.96 12.19
N THR B 737 -32.33 10.85 11.03
CA THR B 737 -31.88 12.03 10.29
C THR B 737 -32.99 12.59 9.41
N ILE B 738 -32.74 13.68 8.72
CA ILE B 738 -33.83 14.23 7.93
C ILE B 738 -33.92 13.59 6.58
N GLY B 739 -35.04 12.92 6.34
CA GLY B 739 -35.27 12.23 5.09
C GLY B 739 -34.12 11.27 4.96
N SER B 740 -33.41 11.40 3.86
CA SER B 740 -32.23 10.61 3.60
C SER B 740 -31.14 10.92 4.65
N GLY B 741 -31.04 12.18 5.05
CA GLY B 741 -30.03 12.59 6.00
C GLY B 741 -29.08 13.62 5.43
N TYR B 742 -29.37 14.13 4.23
CA TYR B 742 -28.53 15.16 3.66
C TYR B 742 -28.71 16.28 4.63
N ILE B 743 -27.59 16.77 5.15
CA ILE B 743 -27.56 17.86 6.12
C ILE B 743 -28.08 19.21 5.59
N PHE B 744 -27.80 19.46 4.31
CA PHE B 744 -28.11 20.67 3.49
C PHE B 744 -27.09 21.80 3.66
N ALA B 745 -26.09 21.53 4.49
CA ALA B 745 -24.95 22.41 4.72
C ALA B 745 -23.80 21.45 4.38
N THR B 746 -22.90 21.82 3.48
CA THR B 746 -21.91 20.81 3.13
C THR B 746 -20.52 21.19 3.59
N THR B 747 -19.94 20.37 4.46
CA THR B 747 -18.61 20.61 4.96
C THR B 747 -17.95 19.35 5.54
N GLY B 748 -16.63 19.40 5.65
CA GLY B 748 -15.84 18.34 6.23
C GLY B 748 -14.92 18.90 7.30
N TYR B 749 -14.49 18.07 8.24
CA TYR B 749 -13.62 18.54 9.31
C TYR B 749 -12.30 19.05 8.74
N GLY B 750 -11.81 20.15 9.30
CA GLY B 750 -10.57 20.77 8.87
C GLY B 750 -9.64 20.97 10.06
N ILE B 751 -8.34 20.82 9.82
CA ILE B 751 -7.37 20.97 10.90
C ILE B 751 -6.60 22.28 10.75
N ALA B 752 -6.45 23.00 11.86
CA ALA B 752 -5.80 24.31 11.83
C ALA B 752 -4.30 24.20 11.60
N LEU B 753 -3.74 25.27 11.04
CA LEU B 753 -2.31 25.40 10.83
C LEU B 753 -1.99 26.90 10.88
N GLN B 754 -0.79 27.27 11.33
CA GLN B 754 -0.45 28.69 11.37
C GLN B 754 -0.58 29.17 9.93
N LYS B 755 -1.15 30.35 9.72
CA LYS B 755 -1.38 30.80 8.35
C LYS B 755 -0.06 30.70 7.62
N GLY B 756 1.02 31.10 8.28
CA GLY B 756 2.35 31.01 7.72
C GLY B 756 2.75 29.56 7.49
N SER B 757 2.38 28.72 8.45
CA SER B 757 2.69 27.29 8.41
C SER B 757 2.00 26.55 7.28
N ARG B 758 2.70 25.56 6.72
CA ARG B 758 2.20 24.76 5.64
C ARG B 758 2.47 23.32 5.87
N TRP B 759 2.55 22.82 7.09
CA TRP B 759 2.96 21.46 6.93
C TRP B 759 1.85 20.71 6.25
N LYS B 760 0.70 21.36 6.18
CA LYS B 760 -0.50 20.76 5.60
C LYS B 760 -0.30 20.36 4.15
N ARG B 761 0.36 21.21 3.36
CA ARG B 761 0.58 20.83 1.97
C ARG B 761 1.37 19.51 1.98
N PRO B 762 2.40 19.44 2.80
CA PRO B 762 3.18 18.22 2.98
C PRO B 762 2.29 17.17 3.64
N ILE B 763 1.49 17.62 4.61
CA ILE B 763 0.58 16.74 5.34
C ILE B 763 -0.47 16.13 4.42
N ASP B 764 -1.02 16.95 3.53
CA ASP B 764 -1.98 16.44 2.56
C ASP B 764 -1.70 15.14 1.85
N LEU B 765 -0.46 14.96 1.42
CA LEU B 765 -0.13 13.78 0.66
C LEU B 765 -0.37 12.54 1.48
N ALA B 766 0.07 12.58 2.73
CA ALA B 766 -0.09 11.44 3.61
C ALA B 766 -1.55 11.17 3.84
N LEU B 767 -2.29 12.24 4.05
CA LEU B 767 -3.69 12.06 4.26
C LEU B 767 -4.44 11.36 3.15
N LEU B 768 -4.20 11.69 1.87
CA LEU B 768 -5.09 11.05 0.86
C LEU B 768 -5.06 9.53 0.78
N GLN B 769 -3.88 9.01 0.56
CA GLN B 769 -3.66 7.59 0.58
C GLN B 769 -4.36 7.02 1.77
N PHE B 770 -4.44 7.80 2.85
CA PHE B 770 -5.12 7.36 4.03
C PHE B 770 -6.58 7.26 3.71
N VAL B 771 -7.07 8.20 2.90
CA VAL B 771 -8.44 8.10 2.44
C VAL B 771 -8.61 6.81 1.67
N GLY B 772 -7.68 6.59 0.74
CA GLY B 772 -7.67 5.43 -0.13
C GLY B 772 -7.52 4.14 0.64
N ASP B 773 -6.71 4.19 1.69
CA ASP B 773 -6.46 3.04 2.52
C ASP B 773 -7.73 2.57 3.22
N GLY B 774 -7.80 1.26 3.45
CA GLY B 774 -8.93 0.61 4.09
C GLY B 774 -9.23 1.02 5.52
N GLU B 775 -8.22 1.49 6.24
CA GLU B 775 -8.36 1.86 7.63
C GLU B 775 -9.41 2.95 7.91
N MET B 776 -9.52 3.98 7.08
CA MET B 776 -10.53 4.97 7.41
C MET B 776 -11.81 4.25 7.71
N GLU B 777 -12.09 3.25 6.91
CA GLU B 777 -13.25 2.43 7.07
C GLU B 777 -13.08 1.52 8.25
N GLU B 778 -11.84 1.27 8.64
CA GLU B 778 -11.62 0.47 9.81
C GLU B 778 -11.93 1.32 11.00
N LEU B 779 -11.53 2.58 10.94
CA LEU B 779 -11.80 3.54 11.99
C LEU B 779 -13.27 3.78 12.07
N GLU B 780 -13.90 3.77 10.92
CA GLU B 780 -15.32 3.86 10.84
C GLU B 780 -15.92 2.69 11.57
N LYS B 781 -15.50 1.50 11.20
CA LYS B 781 -16.01 0.34 11.87
C LYS B 781 -15.57 0.27 13.33
N LEU B 782 -14.45 0.88 13.62
CA LEU B 782 -13.88 0.89 14.94
C LEU B 782 -14.65 1.81 15.87
N TRP B 783 -15.01 2.98 15.36
CA TRP B 783 -15.63 3.98 16.20
C TRP B 783 -16.96 4.46 15.69
N LEU B 784 -17.13 4.49 14.38
CA LEU B 784 -18.37 5.01 13.83
C LEU B 784 -19.45 3.98 13.62
N THR B 785 -19.13 2.69 13.78
CA THR B 785 -20.16 1.68 13.70
C THR B 785 -21.32 2.10 14.55
N GLY B 786 -22.52 2.11 13.96
CA GLY B 786 -23.75 2.49 14.62
C GLY B 786 -24.81 1.40 14.59
N ILE B 787 -25.44 1.18 15.73
CA ILE B 787 -26.44 0.14 15.90
C ILE B 787 -27.75 0.47 15.19
N CYS B 788 -28.58 -0.55 14.98
CA CYS B 788 -29.86 -0.38 14.31
C CYS B 788 -29.76 0.33 12.97
N HIS B 789 -29.15 -0.35 12.00
CA HIS B 789 -29.00 0.21 10.66
C HIS B 789 -30.42 0.46 10.16
N THR B 790 -30.60 1.56 9.44
CA THR B 790 -31.94 1.94 9.01
C THR B 790 -32.47 1.26 7.75
N GLU B 791 -32.80 -0.02 7.87
CA GLU B 791 -33.43 -0.73 6.76
C GLU B 791 -34.80 -0.08 6.65
N LYS B 792 -35.25 0.23 5.44
CA LYS B 792 -36.52 0.96 5.37
C LYS B 792 -37.24 0.41 6.58
N ASN B 793 -37.42 1.24 7.58
CA ASN B 793 -38.09 0.81 8.81
C ASN B 793 -39.56 0.41 8.68
N GLU B 794 -39.96 -0.62 9.43
CA GLU B 794 -41.33 -1.11 9.43
C GLU B 794 -41.81 -1.33 10.87
N VAL B 795 -43.07 -1.05 11.15
CA VAL B 795 -43.64 -1.23 12.49
C VAL B 795 -45.16 -1.43 12.47
N MET B 796 -45.71 -1.94 13.57
CA MET B 796 -47.15 -2.19 13.67
C MET B 796 -47.84 -1.32 14.71
N SER B 797 -48.97 -0.70 14.36
CA SER B 797 -49.69 0.16 15.29
C SER B 797 -50.86 -0.47 16.03
N SER B 798 -50.82 -0.32 17.36
CA SER B 798 -51.89 -0.76 18.24
C SER B 798 -52.99 0.27 18.28
N GLN B 799 -52.70 1.44 17.77
CA GLN B 799 -53.72 2.48 17.64
C GLN B 799 -54.35 2.45 16.23
N LEU B 800 -53.86 1.54 15.37
CA LEU B 800 -54.28 1.37 13.99
C LEU B 800 -54.09 2.69 13.29
N ASP B 801 -55.09 3.11 12.53
CA ASP B 801 -55.01 4.41 11.89
C ASP B 801 -56.35 5.10 12.07
N ILE B 802 -56.37 6.23 12.77
CA ILE B 802 -57.64 6.94 12.86
C ILE B 802 -57.89 8.01 11.79
N ASP B 803 -56.83 8.47 11.13
CA ASP B 803 -56.97 9.50 10.13
C ASP B 803 -57.19 8.84 8.79
N ASN B 804 -56.60 7.66 8.64
CA ASN B 804 -56.85 6.84 7.42
C ASN B 804 -58.34 6.38 7.54
N MET B 805 -58.71 6.04 8.78
CA MET B 805 -60.04 5.62 9.09
C MET B 805 -60.98 6.75 8.76
N ALA B 806 -60.58 7.97 9.12
CA ALA B 806 -61.36 9.15 8.78
C ALA B 806 -61.51 9.25 7.28
N GLY B 807 -60.44 9.00 6.52
CA GLY B 807 -60.50 9.01 5.06
C GLY B 807 -61.58 8.06 4.57
N VAL B 808 -61.59 6.88 5.18
CA VAL B 808 -62.61 5.88 4.89
C VAL B 808 -63.98 6.42 5.21
N PHE B 809 -64.08 7.09 6.36
CA PHE B 809 -65.30 7.67 6.83
C PHE B 809 -65.75 8.83 5.99
N TYR B 810 -64.82 9.47 5.30
CA TYR B 810 -65.19 10.55 4.42
C TYR B 810 -65.89 9.98 3.22
N MET B 811 -65.41 8.83 2.75
CA MET B 811 -66.04 8.14 1.64
C MET B 811 -67.44 7.74 2.09
N LEU B 812 -67.50 7.23 3.31
CA LEU B 812 -68.73 6.82 3.94
C LEU B 812 -69.72 7.98 4.00
N ALA B 813 -69.24 9.12 4.49
CA ALA B 813 -70.04 10.31 4.61
C ALA B 813 -70.57 10.75 3.25
N ALA B 814 -69.73 10.63 2.21
CA ALA B 814 -70.16 10.98 0.88
C ALA B 814 -71.36 10.16 0.48
N ALA B 815 -71.30 8.86 0.78
CA ALA B 815 -72.41 7.98 0.50
C ALA B 815 -73.65 8.42 1.25
N MET B 816 -73.48 8.86 2.48
CA MET B 816 -74.62 9.34 3.25
C MET B 816 -75.27 10.52 2.54
N ALA B 817 -74.43 11.42 2.03
CA ALA B 817 -74.95 12.56 1.29
C ALA B 817 -75.70 12.10 0.06
N LEU B 818 -75.17 11.09 -0.61
CA LEU B 818 -75.82 10.58 -1.79
C LEU B 818 -77.19 10.03 -1.48
N SER B 819 -77.31 9.37 -0.33
CA SER B 819 -78.61 8.85 0.05
C SER B 819 -79.57 9.97 0.35
N LEU B 820 -79.06 11.08 0.87
CA LEU B 820 -79.91 12.22 1.13
C LEU B 820 -80.43 12.77 -0.19
N ILE B 821 -79.59 12.73 -1.21
CA ILE B 821 -79.98 13.16 -2.53
C ILE B 821 -81.09 12.29 -3.08
N THR B 822 -80.98 10.99 -2.89
CA THR B 822 -82.04 10.11 -3.36
C THR B 822 -83.32 10.35 -2.58
N PHE B 823 -83.19 10.73 -1.30
CA PHE B 823 -84.35 11.12 -0.52
C PHE B 823 -84.99 12.28 -1.19
N VAL B 824 -84.18 13.30 -1.51
CA VAL B 824 -84.66 14.48 -2.20
C VAL B 824 -85.38 14.12 -3.47
N TRP B 825 -84.86 13.17 -4.22
CA TRP B 825 -85.53 12.75 -5.44
C TRP B 825 -86.93 12.25 -5.17
N GLU B 826 -87.08 11.49 -4.09
CA GLU B 826 -88.40 11.01 -3.72
C GLU B 826 -89.23 12.14 -3.10
N HIS B 827 -88.56 13.01 -2.35
CA HIS B 827 -89.15 14.16 -1.71
C HIS B 827 -89.82 15.01 -2.75
N LEU B 828 -89.12 15.21 -3.84
CA LEU B 828 -89.58 15.98 -4.97
C LEU B 828 -89.85 15.07 -6.15
N PHE B 829 -90.36 13.87 -5.88
CA PHE B 829 -90.60 12.91 -6.94
C PHE B 829 -91.56 13.49 -7.97
N TYR B 830 -91.22 13.32 -9.23
CA TYR B 830 -92.07 13.81 -10.31
C TYR B 830 -93.44 13.21 -10.29
N LYS B 831 -94.45 14.09 -10.33
CA LYS B 831 -95.86 13.73 -10.39
C LYS B 831 -96.11 12.29 -10.80
N ASP C 1 64.20 21.39 -3.95
CA ASP C 1 64.68 22.77 -3.93
C ASP C 1 65.46 23.10 -5.20
N PRO C 2 64.79 22.99 -6.34
CA PRO C 2 65.42 23.29 -7.63
C PRO C 2 65.82 24.76 -7.75
N LYS C 3 66.96 25.01 -8.37
CA LYS C 3 67.45 26.37 -8.54
C LYS C 3 66.50 27.20 -9.40
N ILE C 4 65.98 26.58 -10.46
CA ILE C 4 65.05 27.24 -11.37
C ILE C 4 63.77 26.44 -11.53
N VAL C 5 62.64 27.13 -11.59
CA VAL C 5 61.35 26.49 -11.75
C VAL C 5 60.63 27.11 -12.93
N ASN C 6 60.46 26.30 -13.96
CA ASN C 6 59.88 26.78 -15.20
C ASN C 6 58.37 26.89 -15.12
N ILE C 7 57.86 27.78 -15.95
CA ILE C 7 56.45 27.97 -16.15
C ILE C 7 56.29 28.01 -17.65
N GLY C 8 55.10 27.73 -18.17
CA GLY C 8 54.94 27.78 -19.60
C GLY C 8 53.59 28.35 -19.95
N ALA C 9 53.48 28.80 -21.19
CA ALA C 9 52.26 29.45 -21.63
C ALA C 9 52.13 29.43 -23.14
N VAL C 10 50.90 29.63 -23.58
CA VAL C 10 50.59 29.84 -24.98
C VAL C 10 49.78 31.11 -25.06
N LEU C 11 50.28 32.05 -25.83
CA LEU C 11 49.67 33.37 -25.86
C LEU C 11 49.53 33.87 -27.28
N SER C 12 48.76 34.94 -27.45
CA SER C 12 48.42 35.44 -28.78
C SER C 12 49.62 35.97 -29.58
N THR C 13 50.44 36.81 -28.96
CA THR C 13 51.53 37.48 -29.68
C THR C 13 52.80 37.59 -28.84
N LYS C 14 53.94 37.77 -29.53
CA LYS C 14 55.25 37.88 -28.88
C LYS C 14 55.30 39.02 -27.86
N LYS C 15 54.58 40.10 -28.13
CA LYS C 15 54.50 41.21 -27.17
C LYS C 15 53.94 40.72 -25.85
N HIS C 16 52.89 39.91 -25.92
CA HIS C 16 52.26 39.34 -24.73
C HIS C 16 53.18 38.33 -24.05
N GLU C 17 54.03 37.68 -24.83
CA GLU C 17 55.05 36.80 -24.28
C GLU C 17 56.02 37.63 -23.42
N GLN C 18 56.43 38.77 -23.97
CA GLN C 18 57.29 39.69 -23.22
C GLN C 18 56.60 40.18 -21.96
N ILE C 19 55.31 40.46 -22.04
CA ILE C 19 54.52 40.82 -20.86
C ILE C 19 54.54 39.71 -19.82
N PHE C 20 54.42 38.47 -20.29
CA PHE C 20 54.45 37.29 -19.44
C PHE C 20 55.78 37.20 -18.69
N ARG C 21 56.87 37.21 -19.44
CA ARG C 21 58.21 37.15 -18.86
C ARG C 21 58.44 38.28 -17.87
N GLU C 22 57.96 39.48 -18.20
CA GLU C 22 58.07 40.62 -17.30
C GLU C 22 57.36 40.38 -15.97
N ALA C 23 56.14 39.87 -16.04
CA ALA C 23 55.36 39.57 -14.83
C ALA C 23 56.06 38.50 -14.00
N VAL C 24 56.60 37.48 -14.67
CA VAL C 24 57.35 36.44 -14.00
C VAL C 24 58.55 37.01 -13.26
N ASN C 25 59.30 37.87 -13.92
CA ASN C 25 60.43 38.53 -13.28
C ASN C 25 60.02 39.38 -12.08
N GLN C 26 58.88 40.04 -12.19
CA GLN C 26 58.32 40.75 -11.05
C GLN C 26 58.06 39.78 -9.90
N ALA C 27 57.59 38.58 -10.23
CA ALA C 27 57.36 37.57 -9.19
C ALA C 27 58.67 37.12 -8.54
N ASN C 28 59.70 36.89 -9.36
CA ASN C 28 61.02 36.53 -8.84
C ASN C 28 61.64 37.58 -7.93
N LYS C 29 61.50 38.86 -8.25
CA LYS C 29 62.01 39.87 -7.33
C LYS C 29 61.31 39.93 -5.95
N ARG C 30 59.99 40.12 -5.99
CA ARG C 30 59.16 40.24 -4.79
C ARG C 30 59.13 38.96 -3.95
N HIS C 31 58.95 37.83 -4.62
CA HIS C 31 58.96 36.57 -3.90
C HIS C 31 60.37 36.15 -3.55
N PHE C 32 60.50 35.28 -2.57
CA PHE C 32 61.82 34.86 -2.10
C PHE C 32 62.51 34.20 -3.29
N THR C 33 63.74 34.60 -3.53
CA THR C 33 64.48 34.07 -4.68
C THR C 33 65.61 33.16 -4.20
N ARG C 34 65.88 33.21 -2.90
CA ARG C 34 66.94 32.40 -2.33
C ARG C 34 66.48 30.95 -2.29
N LYS C 35 65.27 30.75 -1.76
CA LYS C 35 64.67 29.44 -1.67
C LYS C 35 64.26 28.88 -3.04
N ILE C 36 63.49 29.66 -3.79
CA ILE C 36 63.01 29.22 -5.11
C ILE C 36 63.12 30.30 -6.19
N GLN C 37 63.17 29.88 -7.45
CA GLN C 37 63.28 30.80 -8.58
C GLN C 37 62.25 30.47 -9.67
N LEU C 38 61.87 31.50 -10.43
CA LEU C 38 60.89 31.35 -11.51
C LEU C 38 61.45 31.68 -12.89
N ASN C 39 61.17 30.82 -13.87
CA ASN C 39 61.65 31.00 -15.23
C ASN C 39 60.44 30.93 -16.15
N ALA C 40 60.46 31.70 -17.23
CA ALA C 40 59.29 31.77 -18.09
C ALA C 40 59.53 31.23 -19.48
N THR C 41 58.60 30.41 -19.95
CA THR C 41 58.61 29.92 -21.32
C THR C 41 57.23 30.05 -21.96
N SER C 42 57.18 30.40 -23.24
CA SER C 42 55.90 30.62 -23.87
C SER C 42 55.97 30.42 -25.38
N VAL C 43 54.83 30.19 -26.02
CA VAL C 43 54.86 29.96 -27.46
C VAL C 43 53.82 30.69 -28.27
N THR C 44 54.22 31.16 -29.45
CA THR C 44 53.31 31.83 -30.36
C THR C 44 52.33 30.77 -30.85
N HIS C 45 51.07 31.13 -31.01
CA HIS C 45 50.08 30.17 -31.45
C HIS C 45 50.39 29.61 -32.84
N ARG C 46 50.16 28.33 -33.03
CA ARG C 46 50.41 27.75 -34.35
C ARG C 46 49.07 27.43 -35.01
N PRO C 47 48.94 27.81 -36.29
CA PRO C 47 47.70 27.58 -37.02
C PRO C 47 47.38 26.10 -37.11
N ASN C 48 48.39 25.27 -37.34
CA ASN C 48 48.17 23.84 -37.42
C ASN C 48 47.70 23.34 -36.05
N ALA C 49 46.72 22.44 -36.06
CA ALA C 49 46.17 21.90 -34.83
C ALA C 49 47.22 21.10 -34.05
N ILE C 50 48.05 20.38 -34.78
CA ILE C 50 49.09 19.54 -34.19
C ILE C 50 50.17 20.26 -33.37
N GLN C 51 50.63 21.42 -33.83
CA GLN C 51 51.69 22.11 -33.10
C GLN C 51 51.32 22.50 -31.66
N MET C 52 50.13 23.07 -31.43
CA MET C 52 49.76 23.31 -30.04
C MET C 52 49.99 22.15 -29.06
N ALA C 53 49.69 20.91 -29.46
CA ALA C 53 49.89 19.81 -28.51
C ALA C 53 51.32 19.30 -28.60
N LEU C 54 51.80 19.18 -29.82
CA LEU C 54 53.17 18.80 -30.06
C LEU C 54 54.11 19.84 -29.46
N SER C 55 53.62 21.06 -29.40
CA SER C 55 54.38 22.11 -28.82
C SER C 55 54.34 21.72 -27.35
N VAL C 56 53.54 20.71 -26.96
CA VAL C 56 53.51 20.52 -25.52
C VAL C 56 54.42 19.39 -25.11
N CYS C 57 54.35 18.27 -25.83
CA CYS C 57 55.15 17.10 -25.46
C CYS C 57 56.64 17.40 -25.46
N GLU C 58 57.13 18.10 -26.48
CA GLU C 58 58.55 18.43 -26.51
C GLU C 58 58.80 19.87 -26.05
N ASP C 59 58.07 20.80 -26.64
CA ASP C 59 58.19 22.22 -26.29
C ASP C 59 57.74 22.58 -24.88
N LEU C 60 56.60 22.02 -24.46
CA LEU C 60 56.04 22.32 -23.14
C LEU C 60 56.29 21.29 -22.05
N ILE C 61 57.03 20.23 -22.36
CA ILE C 61 57.28 19.20 -21.36
C ILE C 61 58.77 18.76 -21.30
N SER C 62 59.52 19.05 -22.35
CA SER C 62 60.94 18.80 -22.32
C SER C 62 61.55 19.68 -21.21
N SER C 63 61.01 20.90 -21.08
CA SER C 63 61.47 21.90 -20.10
C SER C 63 60.91 21.78 -18.66
N GLN C 64 60.01 20.83 -18.44
CA GLN C 64 59.38 20.55 -17.13
C GLN C 64 58.52 21.62 -16.42
N VAL C 65 57.79 22.42 -17.19
CA VAL C 65 56.85 23.41 -16.68
C VAL C 65 56.05 22.87 -15.48
N TYR C 66 55.84 23.73 -14.47
CA TYR C 66 55.06 23.33 -13.30
C TYR C 66 53.60 23.68 -13.50
N ALA C 67 53.35 24.42 -14.58
CA ALA C 67 52.02 24.89 -14.91
C ALA C 67 52.07 25.61 -16.24
N ILE C 68 50.90 25.73 -16.84
CA ILE C 68 50.79 26.30 -18.16
C ILE C 68 49.69 27.34 -18.12
N LEU C 69 49.88 28.42 -18.86
CA LEU C 69 48.84 29.41 -19.03
C LEU C 69 48.38 29.35 -20.48
N VAL C 70 47.12 29.65 -20.75
CA VAL C 70 46.62 29.62 -22.12
C VAL C 70 45.65 30.77 -22.38
N SER C 71 45.72 31.32 -23.59
CA SER C 71 44.88 32.46 -23.95
C SER C 71 44.44 32.39 -25.41
N HIS C 72 43.34 33.06 -25.72
CA HIS C 72 42.82 33.09 -27.08
C HIS C 72 43.81 33.76 -28.02
N PRO C 73 43.94 33.21 -29.22
CA PRO C 73 44.85 33.74 -30.25
C PRO C 73 44.32 35.04 -30.86
N PRO C 74 45.20 35.80 -31.50
CA PRO C 74 44.81 37.07 -32.13
C PRO C 74 43.79 36.81 -33.23
N ALA C 75 44.00 35.75 -34.01
CA ALA C 75 43.07 35.37 -35.05
C ALA C 75 42.33 34.17 -34.48
N PRO C 76 41.00 34.22 -34.46
CA PRO C 76 40.21 33.14 -33.87
C PRO C 76 39.39 32.34 -34.87
N THR C 77 39.52 31.02 -34.79
CA THR C 77 38.77 30.11 -35.64
C THR C 77 37.87 29.26 -34.77
N ASP C 78 36.59 29.19 -35.14
CA ASP C 78 35.58 28.42 -34.41
C ASP C 78 35.48 28.81 -32.94
N HIS C 79 35.49 27.82 -32.06
CA HIS C 79 35.39 28.05 -30.62
C HIS C 79 36.24 27.06 -29.82
N LEU C 80 36.50 27.41 -28.56
CA LEU C 80 37.27 26.56 -27.65
C LEU C 80 38.63 26.13 -28.19
N THR C 81 39.42 27.09 -28.65
CA THR C 81 40.74 26.79 -29.20
C THR C 81 41.62 26.10 -28.16
N PRO C 82 41.57 26.57 -26.92
CA PRO C 82 42.34 25.93 -25.86
C PRO C 82 41.64 24.68 -25.30
N THR C 83 41.13 23.79 -26.14
CA THR C 83 40.78 22.43 -25.69
C THR C 83 41.99 21.49 -25.54
N PRO C 84 42.96 21.49 -26.47
CA PRO C 84 43.94 20.41 -26.43
C PRO C 84 44.80 20.46 -25.17
N ILE C 85 45.21 21.65 -24.76
CA ILE C 85 46.20 21.80 -23.69
C ILE C 85 45.68 21.18 -22.40
N SER C 86 44.41 21.42 -22.11
CA SER C 86 43.80 20.91 -20.90
C SER C 86 43.91 19.40 -20.89
N TYR C 87 43.74 18.78 -22.06
CA TYR C 87 43.93 17.34 -22.17
C TYR C 87 45.41 16.98 -22.04
N THR C 88 46.26 17.70 -22.79
CA THR C 88 47.68 17.35 -22.84
C THR C 88 48.41 17.48 -21.51
N ALA C 89 48.21 18.62 -20.85
CA ALA C 89 48.77 18.77 -19.53
C ALA C 89 48.10 17.79 -18.59
N GLY C 90 46.82 17.56 -18.85
CA GLY C 90 46.00 16.74 -17.97
C GLY C 90 46.51 15.34 -17.78
N PHE C 91 47.19 14.80 -18.79
CA PHE C 91 47.70 13.44 -18.74
C PHE C 91 48.69 13.37 -17.57
N TYR C 92 49.51 14.42 -17.44
CA TYR C 92 50.51 14.45 -16.40
C TYR C 92 50.01 15.22 -15.18
N ARG C 93 48.76 15.66 -15.24
CA ARG C 93 48.14 16.45 -14.17
C ARG C 93 48.85 17.78 -13.96
N ILE C 94 49.51 18.30 -14.99
CA ILE C 94 50.07 19.64 -14.92
C ILE C 94 48.96 20.68 -14.96
N PRO C 95 48.89 21.53 -13.92
CA PRO C 95 47.81 22.51 -13.86
C PRO C 95 47.85 23.51 -15.03
N VAL C 96 46.68 23.79 -15.58
CA VAL C 96 46.53 24.72 -16.67
C VAL C 96 45.65 25.88 -16.24
N ILE C 97 46.02 27.08 -16.62
CA ILE C 97 45.23 28.25 -16.26
C ILE C 97 44.90 29.00 -17.53
N GLY C 98 43.62 29.11 -17.86
CA GLY C 98 43.26 29.92 -19.01
C GLY C 98 43.00 31.36 -18.65
N LEU C 99 43.46 32.29 -19.48
CA LEU C 99 43.09 33.68 -19.35
C LEU C 99 41.78 34.11 -20.01
N THR C 100 41.63 33.75 -21.28
CA THR C 100 40.50 34.17 -22.11
C THR C 100 39.36 33.18 -22.38
N THR C 101 39.43 31.98 -21.81
CA THR C 101 38.41 30.99 -22.14
C THR C 101 37.25 31.09 -21.18
N ARG C 102 36.21 31.80 -21.58
CA ARG C 102 35.03 31.87 -20.74
C ARG C 102 34.15 30.65 -20.98
N MET C 103 34.57 29.77 -21.89
CA MET C 103 33.79 28.60 -22.27
C MET C 103 33.38 27.73 -21.08
N SER C 104 32.14 27.26 -21.08
CA SER C 104 31.63 26.53 -19.93
C SER C 104 32.05 25.07 -19.89
N ILE C 105 32.34 24.48 -21.03
CA ILE C 105 32.59 23.05 -21.10
C ILE C 105 33.81 22.61 -20.29
N TYR C 106 34.62 23.58 -19.86
CA TYR C 106 35.80 23.28 -19.04
C TYR C 106 35.47 23.17 -17.56
N SER C 107 34.24 23.46 -17.20
CA SER C 107 33.84 23.47 -15.79
C SER C 107 33.73 22.07 -15.22
N ASP C 108 33.47 21.06 -16.06
CA ASP C 108 33.36 19.72 -15.53
C ASP C 108 34.76 19.18 -15.26
N LYS C 109 35.02 18.90 -13.98
CA LYS C 109 36.31 18.39 -13.54
C LYS C 109 36.61 17.07 -14.20
N SER C 110 35.57 16.28 -14.45
CA SER C 110 35.72 14.96 -15.05
C SER C 110 36.53 15.00 -16.35
N ILE C 111 36.10 15.80 -17.31
CA ILE C 111 36.76 15.80 -18.62
C ILE C 111 38.06 16.60 -18.59
N HIS C 112 38.02 17.80 -18.01
CA HIS C 112 39.24 18.57 -17.81
C HIS C 112 39.49 18.71 -16.33
N LEU C 113 40.46 17.95 -15.81
CA LEU C 113 40.65 17.90 -14.37
C LEU C 113 41.79 18.77 -13.89
N SER C 114 42.55 19.31 -14.84
CA SER C 114 43.64 20.21 -14.52
C SER C 114 43.27 21.66 -14.77
N PHE C 115 42.04 21.90 -15.17
CA PHE C 115 41.71 23.23 -15.66
C PHE C 115 41.18 24.23 -14.66
N LEU C 116 41.89 25.35 -14.59
CA LEU C 116 41.51 26.49 -13.78
C LEU C 116 41.47 27.76 -14.64
N ARG C 117 40.65 28.72 -14.23
CA ARG C 117 40.51 29.96 -15.00
C ARG C 117 40.41 31.22 -14.16
N THR C 118 40.88 32.33 -14.74
CA THR C 118 40.86 33.64 -14.08
C THR C 118 39.45 34.17 -13.80
N VAL C 119 38.53 33.96 -14.74
CA VAL C 119 37.16 34.46 -14.58
C VAL C 119 36.07 33.40 -14.78
N PRO C 120 34.92 33.66 -14.17
CA PRO C 120 33.76 32.76 -14.23
C PRO C 120 33.12 32.64 -15.61
N PRO C 121 32.60 31.46 -15.91
CA PRO C 121 31.95 31.16 -17.19
C PRO C 121 30.65 31.93 -17.41
N TYR C 122 30.07 31.77 -18.60
CA TYR C 122 28.82 32.42 -18.93
C TYR C 122 27.70 31.87 -18.06
N SER C 123 27.87 30.62 -17.64
CA SER C 123 26.89 30.01 -16.78
C SER C 123 26.84 30.78 -15.46
N HIS C 124 28.01 31.11 -14.92
CA HIS C 124 28.07 31.80 -13.64
C HIS C 124 27.49 33.21 -13.75
N GLN C 125 27.36 33.69 -14.99
CA GLN C 125 26.75 35.00 -15.25
C GLN C 125 25.33 35.04 -14.73
N ALA C 126 24.69 33.88 -14.67
CA ALA C 126 23.32 33.82 -14.17
C ALA C 126 23.25 34.35 -12.75
N LEU C 127 24.36 34.27 -12.02
CA LEU C 127 24.38 34.78 -10.66
C LEU C 127 24.02 36.25 -10.70
N VAL C 128 24.58 36.94 -11.69
CA VAL C 128 24.31 38.35 -11.93
C VAL C 128 22.84 38.46 -12.26
N TRP C 129 22.37 37.61 -13.17
CA TRP C 129 20.99 37.65 -13.58
C TRP C 129 20.18 37.39 -12.31
N PHE C 130 20.62 36.42 -11.52
CA PHE C 130 19.99 36.11 -10.23
C PHE C 130 20.10 37.31 -9.31
N GLU C 131 21.26 37.95 -9.33
CA GLU C 131 21.52 39.15 -8.54
C GLU C 131 20.60 40.23 -9.07
N MET C 132 20.44 40.23 -10.38
CA MET C 132 19.57 41.16 -11.10
C MET C 132 18.17 40.96 -10.55
N MET C 133 17.79 39.71 -10.29
CA MET C 133 16.45 39.39 -9.83
C MET C 133 16.16 40.10 -8.51
N ARG C 134 17.20 40.30 -7.69
CA ARG C 134 17.03 40.93 -6.37
C ARG C 134 16.44 42.28 -6.64
N LEU C 135 16.99 42.92 -7.67
CA LEU C 135 16.64 44.27 -8.01
C LEU C 135 15.19 44.35 -8.49
N PHE C 136 14.71 43.42 -9.32
CA PHE C 136 13.37 43.68 -9.81
C PHE C 136 12.25 43.21 -8.87
N ASN C 137 12.61 42.38 -7.91
CA ASN C 137 11.75 41.91 -6.82
C ASN C 137 10.58 41.12 -7.42
N TRP C 138 10.89 40.50 -8.54
CA TRP C 138 10.10 39.54 -9.31
C TRP C 138 10.62 38.11 -9.26
N ASN C 139 9.83 37.14 -8.82
CA ASN C 139 10.32 35.76 -8.83
C ASN C 139 9.99 35.03 -10.15
N HIS C 140 9.03 35.56 -10.91
CA HIS C 140 8.62 34.94 -12.18
C HIS C 140 9.28 35.57 -13.40
N VAL C 141 9.99 34.74 -14.15
CA VAL C 141 10.74 35.13 -15.36
C VAL C 141 10.65 34.05 -16.43
N ILE C 142 11.29 34.28 -17.57
CA ILE C 142 11.37 33.23 -18.58
C ILE C 142 12.81 33.09 -19.07
N LEU C 143 13.22 31.86 -19.34
CA LEU C 143 14.58 31.56 -19.74
C LEU C 143 14.60 30.96 -21.13
N ILE C 144 15.39 31.55 -22.01
CA ILE C 144 15.58 31.03 -23.35
C ILE C 144 17.03 30.64 -23.55
N VAL C 145 17.26 29.35 -23.83
CA VAL C 145 18.62 28.86 -23.99
C VAL C 145 18.79 28.13 -25.31
N SER C 146 19.99 28.24 -25.87
CA SER C 146 20.39 27.40 -26.98
C SER C 146 20.63 25.99 -26.46
N ASP C 147 20.65 25.02 -27.35
CA ASP C 147 20.85 23.64 -26.91
C ASP C 147 22.31 23.26 -27.12
N ASP C 148 23.04 23.29 -26.01
CA ASP C 148 24.46 22.99 -25.95
C ASP C 148 24.87 22.70 -24.51
N HIS C 149 26.13 22.32 -24.32
CA HIS C 149 26.63 22.06 -22.98
C HIS C 149 26.56 23.33 -22.11
N GLU C 150 26.89 24.46 -22.71
CA GLU C 150 26.84 25.75 -22.01
C GLU C 150 25.43 26.14 -21.57
N GLY C 151 24.41 25.90 -22.41
CA GLY C 151 23.06 26.26 -22.03
C GLY C 151 22.53 25.40 -20.89
N ARG C 152 22.67 24.09 -21.02
CA ARG C 152 22.19 23.17 -19.99
C ARG C 152 22.90 23.39 -18.66
N ALA C 153 24.20 23.70 -18.71
CA ALA C 153 24.95 24.04 -17.51
C ALA C 153 24.36 25.30 -16.92
N ALA C 154 24.02 26.25 -17.78
CA ALA C 154 23.44 27.52 -17.34
C ALA C 154 22.13 27.27 -16.61
N GLN C 155 21.33 26.37 -17.17
CA GLN C 155 20.03 26.00 -16.62
C GLN C 155 20.29 25.43 -15.24
N LYS C 156 21.33 24.61 -15.17
CA LYS C 156 21.74 23.99 -13.93
C LYS C 156 22.10 25.10 -12.96
N LYS C 157 22.76 26.15 -13.43
CA LYS C 157 23.20 27.21 -12.54
C LYS C 157 22.03 27.96 -11.97
N LEU C 158 21.09 28.37 -12.80
CA LEU C 158 19.96 29.10 -12.25
C LEU C 158 19.23 28.18 -11.30
N GLU C 159 19.14 26.91 -11.70
CA GLU C 159 18.46 25.87 -10.94
C GLU C 159 19.07 25.64 -9.56
N THR C 160 20.40 25.73 -9.44
CA THR C 160 21.04 25.54 -8.14
C THR C 160 20.55 26.58 -7.12
N LEU C 161 20.43 27.83 -7.59
CA LEU C 161 19.95 28.92 -6.76
C LEU C 161 18.50 28.66 -6.34
N LEU C 162 17.73 28.13 -7.28
CA LEU C 162 16.38 27.69 -6.98
C LEU C 162 16.51 26.49 -6.03
N GLU C 163 17.50 25.63 -6.29
CA GLU C 163 17.68 24.45 -5.47
C GLU C 163 17.97 24.77 -4.00
N GLU C 164 18.84 25.73 -3.74
CA GLU C 164 19.16 26.08 -2.36
C GLU C 164 17.93 26.63 -1.63
N LYS C 165 17.21 27.54 -2.29
CA LYS C 165 16.00 28.13 -1.72
C LYS C 165 15.15 28.74 -2.83
N GLU C 166 13.85 28.89 -2.56
CA GLU C 166 12.93 29.51 -3.54
C GLU C 166 12.99 28.89 -4.93
N SER C 167 12.83 27.57 -5.04
CA SER C 167 12.88 26.90 -6.34
C SER C 167 11.84 27.50 -7.26
N LYS C 168 12.23 27.74 -8.51
CA LYS C 168 11.28 28.39 -9.40
C LYS C 168 11.58 28.07 -10.85
N ALA C 169 10.59 27.48 -11.51
CA ALA C 169 10.69 27.17 -12.91
C ALA C 169 9.38 27.63 -13.50
N ASP C 170 9.15 28.94 -13.49
CA ASP C 170 7.88 29.44 -14.02
C ASP C 170 7.74 29.18 -15.51
N LYS C 171 8.82 29.44 -16.26
CA LYS C 171 8.83 29.23 -17.69
C LYS C 171 10.22 28.83 -18.18
N VAL C 172 10.26 28.01 -19.23
CA VAL C 172 11.52 27.58 -19.81
C VAL C 172 11.36 27.44 -21.32
N LEU C 173 12.46 27.64 -22.06
CA LEU C 173 12.40 27.50 -23.51
C LEU C 173 13.77 27.12 -24.10
N GLN C 174 13.80 26.02 -24.84
CA GLN C 174 15.03 25.55 -25.48
C GLN C 174 14.88 25.64 -26.99
N PHE C 175 15.84 26.29 -27.64
CA PHE C 175 15.80 26.45 -29.10
C PHE C 175 16.97 25.77 -29.80
N GLU C 176 16.66 24.97 -30.81
CA GLU C 176 17.68 24.27 -31.59
C GLU C 176 18.52 25.22 -32.42
N PRO C 177 19.80 24.89 -32.56
CA PRO C 177 20.74 25.70 -33.35
C PRO C 177 20.48 25.64 -34.86
N GLY C 178 20.99 26.64 -35.58
CA GLY C 178 20.87 26.70 -37.02
C GLY C 178 19.46 26.72 -37.58
N THR C 179 18.57 27.43 -36.91
CA THR C 179 17.20 27.55 -37.40
C THR C 179 17.06 28.98 -37.92
N LYS C 180 16.68 29.11 -39.18
CA LYS C 180 16.53 30.43 -39.78
C LYS C 180 15.44 31.21 -39.06
N ASN C 181 14.33 30.53 -38.76
CA ASN C 181 13.20 31.15 -38.06
C ASN C 181 12.80 30.37 -36.80
N LEU C 182 12.59 31.10 -35.70
CA LEU C 182 12.18 30.49 -34.43
C LEU C 182 10.93 31.13 -33.78
N THR C 183 10.03 31.67 -34.61
CA THR C 183 8.84 32.38 -34.11
C THR C 183 7.80 31.61 -33.27
N ALA C 184 7.46 30.39 -33.65
CA ALA C 184 6.45 29.61 -32.93
C ALA C 184 6.77 29.50 -31.44
N LEU C 185 8.03 29.23 -31.09
CA LEU C 185 8.42 29.07 -29.69
C LEU C 185 8.10 30.32 -28.88
N LEU C 186 8.32 31.50 -29.46
CA LEU C 186 7.96 32.75 -28.80
C LEU C 186 6.44 32.91 -28.74
N LEU C 187 5.76 32.45 -29.79
CA LEU C 187 4.29 32.40 -29.75
C LEU C 187 3.82 31.62 -28.53
N GLU C 188 4.49 30.50 -28.25
CA GLU C 188 4.19 29.68 -27.09
C GLU C 188 4.49 30.48 -25.82
N ALA C 189 5.59 31.23 -25.89
CA ALA C 189 6.07 32.07 -24.79
C ALA C 189 5.07 33.15 -24.39
N LYS C 190 4.39 33.70 -25.39
CA LYS C 190 3.43 34.78 -25.17
C LYS C 190 2.29 34.37 -24.24
N GLU C 191 1.83 33.12 -24.37
CA GLU C 191 0.74 32.65 -23.53
C GLU C 191 1.13 32.69 -22.05
N LEU C 192 2.38 32.32 -21.75
CA LEU C 192 2.86 32.35 -20.38
C LEU C 192 2.64 33.70 -19.70
N GLU C 193 2.21 33.64 -18.44
CA GLU C 193 1.81 34.81 -17.66
C GLU C 193 2.97 35.76 -17.34
N ALA C 194 4.13 35.22 -17.01
CA ALA C 194 5.29 35.97 -16.56
C ALA C 194 5.73 37.04 -17.57
N ARG C 195 5.95 38.26 -17.09
CA ARG C 195 6.20 39.38 -18.00
C ARG C 195 7.68 39.78 -18.22
N VAL C 196 8.61 39.04 -17.63
CA VAL C 196 10.04 39.33 -17.78
C VAL C 196 10.76 38.28 -18.65
N ILE C 197 11.68 38.68 -19.52
CA ILE C 197 12.31 37.67 -20.40
C ILE C 197 13.84 37.73 -20.33
N ILE C 198 14.46 36.55 -20.45
CA ILE C 198 15.93 36.41 -20.41
C ILE C 198 16.49 35.38 -21.39
N LEU C 199 17.66 35.65 -22.00
CA LEU C 199 18.21 34.72 -23.01
C LEU C 199 19.74 34.56 -23.02
N SER C 200 20.19 33.37 -23.42
CA SER C 200 21.60 33.05 -23.68
C SER C 200 21.78 32.41 -25.07
N ALA C 201 22.78 32.86 -25.83
CA ALA C 201 22.98 32.31 -27.18
C ALA C 201 24.35 32.53 -27.83
N SER C 202 24.52 31.88 -28.98
CA SER C 202 25.67 32.04 -29.87
C SER C 202 25.56 33.38 -30.60
N GLU C 203 26.67 33.83 -31.18
CA GLU C 203 26.70 35.15 -31.82
C GLU C 203 25.63 35.33 -32.89
N ASP C 204 25.54 34.38 -33.81
CA ASP C 204 24.53 34.41 -34.88
C ASP C 204 23.11 34.32 -34.36
N ASP C 205 22.94 33.54 -33.29
CA ASP C 205 21.64 33.22 -32.74
C ASP C 205 20.91 34.38 -32.07
N ALA C 206 21.61 35.21 -31.31
CA ALA C 206 20.96 36.32 -30.63
C ALA C 206 20.26 37.24 -31.63
N THR C 207 20.89 37.40 -32.80
CA THR C 207 20.28 38.17 -33.89
C THR C 207 18.92 37.63 -34.30
N ALA C 208 18.87 36.32 -34.55
CA ALA C 208 17.63 35.66 -34.94
C ALA C 208 16.59 35.76 -33.84
N VAL C 209 17.04 35.66 -32.59
CA VAL C 209 16.15 35.74 -31.46
C VAL C 209 15.49 37.11 -31.36
N TYR C 210 16.29 38.18 -31.41
CA TYR C 210 15.73 39.52 -31.33
C TYR C 210 14.88 39.84 -32.55
N LYS C 211 15.31 39.34 -33.70
CA LYS C 211 14.60 39.55 -34.96
C LYS C 211 13.20 38.95 -34.89
N SER C 212 13.12 37.71 -34.39
CA SER C 212 11.83 37.04 -34.22
C SER C 212 11.01 37.66 -33.09
N ALA C 213 11.68 38.09 -32.03
CA ALA C 213 11.00 38.64 -30.86
C ALA C 213 10.35 39.99 -31.13
N ALA C 214 11.02 40.82 -31.93
CA ALA C 214 10.49 42.13 -32.28
C ALA C 214 9.23 41.98 -33.11
N MET C 215 9.18 40.91 -33.91
CA MET C 215 8.03 40.60 -34.73
C MET C 215 6.77 40.39 -33.89
N LEU C 216 6.93 39.70 -32.76
CA LEU C 216 5.80 39.47 -31.86
C LEU C 216 5.66 40.59 -30.84
N ASP C 217 6.49 41.63 -30.97
CA ASP C 217 6.42 42.80 -30.11
C ASP C 217 6.58 42.44 -28.64
N MET C 218 7.54 41.56 -28.37
CA MET C 218 7.87 41.19 -27.01
C MET C 218 8.88 42.18 -26.44
N THR C 219 9.26 43.15 -27.26
CA THR C 219 10.15 44.23 -26.86
C THR C 219 9.38 45.49 -26.40
N GLY C 220 8.06 45.36 -26.38
CA GLY C 220 7.15 46.42 -26.01
C GLY C 220 7.15 46.68 -24.51
N ALA C 221 6.52 47.79 -24.11
CA ALA C 221 6.48 48.16 -22.70
C ALA C 221 5.83 47.05 -21.88
N GLY C 222 6.39 46.83 -20.70
CA GLY C 222 5.95 45.75 -19.82
C GLY C 222 6.70 44.45 -20.05
N TYR C 223 7.65 44.47 -20.99
CA TYR C 223 8.48 43.32 -21.31
C TYR C 223 9.92 43.72 -21.02
N VAL C 224 10.64 42.88 -20.30
CA VAL C 224 12.01 43.17 -19.91
C VAL C 224 13.02 42.16 -20.45
N TRP C 225 14.10 42.64 -21.06
CA TRP C 225 15.13 41.78 -21.60
C TRP C 225 16.40 41.76 -20.75
N LEU C 226 16.83 40.53 -20.43
CA LEU C 226 18.09 40.30 -19.74
C LEU C 226 18.89 39.33 -20.62
N VAL C 227 20.20 39.54 -20.75
CA VAL C 227 20.95 38.78 -21.74
C VAL C 227 22.42 38.59 -21.41
N GLY C 228 23.09 37.67 -22.10
CA GLY C 228 24.51 37.49 -21.84
C GLY C 228 25.39 38.45 -22.60
N GLU C 229 26.63 38.57 -22.16
CA GLU C 229 27.58 39.52 -22.75
C GLU C 229 28.00 39.26 -24.20
N ARG C 230 28.29 38.00 -24.50
CA ARG C 230 28.77 37.60 -25.83
C ARG C 230 27.71 37.89 -26.87
N GLU C 231 26.48 37.67 -26.45
CA GLU C 231 25.29 37.79 -27.29
C GLU C 231 25.07 39.23 -27.74
N ILE C 232 25.32 40.17 -26.84
CA ILE C 232 25.09 41.58 -27.11
C ILE C 232 26.07 42.18 -28.14
N SER C 233 27.26 41.59 -28.25
CA SER C 233 28.32 42.11 -29.13
C SER C 233 28.12 41.63 -30.58
N GLY C 234 28.70 42.35 -31.53
CA GLY C 234 28.67 41.93 -32.93
C GLY C 234 27.39 42.25 -33.67
N SER C 235 27.01 41.45 -34.67
CA SER C 235 25.81 41.74 -35.45
C SER C 235 24.55 41.81 -34.59
N ALA C 236 24.52 41.03 -33.51
CA ALA C 236 23.39 41.06 -32.59
C ALA C 236 23.18 42.45 -32.00
N LEU C 237 24.30 43.14 -31.78
CA LEU C 237 24.28 44.49 -31.24
C LEU C 237 23.47 45.39 -32.14
N ARG C 238 23.60 45.20 -33.45
CA ARG C 238 22.88 46.05 -34.39
C ARG C 238 21.38 45.91 -34.23
N TYR C 239 20.95 44.69 -33.93
CA TYR C 239 19.54 44.34 -33.84
C TYR C 239 18.90 44.31 -32.48
N ALA C 240 19.63 44.74 -31.48
CA ALA C 240 19.15 44.68 -30.11
C ALA C 240 18.00 45.66 -29.81
N PRO C 241 17.06 45.24 -28.96
CA PRO C 241 15.91 46.04 -28.51
C PRO C 241 16.27 47.07 -27.45
N ASP C 242 15.46 48.11 -27.33
CA ASP C 242 15.73 49.18 -26.38
C ASP C 242 15.44 48.76 -24.95
N GLY C 243 16.16 49.38 -24.01
CA GLY C 243 15.91 49.18 -22.60
C GLY C 243 16.38 47.86 -22.03
N ILE C 244 17.04 47.07 -22.86
CA ILE C 244 17.52 45.77 -22.43
C ILE C 244 18.52 45.91 -21.31
N ILE C 245 18.60 44.87 -20.48
CA ILE C 245 19.62 44.79 -19.46
C ILE C 245 20.68 43.85 -20.01
N GLY C 246 21.93 44.19 -19.80
CA GLY C 246 23.03 43.51 -20.45
C GLY C 246 24.21 43.39 -19.53
N LEU C 247 25.16 42.52 -19.88
CA LEU C 247 26.28 42.23 -19.00
C LEU C 247 27.64 42.43 -19.66
N GLN C 248 28.61 42.94 -18.88
CA GLN C 248 29.99 42.91 -19.35
C GLN C 248 30.97 42.45 -18.26
N LEU C 249 31.76 41.42 -18.52
CA LEU C 249 32.75 40.99 -17.54
C LEU C 249 33.89 42.01 -17.48
N ILE C 250 34.38 42.26 -16.26
CA ILE C 250 35.43 43.24 -16.04
C ILE C 250 36.76 42.60 -15.66
N ASN C 251 37.78 43.01 -16.42
CA ASN C 251 39.22 42.63 -16.38
C ASN C 251 39.55 41.36 -17.16
N GLY C 252 38.50 40.64 -17.58
CA GLY C 252 38.63 39.46 -18.40
C GLY C 252 39.12 39.87 -19.78
N LYS C 253 38.58 40.99 -20.24
CA LYS C 253 38.90 41.54 -21.56
C LYS C 253 40.35 41.94 -21.73
N ASN C 254 40.98 42.52 -20.71
CA ASN C 254 42.37 42.91 -20.90
C ASN C 254 43.27 41.74 -20.56
N GLU C 255 43.95 41.21 -21.56
CA GLU C 255 44.89 40.11 -21.34
C GLU C 255 46.05 40.56 -20.48
N SER C 256 46.56 41.77 -20.76
CA SER C 256 47.67 42.32 -20.00
C SER C 256 47.28 42.51 -18.54
N ALA C 257 46.06 42.99 -18.33
CA ALA C 257 45.54 43.20 -16.99
C ALA C 257 45.42 41.88 -16.25
N HIS C 258 44.97 40.84 -16.96
CA HIS C 258 44.81 39.52 -16.39
C HIS C 258 46.15 38.81 -16.24
N ILE C 259 47.01 38.98 -17.25
CA ILE C 259 48.32 38.36 -17.24
C ILE C 259 49.02 38.67 -15.93
N SER C 260 49.16 39.95 -15.63
CA SER C 260 49.87 40.37 -14.43
C SER C 260 49.24 39.71 -13.23
N ASP C 261 47.91 39.76 -13.17
CA ASP C 261 47.21 39.18 -12.04
C ASP C 261 47.31 37.66 -11.97
N ALA C 262 47.12 36.98 -13.10
CA ALA C 262 47.17 35.52 -13.12
C ALA C 262 48.54 35.05 -12.66
N VAL C 263 49.58 35.65 -13.21
CA VAL C 263 50.93 35.30 -12.82
C VAL C 263 51.16 35.62 -11.35
N ALA C 264 50.57 36.71 -10.86
CA ALA C 264 50.69 37.04 -9.45
C ALA C 264 50.10 35.93 -8.60
N VAL C 265 48.91 35.49 -8.99
CA VAL C 265 48.23 34.38 -8.33
C VAL C 265 49.03 33.09 -8.41
N VAL C 266 49.62 32.83 -9.57
CA VAL C 266 50.44 31.65 -9.77
C VAL C 266 51.61 31.69 -8.81
N ALA C 267 52.23 32.85 -8.69
CA ALA C 267 53.37 33.03 -7.82
C ALA C 267 52.97 32.75 -6.38
N GLN C 268 51.86 33.36 -5.95
CA GLN C 268 51.37 33.16 -4.58
C GLN C 268 51.05 31.70 -4.34
N ALA C 269 50.47 31.05 -5.35
CA ALA C 269 50.12 29.66 -5.26
C ALA C 269 51.35 28.78 -5.12
N ILE C 270 52.38 29.04 -5.93
CA ILE C 270 53.62 28.28 -5.87
C ILE C 270 54.33 28.47 -4.53
N HIS C 271 54.50 29.72 -4.14
CA HIS C 271 55.18 30.01 -2.88
C HIS C 271 54.42 29.39 -1.72
N GLU C 272 53.10 29.36 -1.83
CA GLU C 272 52.28 28.66 -0.84
C GLU C 272 52.47 27.15 -0.99
N LEU C 273 52.75 26.70 -2.21
CA LEU C 273 52.84 25.28 -2.51
C LEU C 273 54.11 24.66 -1.94
N PHE C 274 55.23 25.32 -2.18
CA PHE C 274 56.53 24.79 -1.76
C PHE C 274 56.67 24.76 -0.25
N GLU C 275 55.72 25.38 0.45
CA GLU C 275 55.61 25.23 1.89
C GLU C 275 55.32 23.76 2.19
N MET C 276 54.74 23.11 1.19
CA MET C 276 54.43 21.67 1.21
C MET C 276 55.70 20.86 0.93
N GLU C 277 55.66 19.55 1.18
CA GLU C 277 56.89 18.74 1.07
C GLU C 277 56.86 17.41 0.31
N GLN C 278 58.07 16.88 0.10
CA GLN C 278 58.31 15.59 -0.58
C GLN C 278 57.77 15.47 -2.00
N ILE C 279 58.04 16.48 -2.84
CA ILE C 279 57.55 16.46 -4.21
C ILE C 279 58.57 16.06 -5.29
N THR C 280 58.18 15.05 -6.05
CA THR C 280 58.89 14.51 -7.20
C THR C 280 58.77 15.44 -8.40
N ASP C 281 59.87 15.63 -9.12
CA ASP C 281 59.87 16.42 -10.33
C ASP C 281 58.97 15.77 -11.38
N PRO C 282 58.38 16.58 -12.28
CA PRO C 282 57.56 16.00 -13.35
C PRO C 282 58.40 15.20 -14.31
N PRO C 283 57.76 14.30 -15.09
CA PRO C 283 58.54 13.42 -15.96
C PRO C 283 59.35 14.19 -17.00
N ARG C 284 60.60 13.79 -17.21
CA ARG C 284 61.44 14.50 -18.15
C ARG C 284 61.16 13.98 -19.55
N GLY C 285 60.46 14.78 -20.33
CA GLY C 285 60.19 14.43 -21.72
C GLY C 285 59.02 13.49 -21.76
N CYS C 286 58.30 13.47 -22.87
CA CYS C 286 57.21 12.53 -23.03
C CYS C 286 57.75 11.12 -23.18
N VAL C 287 58.85 10.99 -23.92
CA VAL C 287 59.38 9.68 -24.27
C VAL C 287 59.81 8.84 -23.08
N GLY C 288 59.35 7.59 -23.07
CA GLY C 288 59.75 6.61 -22.08
C GLY C 288 58.98 6.62 -20.77
N ASN C 289 58.01 7.50 -20.61
CA ASN C 289 57.25 7.52 -19.37
C ASN C 289 55.77 7.24 -19.57
N THR C 290 55.36 6.07 -19.10
CA THR C 290 53.98 5.61 -19.19
C THR C 290 53.24 5.89 -17.91
N ASN C 291 53.95 6.46 -16.95
CA ASN C 291 53.44 6.62 -15.60
C ASN C 291 53.05 8.05 -15.29
N ILE C 292 52.05 8.22 -14.44
CA ILE C 292 51.60 9.54 -14.04
C ILE C 292 52.63 10.18 -13.10
N TRP C 293 52.36 11.41 -12.70
CA TRP C 293 53.25 12.13 -11.79
C TRP C 293 52.54 12.35 -10.45
N LYS C 294 53.09 11.78 -9.38
CA LYS C 294 52.40 11.91 -8.10
C LYS C 294 52.25 13.38 -7.75
N THR C 295 53.28 14.17 -7.99
CA THR C 295 53.20 15.61 -7.73
C THR C 295 52.37 16.30 -8.82
N GLY C 296 51.52 17.24 -8.42
CA GLY C 296 50.71 17.99 -9.37
C GLY C 296 49.26 18.24 -8.98
N PRO C 297 48.59 17.23 -8.44
CA PRO C 297 47.19 17.40 -8.01
C PRO C 297 47.19 18.42 -6.87
N LEU C 298 48.20 18.26 -6.03
CA LEU C 298 48.47 19.09 -4.86
C LEU C 298 48.67 20.55 -5.25
N PHE C 299 49.46 20.76 -6.30
CA PHE C 299 49.69 22.08 -6.84
C PHE C 299 48.34 22.72 -7.21
N LYS C 300 47.45 21.92 -7.77
CA LYS C 300 46.10 22.37 -8.07
C LYS C 300 45.34 22.75 -6.79
N ARG C 301 45.48 21.91 -5.76
CA ARG C 301 44.79 22.13 -4.48
C ARG C 301 45.18 23.42 -3.76
N VAL C 302 46.49 23.69 -3.69
CA VAL C 302 46.94 24.95 -3.12
C VAL C 302 46.55 26.12 -4.01
N LEU C 303 46.71 25.92 -5.31
CA LEU C 303 46.46 26.99 -6.27
C LEU C 303 44.98 27.43 -6.27
N MET C 304 44.07 26.48 -6.06
CA MET C 304 42.64 26.79 -5.95
C MET C 304 42.30 27.54 -4.64
N SER C 305 43.09 27.27 -3.60
CA SER C 305 42.92 27.88 -2.28
C SER C 305 43.81 29.10 -2.04
N SER C 306 44.35 29.68 -3.12
CA SER C 306 45.25 30.81 -3.01
C SER C 306 44.53 31.99 -2.37
N LYS C 307 45.27 32.76 -1.57
CA LYS C 307 44.69 33.89 -0.86
C LYS C 307 45.48 35.19 -1.07
N TYR C 308 45.38 35.68 -2.30
CA TYR C 308 45.98 36.91 -2.73
C TYR C 308 44.79 37.57 -3.40
N PRO C 309 43.85 38.03 -2.58
CA PRO C 309 42.62 38.63 -3.09
C PRO C 309 42.93 39.88 -3.90
N ASP C 310 43.89 40.68 -3.44
CA ASP C 310 44.26 41.86 -4.18
C ASP C 310 44.83 41.45 -5.52
N GLY C 311 44.37 42.14 -6.56
CA GLY C 311 44.80 41.96 -7.94
C GLY C 311 44.22 43.07 -8.80
N VAL C 312 44.87 43.36 -9.92
CA VAL C 312 44.37 44.40 -10.81
C VAL C 312 43.00 44.03 -11.38
N THR C 313 42.85 42.77 -11.77
CA THR C 313 41.58 42.29 -12.34
C THR C 313 40.43 42.31 -11.34
N GLY C 314 40.71 41.92 -10.10
CA GLY C 314 39.69 41.88 -9.06
C GLY C 314 39.96 40.77 -8.06
N ARG C 315 39.05 40.60 -7.11
CA ARG C 315 39.21 39.55 -6.10
C ARG C 315 39.39 38.20 -6.76
N ILE C 316 40.22 37.35 -6.15
CA ILE C 316 40.51 36.04 -6.68
C ILE C 316 40.24 34.91 -5.69
N GLU C 317 39.31 34.04 -6.04
CA GLU C 317 39.09 32.84 -5.25
C GLU C 317 38.52 31.86 -6.22
N PHE C 318 38.69 30.57 -5.96
CA PHE C 318 38.28 29.59 -6.95
C PHE C 318 37.23 28.62 -6.44
N ASN C 319 36.19 28.43 -7.26
CA ASN C 319 35.14 27.48 -6.92
C ASN C 319 35.67 26.07 -7.07
N GLU C 320 34.81 25.11 -6.75
CA GLU C 320 35.18 23.71 -6.75
C GLU C 320 35.64 23.24 -8.12
N ASP C 321 35.00 23.73 -9.17
CA ASP C 321 35.32 23.32 -10.52
C ASP C 321 36.63 23.93 -11.01
N GLY C 322 37.21 24.83 -10.20
CA GLY C 322 38.43 25.52 -10.58
C GLY C 322 38.10 26.83 -11.28
N ASP C 323 36.82 27.05 -11.51
CA ASP C 323 36.33 28.29 -12.08
C ASP C 323 36.48 29.41 -11.06
N ARG C 324 36.63 30.65 -11.52
CA ARG C 324 36.83 31.73 -10.54
C ARG C 324 35.64 32.68 -10.38
N LYS C 325 35.04 32.52 -9.19
CA LYS C 325 33.86 33.21 -8.71
C LYS C 325 34.12 34.64 -8.28
N PHE C 326 33.02 35.37 -8.10
CA PHE C 326 33.03 36.78 -7.71
C PHE C 326 33.81 37.64 -8.70
N ALA C 327 33.63 37.34 -9.99
CA ALA C 327 34.28 38.09 -11.03
C ALA C 327 33.31 39.21 -11.29
N GLN C 328 33.70 40.40 -10.85
CA GLN C 328 32.88 41.58 -10.97
C GLN C 328 32.42 41.81 -12.41
N TYR C 329 31.14 42.08 -12.57
CA TYR C 329 30.55 42.40 -13.88
C TYR C 329 30.02 43.82 -13.86
N SER C 330 29.91 44.45 -15.03
CA SER C 330 29.37 45.79 -15.17
C SER C 330 28.04 45.70 -15.90
N ILE C 331 26.97 46.10 -15.21
CA ILE C 331 25.64 46.08 -15.79
C ILE C 331 25.54 47.13 -16.88
N MET C 332 24.79 46.81 -17.91
CA MET C 332 24.72 47.65 -19.09
C MET C 332 23.28 47.90 -19.54
N ASN C 333 23.10 49.08 -20.12
CA ASN C 333 21.84 49.54 -20.65
C ASN C 333 22.06 49.76 -22.14
N LEU C 334 21.02 49.53 -22.92
CA LEU C 334 21.12 49.62 -24.37
C LEU C 334 20.66 50.95 -24.92
N GLN C 335 20.69 51.97 -24.08
CA GLN C 335 20.19 53.28 -24.47
C GLN C 335 20.81 53.80 -25.76
N ASN C 336 19.94 54.31 -26.63
CA ASN C 336 20.30 54.81 -27.94
C ASN C 336 20.99 53.68 -28.67
N ARG C 337 22.14 53.96 -29.23
CA ARG C 337 22.85 52.93 -29.96
C ARG C 337 23.99 52.35 -29.15
N LYS C 338 24.06 52.62 -27.86
CA LYS C 338 25.21 52.13 -27.10
C LYS C 338 25.00 51.45 -25.77
N LEU C 339 26.00 50.69 -25.38
CA LEU C 339 25.97 50.07 -24.06
C LEU C 339 26.13 51.20 -23.06
N VAL C 340 25.41 51.14 -21.95
CA VAL C 340 25.51 52.21 -20.96
C VAL C 340 25.68 51.62 -19.57
N GLN C 341 26.26 52.33 -18.61
CA GLN C 341 26.34 51.61 -17.36
C GLN C 341 25.32 52.18 -16.37
N VAL C 342 24.26 51.42 -16.14
CA VAL C 342 23.22 51.83 -15.20
C VAL C 342 23.76 51.55 -13.81
N GLY C 343 24.61 50.53 -13.74
CA GLY C 343 25.20 50.11 -12.49
C GLY C 343 26.38 49.18 -12.70
N ILE C 344 27.04 48.85 -11.60
CA ILE C 344 28.12 47.89 -11.64
C ILE C 344 28.02 46.91 -10.48
N PHE C 345 28.32 45.66 -10.77
CA PHE C 345 28.21 44.55 -9.83
C PHE C 345 29.59 44.04 -9.42
N ASP C 346 29.90 44.20 -8.14
CA ASP C 346 31.17 43.74 -7.59
C ASP C 346 30.90 42.86 -6.39
N GLY C 347 31.47 41.67 -6.38
CA GLY C 347 31.27 40.76 -5.25
C GLY C 347 29.86 40.22 -5.21
N SER C 348 29.45 39.78 -4.02
CA SER C 348 28.12 39.22 -3.79
C SER C 348 26.97 40.20 -4.03
N TYR C 349 27.15 41.46 -3.64
CA TYR C 349 26.09 42.46 -3.77
C TYR C 349 26.26 43.51 -4.87
N ILE C 350 25.21 43.66 -5.67
CA ILE C 350 25.14 44.63 -6.76
C ILE C 350 25.36 46.06 -6.27
N ILE C 351 25.87 46.92 -7.15
CA ILE C 351 25.96 48.34 -6.85
C ILE C 351 25.28 49.15 -7.95
N GLN C 352 24.48 50.13 -7.54
CA GLN C 352 23.71 50.92 -8.49
C GLN C 352 24.40 52.23 -8.81
N ASN C 353 24.82 52.41 -10.07
CA ASN C 353 25.40 53.68 -10.46
C ASN C 353 24.35 54.78 -10.63
N ASP C 354 24.81 56.03 -10.59
CA ASP C 354 23.95 57.20 -10.61
C ASP C 354 23.18 57.32 -11.92
N ARG C 355 23.62 56.55 -12.91
CA ARG C 355 23.16 56.67 -14.29
C ARG C 355 21.73 56.20 -14.48
N LYS C 356 21.05 56.82 -15.44
CA LYS C 356 19.66 56.51 -15.67
C LYS C 356 19.51 55.08 -16.16
N ILE C 357 18.45 54.45 -15.68
CA ILE C 357 18.06 53.09 -16.01
C ILE C 357 17.47 52.99 -17.39
N ILE C 358 17.71 51.91 -18.11
CA ILE C 358 16.94 51.81 -19.32
C ILE C 358 16.06 50.60 -19.22
N TRP C 359 14.82 50.80 -19.63
CA TRP C 359 13.86 49.73 -19.65
C TRP C 359 13.28 49.68 -21.05
N PRO C 360 12.65 48.57 -21.40
CA PRO C 360 12.05 48.46 -22.73
C PRO C 360 10.92 49.48 -22.86
N GLY C 361 10.85 50.16 -24.01
CA GLY C 361 9.84 51.17 -24.23
C GLY C 361 10.22 52.50 -23.63
N GLY C 362 9.33 53.48 -23.72
CA GLY C 362 9.60 54.79 -23.15
C GLY C 362 9.25 54.89 -21.69
N GLU C 363 10.01 54.20 -20.85
CA GLU C 363 9.76 54.21 -19.40
C GLU C 363 11.01 54.62 -18.63
N THR C 364 10.86 55.59 -17.72
CA THR C 364 11.97 56.05 -16.91
C THR C 364 12.49 54.95 -16.00
N GLU C 365 11.56 54.20 -15.41
CA GLU C 365 11.90 53.10 -14.52
C GLU C 365 10.99 51.91 -14.78
N ARG C 366 11.47 50.71 -14.45
CA ARG C 366 10.67 49.49 -14.67
C ARG C 366 10.01 48.90 -13.42
N PRO C 367 8.71 48.63 -13.55
CA PRO C 367 7.89 48.04 -12.48
C PRO C 367 7.91 46.51 -12.48
N GLN C 368 7.04 45.88 -11.71
CA GLN C 368 6.97 44.42 -11.69
C GLN C 368 6.48 43.89 -13.04
N GLY C 369 6.99 42.73 -13.44
CA GLY C 369 6.62 42.09 -14.70
C GLY C 369 5.72 40.90 -14.43
N TYR C 370 4.63 40.76 -15.18
CA TYR C 370 3.72 39.69 -14.91
C TYR C 370 2.31 40.14 -15.11
N GLN C 371 1.60 39.39 -15.90
CA GLN C 371 0.21 39.70 -16.12
C GLN C 371 -0.72 38.63 -15.65
N MET C 372 -1.38 38.89 -14.53
CA MET C 372 -2.43 37.99 -14.08
C MET C 372 -3.65 38.29 -14.93
N SER C 373 -3.70 37.67 -16.10
CA SER C 373 -4.79 37.92 -17.02
C SER C 373 -6.11 37.50 -16.44
N THR C 374 -7.12 38.32 -16.68
CA THR C 374 -8.45 37.94 -16.26
C THR C 374 -8.93 36.88 -17.18
N ARG C 375 -8.47 36.93 -18.43
CA ARG C 375 -8.85 35.91 -19.40
C ARG C 375 -8.20 34.63 -18.90
N LEU C 376 -8.96 33.53 -18.93
CA LEU C 376 -8.43 32.26 -18.47
C LEU C 376 -8.89 31.13 -19.37
N LYS C 377 -8.10 30.06 -19.39
CA LYS C 377 -8.46 28.90 -20.20
C LYS C 377 -8.98 27.83 -19.26
N ILE C 378 -10.21 27.41 -19.49
CA ILE C 378 -10.84 26.38 -18.66
C ILE C 378 -10.93 25.09 -19.45
N VAL C 379 -10.52 23.98 -18.84
CA VAL C 379 -10.65 22.71 -19.53
C VAL C 379 -11.70 21.92 -18.74
N THR C 380 -12.55 21.21 -19.47
CA THR C 380 -13.58 20.40 -18.83
C THR C 380 -13.75 19.12 -19.62
N ILE C 381 -14.71 18.31 -19.21
CA ILE C 381 -14.94 17.03 -19.85
C ILE C 381 -16.42 16.70 -19.84
N HIS C 382 -16.86 15.93 -20.83
CA HIS C 382 -18.25 15.51 -20.93
C HIS C 382 -18.56 14.53 -19.79
N GLN C 383 -19.54 14.86 -18.97
CA GLN C 383 -19.90 13.98 -17.85
C GLN C 383 -21.19 14.47 -17.23
N GLU C 384 -22.31 13.97 -17.75
CA GLU C 384 -23.63 14.35 -17.26
C GLU C 384 -23.80 13.86 -15.82
N PRO C 385 -24.50 14.63 -14.97
CA PRO C 385 -25.15 15.92 -15.22
C PRO C 385 -24.29 17.16 -14.91
N PHE C 386 -22.99 16.97 -14.73
CA PHE C 386 -22.12 18.10 -14.43
C PHE C 386 -21.75 18.88 -15.69
N VAL C 387 -21.56 18.15 -16.79
CA VAL C 387 -21.23 18.79 -18.05
C VAL C 387 -21.92 18.09 -19.20
N TYR C 388 -22.86 18.78 -19.85
CA TYR C 388 -23.54 18.25 -21.02
C TYR C 388 -22.82 18.87 -22.21
N VAL C 389 -22.75 18.14 -23.32
CA VAL C 389 -22.10 18.66 -24.53
C VAL C 389 -23.00 18.38 -25.72
N ARG C 390 -23.38 19.45 -26.43
CA ARG C 390 -24.26 19.34 -27.60
C ARG C 390 -23.73 20.19 -28.75
N PRO C 391 -24.10 19.85 -29.99
CA PRO C 391 -23.61 20.62 -31.14
C PRO C 391 -24.29 21.99 -31.16
N THR C 392 -23.61 23.00 -31.69
CA THR C 392 -24.20 24.33 -31.77
C THR C 392 -25.30 24.24 -32.83
N THR C 393 -26.00 25.34 -33.06
CA THR C 393 -27.03 25.36 -34.10
C THR C 393 -26.36 25.74 -35.41
N SER C 394 -27.11 25.70 -36.50
CA SER C 394 -26.58 26.04 -37.82
C SER C 394 -25.84 27.37 -37.81
N ASP C 395 -26.41 28.36 -37.12
CA ASP C 395 -25.79 29.67 -37.05
C ASP C 395 -24.62 29.76 -36.08
N GLY C 396 -24.22 28.62 -35.51
CA GLY C 396 -23.10 28.60 -34.59
C GLY C 396 -23.36 29.00 -33.15
N THR C 397 -24.63 29.13 -32.76
CA THR C 397 -24.94 29.49 -31.38
C THR C 397 -25.64 28.35 -30.66
N CYS C 398 -25.79 28.48 -29.35
CA CYS C 398 -26.45 27.44 -28.56
C CYS C 398 -27.94 27.69 -28.43
N ARG C 399 -28.71 26.64 -28.68
CA ARG C 399 -30.17 26.70 -28.61
C ARG C 399 -30.62 27.17 -27.23
N GLU C 400 -31.57 28.11 -27.23
CA GLU C 400 -32.09 28.65 -25.98
C GLU C 400 -33.01 27.62 -25.32
N GLU C 401 -32.66 27.19 -24.11
CA GLU C 401 -33.45 26.19 -23.37
C GLU C 401 -33.82 26.67 -21.97
N TYR C 402 -34.88 26.09 -21.43
CA TYR C 402 -35.40 26.44 -20.11
C TYR C 402 -35.42 25.27 -19.14
N THR C 403 -34.94 25.51 -17.93
CA THR C 403 -34.89 24.53 -16.85
C THR C 403 -36.25 24.36 -16.18
N ILE C 404 -36.36 23.37 -15.29
CA ILE C 404 -37.62 23.13 -14.59
C ILE C 404 -38.00 24.33 -13.74
N ASN C 405 -37.01 24.92 -13.08
CA ASN C 405 -37.19 26.11 -12.25
C ASN C 405 -37.78 27.28 -13.04
N GLY C 406 -37.40 27.37 -14.32
CA GLY C 406 -37.84 28.44 -15.21
C GLY C 406 -36.75 29.43 -15.54
N ASP C 407 -35.64 29.35 -14.83
CA ASP C 407 -34.50 30.20 -15.12
C ASP C 407 -33.92 29.70 -16.45
N PRO C 408 -33.44 30.61 -17.29
CA PRO C 408 -32.87 30.19 -18.57
C PRO C 408 -31.65 29.30 -18.35
N ILE C 409 -31.51 28.23 -19.11
CA ILE C 409 -30.38 27.34 -18.93
C ILE C 409 -29.16 28.07 -19.51
N LYS C 410 -28.21 28.39 -18.65
CA LYS C 410 -27.00 29.08 -19.10
C LYS C 410 -26.09 28.13 -19.87
N LYS C 411 -25.65 28.55 -21.05
CA LYS C 411 -24.77 27.71 -21.86
C LYS C 411 -23.55 28.51 -22.31
N VAL C 412 -22.46 27.80 -22.56
CA VAL C 412 -21.24 28.45 -23.02
C VAL C 412 -20.72 27.68 -24.23
N ILE C 413 -20.06 28.37 -25.14
CA ILE C 413 -19.51 27.71 -26.31
C ILE C 413 -18.17 27.11 -25.90
N CYS C 414 -18.04 25.79 -26.05
CA CYS C 414 -16.81 25.09 -25.69
C CYS C 414 -16.25 24.34 -26.88
N ASN C 415 -14.97 24.57 -27.12
CA ASN C 415 -14.28 23.96 -28.19
C ASN C 415 -14.42 22.48 -27.96
N GLY C 416 -14.71 21.78 -29.03
CA GLY C 416 -14.91 20.36 -28.96
C GLY C 416 -13.84 19.65 -29.74
N PRO C 417 -13.58 18.43 -29.33
CA PRO C 417 -12.59 17.56 -29.94
C PRO C 417 -13.23 16.67 -30.99
N ASP C 418 -12.63 15.52 -31.25
CA ASP C 418 -13.15 14.61 -32.27
C ASP C 418 -14.55 14.09 -31.99
N GLU C 419 -15.37 14.10 -33.04
CA GLU C 419 -16.75 13.62 -32.99
C GLU C 419 -16.82 12.12 -33.20
N THR C 420 -18.03 11.57 -33.12
CA THR C 420 -18.25 10.14 -33.33
C THR C 420 -17.85 9.74 -34.75
N ILE C 421 -18.16 10.59 -35.72
CA ILE C 421 -17.82 10.38 -37.13
C ILE C 421 -16.31 10.55 -37.32
N PRO C 422 -15.78 9.97 -38.41
CA PRO C 422 -14.34 10.03 -38.67
C PRO C 422 -13.81 11.46 -38.77
N GLY C 423 -12.62 11.67 -38.20
CA GLY C 423 -11.96 12.96 -38.16
C GLY C 423 -12.76 14.01 -37.41
N ARG C 424 -12.87 15.20 -38.00
CA ARG C 424 -13.62 16.31 -37.41
C ARG C 424 -13.17 16.64 -35.99
N PRO C 425 -11.87 16.65 -35.76
CA PRO C 425 -11.33 16.95 -34.42
C PRO C 425 -11.66 18.36 -33.95
N THR C 426 -11.57 19.32 -34.87
CA THR C 426 -11.88 20.72 -34.56
C THR C 426 -13.35 21.10 -34.74
N VAL C 427 -13.96 21.55 -33.63
CA VAL C 427 -15.37 21.96 -33.61
C VAL C 427 -15.70 22.94 -32.49
N PRO C 428 -16.84 23.62 -32.64
CA PRO C 428 -17.36 24.56 -31.63
C PRO C 428 -18.60 23.87 -31.07
N GLN C 429 -18.78 23.82 -29.75
CA GLN C 429 -19.92 23.03 -29.28
C GLN C 429 -20.58 23.75 -28.11
N CYS C 430 -21.66 23.18 -27.58
CA CYS C 430 -22.36 23.79 -26.45
C CYS C 430 -22.21 23.01 -25.15
N CYS C 431 -21.81 23.72 -24.10
CA CYS C 431 -21.59 23.12 -22.79
C CYS C 431 -22.50 23.77 -21.73
N TYR C 432 -22.99 22.97 -20.80
CA TYR C 432 -23.85 23.44 -19.73
C TYR C 432 -24.02 22.36 -18.66
N GLY C 433 -24.54 22.74 -17.50
CA GLY C 433 -24.73 21.79 -16.41
C GLY C 433 -24.19 22.30 -15.09
N PHE C 434 -24.22 21.45 -14.08
CA PHE C 434 -23.75 21.78 -12.74
C PHE C 434 -22.41 22.52 -12.76
N CYS C 435 -21.37 21.90 -13.31
CA CYS C 435 -20.05 22.51 -13.36
C CYS C 435 -20.00 23.81 -14.16
N VAL C 436 -20.82 23.94 -15.21
CA VAL C 436 -20.83 25.17 -15.99
C VAL C 436 -21.45 26.32 -15.18
N ASP C 437 -22.52 26.02 -14.42
CA ASP C 437 -23.13 27.06 -13.58
C ASP C 437 -22.12 27.50 -12.51
N LEU C 438 -21.31 26.55 -12.03
CA LEU C 438 -20.31 26.84 -10.99
C LEU C 438 -19.23 27.77 -11.56
N LEU C 439 -18.79 27.48 -12.78
CA LEU C 439 -17.78 28.29 -13.44
C LEU C 439 -18.29 29.73 -13.59
N ILE C 440 -19.51 29.87 -14.07
CA ILE C 440 -20.10 31.19 -14.26
C ILE C 440 -20.13 31.97 -12.95
N LYS C 441 -20.44 31.27 -11.86
CA LYS C 441 -20.50 31.91 -10.54
C LYS C 441 -19.10 32.34 -10.09
N LEU C 442 -18.14 31.44 -10.24
CA LEU C 442 -16.77 31.73 -9.85
C LEU C 442 -16.21 32.90 -10.65
N ALA C 443 -16.45 32.89 -11.96
CA ALA C 443 -15.94 33.95 -12.84
C ALA C 443 -16.54 35.31 -12.48
N ARG C 444 -17.83 35.34 -12.23
CA ARG C 444 -18.52 36.57 -11.82
C ARG C 444 -18.03 37.04 -10.45
N GLU C 445 -17.88 36.09 -9.52
CA GLU C 445 -17.41 36.37 -8.15
C GLU C 445 -15.97 36.88 -8.03
N MET C 446 -15.03 36.26 -8.74
CA MET C 446 -13.64 36.69 -8.75
C MET C 446 -13.33 37.63 -9.90
N ASP C 447 -14.36 37.98 -10.66
CA ASP C 447 -14.24 38.89 -11.79
C ASP C 447 -13.16 38.54 -12.81
N PHE C 448 -13.27 37.39 -13.46
CA PHE C 448 -12.30 37.02 -14.49
C PHE C 448 -13.02 36.50 -15.73
N THR C 449 -12.38 36.65 -16.89
CA THR C 449 -12.96 36.19 -18.16
C THR C 449 -12.32 34.85 -18.52
N TYR C 450 -13.02 34.07 -19.34
CA TYR C 450 -12.50 32.74 -19.67
C TYR C 450 -12.94 32.20 -21.04
N GLU C 451 -12.33 31.09 -21.42
CA GLU C 451 -12.64 30.39 -22.67
C GLU C 451 -12.63 28.93 -22.28
N VAL C 452 -13.64 28.18 -22.67
CA VAL C 452 -13.72 26.77 -22.29
C VAL C 452 -13.49 25.78 -23.43
N HIS C 453 -12.79 24.70 -23.14
CA HIS C 453 -12.57 23.66 -24.13
C HIS C 453 -12.63 22.28 -23.49
N LEU C 454 -12.96 21.28 -24.30
CA LEU C 454 -13.05 19.91 -23.83
C LEU C 454 -11.67 19.25 -23.94
N VAL C 455 -11.28 18.51 -22.92
CA VAL C 455 -9.93 17.94 -22.84
C VAL C 455 -9.54 16.97 -23.96
N ALA C 456 -8.30 17.13 -24.42
CA ALA C 456 -7.74 16.29 -25.46
C ALA C 456 -7.62 14.86 -24.94
N ASP C 457 -7.99 13.91 -25.80
CA ASP C 457 -7.98 12.44 -25.59
C ASP C 457 -9.07 11.92 -24.65
N GLY C 458 -10.02 12.78 -24.30
CA GLY C 458 -11.14 12.42 -23.46
C GLY C 458 -10.87 11.78 -22.11
N LYS C 459 -9.86 12.24 -21.36
CA LYS C 459 -9.66 11.56 -20.07
C LYS C 459 -9.53 12.51 -18.88
N PHE C 460 -9.79 11.99 -17.68
CA PHE C 460 -9.66 12.82 -16.48
C PHE C 460 -8.18 13.02 -16.17
N GLY C 461 -7.41 11.93 -16.10
CA GLY C 461 -5.99 12.09 -15.85
C GLY C 461 -5.31 11.17 -14.86
N THR C 462 -4.34 10.44 -15.42
CA THR C 462 -3.53 9.48 -14.70
C THR C 462 -2.15 9.45 -15.32
N GLN C 463 -1.13 9.29 -14.50
CA GLN C 463 0.23 9.17 -15.00
C GLN C 463 0.42 7.78 -15.59
N GLU C 464 1.25 7.66 -16.63
CA GLU C 464 1.53 6.34 -17.21
C GLU C 464 3.02 6.13 -17.04
N ARG C 465 3.41 5.06 -16.36
CA ARG C 465 4.83 4.84 -16.06
C ARG C 465 5.87 4.58 -17.15
N VAL C 466 5.63 3.57 -17.98
CA VAL C 466 6.62 3.20 -18.99
C VAL C 466 6.18 2.90 -20.42
N ASN C 467 5.75 3.91 -21.16
CA ASN C 467 5.45 3.71 -22.57
C ASN C 467 6.68 4.42 -23.10
N ASN C 468 7.60 3.66 -23.70
CA ASN C 468 8.90 4.18 -24.15
C ASN C 468 9.60 4.74 -22.90
N SER C 469 10.01 6.00 -22.92
CA SER C 469 10.67 6.63 -21.76
C SER C 469 9.67 6.84 -20.61
N ASN C 470 10.16 6.95 -19.38
CA ASN C 470 9.27 7.12 -18.21
C ASN C 470 8.40 8.35 -18.41
N ALA C 471 7.11 8.22 -18.11
CA ALA C 471 6.19 9.33 -18.40
C ALA C 471 5.42 9.88 -17.19
N ALA C 472 5.01 11.13 -17.33
CA ALA C 472 4.31 11.87 -16.30
C ALA C 472 2.80 11.68 -16.19
N ALA C 473 2.19 12.40 -15.27
CA ALA C 473 0.74 12.33 -15.11
C ALA C 473 0.15 13.34 -16.08
N TRP C 474 0.52 13.11 -17.35
CA TRP C 474 0.10 13.90 -18.49
C TRP C 474 -1.10 13.31 -19.21
N ASN C 475 -1.59 12.16 -18.73
CA ASN C 475 -2.72 11.49 -19.36
C ASN C 475 -4.02 12.28 -19.31
N GLY C 476 -4.72 12.29 -20.44
CA GLY C 476 -5.99 12.97 -20.59
C GLY C 476 -6.06 14.44 -20.27
N MET C 477 -7.09 14.82 -19.52
CA MET C 477 -7.35 16.20 -19.12
C MET C 477 -6.31 16.81 -18.18
N MET C 478 -5.81 16.03 -17.24
CA MET C 478 -4.86 16.53 -16.25
C MET C 478 -3.54 17.04 -16.84
N GLY C 479 -2.98 16.31 -17.81
CA GLY C 479 -1.73 16.74 -18.41
C GLY C 479 -1.88 18.05 -19.13
N GLU C 480 -2.96 18.17 -19.87
CA GLU C 480 -3.26 19.42 -20.56
C GLU C 480 -2.99 20.61 -19.66
N LEU C 481 -3.37 20.47 -18.40
CA LEU C 481 -3.21 21.52 -17.40
C LEU C 481 -1.73 21.76 -17.13
N LEU C 482 -0.98 20.67 -17.06
CA LEU C 482 0.46 20.68 -16.78
C LEU C 482 1.22 21.47 -17.85
N SER C 483 0.75 21.33 -19.08
CA SER C 483 1.32 22.02 -20.24
C SER C 483 1.12 23.52 -20.15
N GLY C 484 0.11 23.93 -19.39
CA GLY C 484 -0.24 25.33 -19.24
C GLY C 484 -1.32 25.79 -20.21
N GLN C 485 -1.79 24.87 -21.04
CA GLN C 485 -2.87 25.16 -21.98
C GLN C 485 -4.15 25.48 -21.22
N ALA C 486 -4.38 24.73 -20.15
CA ALA C 486 -5.54 24.93 -19.29
C ALA C 486 -5.05 25.55 -17.99
N ASP C 487 -5.66 26.65 -17.60
CA ASP C 487 -5.26 27.38 -16.39
C ASP C 487 -6.10 26.91 -15.21
N MET C 488 -7.19 26.20 -15.48
CA MET C 488 -8.06 25.74 -14.42
C MET C 488 -8.90 24.57 -14.91
N ILE C 489 -9.10 23.59 -14.04
CA ILE C 489 -9.92 22.43 -14.39
C ILE C 489 -11.26 22.61 -13.67
N VAL C 490 -12.35 22.65 -14.43
CA VAL C 490 -13.67 22.80 -13.84
C VAL C 490 -14.50 21.62 -14.33
N ALA C 491 -14.52 20.57 -13.51
CA ALA C 491 -15.23 19.33 -13.84
C ALA C 491 -15.39 18.48 -12.57
N PRO C 492 -16.02 17.30 -12.70
CA PRO C 492 -16.17 16.43 -11.53
C PRO C 492 -14.84 15.69 -11.37
N LEU C 493 -13.81 16.44 -11.01
CA LEU C 493 -12.45 15.95 -10.84
C LEU C 493 -12.21 15.51 -9.40
N THR C 494 -12.02 14.22 -9.20
CA THR C 494 -11.78 13.67 -7.87
C THR C 494 -10.46 14.14 -7.24
N ILE C 495 -10.56 14.58 -5.98
CA ILE C 495 -9.41 15.04 -5.22
C ILE C 495 -8.76 13.80 -4.62
N ASN C 496 -7.49 13.57 -4.95
CA ASN C 496 -6.77 12.42 -4.40
C ASN C 496 -5.30 12.75 -4.14
N ASN C 497 -4.65 11.89 -3.37
CA ASN C 497 -3.24 12.08 -3.01
C ASN C 497 -2.33 12.20 -4.24
N GLU C 498 -2.49 11.26 -5.16
CA GLU C 498 -1.68 11.23 -6.38
C GLU C 498 -1.66 12.56 -7.12
N ARG C 499 -2.84 13.14 -7.33
CA ARG C 499 -2.95 14.42 -8.04
C ARG C 499 -2.54 15.63 -7.22
N ALA C 500 -2.89 15.62 -5.92
CA ALA C 500 -2.57 16.71 -5.01
C ALA C 500 -1.07 16.96 -4.91
N GLN C 501 -0.28 15.94 -5.23
CA GLN C 501 1.17 16.09 -5.17
C GLN C 501 1.65 17.05 -6.25
N TYR C 502 0.89 17.18 -7.35
CA TYR C 502 1.29 18.04 -8.45
C TYR C 502 0.44 19.30 -8.68
N ILE C 503 -0.83 19.27 -8.31
CA ILE C 503 -1.68 20.44 -8.50
C ILE C 503 -2.37 20.86 -7.21
N GLU C 504 -3.08 21.99 -7.28
CA GLU C 504 -3.81 22.53 -6.14
C GLU C 504 -5.32 22.31 -6.32
N PHE C 505 -5.93 21.66 -5.34
CA PHE C 505 -7.37 21.42 -5.36
C PHE C 505 -8.05 22.39 -4.41
N SER C 506 -9.22 22.87 -4.77
CA SER C 506 -9.96 23.76 -3.90
C SER C 506 -10.61 22.83 -2.87
N LYS C 507 -11.34 23.41 -1.92
CA LYS C 507 -12.04 22.60 -0.95
C LYS C 507 -13.13 21.96 -1.82
N PRO C 508 -13.51 20.74 -1.46
CA PRO C 508 -14.41 19.93 -2.28
C PRO C 508 -15.77 20.53 -2.57
N PHE C 509 -16.20 20.50 -3.80
CA PHE C 509 -17.50 21.00 -4.04
C PHE C 509 -18.47 19.82 -4.05
N LYS C 510 -17.98 18.59 -3.89
CA LYS C 510 -18.94 17.51 -3.83
C LYS C 510 -18.32 16.29 -3.13
N TYR C 511 -19.07 15.67 -2.23
CA TYR C 511 -18.57 14.47 -1.56
C TYR C 511 -19.26 13.25 -2.16
N GLN C 512 -18.47 12.32 -2.68
CA GLN C 512 -19.03 11.11 -3.32
C GLN C 512 -18.19 9.85 -3.11
N GLY C 513 -18.85 8.69 -3.25
CA GLY C 513 -18.19 7.40 -3.10
C GLY C 513 -18.51 6.46 -4.25
N LEU C 514 -17.58 5.56 -4.55
CA LEU C 514 -17.76 4.61 -5.64
C LEU C 514 -18.84 3.59 -5.33
N THR C 515 -19.61 3.24 -6.35
CA THR C 515 -20.65 2.23 -6.21
C THR C 515 -20.66 1.38 -7.49
N ILE C 516 -21.64 0.49 -7.61
CA ILE C 516 -21.72 -0.39 -8.76
C ILE C 516 -23.06 -0.29 -9.46
N LEU C 517 -23.04 -0.18 -10.79
CA LEU C 517 -24.27 -0.08 -11.58
C LEU C 517 -24.52 -1.38 -12.32
N VAL C 518 -25.73 -1.91 -12.19
CA VAL C 518 -26.12 -3.16 -12.83
C VAL C 518 -27.52 -3.10 -13.40
N LYS C 519 -27.85 -4.01 -14.30
CA LYS C 519 -29.16 -4.00 -14.94
C LYS C 519 -30.30 -4.22 -13.94
N LYS C 520 -31.49 -3.76 -14.31
CA LYS C 520 -32.68 -3.89 -13.45
C LYS C 520 -33.11 -5.35 -13.23
N GLU C 521 -33.61 -5.63 -12.04
CA GLU C 521 -34.06 -6.97 -11.64
C GLU C 521 -35.35 -7.46 -12.31
N ILE C 522 -35.46 -8.79 -12.43
CA ILE C 522 -36.62 -9.45 -13.04
C ILE C 522 -37.89 -9.38 -12.19
N PRO C 523 -39.05 -9.47 -12.86
CA PRO C 523 -40.36 -9.41 -12.19
C PRO C 523 -41.01 -10.74 -11.74
N ARG C 524 -42.30 -10.67 -11.38
CA ARG C 524 -43.06 -11.82 -10.90
C ARG C 524 -44.38 -12.07 -11.63
N SER C 525 -44.84 -13.31 -11.57
CA SER C 525 -46.09 -13.77 -12.22
C SER C 525 -47.43 -13.34 -11.60
N THR C 526 -48.47 -13.40 -12.42
CA THR C 526 -49.84 -13.03 -12.06
C THR C 526 -50.54 -14.06 -11.15
N LEU C 527 -51.64 -13.66 -10.52
CA LEU C 527 -52.36 -14.53 -9.59
C LEU C 527 -52.90 -15.83 -10.22
N ASP C 528 -53.50 -15.75 -11.40
CA ASP C 528 -53.95 -16.98 -12.05
C ASP C 528 -52.80 -17.97 -12.15
N SER C 529 -51.62 -17.47 -12.51
CA SER C 529 -50.41 -18.28 -12.61
C SER C 529 -50.04 -18.83 -11.23
N PHE C 530 -50.22 -17.97 -10.22
CA PHE C 530 -49.97 -18.29 -8.82
C PHE C 530 -50.89 -19.39 -8.31
N MET C 531 -52.12 -19.38 -8.82
CA MET C 531 -53.15 -20.34 -8.44
C MET C 531 -52.78 -21.78 -8.82
N GLN C 532 -52.10 -21.94 -9.93
CA GLN C 532 -51.71 -23.26 -10.43
C GLN C 532 -50.82 -24.05 -9.45
N PRO C 533 -49.89 -23.37 -8.78
CA PRO C 533 -49.01 -24.04 -7.83
C PRO C 533 -49.78 -24.69 -6.68
N PHE C 534 -50.80 -24.02 -6.13
CA PHE C 534 -51.59 -24.64 -5.07
C PHE C 534 -53.11 -24.71 -5.28
N GLN C 535 -53.74 -23.63 -5.72
CA GLN C 535 -55.20 -23.65 -5.82
C GLN C 535 -55.91 -24.63 -6.78
N SER C 536 -55.40 -24.80 -8.00
CA SER C 536 -56.08 -25.66 -8.97
C SER C 536 -56.17 -27.16 -8.66
N THR C 537 -55.07 -27.77 -8.23
CA THR C 537 -55.09 -29.21 -7.95
C THR C 537 -56.04 -29.52 -6.81
N LEU C 538 -55.96 -28.71 -5.76
CA LEU C 538 -56.82 -28.89 -4.60
C LEU C 538 -58.26 -28.69 -5.01
N TRP C 539 -58.52 -27.67 -5.82
CA TRP C 539 -59.88 -27.40 -6.24
C TRP C 539 -60.45 -28.59 -7.00
N LEU C 540 -59.66 -29.17 -7.89
CA LEU C 540 -60.14 -30.33 -8.63
C LEU C 540 -60.41 -31.55 -7.74
N LEU C 541 -59.47 -31.84 -6.84
CA LEU C 541 -59.60 -33.00 -5.94
C LEU C 541 -60.71 -32.95 -4.88
N VAL C 542 -60.85 -31.76 -4.31
CA VAL C 542 -61.74 -31.45 -3.22
C VAL C 542 -63.12 -31.30 -3.77
N GLY C 543 -63.27 -30.57 -4.87
CA GLY C 543 -64.57 -30.42 -5.50
C GLY C 543 -65.16 -31.81 -5.77
N LEU C 544 -64.33 -32.73 -6.21
CA LEU C 544 -64.79 -34.06 -6.46
C LEU C 544 -65.20 -34.74 -5.16
N SER C 545 -64.44 -34.47 -4.11
CA SER C 545 -64.65 -35.02 -2.77
C SER C 545 -65.99 -34.60 -2.18
N VAL C 546 -66.42 -33.38 -2.45
CA VAL C 546 -67.69 -32.89 -1.91
C VAL C 546 -68.88 -33.73 -2.40
N HIS C 547 -68.86 -34.08 -3.68
CA HIS C 547 -69.95 -34.87 -4.26
C HIS C 547 -70.06 -36.24 -3.59
N VAL C 548 -68.92 -36.86 -3.33
CA VAL C 548 -68.90 -38.17 -2.70
C VAL C 548 -69.49 -38.08 -1.30
N VAL C 549 -69.13 -37.02 -0.58
CA VAL C 549 -69.64 -36.81 0.77
C VAL C 549 -71.15 -36.63 0.73
N ALA C 550 -71.63 -35.88 -0.26
CA ALA C 550 -73.07 -35.66 -0.40
C ALA C 550 -73.79 -36.97 -0.67
N VAL C 551 -73.17 -37.80 -1.51
CA VAL C 551 -73.72 -39.10 -1.86
C VAL C 551 -73.80 -40.02 -0.65
N MET C 552 -72.79 -39.95 0.21
CA MET C 552 -72.73 -40.82 1.39
C MET C 552 -73.89 -40.64 2.36
N LEU C 553 -74.29 -39.40 2.59
CA LEU C 553 -75.40 -39.11 3.52
C LEU C 553 -76.75 -39.66 3.02
N TYR C 554 -76.94 -39.45 1.72
CA TYR C 554 -78.14 -39.90 1.02
C TYR C 554 -78.23 -41.42 1.06
N LEU C 555 -77.10 -42.09 0.87
CA LEU C 555 -77.12 -43.54 0.90
C LEU C 555 -78.07 -44.05 1.99
N LEU C 556 -77.76 -43.71 3.24
CA LEU C 556 -78.57 -44.12 4.36
C LEU C 556 -79.98 -43.55 4.25
N ASP C 557 -80.06 -42.28 3.85
CA ASP C 557 -81.35 -41.61 3.69
C ASP C 557 -82.17 -42.33 2.62
N ARG C 558 -81.52 -42.69 1.52
CA ARG C 558 -82.18 -43.39 0.43
C ARG C 558 -82.69 -44.74 0.91
N PHE C 559 -81.88 -45.42 1.70
CA PHE C 559 -82.28 -46.72 2.25
C PHE C 559 -83.49 -46.60 3.16
N SER C 560 -83.52 -45.55 3.98
CA SER C 560 -84.62 -45.33 4.91
C SER C 560 -84.72 -43.89 5.39
N LEU C 577 -84.29 -33.17 -7.64
CA LEU C 577 -82.87 -32.82 -7.68
C LEU C 577 -82.27 -32.84 -6.28
N THR C 578 -82.44 -33.96 -5.58
CA THR C 578 -81.92 -34.10 -4.22
C THR C 578 -80.39 -34.02 -4.24
N LEU C 579 -79.78 -34.67 -5.23
CA LEU C 579 -78.33 -34.65 -5.36
C LEU C 579 -77.83 -33.23 -5.59
N SER C 580 -78.55 -32.50 -6.44
CA SER C 580 -78.20 -31.12 -6.74
C SER C 580 -78.30 -30.26 -5.47
N SER C 581 -79.34 -30.51 -4.68
CA SER C 581 -79.53 -29.78 -3.43
C SER C 581 -78.38 -30.06 -2.48
N ALA C 582 -77.97 -31.33 -2.42
CA ALA C 582 -76.86 -31.73 -1.56
C ALA C 582 -75.58 -31.02 -2.00
N MET C 583 -75.37 -30.95 -3.31
CA MET C 583 -74.19 -30.29 -3.86
C MET C 583 -74.20 -28.81 -3.49
N TRP C 584 -75.38 -28.19 -3.56
CA TRP C 584 -75.52 -26.78 -3.21
C TRP C 584 -75.19 -26.57 -1.74
N PHE C 585 -75.66 -27.50 -0.90
CA PHE C 585 -75.40 -27.43 0.53
C PHE C 585 -73.91 -27.54 0.81
N SER C 586 -73.24 -28.43 0.07
CA SER C 586 -71.81 -28.64 0.23
C SER C 586 -71.02 -27.50 -0.41
N TRP C 587 -71.56 -26.94 -1.48
CA TRP C 587 -70.90 -25.85 -2.19
C TRP C 587 -71.13 -24.63 -1.32
N ARG C 588 -72.20 -24.63 -0.55
CA ARG C 588 -72.47 -23.41 0.21
C ARG C 588 -71.21 -23.02 0.96
N VAL C 589 -70.49 -23.99 1.49
CA VAL C 589 -69.23 -23.73 2.18
C VAL C 589 -68.10 -23.13 1.31
N LEU C 590 -67.89 -23.71 0.13
CA LEU C 590 -66.76 -23.31 -0.72
C LEU C 590 -66.70 -21.88 -1.27
N LEU C 591 -67.72 -21.56 -2.02
CA LEU C 591 -67.87 -20.21 -2.49
C LEU C 591 -68.13 -19.30 -1.28
N ASN C 592 -68.75 -19.89 -0.23
CA ASN C 592 -69.23 -19.27 1.01
C ASN C 592 -70.49 -18.44 0.76
N SER C 593 -71.16 -18.75 -0.35
CA SER C 593 -72.39 -18.15 -0.81
C SER C 593 -73.45 -18.46 0.20
N GLY C 594 -73.46 -19.72 0.66
CA GLY C 594 -74.44 -20.13 1.63
C GLY C 594 -75.80 -19.87 1.06
N LEU C 595 -76.04 -20.39 -0.13
CA LEU C 595 -77.31 -20.14 -0.80
C LEU C 595 -78.45 -20.65 0.07
N GLY C 596 -78.21 -21.76 0.76
CA GLY C 596 -79.19 -22.37 1.65
C GLY C 596 -80.44 -22.86 0.96
N GLU C 597 -80.28 -23.35 -0.27
CA GLU C 597 -81.40 -23.87 -1.03
C GLU C 597 -82.01 -25.11 -0.36
N GLY C 598 -81.16 -25.96 0.19
CA GLY C 598 -81.63 -27.17 0.84
C GLY C 598 -81.06 -27.51 2.21
N ALA C 599 -81.84 -28.27 2.97
CA ALA C 599 -81.44 -28.69 4.33
C ALA C 599 -81.42 -30.21 4.44
N PRO C 600 -80.61 -30.71 5.37
CA PRO C 600 -80.46 -32.17 5.55
C PRO C 600 -81.77 -32.86 5.97
N ARG C 601 -82.03 -33.99 5.33
CA ARG C 601 -83.23 -34.80 5.57
C ARG C 601 -83.39 -35.45 6.96
N SER C 602 -82.30 -35.98 7.50
CA SER C 602 -82.38 -36.67 8.80
C SER C 602 -81.32 -36.33 9.85
N PHE C 603 -81.68 -36.58 11.10
CA PHE C 603 -80.81 -36.35 12.26
C PHE C 603 -79.45 -37.03 12.08
N SER C 604 -79.47 -38.23 11.49
CA SER C 604 -78.24 -38.97 11.21
C SER C 604 -77.39 -38.18 10.20
N ALA C 605 -78.06 -37.59 9.21
CA ALA C 605 -77.41 -36.76 8.20
C ALA C 605 -76.79 -35.52 8.87
N ARG C 606 -77.52 -34.98 9.85
CA ARG C 606 -77.06 -33.81 10.60
C ARG C 606 -75.78 -34.18 11.34
N ILE C 607 -75.77 -35.37 11.93
CA ILE C 607 -74.57 -35.85 12.61
C ILE C 607 -73.59 -35.89 11.45
N LEU C 608 -74.11 -36.32 10.31
CA LEU C 608 -73.39 -36.36 9.04
C LEU C 608 -73.07 -34.91 8.65
N GLY C 609 -74.07 -34.04 8.81
CA GLY C 609 -73.92 -32.62 8.59
C GLY C 609 -72.96 -32.08 9.65
N MET C 610 -73.12 -32.56 10.87
CA MET C 610 -72.26 -32.18 11.98
C MET C 610 -70.85 -32.62 11.63
N VAL C 611 -70.72 -33.83 11.07
CA VAL C 611 -69.41 -34.26 10.66
C VAL C 611 -68.86 -33.46 9.46
N TRP C 612 -69.56 -33.62 8.34
CA TRP C 612 -69.24 -33.00 7.07
C TRP C 612 -69.26 -31.49 7.08
N ALA C 613 -70.21 -30.88 7.80
CA ALA C 613 -70.27 -29.43 7.83
C ALA C 613 -69.00 -28.87 8.47
N LEU C 614 -68.57 -29.51 9.56
CA LEU C 614 -67.36 -29.09 10.27
C LEU C 614 -66.15 -29.26 9.36
N PHE C 615 -66.12 -30.36 8.62
CA PHE C 615 -65.02 -30.64 7.70
C PHE C 615 -64.97 -29.58 6.61
N ALA C 616 -66.15 -29.20 6.12
CA ALA C 616 -66.25 -28.18 5.08
C ALA C 616 -65.72 -26.85 5.62
N MET C 617 -66.05 -26.55 6.87
CA MET C 617 -65.59 -25.32 7.50
C MET C 617 -64.07 -25.34 7.60
N ILE C 618 -63.51 -26.49 7.97
CA ILE C 618 -62.07 -26.65 8.06
C ILE C 618 -61.41 -26.48 6.69
N ILE C 619 -62.06 -27.02 5.67
CA ILE C 619 -61.57 -26.94 4.30
C ILE C 619 -61.49 -25.50 3.83
N VAL C 620 -62.49 -24.70 4.16
CA VAL C 620 -62.45 -23.31 3.77
C VAL C 620 -61.48 -22.55 4.63
N ALA C 621 -61.42 -22.86 5.93
CA ALA C 621 -60.40 -22.21 6.74
C ALA C 621 -59.02 -22.53 6.14
N SER C 622 -58.84 -23.75 5.64
CA SER C 622 -57.59 -24.05 4.95
C SER C 622 -57.49 -23.25 3.65
N TYR C 623 -58.62 -22.89 3.08
CA TYR C 623 -58.60 -22.01 1.93
C TYR C 623 -58.20 -20.63 2.37
N THR C 624 -58.52 -20.26 3.60
CA THR C 624 -58.05 -18.98 4.12
C THR C 624 -56.56 -19.10 4.38
N ALA C 625 -56.07 -20.31 4.62
CA ALA C 625 -54.64 -20.48 4.68
C ALA C 625 -54.07 -20.25 3.29
N ASN C 626 -54.78 -20.73 2.26
CA ASN C 626 -54.37 -20.46 0.90
C ASN C 626 -54.41 -18.98 0.65
N LEU C 627 -55.44 -18.31 1.16
CA LEU C 627 -55.54 -16.87 1.11
C LEU C 627 -54.27 -16.27 1.68
N ALA C 628 -53.83 -16.80 2.82
CA ALA C 628 -52.62 -16.32 3.50
C ALA C 628 -51.37 -16.52 2.65
N ALA C 629 -51.34 -17.62 1.90
CA ALA C 629 -50.22 -18.00 1.05
C ALA C 629 -49.91 -17.01 -0.08
N PHE C 630 -50.90 -16.24 -0.49
CA PHE C 630 -50.72 -15.26 -1.56
C PHE C 630 -49.69 -14.17 -1.23
N LEU C 631 -49.69 -13.74 0.04
CA LEU C 631 -48.79 -12.69 0.53
C LEU C 631 -47.30 -13.02 0.50
N VAL C 632 -46.98 -14.31 0.56
CA VAL C 632 -45.59 -14.78 0.59
C VAL C 632 -44.71 -14.44 -0.61
N LEU C 633 -45.33 -14.16 -1.75
CA LEU C 633 -44.62 -13.88 -2.99
C LEU C 633 -43.57 -12.79 -2.86
N ARG C 634 -43.17 -12.46 -1.63
CA ARG C 634 -42.13 -11.47 -1.42
C ARG C 634 -40.83 -12.07 -1.97
N ARG C 635 -40.02 -11.24 -2.62
CA ARG C 635 -38.78 -11.76 -3.19
C ARG C 635 -37.51 -11.26 -2.52
N PRO C 636 -36.68 -12.23 -2.09
CA PRO C 636 -35.40 -11.93 -1.44
C PRO C 636 -34.45 -11.24 -2.41
N GLU C 637 -34.49 -11.68 -3.67
CA GLU C 637 -33.66 -11.14 -4.75
C GLU C 637 -32.17 -11.25 -4.45
N GLU C 638 -31.45 -10.15 -4.64
CA GLU C 638 -30.00 -10.13 -4.40
C GLU C 638 -29.34 -8.76 -4.55
N ARG C 639 -28.19 -8.65 -3.88
CA ARG C 639 -27.33 -7.47 -3.89
C ARG C 639 -25.87 -7.96 -3.90
N ILE C 640 -24.96 -7.17 -4.45
CA ILE C 640 -23.57 -7.60 -4.50
C ILE C 640 -22.60 -6.74 -3.69
N THR C 641 -21.92 -7.37 -2.74
CA THR C 641 -20.98 -6.68 -1.86
C THR C 641 -19.71 -6.21 -2.56
N GLY C 642 -19.18 -5.08 -2.13
CA GLY C 642 -17.96 -4.56 -2.72
C GLY C 642 -16.80 -5.51 -2.53
N ILE C 643 -16.65 -6.04 -1.32
CA ILE C 643 -15.56 -6.98 -1.04
C ILE C 643 -16.03 -8.38 -0.64
N ASN C 644 -17.15 -8.43 0.08
CA ASN C 644 -17.72 -9.70 0.54
C ASN C 644 -18.18 -10.63 -0.57
N ASP C 645 -18.78 -10.05 -1.61
CA ASP C 645 -19.30 -10.82 -2.73
C ASP C 645 -18.25 -11.58 -3.55
N PRO C 646 -18.69 -12.70 -4.10
CA PRO C 646 -17.86 -13.59 -4.91
C PRO C 646 -17.31 -12.94 -6.18
N ARG C 647 -18.09 -12.06 -6.81
CA ARG C 647 -17.65 -11.45 -8.06
C ARG C 647 -16.35 -10.65 -7.88
N LEU C 648 -16.23 -9.89 -6.79
CA LEU C 648 -14.99 -9.16 -6.57
C LEU C 648 -13.92 -10.23 -6.38
N ARG C 649 -14.30 -11.26 -5.65
CA ARG C 649 -13.43 -12.40 -5.39
C ARG C 649 -12.91 -13.03 -6.67
N ASN C 650 -13.70 -13.01 -7.71
CA ASN C 650 -13.14 -13.45 -8.96
C ASN C 650 -13.87 -12.72 -10.04
N PRO C 651 -13.15 -12.26 -11.06
CA PRO C 651 -13.86 -11.62 -12.14
C PRO C 651 -14.38 -12.90 -12.77
N SER C 652 -15.69 -13.11 -12.68
CA SER C 652 -16.23 -14.32 -13.23
C SER C 652 -16.07 -14.23 -14.72
N ASP C 653 -15.70 -15.33 -15.34
CA ASP C 653 -15.54 -15.33 -16.78
C ASP C 653 -16.90 -15.00 -17.40
N LYS C 654 -17.95 -15.65 -16.91
CA LYS C 654 -19.30 -15.36 -17.36
C LYS C 654 -19.76 -13.97 -16.92
N PHE C 655 -19.20 -13.46 -15.82
CA PHE C 655 -19.71 -12.20 -15.30
C PHE C 655 -18.67 -11.09 -15.49
N ILE C 656 -18.84 -10.30 -16.55
CA ILE C 656 -17.91 -9.22 -16.85
C ILE C 656 -18.26 -7.90 -16.16
N TYR C 657 -17.23 -7.26 -15.61
CA TYR C 657 -17.42 -5.97 -14.97
C TYR C 657 -16.23 -5.11 -15.37
N ALA C 658 -16.40 -3.79 -15.31
CA ALA C 658 -15.34 -2.88 -15.71
C ALA C 658 -15.58 -1.45 -15.25
N THR C 659 -14.65 -0.58 -15.59
CA THR C 659 -14.75 0.82 -15.23
C THR C 659 -14.26 1.62 -16.45
N VAL C 660 -14.00 2.91 -16.26
CA VAL C 660 -13.55 3.75 -17.36
C VAL C 660 -12.02 3.79 -17.41
N LYS C 661 -11.46 3.69 -18.60
CA LYS C 661 -10.01 3.73 -18.77
C LYS C 661 -9.44 5.08 -18.35
N GLN C 662 -8.21 5.07 -17.85
CA GLN C 662 -7.51 6.29 -17.45
C GLN C 662 -8.34 7.19 -16.54
N SER C 663 -8.98 6.58 -15.56
CA SER C 663 -9.81 7.29 -14.59
C SER C 663 -9.29 7.03 -13.19
N SER C 664 -9.82 7.78 -12.23
CA SER C 664 -9.43 7.64 -10.83
C SER C 664 -9.76 6.25 -10.32
N VAL C 665 -10.77 5.64 -10.90
CA VAL C 665 -11.18 4.29 -10.50
C VAL C 665 -10.12 3.31 -10.98
N ASP C 666 -9.58 3.56 -12.16
CA ASP C 666 -8.54 2.70 -12.71
C ASP C 666 -7.33 2.79 -11.77
N ILE C 667 -6.99 4.01 -11.35
CA ILE C 667 -5.87 4.24 -10.43
C ILE C 667 -6.09 3.48 -9.12
N TYR C 668 -7.32 3.54 -8.61
CA TYR C 668 -7.68 2.88 -7.35
C TYR C 668 -7.47 1.38 -7.34
N PHE C 669 -8.02 0.69 -8.35
CA PHE C 669 -7.85 -0.76 -8.40
C PHE C 669 -6.43 -1.20 -8.76
N ARG C 670 -5.69 -0.35 -9.46
CA ARG C 670 -4.32 -0.68 -9.83
C ARG C 670 -3.36 -0.43 -8.66
N ARG C 671 -3.77 0.44 -7.74
CA ARG C 671 -2.97 0.77 -6.57
C ARG C 671 -3.06 -0.26 -5.44
N GLN C 672 -4.29 -0.68 -5.13
CA GLN C 672 -4.51 -1.65 -4.06
C GLN C 672 -4.17 -3.10 -4.44
N VAL C 673 -3.16 -3.63 -3.75
CA VAL C 673 -2.64 -4.99 -3.97
C VAL C 673 -3.62 -6.14 -3.73
N GLU C 674 -4.51 -5.99 -2.73
CA GLU C 674 -5.54 -6.96 -2.31
C GLU C 674 -6.67 -7.23 -3.33
N LEU C 675 -6.84 -6.29 -4.24
CA LEU C 675 -7.79 -6.37 -5.34
C LEU C 675 -7.18 -7.02 -6.59
N SER C 676 -5.92 -6.65 -6.88
CA SER C 676 -5.19 -7.14 -8.04
C SER C 676 -6.01 -8.09 -8.91
N THR C 677 -6.76 -9.00 -8.30
CA THR C 677 -7.56 -9.94 -9.07
C THR C 677 -8.63 -9.19 -9.88
N MET C 678 -9.29 -8.23 -9.25
CA MET C 678 -10.31 -7.46 -9.95
C MET C 678 -9.67 -6.60 -11.04
N TYR C 679 -8.53 -5.99 -10.72
CA TYR C 679 -7.83 -5.16 -11.69
C TYR C 679 -7.51 -5.90 -12.99
N ARG C 680 -6.99 -7.12 -12.88
CA ARG C 680 -6.64 -7.91 -14.05
C ARG C 680 -7.86 -8.25 -14.90
N HIS C 681 -8.99 -8.49 -14.24
CA HIS C 681 -10.22 -8.81 -14.96
C HIS C 681 -10.73 -7.58 -15.70
N MET C 682 -10.70 -6.44 -15.02
CA MET C 682 -11.18 -5.20 -15.63
C MET C 682 -10.28 -4.67 -16.75
N GLU C 683 -8.98 -4.88 -16.63
CA GLU C 683 -8.04 -4.42 -17.64
C GLU C 683 -8.41 -4.92 -19.04
N LYS C 684 -9.17 -5.99 -19.10
CA LYS C 684 -9.57 -6.56 -20.39
C LYS C 684 -10.93 -6.07 -20.87
N HIS C 685 -11.63 -5.27 -20.07
CA HIS C 685 -12.96 -4.81 -20.45
C HIS C 685 -13.27 -3.33 -20.28
N ASN C 686 -12.38 -2.56 -19.66
CA ASN C 686 -12.63 -1.14 -19.43
C ASN C 686 -13.04 -0.34 -20.67
N TYR C 687 -13.99 0.58 -20.49
CA TYR C 687 -14.50 1.42 -21.56
C TYR C 687 -13.85 2.80 -21.67
N GLU C 688 -13.90 3.37 -22.87
CA GLU C 688 -13.32 4.68 -23.15
C GLU C 688 -14.03 5.83 -22.44
N SER C 689 -15.30 5.64 -22.11
CA SER C 689 -16.07 6.68 -21.43
C SER C 689 -17.21 6.09 -20.61
N ALA C 690 -17.65 6.84 -19.62
CA ALA C 690 -18.74 6.38 -18.75
C ALA C 690 -20.02 6.14 -19.53
N ALA C 691 -20.33 7.04 -20.46
CA ALA C 691 -21.53 6.91 -21.28
C ALA C 691 -21.60 5.55 -21.99
N GLU C 692 -20.49 5.16 -22.60
CA GLU C 692 -20.42 3.89 -23.32
C GLU C 692 -20.59 2.67 -22.42
N ALA C 693 -19.97 2.68 -21.24
CA ALA C 693 -20.09 1.56 -20.33
C ALA C 693 -21.52 1.41 -19.86
N ILE C 694 -22.15 2.54 -19.53
CA ILE C 694 -23.53 2.55 -19.07
C ILE C 694 -24.45 1.95 -20.12
N GLN C 695 -24.22 2.34 -21.37
CA GLN C 695 -25.01 1.84 -22.49
C GLN C 695 -24.81 0.34 -22.61
N ALA C 696 -23.58 -0.11 -22.38
CA ALA C 696 -23.25 -1.53 -22.46
C ALA C 696 -24.01 -2.33 -21.39
N VAL C 697 -24.23 -1.71 -20.23
CA VAL C 697 -24.95 -2.39 -19.17
C VAL C 697 -26.40 -2.59 -19.59
N ARG C 698 -26.97 -1.57 -20.22
CA ARG C 698 -28.35 -1.64 -20.69
C ARG C 698 -28.50 -2.70 -21.78
N ASP C 699 -27.45 -2.87 -22.58
CA ASP C 699 -27.48 -3.84 -23.67
C ASP C 699 -26.92 -5.21 -23.29
N ASN C 700 -26.84 -5.49 -22.00
CA ASN C 700 -26.34 -6.77 -21.52
C ASN C 700 -24.96 -7.13 -22.08
N LYS C 701 -24.17 -6.12 -22.44
CA LYS C 701 -22.83 -6.37 -22.96
C LYS C 701 -21.83 -6.27 -21.81
N LEU C 702 -22.26 -5.62 -20.73
CA LEU C 702 -21.44 -5.44 -19.53
C LEU C 702 -22.39 -5.77 -18.38
N HIS C 703 -21.93 -6.59 -17.44
CA HIS C 703 -22.76 -6.98 -16.31
C HIS C 703 -22.69 -6.02 -15.12
N ALA C 704 -21.58 -5.32 -14.96
CA ALA C 704 -21.43 -4.39 -13.84
C ALA C 704 -20.46 -3.27 -14.15
N PHE C 705 -20.87 -2.04 -13.83
CA PHE C 705 -20.03 -0.87 -14.07
C PHE C 705 -19.68 -0.20 -12.74
N ILE C 706 -18.38 -0.18 -12.42
CA ILE C 706 -17.88 0.42 -11.18
C ILE C 706 -17.50 1.87 -11.48
N TRP C 707 -18.23 2.81 -10.89
CA TRP C 707 -18.00 4.24 -11.15
C TRP C 707 -18.43 5.13 -9.99
N ASP C 708 -18.32 6.45 -10.18
CA ASP C 708 -18.70 7.43 -9.16
C ASP C 708 -20.18 7.38 -8.83
N SER C 709 -20.48 7.33 -7.54
CA SER C 709 -21.86 7.25 -7.07
C SER C 709 -22.68 8.49 -7.46
N ALA C 710 -22.02 9.65 -7.53
CA ALA C 710 -22.72 10.88 -7.88
C ALA C 710 -23.29 10.76 -9.30
N VAL C 711 -22.58 10.04 -10.16
CA VAL C 711 -23.00 9.84 -11.55
C VAL C 711 -23.96 8.65 -11.68
N LEU C 712 -23.58 7.51 -11.09
CA LEU C 712 -24.40 6.31 -11.16
C LEU C 712 -25.76 6.47 -10.51
N GLU C 713 -25.80 7.14 -9.35
CA GLU C 713 -27.07 7.35 -8.66
C GLU C 713 -27.99 8.16 -9.58
N PHE C 714 -27.41 9.14 -10.27
CA PHE C 714 -28.18 9.96 -11.19
C PHE C 714 -28.71 9.13 -12.35
N GLU C 715 -27.85 8.31 -12.95
CA GLU C 715 -28.24 7.47 -14.06
C GLU C 715 -29.36 6.51 -13.65
N ALA C 716 -29.24 5.92 -12.47
CA ALA C 716 -30.24 4.99 -11.97
C ALA C 716 -31.57 5.69 -11.72
N SER C 717 -31.51 7.00 -11.50
CA SER C 717 -32.73 7.76 -11.24
C SER C 717 -33.43 8.18 -12.54
N GLN C 718 -32.71 8.10 -13.66
CA GLN C 718 -33.26 8.48 -14.95
C GLN C 718 -33.64 7.26 -15.80
N ASP C 719 -32.92 6.17 -15.61
CA ASP C 719 -33.17 4.93 -16.36
C ASP C 719 -33.53 3.84 -15.35
N CYS C 720 -34.80 3.52 -15.30
CA CYS C 720 -35.32 2.54 -14.36
C CYS C 720 -34.94 1.09 -14.63
N ASP C 721 -34.22 0.85 -15.72
CA ASP C 721 -33.79 -0.50 -16.05
C ASP C 721 -32.39 -0.74 -15.48
N LEU C 722 -31.84 0.30 -14.85
CA LEU C 722 -30.52 0.23 -14.24
C LEU C 722 -30.61 0.53 -12.75
N VAL C 723 -29.79 -0.13 -11.95
CA VAL C 723 -29.78 0.06 -10.50
C VAL C 723 -28.36 -0.02 -9.93
N THR C 724 -28.17 0.53 -8.72
CA THR C 724 -26.86 0.51 -8.08
C THR C 724 -26.78 -0.62 -7.05
N THR C 725 -25.56 -1.10 -6.87
CA THR C 725 -25.27 -2.02 -5.78
C THR C 725 -25.28 -1.15 -4.53
N GLY C 726 -25.76 -1.68 -3.42
CA GLY C 726 -25.85 -0.88 -2.22
C GLY C 726 -24.59 -0.34 -1.56
N GLU C 727 -23.53 -1.13 -1.50
CA GLU C 727 -22.32 -0.69 -0.82
C GLU C 727 -21.66 0.54 -1.45
N LEU C 728 -21.18 1.43 -0.61
CA LEU C 728 -20.46 2.59 -1.07
C LEU C 728 -19.08 2.40 -0.52
N PHE C 729 -18.07 2.47 -1.37
CA PHE C 729 -16.70 2.24 -0.94
C PHE C 729 -15.82 3.34 -1.53
N PHE C 730 -14.57 3.40 -1.08
CA PHE C 730 -13.62 4.43 -1.53
C PHE C 730 -14.30 5.80 -1.55
N ARG C 731 -14.73 6.26 -0.38
CA ARG C 731 -15.37 7.55 -0.28
C ARG C 731 -14.38 8.60 -0.76
N SER C 732 -14.83 9.49 -1.63
CA SER C 732 -13.96 10.52 -2.18
C SER C 732 -14.76 11.74 -2.60
N GLY C 733 -14.06 12.85 -2.89
CA GLY C 733 -14.73 14.09 -3.24
C GLY C 733 -14.19 14.99 -4.34
N PHE C 734 -15.07 15.81 -4.94
CA PHE C 734 -14.71 16.73 -6.03
C PHE C 734 -14.10 18.11 -5.69
N GLY C 735 -13.30 18.67 -6.62
CA GLY C 735 -12.67 19.97 -6.46
C GLY C 735 -12.21 20.68 -7.74
N ILE C 736 -12.00 22.00 -7.68
CA ILE C 736 -11.53 22.78 -8.83
C ILE C 736 -10.01 22.54 -8.85
N GLY C 737 -9.43 22.41 -10.04
CA GLY C 737 -8.00 22.19 -10.13
C GLY C 737 -7.24 23.35 -10.72
N MET C 738 -6.10 23.70 -10.10
CA MET C 738 -5.25 24.80 -10.56
C MET C 738 -3.79 24.43 -10.31
N ARG C 739 -2.87 25.14 -10.97
CA ARG C 739 -1.46 24.88 -10.75
C ARG C 739 -1.16 25.44 -9.35
N LYS C 740 -0.19 24.84 -8.65
CA LYS C 740 0.14 25.28 -7.30
C LYS C 740 0.45 26.75 -7.10
N ASP C 741 0.92 27.43 -8.14
CA ASP C 741 1.23 28.84 -7.99
C ASP C 741 0.16 29.76 -8.57
N SER C 742 -1.04 29.24 -8.74
CA SER C 742 -2.15 30.04 -9.26
C SER C 742 -2.54 31.12 -8.26
N PRO C 743 -2.74 32.35 -8.73
CA PRO C 743 -3.10 33.44 -7.81
C PRO C 743 -4.61 33.43 -7.48
N TRP C 744 -5.35 32.52 -8.10
CA TRP C 744 -6.78 32.40 -7.85
C TRP C 744 -7.15 31.28 -6.88
N LYS C 745 -6.16 30.57 -6.36
CA LYS C 745 -6.42 29.45 -5.46
C LYS C 745 -7.09 29.81 -4.13
N GLN C 746 -6.62 30.89 -3.49
CA GLN C 746 -7.20 31.33 -2.23
C GLN C 746 -8.65 31.77 -2.42
N GLU C 747 -8.88 32.46 -3.52
CA GLU C 747 -10.18 32.99 -3.90
C GLU C 747 -11.17 31.91 -4.33
N VAL C 748 -10.68 30.92 -5.06
CA VAL C 748 -11.51 29.83 -5.55
C VAL C 748 -12.12 29.01 -4.43
N SER C 749 -11.34 28.69 -3.41
CA SER C 749 -11.97 27.97 -2.33
C SER C 749 -12.93 28.81 -1.52
N LEU C 750 -12.48 30.01 -1.11
CA LEU C 750 -13.36 30.82 -0.28
C LEU C 750 -14.74 30.90 -0.93
N ASN C 751 -14.75 31.00 -2.26
CA ASN C 751 -15.98 31.06 -3.01
C ASN C 751 -16.79 29.77 -2.90
N ILE C 752 -16.10 28.63 -2.91
CA ILE C 752 -16.76 27.32 -2.84
C ILE C 752 -17.41 27.19 -1.46
N LEU C 753 -16.67 27.56 -0.42
CA LEU C 753 -17.16 27.51 0.96
C LEU C 753 -18.41 28.40 1.08
N LYS C 754 -18.33 29.61 0.53
CA LYS C 754 -19.45 30.55 0.61
C LYS C 754 -20.69 29.99 -0.06
N SER C 755 -20.50 29.33 -1.21
CA SER C 755 -21.61 28.73 -1.95
C SER C 755 -22.27 27.56 -1.23
N HIS C 756 -21.47 26.80 -0.48
CA HIS C 756 -21.96 25.69 0.34
C HIS C 756 -22.80 26.23 1.50
N GLU C 757 -22.23 27.19 2.22
CA GLU C 757 -22.90 27.82 3.35
C GLU C 757 -24.11 28.62 2.91
N ASN C 758 -24.00 29.34 1.81
CA ASN C 758 -25.13 30.11 1.31
C ASN C 758 -26.27 29.31 0.84
N GLY C 759 -25.98 28.20 0.20
CA GLY C 759 -27.08 27.39 -0.28
C GLY C 759 -27.04 27.32 -1.79
N PHE C 760 -26.18 28.15 -2.39
CA PHE C 760 -25.99 28.10 -3.84
C PHE C 760 -25.71 26.68 -4.33
N MET C 761 -24.85 25.96 -3.60
CA MET C 761 -24.50 24.60 -3.99
C MET C 761 -25.74 23.69 -3.96
N GLU C 762 -26.61 23.90 -2.98
CA GLU C 762 -27.83 23.09 -2.89
C GLU C 762 -28.78 23.42 -4.04
N GLU C 763 -28.80 24.67 -4.47
CA GLU C 763 -29.67 25.05 -5.57
C GLU C 763 -29.25 24.33 -6.84
N LEU C 764 -27.94 24.30 -7.11
CA LEU C 764 -27.44 23.64 -8.31
C LEU C 764 -27.64 22.12 -8.30
N ASP C 765 -27.33 21.48 -7.17
CA ASP C 765 -27.51 20.03 -7.07
C ASP C 765 -28.98 19.67 -7.13
N LYS C 766 -29.77 20.42 -6.38
CA LYS C 766 -31.21 20.22 -6.33
C LYS C 766 -31.84 20.54 -7.68
N THR C 767 -31.37 21.61 -8.31
CA THR C 767 -31.94 22.01 -9.60
C THR C 767 -31.75 20.98 -10.71
N TRP C 768 -30.49 20.55 -10.90
CA TRP C 768 -30.08 19.48 -11.84
C TRP C 768 -30.39 18.00 -11.51
N VAL C 769 -30.12 17.59 -10.26
CA VAL C 769 -30.30 16.24 -9.76
C VAL C 769 -31.76 15.85 -9.52
N ARG C 770 -32.53 16.80 -8.98
CA ARG C 770 -33.93 16.58 -8.66
C ARG C 770 -34.84 16.29 -9.85
N TYR C 771 -34.41 16.62 -11.06
CA TYR C 771 -35.28 16.40 -12.19
C TYR C 771 -35.80 14.95 -12.19
N GLN C 772 -34.95 13.98 -11.90
CA GLN C 772 -35.39 12.59 -12.03
C GLN C 772 -35.30 11.61 -10.86
N GLU C 773 -36.39 10.88 -10.65
CA GLU C 773 -36.44 9.91 -9.55
C GLU C 773 -37.15 8.61 -9.95
N CYS C 774 -36.78 7.55 -9.25
CA CYS C 774 -37.36 6.23 -9.45
C CYS C 774 -38.00 5.78 -8.16
N ASP C 775 -39.22 5.30 -8.28
CA ASP C 775 -39.98 4.87 -7.13
C ASP C 775 -40.64 3.52 -7.38
N SER C 776 -41.12 2.94 -6.30
CA SER C 776 -41.82 1.66 -6.32
C SER C 776 -43.35 1.86 -6.39
N ARG C 777 -43.77 3.07 -6.74
CA ARG C 777 -45.17 3.44 -6.82
C ARG C 777 -45.96 2.55 -7.76
N SER C 778 -47.14 2.22 -7.25
CA SER C 778 -48.17 1.34 -7.85
C SER C 778 -48.38 0.04 -7.09
N ASN C 779 -47.64 -0.12 -6.00
CA ASN C 779 -47.76 -1.28 -5.12
C ASN C 779 -47.64 -2.63 -5.80
N ALA C 780 -48.61 -3.49 -5.49
CA ALA C 780 -48.70 -4.86 -6.00
C ALA C 780 -50.11 -5.35 -6.37
N PRO C 781 -51.11 -4.87 -5.64
CA PRO C 781 -52.50 -5.29 -5.89
C PRO C 781 -52.93 -4.93 -7.30
N ALA C 782 -53.74 -5.81 -7.90
CA ALA C 782 -54.24 -5.66 -9.27
C ALA C 782 -53.07 -5.54 -10.24
N THR C 783 -53.12 -4.55 -11.13
CA THR C 783 -52.05 -4.33 -12.10
C THR C 783 -51.75 -5.57 -12.93
N LEU C 784 -50.48 -5.97 -12.98
CA LEU C 784 -50.07 -7.15 -13.74
C LEU C 784 -50.72 -8.42 -13.20
N THR C 785 -50.82 -8.53 -11.88
CA THR C 785 -51.42 -9.70 -11.26
C THR C 785 -52.88 -9.81 -11.69
N PHE C 786 -53.56 -8.68 -11.74
CA PHE C 786 -54.95 -8.62 -12.17
C PHE C 786 -55.18 -8.96 -13.65
N GLU C 787 -54.13 -8.92 -14.49
CA GLU C 787 -54.36 -9.24 -15.91
C GLU C 787 -54.97 -10.65 -16.14
N ASN C 788 -54.45 -11.68 -15.48
CA ASN C 788 -55.05 -13.01 -15.52
C ASN C 788 -56.44 -12.98 -14.93
N MET C 789 -56.72 -12.03 -14.05
CA MET C 789 -58.07 -11.90 -13.53
C MET C 789 -59.00 -11.62 -14.70
N ALA C 790 -58.49 -10.91 -15.71
CA ALA C 790 -59.20 -10.71 -16.97
C ALA C 790 -59.65 -12.05 -17.49
N GLY C 791 -58.75 -13.03 -17.49
CA GLY C 791 -59.03 -14.38 -17.91
C GLY C 791 -60.15 -14.95 -17.06
N VAL C 792 -60.09 -14.72 -15.76
CA VAL C 792 -61.13 -15.17 -14.86
C VAL C 792 -62.47 -14.56 -15.25
N PHE C 793 -62.47 -13.28 -15.56
CA PHE C 793 -63.67 -12.59 -15.97
C PHE C 793 -64.21 -13.17 -17.27
N TYR C 794 -63.28 -13.58 -18.15
CA TYR C 794 -63.68 -14.18 -19.40
C TYR C 794 -64.35 -15.50 -19.13
N LEU C 795 -63.82 -16.23 -18.15
CA LEU C 795 -64.39 -17.50 -17.76
C LEU C 795 -65.77 -17.30 -17.18
N VAL C 796 -66.12 -16.27 -16.44
CA VAL C 796 -67.54 -16.27 -15.99
C VAL C 796 -68.62 -16.19 -17.11
N ALA C 797 -68.37 -15.32 -18.07
CA ALA C 797 -69.31 -15.09 -19.18
C ALA C 797 -69.55 -16.32 -20.07
N GLY C 798 -68.51 -17.08 -20.34
CA GLY C 798 -68.61 -18.25 -21.20
C GLY C 798 -69.51 -19.39 -20.73
N GLY C 799 -69.49 -19.68 -19.44
CA GLY C 799 -70.26 -20.76 -18.87
C GLY C 799 -71.78 -20.71 -18.94
N ILE C 800 -72.35 -19.51 -18.76
CA ILE C 800 -73.80 -19.32 -18.77
C ILE C 800 -74.55 -19.67 -20.06
N VAL C 801 -73.95 -19.39 -21.21
CA VAL C 801 -74.60 -19.63 -22.50
C VAL C 801 -74.98 -21.09 -22.79
N ALA C 802 -74.10 -22.04 -22.45
CA ALA C 802 -74.39 -23.45 -22.70
C ALA C 802 -75.61 -23.92 -21.92
N GLY C 803 -75.70 -23.46 -20.67
CA GLY C 803 -76.78 -23.81 -19.77
C GLY C 803 -78.15 -23.41 -20.29
N ILE C 804 -78.22 -22.33 -21.05
CA ILE C 804 -79.50 -21.87 -21.60
C ILE C 804 -80.20 -22.96 -22.38
N PHE C 805 -79.62 -23.35 -23.51
CA PHE C 805 -80.22 -24.39 -24.35
C PHE C 805 -80.28 -25.72 -23.61
N LEU C 806 -79.21 -26.07 -22.90
CA LEU C 806 -79.17 -27.33 -22.18
C LEU C 806 -80.24 -27.36 -21.09
N ILE C 807 -80.39 -26.24 -20.38
CA ILE C 807 -81.39 -26.14 -19.33
C ILE C 807 -82.80 -26.24 -19.93
N PHE C 808 -82.99 -25.63 -21.10
CA PHE C 808 -84.28 -25.68 -21.76
C PHE C 808 -84.60 -27.13 -22.14
N ILE C 809 -83.60 -27.84 -22.63
CA ILE C 809 -83.77 -29.24 -23.02
C ILE C 809 -84.13 -30.07 -21.79
N GLU C 810 -83.48 -29.78 -20.67
CA GLU C 810 -83.75 -30.50 -19.43
C GLU C 810 -85.20 -30.26 -19.00
N ILE C 811 -85.65 -29.01 -19.13
CA ILE C 811 -87.02 -28.64 -18.77
C ILE C 811 -87.99 -29.40 -19.66
N ALA C 812 -87.69 -29.49 -20.95
CA ALA C 812 -88.55 -30.20 -21.88
C ALA C 812 -88.62 -31.67 -21.51
N TYR C 813 -87.49 -32.25 -21.12
CA TYR C 813 -87.44 -33.65 -20.72
C TYR C 813 -88.28 -33.88 -19.46
N LYS C 814 -88.22 -32.95 -18.51
CA LYS C 814 -88.95 -33.09 -17.26
C LYS C 814 -89.13 -31.74 -16.54
N HIS D 27 42.15 -3.05 -55.74
CA HIS D 27 40.97 -2.90 -56.57
C HIS D 27 39.86 -2.17 -55.81
N PRO D 28 39.09 -2.94 -55.04
CA PRO D 28 37.98 -2.37 -54.26
C PRO D 28 38.01 -2.85 -52.81
N ASN D 29 39.01 -2.41 -52.06
CA ASN D 29 39.15 -2.80 -50.66
C ASN D 29 39.42 -1.58 -49.78
N MET D 30 38.83 -1.57 -48.59
CA MET D 30 39.02 -0.47 -47.66
C MET D 30 40.36 -0.55 -46.95
N ASP D 31 40.96 0.60 -46.66
CA ASP D 31 42.25 0.65 -46.00
C ASP D 31 42.09 0.86 -44.49
N ILE D 32 42.63 -0.07 -43.71
CA ILE D 32 42.45 -0.13 -42.25
C ILE D 32 43.77 -0.39 -41.51
N ALA D 33 43.85 0.13 -40.29
CA ALA D 33 45.00 -0.07 -39.43
C ALA D 33 44.63 -0.40 -37.98
N VAL D 34 45.43 -1.24 -37.35
CA VAL D 34 45.21 -1.62 -35.94
C VAL D 34 46.57 -1.65 -35.23
N ILE D 35 46.57 -1.27 -33.96
CA ILE D 35 47.80 -1.17 -33.19
C ILE D 35 47.66 -1.86 -31.83
N LEU D 36 48.72 -2.52 -31.39
CA LEU D 36 48.72 -3.09 -30.05
C LEU D 36 49.91 -2.59 -29.23
N VAL D 37 49.67 -2.26 -27.98
CA VAL D 37 50.72 -1.70 -27.13
C VAL D 37 50.86 -2.36 -25.76
N GLY D 38 52.01 -2.16 -25.13
CA GLY D 38 52.28 -2.74 -23.84
C GLY D 38 52.92 -4.13 -23.92
N THR D 39 53.00 -4.80 -22.78
CA THR D 39 53.62 -6.12 -22.68
C THR D 39 52.94 -7.22 -23.49
N THR D 40 51.61 -7.20 -23.54
CA THR D 40 50.86 -8.22 -24.26
C THR D 40 51.18 -8.24 -25.76
N GLU D 41 51.26 -9.46 -26.31
CA GLU D 41 51.57 -9.65 -27.73
C GLU D 41 50.41 -10.34 -28.44
N GLU D 42 50.03 -9.80 -29.59
CA GLU D 42 48.91 -10.35 -30.38
C GLU D 42 49.40 -11.51 -31.25
N VAL D 43 50.53 -11.32 -31.90
CA VAL D 43 51.15 -12.37 -32.69
C VAL D 43 50.21 -13.03 -33.72
N ALA D 44 50.16 -14.35 -33.58
CA ALA D 44 49.38 -15.26 -34.40
C ALA D 44 47.89 -15.02 -34.31
N ILE D 45 47.41 -14.54 -33.17
CA ILE D 45 45.98 -14.30 -33.00
C ILE D 45 45.48 -13.27 -34.02
N LYS D 46 46.27 -12.21 -34.24
CA LYS D 46 45.91 -11.19 -35.22
C LYS D 46 45.86 -11.80 -36.63
N ASP D 47 46.81 -12.68 -36.91
CA ASP D 47 46.89 -13.36 -38.20
C ASP D 47 45.65 -14.24 -38.39
N VAL D 48 45.23 -14.91 -37.32
CA VAL D 48 44.05 -15.77 -37.31
C VAL D 48 42.82 -14.93 -37.60
N HIS D 49 42.78 -13.75 -36.99
CA HIS D 49 41.67 -12.81 -37.19
C HIS D 49 41.62 -12.41 -38.66
N GLU D 50 42.78 -12.16 -39.26
CA GLU D 50 42.83 -11.80 -40.67
C GLU D 50 42.33 -12.98 -41.50
N LYS D 51 42.76 -14.18 -41.13
CA LYS D 51 42.31 -15.40 -41.79
C LYS D 51 40.83 -15.48 -41.52
N ASP D 52 40.45 -15.23 -40.27
CA ASP D 52 39.04 -15.22 -39.86
C ASP D 52 38.30 -14.06 -40.54
N ASP D 53 38.98 -12.93 -40.64
CA ASP D 53 38.46 -11.68 -41.19
C ASP D 53 38.05 -11.69 -42.68
N PHE D 54 38.66 -12.51 -43.51
CA PHE D 54 38.25 -12.41 -44.91
C PHE D 54 36.75 -12.66 -44.94
N HIS D 55 36.31 -13.73 -44.27
CA HIS D 55 34.88 -14.03 -44.13
C HIS D 55 34.10 -13.99 -45.45
N HIS D 56 32.98 -13.27 -45.41
CA HIS D 56 32.11 -13.05 -46.57
C HIS D 56 31.91 -11.54 -46.66
N LEU D 57 32.10 -10.96 -47.84
CA LEU D 57 31.93 -9.51 -48.01
C LEU D 57 32.27 -9.09 -49.45
N PRO D 58 31.84 -7.91 -49.89
CA PRO D 58 32.26 -7.51 -51.25
C PRO D 58 33.49 -6.62 -51.14
N VAL D 59 33.51 -5.73 -50.16
CA VAL D 59 34.70 -4.95 -49.93
C VAL D 59 35.57 -5.70 -48.93
N THR D 60 36.84 -5.81 -49.28
CA THR D 60 37.84 -6.45 -48.45
C THR D 60 38.63 -5.49 -47.59
N PRO D 61 38.94 -5.89 -46.35
CA PRO D 61 39.76 -5.02 -45.51
C PRO D 61 41.21 -5.14 -45.95
N ARG D 62 41.94 -4.03 -46.03
CA ARG D 62 43.37 -4.08 -46.20
C ARG D 62 43.99 -3.62 -44.90
N VAL D 63 44.81 -4.46 -44.28
CA VAL D 63 45.25 -4.13 -42.93
C VAL D 63 46.74 -3.92 -42.86
N GLU D 64 47.15 -2.88 -42.14
CA GLU D 64 48.55 -2.75 -41.79
C GLU D 64 48.69 -2.75 -40.27
N LEU D 65 49.49 -3.67 -39.74
CA LEU D 65 49.64 -3.76 -38.30
C LEU D 65 50.98 -3.21 -37.83
N VAL D 66 50.93 -2.43 -36.76
CA VAL D 66 52.13 -1.94 -36.11
C VAL D 66 51.84 -2.06 -34.62
N THR D 67 52.90 -2.35 -33.86
CA THR D 67 52.82 -2.42 -32.41
C THR D 67 53.83 -1.50 -31.77
N MET D 68 53.56 -1.02 -30.58
CA MET D 68 54.62 -0.27 -29.95
C MET D 68 54.82 -0.69 -28.51
N GLN D 69 56.10 -0.88 -28.17
CA GLN D 69 56.49 -1.44 -26.90
C GLN D 69 56.08 -0.36 -25.95
N GLU D 70 56.33 0.89 -26.33
CA GLU D 70 56.00 2.03 -25.48
C GLU D 70 55.00 2.99 -26.12
N SER D 71 53.99 3.38 -25.34
CA SER D 71 52.97 4.31 -25.83
C SER D 71 53.06 5.64 -25.08
N ASP D 72 53.10 6.73 -25.85
CA ASP D 72 53.19 8.07 -25.28
C ASP D 72 52.29 9.05 -26.03
N PRO D 73 51.98 10.18 -25.39
CA PRO D 73 51.12 11.18 -26.03
C PRO D 73 51.80 11.69 -27.29
N LYS D 74 53.11 11.90 -27.20
CA LYS D 74 53.88 12.32 -28.35
C LYS D 74 54.11 11.10 -29.26
N SER D 75 54.46 9.96 -28.68
CA SER D 75 54.71 8.74 -29.46
C SER D 75 53.46 8.25 -30.19
N ILE D 76 52.36 8.12 -29.45
CA ILE D 76 51.09 7.64 -30.00
C ILE D 76 50.61 8.60 -31.08
N ILE D 77 50.64 9.90 -30.76
CA ILE D 77 50.20 10.91 -31.71
C ILE D 77 51.03 10.79 -33.00
N THR D 78 52.33 10.69 -32.83
CA THR D 78 53.27 10.59 -33.96
C THR D 78 53.06 9.35 -34.87
N ARG D 79 52.92 8.20 -34.24
CA ARG D 79 52.91 6.94 -34.97
C ARG D 79 51.69 6.76 -35.88
N ILE D 80 50.51 7.10 -35.41
CA ILE D 80 49.31 6.88 -36.20
C ILE D 80 49.28 7.74 -37.48
N CYS D 81 49.62 9.01 -37.35
CA CYS D 81 49.76 9.91 -38.51
C CYS D 81 50.89 9.47 -39.47
N ASP D 82 51.99 8.99 -38.89
CA ASP D 82 53.12 8.51 -39.67
C ASP D 82 52.62 7.32 -40.52
N LEU D 83 51.80 6.52 -39.86
CA LEU D 83 51.11 5.40 -40.48
C LEU D 83 50.09 5.90 -41.50
N MET D 84 49.58 7.12 -41.31
CA MET D 84 48.67 7.73 -42.26
C MET D 84 49.45 7.92 -43.57
N SER D 85 50.70 8.32 -43.48
CA SER D 85 51.47 8.61 -44.68
C SER D 85 51.58 7.41 -45.64
N ASP D 86 51.79 6.21 -45.13
CA ASP D 86 51.88 5.07 -46.02
C ASP D 86 50.56 4.30 -46.18
N LYS D 87 49.93 3.97 -45.06
CA LYS D 87 48.66 3.25 -45.06
C LYS D 87 47.46 3.97 -45.66
N LYS D 88 47.36 5.27 -45.35
CA LYS D 88 46.26 6.12 -45.79
C LYS D 88 44.91 5.45 -45.49
N VAL D 89 44.88 4.80 -44.32
CA VAL D 89 43.76 4.04 -43.78
C VAL D 89 42.54 4.89 -43.44
N GLN D 90 41.35 4.33 -43.64
CA GLN D 90 40.09 5.04 -43.37
C GLN D 90 39.52 4.67 -41.99
N GLY D 91 40.24 3.83 -41.25
CA GLY D 91 39.82 3.47 -39.91
C GLY D 91 40.97 2.94 -39.08
N VAL D 92 40.86 3.10 -37.76
CA VAL D 92 41.90 2.66 -36.82
C VAL D 92 41.33 2.00 -35.58
N VAL D 93 41.97 0.93 -35.15
CA VAL D 93 41.67 0.33 -33.86
C VAL D 93 42.92 0.35 -32.99
N PHE D 94 42.75 0.80 -31.74
CA PHE D 94 43.83 0.95 -30.80
C PHE D 94 43.65 -0.03 -29.67
N GLY D 95 44.75 -0.63 -29.23
CA GLY D 95 44.66 -1.53 -28.10
C GLY D 95 45.93 -1.45 -27.30
N ASP D 96 45.80 -1.71 -26.01
CA ASP D 96 46.85 -1.45 -25.06
C ASP D 96 46.88 -2.49 -23.96
N ASP D 97 48.05 -2.65 -23.37
CA ASP D 97 48.22 -3.46 -22.17
C ASP D 97 48.01 -2.59 -20.94
N THR D 98 47.86 -1.29 -21.17
CA THR D 98 47.97 -0.30 -20.11
C THR D 98 46.73 -0.12 -19.24
N ASP D 99 46.96 0.43 -18.06
CA ASP D 99 45.89 0.74 -17.10
C ASP D 99 45.62 2.25 -17.04
N GLN D 100 46.18 3.02 -17.98
CA GLN D 100 46.02 4.48 -17.97
C GLN D 100 44.83 5.04 -18.75
N GLU D 101 44.00 5.79 -18.02
CA GLU D 101 42.79 6.44 -18.53
C GLU D 101 42.91 7.57 -19.58
N ALA D 102 43.96 8.37 -19.44
CA ALA D 102 44.25 9.55 -20.25
C ALA D 102 44.47 9.31 -21.74
N ILE D 103 44.95 8.13 -22.10
CA ILE D 103 45.23 7.82 -23.50
C ILE D 103 43.97 7.93 -24.38
N ALA D 104 42.83 7.49 -23.87
CA ALA D 104 41.58 7.57 -24.63
C ALA D 104 41.22 9.03 -24.91
N GLN D 105 41.42 9.91 -23.94
CA GLN D 105 41.10 11.33 -24.12
C GLN D 105 41.95 11.96 -25.22
N ILE D 106 43.23 11.61 -25.24
CA ILE D 106 44.17 12.09 -26.26
C ILE D 106 43.58 11.63 -27.59
N LEU D 107 43.14 10.37 -27.66
CA LEU D 107 42.62 9.85 -28.91
C LEU D 107 41.36 10.61 -29.32
N ASP D 108 40.54 11.05 -28.35
CA ASP D 108 39.35 11.81 -28.69
C ASP D 108 39.82 13.08 -29.40
N PHE D 109 40.88 13.67 -28.85
CA PHE D 109 41.43 14.89 -29.45
C PHE D 109 41.85 14.60 -30.88
N ILE D 110 42.49 13.46 -31.08
CA ILE D 110 42.92 13.04 -32.42
C ILE D 110 41.73 12.88 -33.35
N SER D 111 40.63 12.32 -32.85
CA SER D 111 39.44 12.17 -33.68
C SER D 111 39.03 13.55 -34.14
N VAL D 112 39.05 14.49 -33.20
CA VAL D 112 38.71 15.87 -33.49
C VAL D 112 39.66 16.43 -34.55
N GLN D 113 40.94 16.09 -34.42
CA GLN D 113 41.98 16.54 -35.35
C GLN D 113 41.96 15.99 -36.78
N THR D 114 41.72 14.69 -36.94
CA THR D 114 41.75 14.07 -38.27
C THR D 114 40.45 13.56 -38.88
N LEU D 115 39.38 13.50 -38.08
CA LEU D 115 38.06 13.04 -38.54
C LEU D 115 38.08 11.64 -39.19
N THR D 116 38.86 10.73 -38.61
CA THR D 116 38.97 9.35 -39.08
C THR D 116 38.46 8.48 -37.94
N PRO D 117 37.63 7.49 -38.22
CA PRO D 117 37.09 6.72 -37.10
C PRO D 117 38.18 5.95 -36.34
N ILE D 118 38.07 5.94 -35.03
CA ILE D 118 38.98 5.17 -34.20
C ILE D 118 38.18 4.58 -33.06
N LEU D 119 38.54 3.37 -32.68
CA LEU D 119 37.86 2.66 -31.63
C LEU D 119 38.87 1.85 -30.85
N GLY D 120 38.50 1.36 -29.68
CA GLY D 120 39.46 0.50 -29.00
C GLY D 120 38.85 -0.63 -28.20
N ILE D 121 39.57 -1.74 -28.15
CA ILE D 121 39.01 -3.01 -27.68
C ILE D 121 39.43 -3.43 -26.27
N HIS D 122 40.35 -2.68 -25.66
CA HIS D 122 40.95 -3.13 -24.40
C HIS D 122 41.55 -1.94 -23.66
N GLY D 123 41.77 -2.10 -22.36
CA GLY D 123 42.58 -1.18 -21.60
C GLY D 123 42.07 0.25 -21.53
N GLY D 124 42.99 1.20 -21.69
CA GLY D 124 42.68 2.60 -21.54
C GLY D 124 41.66 3.11 -22.53
N SER D 125 41.75 2.67 -23.78
CA SER D 125 40.80 3.08 -24.81
C SER D 125 39.40 2.63 -24.42
N SER D 126 39.37 1.48 -23.78
CA SER D 126 38.17 0.90 -23.24
C SER D 126 37.61 1.72 -22.07
N MET D 127 38.47 2.38 -21.28
CA MET D 127 37.88 3.02 -20.05
C MET D 127 36.76 4.11 -20.25
N ILE D 128 35.89 4.30 -19.28
CA ILE D 128 34.84 5.32 -19.42
C ILE D 128 35.46 6.71 -19.62
N MET D 129 34.84 7.50 -20.49
CA MET D 129 35.33 8.83 -20.84
C MET D 129 34.24 9.91 -20.91
N ALA D 130 34.66 11.17 -20.98
CA ALA D 130 33.74 12.30 -21.06
C ALA D 130 32.83 12.17 -22.28
N ASP D 131 31.57 12.53 -22.13
CA ASP D 131 30.59 12.35 -23.19
C ASP D 131 31.22 12.93 -24.44
N LYS D 132 31.23 12.12 -25.49
CA LYS D 132 31.92 12.52 -26.69
C LYS D 132 31.35 13.75 -27.33
N GLU D 133 32.25 14.67 -27.66
CA GLU D 133 31.84 15.87 -28.37
C GLU D 133 31.19 15.32 -29.64
N GLU D 134 30.09 15.93 -30.03
CA GLU D 134 29.35 15.42 -31.20
C GLU D 134 30.19 15.40 -32.47
N ALA D 135 30.99 16.44 -32.66
CA ALA D 135 31.83 16.50 -33.84
C ALA D 135 32.80 15.33 -33.85
N SER D 136 33.40 15.03 -32.71
CA SER D 136 34.35 13.94 -32.64
C SER D 136 33.68 12.60 -32.92
N MET D 137 34.43 11.73 -33.58
CA MET D 137 33.94 10.40 -33.93
C MET D 137 34.77 9.46 -33.10
N PHE D 138 34.14 8.50 -32.43
CA PHE D 138 34.95 7.68 -31.57
C PHE D 138 34.19 6.52 -30.95
N PHE D 139 34.84 5.37 -30.90
CA PHE D 139 34.25 4.18 -30.31
C PHE D 139 35.22 3.61 -29.27
N GLN D 140 34.73 3.36 -28.07
CA GLN D 140 35.51 2.66 -27.06
C GLN D 140 34.66 1.63 -26.34
N PHE D 141 35.27 0.52 -25.92
CA PHE D 141 34.54 -0.52 -25.21
C PHE D 141 34.47 -0.23 -23.71
N GLY D 142 33.74 0.81 -23.33
CA GLY D 142 33.58 1.18 -21.94
C GLY D 142 32.12 1.29 -21.58
N PRO D 143 31.73 0.65 -20.47
CA PRO D 143 30.34 0.71 -20.03
C PRO D 143 29.95 2.10 -19.57
N SER D 144 28.73 2.52 -19.92
CA SER D 144 28.24 3.83 -19.50
C SER D 144 27.93 3.86 -18.02
N ILE D 145 28.10 5.03 -17.40
CA ILE D 145 27.80 5.19 -15.97
C ILE D 145 26.34 4.85 -15.68
N GLU D 146 25.45 5.36 -16.53
CA GLU D 146 24.02 5.12 -16.41
C GLU D 146 23.71 3.63 -16.49
N GLN D 147 24.32 2.96 -17.47
CA GLN D 147 24.15 1.53 -17.65
C GLN D 147 24.58 0.77 -16.40
N GLN D 148 25.74 1.14 -15.85
CA GLN D 148 26.27 0.50 -14.66
C GLN D 148 25.30 0.67 -13.49
N ALA D 149 24.77 1.87 -13.36
CA ALA D 149 23.81 2.18 -12.31
C ALA D 149 22.59 1.30 -12.47
N SER D 150 22.18 1.12 -13.72
CA SER D 150 21.06 0.26 -14.04
C SER D 150 21.35 -1.16 -13.58
N VAL D 151 22.55 -1.65 -13.87
CA VAL D 151 22.94 -3.00 -13.47
C VAL D 151 22.96 -3.14 -11.96
N MET D 152 23.37 -2.08 -11.28
CA MET D 152 23.39 -2.06 -9.82
C MET D 152 21.96 -2.21 -9.31
N LEU D 153 21.04 -1.50 -9.97
CA LEU D 153 19.64 -1.59 -9.62
C LEU D 153 19.07 -2.98 -9.88
N ASN D 154 19.39 -3.56 -11.04
CA ASN D 154 18.97 -4.92 -11.37
C ASN D 154 19.48 -5.94 -10.38
N ILE D 155 20.73 -5.77 -9.95
CA ILE D 155 21.35 -6.64 -8.97
C ILE D 155 20.60 -6.53 -7.65
N MET D 156 20.33 -5.30 -7.24
CA MET D 156 19.60 -5.05 -6.00
C MET D 156 18.18 -5.63 -6.07
N GLU D 157 17.55 -5.48 -7.22
CA GLU D 157 16.20 -6.00 -7.46
C GLU D 157 16.18 -7.51 -7.40
N GLU D 158 17.22 -8.13 -7.96
CA GLU D 158 17.31 -9.59 -8.00
C GLU D 158 17.38 -10.17 -6.59
N TYR D 159 18.16 -9.55 -5.72
CA TYR D 159 18.21 -9.97 -4.33
C TYR D 159 17.11 -9.30 -3.53
N ASP D 160 16.29 -8.50 -4.22
CA ASP D 160 15.19 -7.78 -3.60
C ASP D 160 15.67 -6.94 -2.42
N TRP D 161 16.78 -6.26 -2.60
CA TRP D 161 17.20 -5.32 -1.57
C TRP D 161 16.60 -3.98 -1.95
N TYR D 162 15.53 -3.65 -1.26
CA TYR D 162 14.70 -2.51 -1.62
C TYR D 162 15.30 -1.23 -1.07
N ILE D 163 15.88 -1.32 0.11
CA ILE D 163 16.30 -0.12 0.82
C ILE D 163 17.80 0.05 0.68
N PHE D 164 18.20 1.24 0.23
CA PHE D 164 19.59 1.50 -0.05
C PHE D 164 19.95 2.99 0.05
N SER D 165 21.25 3.25 0.17
CA SER D 165 21.76 4.62 0.17
C SER D 165 22.89 4.74 -0.82
N ILE D 166 23.23 5.97 -1.17
CA ILE D 166 24.33 6.18 -2.08
C ILE D 166 25.38 7.07 -1.41
N VAL D 167 26.61 6.57 -1.38
CA VAL D 167 27.73 7.35 -0.95
C VAL D 167 28.50 7.60 -2.22
N THR D 168 28.81 8.86 -2.48
CA THR D 168 29.40 9.25 -3.73
C THR D 168 30.51 10.20 -3.37
N THR D 169 31.30 10.61 -4.36
CA THR D 169 32.28 11.65 -4.13
C THR D 169 32.18 12.63 -5.29
N TYR D 170 32.94 13.71 -5.23
CA TYR D 170 32.79 14.80 -6.19
C TYR D 170 33.35 14.37 -7.54
N PHE D 171 33.86 13.14 -7.59
CA PHE D 171 34.47 12.54 -8.78
C PHE D 171 33.43 12.57 -9.91
N PRO D 172 33.89 12.57 -11.18
CA PRO D 172 32.96 12.90 -12.28
C PRO D 172 31.76 11.98 -12.43
N GLY D 173 30.64 12.56 -12.89
CA GLY D 173 29.42 11.81 -13.12
C GLY D 173 28.59 11.55 -11.88
N TYR D 174 29.02 12.11 -10.74
CA TYR D 174 28.29 11.91 -9.49
C TYR D 174 26.87 12.49 -9.49
N GLN D 175 26.72 13.70 -10.02
CA GLN D 175 25.40 14.34 -10.05
C GLN D 175 24.39 13.59 -10.92
N ASP D 176 24.83 13.18 -12.11
CA ASP D 176 23.99 12.44 -13.03
C ASP D 176 23.60 11.08 -12.48
N PHE D 177 24.58 10.44 -11.83
CA PHE D 177 24.42 9.11 -11.25
C PHE D 177 23.15 9.21 -10.43
N GLU D 178 23.05 10.26 -9.63
CA GLU D 178 21.86 10.53 -8.83
C GLU D 178 20.66 10.72 -9.72
N ASN D 179 20.83 11.47 -10.80
CA ASN D 179 19.74 11.71 -11.73
C ASN D 179 19.26 10.44 -12.43
N LYS D 180 20.20 9.61 -12.91
CA LYS D 180 19.86 8.37 -13.59
C LYS D 180 19.12 7.45 -12.62
N VAL D 181 19.64 7.38 -11.40
CA VAL D 181 19.00 6.60 -10.34
C VAL D 181 17.64 7.18 -10.03
N ARG D 182 17.53 8.51 -10.04
CA ARG D 182 16.26 9.03 -9.67
C ARG D 182 15.26 8.53 -10.66
N SER D 183 15.55 8.72 -11.95
CA SER D 183 14.60 8.24 -12.95
C SER D 183 14.30 6.74 -12.84
N THR D 184 15.37 5.94 -12.71
CA THR D 184 15.22 4.48 -12.69
C THR D 184 14.46 4.00 -11.46
N ILE D 185 14.80 4.53 -10.31
CA ILE D 185 14.10 4.22 -9.07
C ILE D 185 12.68 4.78 -9.07
N GLU D 186 12.52 6.01 -9.55
CA GLU D 186 11.23 6.71 -9.54
C GLU D 186 10.16 6.08 -10.41
N ASN D 187 10.55 5.62 -11.59
CA ASN D 187 9.56 5.13 -12.55
C ASN D 187 8.79 3.93 -12.02
N SER D 188 9.51 3.06 -11.33
CA SER D 188 8.95 1.80 -10.86
C SER D 188 7.89 2.04 -9.80
N PHE D 189 6.87 1.18 -9.82
CA PHE D 189 5.76 1.26 -8.88
C PHE D 189 6.26 1.02 -7.46
N VAL D 190 7.25 0.15 -7.32
CA VAL D 190 7.67 -0.31 -6.00
C VAL D 190 8.15 0.82 -5.09
N GLY D 191 7.89 0.64 -3.80
CA GLY D 191 8.22 1.62 -2.78
C GLY D 191 9.61 1.52 -2.19
N TRP D 192 10.63 1.23 -2.99
CA TRP D 192 11.98 1.18 -2.44
C TRP D 192 12.38 2.55 -1.88
N GLU D 193 13.31 2.54 -0.93
CA GLU D 193 13.74 3.77 -0.30
C GLU D 193 15.20 4.13 -0.49
N LEU D 194 15.40 5.37 -0.92
CA LEU D 194 16.71 6.01 -0.93
C LEU D 194 16.80 6.73 0.41
N GLU D 195 17.85 6.39 1.17
CA GLU D 195 18.01 6.88 2.53
C GLU D 195 18.86 8.13 2.55
N GLU D 196 20.08 8.03 2.03
CA GLU D 196 20.93 9.20 1.98
C GLU D 196 21.77 9.24 0.71
N VAL D 197 22.12 10.46 0.30
CA VAL D 197 23.07 10.65 -0.77
C VAL D 197 24.14 11.52 -0.17
N ILE D 198 25.40 11.10 -0.28
CA ILE D 198 26.46 11.85 0.34
C ILE D 198 27.51 12.25 -0.68
N HIS D 199 27.81 13.55 -0.69
CA HIS D 199 28.81 14.10 -1.57
C HIS D 199 29.86 14.71 -0.66
N LEU D 200 31.07 14.17 -0.76
CA LEU D 200 32.15 14.64 0.07
C LEU D 200 33.48 14.45 -0.59
N ASP D 201 34.37 15.38 -0.26
CA ASP D 201 35.73 15.44 -0.73
C ASP D 201 36.55 16.20 0.30
N MET D 202 37.86 16.04 0.24
CA MET D 202 38.69 16.73 1.17
C MET D 202 38.46 18.22 1.01
N SER D 203 38.34 18.90 2.12
CA SER D 203 38.30 20.35 2.10
C SER D 203 39.11 20.69 3.33
N LEU D 204 40.21 21.41 3.18
CA LEU D 204 41.04 21.72 4.34
C LEU D 204 41.49 20.42 5.03
N ASP D 205 41.38 20.36 6.35
CA ASP D 205 41.80 19.17 7.12
C ASP D 205 40.74 18.46 7.98
N ASP D 206 39.51 18.93 7.81
CA ASP D 206 38.34 18.47 8.52
C ASP D 206 37.49 17.56 7.66
N ILE D 207 38.06 17.04 6.58
CA ILE D 207 37.31 16.16 5.70
C ILE D 207 36.92 14.91 6.48
N ASP D 208 37.86 14.40 7.29
CA ASP D 208 37.60 13.22 8.11
C ASP D 208 36.51 13.50 9.14
N SER D 209 36.56 14.68 9.75
CA SER D 209 35.57 15.05 10.75
C SER D 209 34.18 15.15 10.13
N LYS D 210 34.14 15.95 9.07
CA LYS D 210 32.92 16.21 8.33
C LYS D 210 32.43 14.93 7.70
N ILE D 211 33.33 14.16 7.11
CA ILE D 211 32.92 12.91 6.49
C ILE D 211 32.40 11.95 7.56
N GLN D 212 33.13 11.87 8.66
CA GLN D 212 32.76 10.97 9.74
C GLN D 212 31.42 11.35 10.36
N ASN D 213 31.23 12.65 10.59
CA ASN D 213 29.96 13.10 11.14
C ASN D 213 28.85 12.80 10.16
N GLN D 214 29.12 13.10 8.89
CA GLN D 214 28.15 12.85 7.83
C GLN D 214 27.92 11.37 7.63
N LEU D 215 28.97 10.56 7.69
CA LEU D 215 28.69 9.15 7.44
C LEU D 215 28.01 8.40 8.59
N LYS D 216 28.27 8.86 9.81
CA LYS D 216 27.79 8.23 11.03
C LYS D 216 26.27 8.10 11.13
N LYS D 217 25.56 9.07 10.56
CA LYS D 217 24.09 9.05 10.61
C LYS D 217 23.50 7.82 9.93
N LEU D 218 24.12 7.37 8.84
CA LEU D 218 23.53 6.33 7.99
C LEU D 218 23.34 4.99 8.71
N GLN D 219 22.22 4.35 8.38
CA GLN D 219 21.78 3.06 8.91
C GLN D 219 21.39 2.00 7.87
N SER D 220 21.50 2.33 6.58
CA SER D 220 20.94 1.49 5.52
C SER D 220 21.76 0.23 5.22
N PRO D 221 21.05 -0.87 4.88
CA PRO D 221 21.64 -2.19 4.65
C PRO D 221 22.43 -2.29 3.34
N VAL D 222 22.04 -1.50 2.34
CA VAL D 222 22.61 -1.64 1.00
C VAL D 222 23.18 -0.34 0.49
N ILE D 223 24.48 -0.33 0.23
CA ILE D 223 25.15 0.92 -0.10
C ILE D 223 25.72 0.88 -1.50
N LEU D 224 25.44 1.92 -2.28
CA LEU D 224 26.05 2.08 -3.58
C LEU D 224 27.15 3.08 -3.38
N LEU D 225 28.35 2.77 -3.83
CA LEU D 225 29.45 3.71 -3.66
C LEU D 225 29.95 4.16 -5.00
N TYR D 226 30.34 5.42 -5.13
CA TYR D 226 30.94 5.85 -6.37
C TYR D 226 32.12 6.82 -6.12
N CYS D 227 33.31 6.44 -6.62
CA CYS D 227 34.54 7.23 -6.44
C CYS D 227 35.73 6.69 -7.25
N THR D 228 36.88 7.37 -7.14
CA THR D 228 38.12 6.88 -7.73
C THR D 228 38.56 5.63 -6.92
N LYS D 229 39.35 4.75 -7.50
CA LYS D 229 39.75 3.51 -6.80
C LYS D 229 40.45 3.77 -5.44
N GLU D 230 41.39 4.72 -5.47
CA GLU D 230 42.16 5.06 -4.28
C GLU D 230 41.23 5.62 -3.22
N GLU D 231 40.35 6.52 -3.66
CA GLU D 231 39.41 7.12 -2.75
C GLU D 231 38.63 6.00 -2.11
N ALA D 232 38.29 4.97 -2.90
CA ALA D 232 37.56 3.81 -2.37
C ALA D 232 38.36 3.18 -1.24
N THR D 233 39.70 3.18 -1.39
CA THR D 233 40.54 2.63 -0.33
C THR D 233 40.32 3.45 0.95
N TYR D 234 40.38 4.77 0.82
CA TYR D 234 40.27 5.62 2.02
C TYR D 234 38.87 5.52 2.65
N ILE D 235 37.84 5.58 1.82
CA ILE D 235 36.45 5.46 2.25
C ILE D 235 36.20 4.14 2.95
N PHE D 236 36.85 3.07 2.47
CA PHE D 236 36.69 1.77 3.07
C PHE D 236 37.41 1.67 4.42
N GLU D 237 38.60 2.26 4.52
CA GLU D 237 39.28 2.31 5.82
C GLU D 237 38.38 3.03 6.83
N VAL D 238 37.82 4.14 6.37
CA VAL D 238 36.90 4.93 7.18
C VAL D 238 35.63 4.16 7.55
N ALA D 239 35.13 3.36 6.61
CA ALA D 239 33.96 2.53 6.86
C ALA D 239 34.25 1.43 7.86
N HIS D 240 35.46 0.90 7.79
CA HIS D 240 35.92 -0.13 8.71
C HIS D 240 36.01 0.43 10.11
N SER D 241 36.43 1.70 10.21
CA SER D 241 36.39 2.39 11.48
C SER D 241 34.96 2.63 11.95
N VAL D 242 34.11 3.04 11.01
CA VAL D 242 32.72 3.37 11.31
C VAL D 242 31.92 2.13 11.65
N GLY D 243 32.33 0.99 11.11
CA GLY D 243 31.63 -0.26 11.34
C GLY D 243 30.59 -0.53 10.25
N LEU D 244 30.70 0.19 9.14
CA LEU D 244 29.73 0.08 8.06
C LEU D 244 29.96 -1.13 7.18
N THR D 245 31.16 -1.71 7.26
CA THR D 245 31.54 -2.83 6.42
C THR D 245 30.98 -4.13 6.95
N GLY D 246 30.57 -4.13 8.21
CA GLY D 246 30.20 -5.36 8.87
C GLY D 246 28.86 -5.93 8.48
N TYR D 247 28.63 -7.17 8.93
CA TYR D 247 27.57 -8.05 8.43
C TYR D 247 26.17 -7.43 8.43
N GLY D 248 25.47 -7.70 7.32
CA GLY D 248 24.10 -7.31 7.09
C GLY D 248 24.05 -6.05 6.26
N PHE D 249 25.05 -5.17 6.42
CA PHE D 249 25.23 -4.09 5.47
C PHE D 249 26.00 -4.68 4.30
N THR D 250 25.71 -4.23 3.09
CA THR D 250 26.42 -4.75 1.92
C THR D 250 26.71 -3.61 0.96
N TRP D 251 27.80 -3.73 0.21
CA TRP D 251 28.22 -2.61 -0.61
C TRP D 251 28.20 -3.03 -2.07
N ILE D 252 27.85 -2.08 -2.93
CA ILE D 252 27.74 -2.34 -4.35
C ILE D 252 28.42 -1.22 -5.08
N VAL D 253 29.13 -1.57 -6.14
CA VAL D 253 30.09 -0.67 -6.73
C VAL D 253 29.95 -0.68 -8.26
N PRO D 254 30.22 0.47 -8.91
CA PRO D 254 30.28 0.47 -10.37
C PRO D 254 31.65 -0.04 -10.83
N SER D 255 31.93 0.01 -12.12
CA SER D 255 33.14 -0.61 -12.66
C SER D 255 34.46 -0.06 -12.11
N LEU D 256 34.53 1.25 -11.88
CA LEU D 256 35.80 1.96 -11.67
C LEU D 256 36.62 1.46 -10.49
N VAL D 257 35.98 1.18 -9.36
CA VAL D 257 36.70 0.80 -8.15
C VAL D 257 37.44 -0.54 -8.31
N ALA D 258 36.82 -1.49 -8.99
CA ALA D 258 37.43 -2.81 -9.15
C ALA D 258 38.76 -2.74 -9.90
N GLY D 259 38.80 -1.94 -10.97
CA GLY D 259 40.02 -1.79 -11.74
C GLY D 259 40.54 -3.13 -12.22
N ASP D 260 41.84 -3.35 -12.03
CA ASP D 260 42.48 -4.60 -12.42
C ASP D 260 42.07 -5.74 -11.51
N THR D 261 41.80 -6.90 -12.10
CA THR D 261 41.39 -8.09 -11.35
C THR D 261 42.50 -8.57 -10.41
N ASP D 262 43.73 -8.52 -10.90
CA ASP D 262 44.90 -8.99 -10.15
C ASP D 262 45.19 -8.23 -8.85
N THR D 263 45.00 -6.91 -8.86
CA THR D 263 45.27 -6.10 -7.69
C THR D 263 44.02 -5.77 -6.87
N VAL D 264 44.10 -6.03 -5.57
CA VAL D 264 43.00 -5.77 -4.66
C VAL D 264 43.48 -5.54 -3.24
N PRO D 265 43.70 -4.27 -2.87
CA PRO D 265 43.98 -4.01 -1.45
C PRO D 265 42.85 -4.60 -0.62
N ASP D 266 43.19 -5.28 0.47
CA ASP D 266 42.19 -6.02 1.23
C ASP D 266 41.49 -5.03 2.15
N GLU D 267 41.86 -3.76 2.00
CA GLU D 267 41.13 -2.66 2.61
C GLU D 267 39.66 -2.72 2.19
N PHE D 268 39.40 -3.16 0.96
CA PHE D 268 38.04 -3.42 0.53
C PHE D 268 37.45 -4.51 1.40
N PRO D 269 36.20 -4.35 1.82
CA PRO D 269 35.62 -5.42 2.63
C PRO D 269 35.27 -6.62 1.75
N THR D 270 35.22 -7.81 2.33
CA THR D 270 34.80 -8.99 1.59
C THR D 270 33.29 -8.93 1.43
N GLY D 271 32.79 -9.60 0.40
CA GLY D 271 31.36 -9.55 0.13
C GLY D 271 31.02 -8.31 -0.66
N LEU D 272 32.04 -7.56 -1.03
CA LEU D 272 31.84 -6.37 -1.84
C LEU D 272 31.37 -6.80 -3.22
N ILE D 273 30.30 -6.17 -3.68
CA ILE D 273 29.65 -6.59 -4.91
C ILE D 273 29.90 -5.52 -5.94
N SER D 274 30.41 -5.94 -7.09
CA SER D 274 30.67 -4.98 -8.13
C SER D 274 30.63 -5.58 -9.51
N VAL D 275 30.39 -4.71 -10.46
CA VAL D 275 30.26 -5.05 -11.85
C VAL D 275 31.58 -4.88 -12.59
N SER D 276 31.85 -5.77 -13.55
CA SER D 276 33.02 -5.62 -14.43
C SER D 276 32.91 -6.35 -15.76
N TYR D 277 33.71 -5.90 -16.71
CA TYR D 277 33.70 -6.43 -18.07
C TYR D 277 34.12 -7.88 -18.16
N ASP D 278 33.52 -8.59 -19.12
CA ASP D 278 33.78 -10.01 -19.30
C ASP D 278 35.24 -10.36 -19.62
N GLU D 279 35.72 -11.44 -19.00
CA GLU D 279 37.07 -11.92 -19.23
C GLU D 279 37.23 -12.32 -20.69
N TRP D 280 36.21 -13.03 -21.20
CA TRP D 280 36.21 -13.47 -22.59
C TRP D 280 36.18 -12.27 -23.52
N ASP D 281 35.38 -11.28 -23.13
CA ASP D 281 35.25 -10.04 -23.88
C ASP D 281 36.57 -9.30 -23.91
N TYR D 282 37.29 -9.32 -22.78
CA TYR D 282 38.58 -8.65 -22.66
C TYR D 282 39.74 -9.49 -23.21
N ASP D 283 39.73 -9.65 -24.53
CA ASP D 283 40.75 -10.35 -25.29
C ASP D 283 40.80 -9.66 -26.64
N LEU D 284 42.00 -9.55 -27.22
CA LEU D 284 42.13 -8.90 -28.51
C LEU D 284 41.35 -9.74 -29.49
N PRO D 285 41.50 -11.04 -29.32
CA PRO D 285 40.79 -12.02 -30.12
C PRO D 285 39.42 -11.55 -30.53
N ALA D 286 38.51 -11.35 -29.58
CA ALA D 286 37.20 -10.96 -30.00
C ALA D 286 37.00 -9.47 -30.05
N ARG D 287 37.63 -8.66 -29.20
CA ARG D 287 37.30 -7.23 -29.33
C ARG D 287 37.69 -6.74 -30.71
N VAL D 288 38.83 -7.21 -31.22
CA VAL D 288 39.23 -6.87 -32.57
C VAL D 288 38.40 -7.56 -33.61
N ARG D 289 38.15 -8.86 -33.44
CA ARG D 289 37.29 -9.58 -34.36
C ARG D 289 35.99 -8.85 -34.56
N ASP D 290 35.42 -8.44 -33.43
CA ASP D 290 34.20 -7.68 -33.35
C ASP D 290 34.35 -6.32 -34.00
N GLY D 291 35.42 -5.61 -33.63
CA GLY D 291 35.67 -4.27 -34.14
C GLY D 291 35.81 -4.26 -35.65
N ILE D 292 36.55 -5.24 -36.16
CA ILE D 292 36.74 -5.36 -37.58
C ILE D 292 35.43 -5.69 -38.23
N ALA D 293 34.68 -6.62 -37.65
CA ALA D 293 33.37 -6.93 -38.18
C ALA D 293 32.56 -5.66 -38.30
N ILE D 294 32.59 -4.85 -37.24
CA ILE D 294 31.91 -3.56 -37.26
C ILE D 294 32.38 -2.71 -38.41
N ILE D 295 33.68 -2.66 -38.62
CA ILE D 295 34.23 -1.90 -39.73
C ILE D 295 33.68 -2.38 -41.06
N THR D 296 33.63 -3.70 -41.23
CA THR D 296 33.16 -4.26 -42.50
C THR D 296 31.67 -4.08 -42.66
N THR D 297 30.92 -4.00 -41.56
CA THR D 297 29.49 -3.77 -41.68
C THR D 297 29.24 -2.32 -41.97
N ALA D 298 30.11 -1.45 -41.47
CA ALA D 298 30.01 -0.05 -41.81
C ALA D 298 30.28 0.06 -43.29
N ALA D 299 31.30 -0.66 -43.74
CA ALA D 299 31.63 -0.71 -45.14
C ALA D 299 30.53 -1.36 -45.96
N SER D 300 29.84 -2.35 -45.37
CA SER D 300 28.73 -3.00 -46.05
C SER D 300 27.68 -1.94 -46.35
N THR D 301 27.46 -1.06 -45.40
CA THR D 301 26.52 0.01 -45.59
C THR D 301 27.06 1.10 -46.49
N MET D 302 28.38 1.21 -46.63
CA MET D 302 28.90 2.08 -47.68
C MET D 302 28.42 1.47 -48.98
N LEU D 303 28.44 0.15 -49.11
CA LEU D 303 27.94 -0.37 -50.37
C LEU D 303 26.45 -0.06 -50.60
N SER D 304 25.62 -0.29 -49.60
CA SER D 304 24.17 -0.04 -49.69
C SER D 304 23.58 1.38 -49.71
N GLU D 305 24.03 2.24 -48.81
CA GLU D 305 23.50 3.61 -48.68
C GLU D 305 23.73 4.61 -49.82
N HIS D 306 24.93 4.59 -50.36
CA HIS D 306 25.38 5.49 -51.43
C HIS D 306 26.31 4.94 -52.53
N ASN D 307 26.65 3.65 -52.49
CA ASN D 307 27.57 3.05 -53.47
C ASN D 307 28.89 3.82 -53.60
N SER D 308 29.37 4.37 -52.49
CA SER D 308 30.51 5.27 -52.49
C SER D 308 31.66 4.76 -51.62
N ILE D 309 32.89 4.85 -52.14
CA ILE D 309 34.07 4.48 -51.38
C ILE D 309 34.30 5.41 -50.18
N PRO D 310 34.41 4.83 -48.98
CA PRO D 310 34.72 5.54 -47.73
C PRO D 310 36.15 6.06 -47.64
N GLN D 311 37.04 5.54 -48.49
CA GLN D 311 38.47 5.83 -48.38
C GLN D 311 38.77 7.33 -48.49
N SER D 312 39.63 7.82 -47.61
CA SER D 312 39.94 9.24 -47.53
C SER D 312 41.41 9.48 -47.20
N LYS D 313 41.93 10.65 -47.55
CA LYS D 313 43.32 10.97 -47.26
C LYS D 313 43.49 11.09 -45.75
N SER D 314 44.51 10.41 -45.22
CA SER D 314 44.67 10.26 -43.78
C SER D 314 45.55 11.31 -43.11
N SER D 315 46.28 12.11 -43.88
CA SER D 315 47.22 13.04 -43.27
C SER D 315 46.68 14.27 -42.55
N CYS D 316 47.06 14.39 -41.28
CA CYS D 316 46.69 15.52 -40.42
C CYS D 316 47.34 16.82 -40.88
N ASN D 317 48.60 16.73 -41.28
CA ASN D 317 49.37 17.89 -41.72
C ASN D 317 48.74 18.50 -42.96
N ASN D 318 48.32 17.63 -43.87
CA ASN D 318 47.68 18.05 -45.10
C ASN D 318 46.28 18.57 -44.77
N ILE D 319 45.77 19.49 -45.59
CA ILE D 319 44.45 20.04 -45.32
C ILE D 319 43.42 18.91 -45.36
N GLN D 320 42.48 18.95 -44.42
CA GLN D 320 41.49 17.91 -44.33
C GLN D 320 40.67 17.87 -45.61
N GLU D 321 40.40 16.66 -46.08
CA GLU D 321 39.63 16.49 -47.31
C GLU D 321 38.23 17.05 -47.13
N SER D 322 37.75 17.76 -48.14
CA SER D 322 36.41 18.33 -48.09
C SER D 322 35.40 17.20 -48.01
N ARG D 323 35.66 16.12 -48.73
CA ARG D 323 34.74 14.97 -48.76
C ARG D 323 34.84 14.14 -47.48
N VAL D 324 35.73 14.52 -46.57
CA VAL D 324 35.74 13.94 -45.25
C VAL D 324 34.46 14.32 -44.51
N TYR D 325 33.89 15.39 -44.99
CA TYR D 325 32.71 15.88 -44.39
C TYR D 325 31.67 14.80 -44.49
N GLU D 326 31.56 14.23 -45.66
CA GLU D 326 30.51 13.24 -45.91
C GLU D 326 30.55 12.13 -44.88
N ALA D 327 31.73 11.90 -44.28
CA ALA D 327 31.83 10.77 -43.38
C ALA D 327 30.83 10.96 -42.26
N HIS D 328 30.40 12.20 -42.03
CA HIS D 328 29.51 12.48 -40.89
C HIS D 328 28.23 11.68 -41.00
N MET D 329 27.69 11.65 -42.20
CA MET D 329 26.52 10.82 -42.48
C MET D 329 26.89 9.34 -42.33
N LEU D 330 28.15 9.06 -42.64
CA LEU D 330 28.71 7.71 -42.57
C LEU D 330 28.73 7.18 -41.14
N LYS D 331 28.75 8.10 -40.18
CA LYS D 331 28.79 7.74 -38.77
C LYS D 331 27.58 6.91 -38.34
N ARG D 332 26.40 7.22 -38.87
CA ARG D 332 25.20 6.47 -38.51
C ARG D 332 25.35 5.00 -38.88
N TYR D 333 25.90 4.72 -40.06
CA TYR D 333 26.13 3.34 -40.48
C TYR D 333 27.13 2.75 -39.49
N LEU D 334 28.12 3.57 -39.15
CA LEU D 334 29.15 3.23 -38.22
C LEU D 334 28.52 2.88 -36.89
N ILE D 335 27.58 3.72 -36.46
CA ILE D 335 26.90 3.49 -35.19
C ILE D 335 26.11 2.19 -35.23
N ASN D 336 25.44 1.95 -36.36
CA ASN D 336 24.66 0.74 -36.54
C ASN D 336 25.54 -0.39 -37.08
N VAL D 337 26.39 -0.94 -36.22
CA VAL D 337 27.29 -2.00 -36.64
C VAL D 337 27.01 -3.29 -35.89
N THR D 338 26.81 -4.38 -36.63
CA THR D 338 26.55 -5.68 -36.04
C THR D 338 27.25 -6.78 -36.83
N PHE D 339 27.57 -7.88 -36.15
CA PHE D 339 28.22 -9.00 -36.79
C PHE D 339 28.02 -10.19 -35.88
N GLU D 340 28.00 -11.36 -36.49
CA GLU D 340 27.83 -12.64 -35.81
C GLU D 340 26.47 -12.67 -35.10
N GLY D 341 25.50 -11.92 -35.62
CA GLY D 341 24.20 -11.82 -34.97
C GLY D 341 24.31 -11.17 -33.60
N ARG D 342 25.38 -10.41 -33.41
CA ARG D 342 25.71 -9.78 -32.13
C ARG D 342 25.85 -8.28 -32.30
N ASP D 343 25.32 -7.52 -31.34
CA ASP D 343 25.36 -6.07 -31.48
C ASP D 343 26.60 -5.41 -30.93
N LEU D 344 27.20 -4.60 -31.78
CA LEU D 344 28.29 -3.72 -31.38
C LEU D 344 27.69 -2.34 -31.22
N SER D 345 26.36 -2.27 -31.27
CA SER D 345 25.65 -1.00 -31.44
C SER D 345 26.14 0.01 -30.43
N PHE D 346 26.50 1.19 -30.91
CA PHE D 346 27.01 2.19 -29.98
C PHE D 346 25.89 3.05 -29.44
N SER D 347 26.26 3.92 -28.51
CA SER D 347 25.37 4.92 -27.96
C SER D 347 25.98 6.30 -28.16
N GLU D 348 25.16 7.33 -27.98
CA GLU D 348 25.54 8.70 -28.32
C GLU D 348 26.86 9.12 -27.68
N ASP D 349 27.18 8.57 -26.51
CA ASP D 349 28.45 8.86 -25.86
C ASP D 349 29.60 8.22 -26.63
N GLY D 350 29.30 7.18 -27.40
CA GLY D 350 30.32 6.45 -28.14
C GLY D 350 30.72 5.13 -27.52
N TYR D 351 30.17 4.83 -26.36
CA TYR D 351 30.26 3.48 -25.79
C TYR D 351 29.30 2.52 -26.48
N GLN D 352 29.63 1.23 -26.46
CA GLN D 352 28.77 0.25 -27.11
C GLN D 352 27.40 0.26 -26.44
N MET D 353 26.35 0.16 -27.25
CA MET D 353 24.98 0.19 -26.75
C MET D 353 24.66 -0.97 -25.82
N HIS D 354 25.12 -2.16 -26.17
CA HIS D 354 24.87 -3.34 -25.34
C HIS D 354 26.14 -4.17 -25.13
N PRO D 355 27.08 -3.62 -24.37
CA PRO D 355 28.33 -4.33 -24.09
C PRO D 355 28.09 -5.51 -23.15
N LYS D 356 28.80 -6.62 -23.36
CA LYS D 356 28.66 -7.77 -22.49
C LYS D 356 29.22 -7.42 -21.12
N LEU D 357 28.56 -7.87 -20.06
CA LEU D 357 29.03 -7.57 -18.73
C LEU D 357 28.88 -8.69 -17.69
N VAL D 358 29.74 -8.71 -16.68
CA VAL D 358 29.65 -9.71 -15.62
C VAL D 358 29.55 -9.13 -14.20
N ILE D 359 28.62 -9.70 -13.45
CA ILE D 359 28.41 -9.44 -12.03
C ILE D 359 29.48 -10.22 -11.28
N ILE D 360 30.25 -9.50 -10.49
CA ILE D 360 31.40 -10.08 -9.83
C ILE D 360 31.32 -9.73 -8.35
N LEU D 361 31.90 -10.59 -7.51
CA LEU D 361 31.89 -10.38 -6.08
C LEU D 361 33.31 -10.65 -5.59
N LEU D 362 33.64 -10.19 -4.39
CA LEU D 362 34.92 -10.55 -3.82
C LEU D 362 34.74 -11.83 -3.02
N ASN D 363 35.26 -12.92 -3.57
CA ASN D 363 35.22 -14.21 -2.89
C ASN D 363 36.14 -14.12 -1.69
N GLN D 364 36.13 -15.16 -0.86
CA GLN D 364 36.92 -15.17 0.34
C GLN D 364 38.37 -14.89 -0.03
N GLU D 365 39.03 -14.14 0.86
CA GLU D 365 40.40 -13.66 0.71
C GLU D 365 40.56 -12.74 -0.49
N ARG D 366 41.54 -13.02 -1.34
CA ARG D 366 41.81 -12.15 -2.49
C ARG D 366 41.14 -12.48 -3.82
N LYS D 367 40.28 -13.49 -3.89
CA LYS D 367 39.70 -13.83 -5.17
C LYS D 367 38.48 -13.08 -5.68
N TRP D 368 38.59 -12.70 -6.95
CA TRP D 368 37.49 -12.11 -7.72
C TRP D 368 36.81 -13.23 -8.49
N GLU D 369 35.62 -13.62 -8.06
CA GLU D 369 34.87 -14.67 -8.71
C GLU D 369 33.62 -14.03 -9.27
N ARG D 370 33.29 -14.34 -10.51
CA ARG D 370 32.11 -13.73 -11.10
C ARG D 370 30.90 -14.49 -10.58
N VAL D 371 30.09 -13.78 -9.80
CA VAL D 371 28.90 -14.35 -9.20
C VAL D 371 27.91 -14.73 -10.29
N GLY D 372 27.83 -13.89 -11.33
CA GLY D 372 26.89 -14.11 -12.40
C GLY D 372 27.30 -13.41 -13.68
N LYS D 373 26.47 -13.51 -14.71
CA LYS D 373 26.72 -12.84 -15.99
C LYS D 373 25.44 -12.22 -16.56
N TYR D 374 25.60 -11.08 -17.23
CA TYR D 374 24.48 -10.34 -17.79
C TYR D 374 24.37 -10.51 -19.30
N LYS D 375 23.24 -11.03 -19.75
CA LYS D 375 23.00 -11.20 -21.18
C LYS D 375 21.76 -10.41 -21.59
N ASP D 376 21.97 -9.48 -22.51
CA ASP D 376 20.90 -8.62 -23.04
C ASP D 376 20.13 -7.91 -21.93
N ARG D 377 18.80 -7.87 -22.08
CA ARG D 377 17.92 -7.23 -21.10
C ARG D 377 17.89 -7.96 -19.74
N SER D 378 17.88 -9.28 -19.80
CA SER D 378 17.80 -10.12 -18.59
C SER D 378 19.04 -10.06 -17.70
N LEU D 379 18.82 -10.17 -16.39
CA LEU D 379 19.90 -10.16 -15.42
C LEU D 379 20.08 -11.57 -14.88
N LYS D 380 21.28 -12.08 -15.09
CA LYS D 380 21.62 -13.42 -14.67
C LYS D 380 22.32 -13.36 -13.34
N MET D 381 21.65 -13.91 -12.33
CA MET D 381 22.21 -13.93 -11.00
C MET D 381 22.47 -15.38 -10.60
N TRP D 382 23.71 -15.66 -10.23
CA TRP D 382 24.08 -17.01 -9.82
C TRP D 382 24.51 -16.92 -8.36
N PRO D 383 23.98 -17.82 -7.54
CA PRO D 383 24.35 -17.84 -6.13
C PRO D 383 25.64 -18.64 -5.98
N VAL D 384 26.76 -18.01 -6.36
CA VAL D 384 28.06 -18.65 -6.30
C VAL D 384 28.43 -19.00 -4.86
N PHE D 385 28.10 -18.11 -3.94
CA PHE D 385 28.38 -18.32 -2.53
C PHE D 385 27.09 -18.80 -1.89
N ASP D 386 27.17 -19.90 -1.15
CA ASP D 386 25.99 -20.46 -0.50
C ASP D 386 25.39 -19.48 0.49
N LEU D 387 26.25 -18.80 1.26
CA LEU D 387 25.79 -17.84 2.24
C LEU D 387 26.37 -16.44 2.05
N TYR D 388 25.49 -15.45 2.02
CA TYR D 388 25.88 -14.06 1.91
C TYR D 388 26.10 -13.56 3.31
N PRO D 389 25.85 -14.43 4.26
CA PRO D 389 26.00 -14.12 5.68
C PRO D 389 27.46 -14.25 6.11
N ASN D 390 27.76 -13.85 7.34
CA ASN D 390 29.12 -13.98 7.87
C ASN D 390 29.35 -15.39 8.43
N SER D 391 29.47 -16.36 7.51
CA SER D 391 30.12 -17.66 7.63
C SER D 391 29.23 -18.76 8.24
N GLU D 392 28.04 -18.40 8.69
CA GLU D 392 27.12 -19.39 9.23
C GLU D 392 26.60 -20.19 8.05
N GLU D 393 26.43 -21.50 8.21
CA GLU D 393 25.93 -22.31 7.09
C GLU D 393 24.47 -22.73 7.14
N HIS D 394 23.99 -23.07 8.33
CA HIS D 394 22.61 -23.53 8.45
C HIS D 394 21.64 -22.45 8.00
N LYS D 395 21.89 -21.19 8.38
CA LYS D 395 21.06 -20.07 7.97
C LYS D 395 19.59 -20.30 8.28
N ASP D 396 18.73 -20.08 7.30
CA ASP D 396 17.43 -20.74 7.29
C ASP D 396 17.56 -22.15 6.73
N GLU D 397 17.06 -23.12 7.49
CA GLU D 397 17.20 -24.50 7.09
C GLU D 397 16.54 -24.70 5.75
N HIS D 398 17.19 -25.46 4.88
CA HIS D 398 16.60 -25.70 3.57
C HIS D 398 15.34 -26.45 3.88
N LEU D 399 14.24 -25.93 3.34
CA LEU D 399 12.94 -26.54 3.56
C LEU D 399 12.22 -26.66 2.25
N SER D 400 12.64 -27.60 1.42
CA SER D 400 11.96 -27.79 0.16
C SER D 400 10.57 -28.23 0.58
N ILE D 401 9.57 -27.56 0.04
CA ILE D 401 8.20 -27.88 0.41
C ILE D 401 7.45 -28.25 -0.85
N VAL D 402 6.57 -29.24 -0.74
CA VAL D 402 5.76 -29.63 -1.87
C VAL D 402 4.29 -29.43 -1.53
N THR D 403 3.50 -29.05 -2.52
CA THR D 403 2.07 -28.87 -2.31
C THR D 403 1.26 -29.35 -3.51
N LEU D 404 -0.04 -29.15 -3.43
CA LEU D 404 -0.95 -29.47 -4.52
C LEU D 404 -2.04 -28.41 -4.57
N GLU D 405 -2.64 -28.21 -5.74
CA GLU D 405 -3.61 -27.15 -5.91
C GLU D 405 -5.02 -27.60 -5.51
N GLU D 406 -5.60 -26.85 -4.58
CA GLU D 406 -7.02 -26.99 -4.28
C GLU D 406 -7.60 -25.65 -3.86
N ALA D 407 -8.82 -25.38 -4.32
CA ALA D 407 -9.49 -24.10 -4.09
C ALA D 407 -10.33 -24.19 -2.82
N PRO D 408 -10.38 -23.10 -2.04
CA PRO D 408 -9.64 -21.84 -2.10
C PRO D 408 -8.19 -21.90 -1.63
N PHE D 409 -7.85 -22.93 -0.86
CA PHE D 409 -6.66 -22.94 -0.03
C PHE D 409 -5.33 -22.78 -0.78
N VAL D 410 -5.07 -23.68 -1.72
CA VAL D 410 -3.88 -23.57 -2.55
C VAL D 410 -4.27 -23.46 -4.01
N ILE D 411 -4.08 -22.27 -4.58
CA ILE D 411 -4.52 -22.03 -5.93
C ILE D 411 -3.34 -21.83 -6.86
N VAL D 412 -3.27 -22.64 -7.91
CA VAL D 412 -2.28 -22.41 -8.94
C VAL D 412 -2.86 -21.46 -9.97
N GLU D 413 -2.06 -20.45 -10.31
CA GLU D 413 -2.43 -19.49 -11.32
C GLU D 413 -1.27 -19.41 -12.30
N ASP D 414 -1.60 -19.06 -13.54
CA ASP D 414 -0.60 -18.87 -14.56
C ASP D 414 -0.16 -17.41 -14.57
N VAL D 415 1.14 -17.20 -14.38
CA VAL D 415 1.71 -15.87 -14.29
C VAL D 415 1.63 -15.12 -15.62
N ASP D 416 1.61 -13.79 -15.58
CA ASP D 416 1.52 -13.07 -16.85
C ASP D 416 2.74 -13.38 -17.68
N PRO D 417 2.55 -13.68 -18.97
CA PRO D 417 3.71 -13.92 -19.81
C PRO D 417 4.50 -12.63 -20.00
N LEU D 418 3.78 -11.57 -20.31
CA LEU D 418 4.39 -10.27 -20.50
C LEU D 418 4.97 -9.73 -19.22
N SER D 419 4.20 -9.83 -18.14
CA SER D 419 4.66 -9.33 -16.87
C SER D 419 5.43 -10.46 -16.25
N GLY D 420 6.70 -10.53 -16.60
CA GLY D 420 7.51 -11.63 -16.16
C GLY D 420 7.59 -11.85 -14.67
N THR D 421 7.47 -13.12 -14.34
CA THR D 421 7.61 -13.65 -12.98
C THR D 421 6.39 -13.31 -12.12
N CYS D 422 6.26 -14.05 -11.01
CA CYS D 422 5.11 -13.96 -10.14
C CYS D 422 4.92 -12.53 -9.69
N MET D 423 3.66 -12.12 -9.62
CA MET D 423 3.34 -10.76 -9.24
C MET D 423 2.77 -10.67 -7.84
N ARG D 424 3.32 -9.77 -7.05
CA ARG D 424 2.81 -9.53 -5.70
C ARG D 424 2.78 -10.78 -4.82
N ASN D 425 1.60 -11.09 -4.32
CA ASN D 425 1.40 -12.19 -3.40
C ASN D 425 1.78 -13.60 -3.85
N THR D 426 1.54 -13.97 -5.10
CA THR D 426 1.82 -15.34 -5.52
C THR D 426 3.27 -15.74 -5.32
N VAL D 427 3.47 -16.94 -4.79
CA VAL D 427 4.82 -17.42 -4.52
C VAL D 427 5.07 -18.54 -5.54
N PRO D 428 6.30 -18.61 -6.08
CA PRO D 428 6.58 -19.59 -7.14
C PRO D 428 6.54 -21.05 -6.67
N CYS D 429 6.01 -21.91 -7.54
CA CYS D 429 6.05 -23.35 -7.34
C CYS D 429 6.26 -24.04 -8.68
N ARG D 430 7.32 -24.84 -8.63
CA ARG D 430 7.82 -25.55 -9.75
C ARG D 430 7.90 -27.04 -9.62
N LYS D 431 7.36 -27.66 -10.65
CA LYS D 431 7.39 -29.09 -10.85
C LYS D 431 7.95 -29.23 -12.26
N GLN D 432 8.90 -30.15 -12.45
CA GLN D 432 9.46 -30.29 -13.78
C GLN D 432 8.33 -30.76 -14.64
N ILE D 433 8.09 -30.01 -15.70
CA ILE D 433 6.99 -30.26 -16.61
C ILE D 433 7.47 -31.28 -17.59
N ARG D 434 7.37 -32.54 -17.18
CA ARG D 434 7.82 -33.64 -17.96
C ARG D 434 6.59 -34.44 -18.30
N PRO D 435 6.45 -34.79 -19.56
CA PRO D 435 5.29 -35.59 -19.93
C PRO D 435 5.66 -36.93 -19.35
N GLU D 436 4.85 -37.42 -18.41
CA GLU D 436 5.14 -38.69 -17.78
C GLU D 436 5.09 -39.81 -18.81
N ASN D 437 4.08 -39.74 -19.68
CA ASN D 437 3.90 -40.75 -20.71
C ASN D 437 5.09 -40.75 -21.65
N ARG D 438 5.57 -39.57 -22.03
CA ARG D 438 6.71 -39.52 -22.93
C ARG D 438 7.89 -40.14 -22.19
N THR D 439 8.62 -41.01 -22.89
CA THR D 439 9.76 -41.67 -22.27
C THR D 439 10.84 -40.68 -21.88
N GLU D 440 11.11 -39.70 -22.73
CA GLU D 440 12.14 -38.73 -22.42
C GLU D 440 11.78 -37.98 -21.17
N GLU D 441 10.52 -37.51 -21.10
CA GLU D 441 10.01 -36.79 -19.95
C GLU D 441 10.96 -35.68 -19.57
N GLY D 442 11.34 -34.83 -20.52
CA GLY D 442 12.27 -33.77 -20.18
C GLY D 442 11.56 -32.95 -19.16
N GLY D 443 12.19 -32.74 -18.02
CA GLY D 443 11.55 -32.01 -16.97
C GLY D 443 12.14 -30.66 -16.73
N ASN D 444 11.35 -29.65 -17.03
CA ASN D 444 11.74 -28.27 -16.81
C ASN D 444 10.74 -27.86 -15.77
N TYR D 445 11.23 -27.31 -14.67
CA TYR D 445 10.34 -26.90 -13.60
C TYR D 445 9.31 -25.92 -14.15
N ILE D 446 8.07 -26.11 -13.73
CA ILE D 446 6.95 -25.29 -14.17
C ILE D 446 7.03 -23.88 -13.60
N LYS D 447 6.37 -22.94 -14.26
CA LYS D 447 6.37 -21.56 -13.82
C LYS D 447 4.93 -21.09 -13.66
N ARG D 448 4.29 -21.63 -12.64
CA ARG D 448 2.92 -21.31 -12.28
C ARG D 448 3.02 -20.84 -10.84
N CYS D 449 2.36 -19.74 -10.52
CA CYS D 449 2.46 -19.20 -9.16
C CYS D 449 1.34 -19.65 -8.23
N CYS D 450 1.73 -20.30 -7.14
CA CYS D 450 0.80 -20.73 -6.11
C CYS D 450 0.47 -19.57 -5.19
N LYS D 451 -0.81 -19.42 -4.86
CA LYS D 451 -1.26 -18.41 -3.92
C LYS D 451 -2.57 -18.79 -3.24
N GLY D 452 -2.81 -18.22 -2.06
CA GLY D 452 -4.00 -18.51 -1.30
C GLY D 452 -3.84 -18.51 0.20
N PHE D 453 -4.83 -19.08 0.89
CA PHE D 453 -4.79 -19.13 2.35
C PHE D 453 -3.63 -19.97 2.87
N CYS D 454 -3.40 -21.14 2.26
CA CYS D 454 -2.31 -22.00 2.68
C CYS D 454 -0.96 -21.34 2.47
N ILE D 455 -0.79 -20.72 1.31
CA ILE D 455 0.44 -20.03 0.97
C ILE D 455 0.66 -18.84 1.89
N ASP D 456 -0.42 -18.14 2.20
CA ASP D 456 -0.37 -16.96 3.06
C ASP D 456 0.03 -17.38 4.46
N ILE D 457 -0.54 -18.48 4.94
CA ILE D 457 -0.18 -18.99 6.27
C ILE D 457 1.31 -19.33 6.35
N LEU D 458 1.81 -19.99 5.31
CA LEU D 458 3.22 -20.34 5.23
C LEU D 458 4.08 -19.08 5.25
N LYS D 459 3.63 -18.06 4.50
CA LYS D 459 4.36 -16.81 4.38
C LYS D 459 4.44 -16.12 5.75
N LYS D 460 3.32 -16.10 6.47
CA LYS D 460 3.28 -15.51 7.80
C LYS D 460 4.15 -16.27 8.80
N ILE D 461 4.00 -17.59 8.82
CA ILE D 461 4.74 -18.47 9.71
C ILE D 461 6.23 -18.42 9.41
N ALA D 462 6.57 -18.34 8.13
CA ALA D 462 7.96 -18.31 7.70
C ALA D 462 8.71 -17.10 8.24
N LYS D 463 8.05 -15.94 8.28
CA LYS D 463 8.71 -14.76 8.79
C LYS D 463 9.09 -14.91 10.26
N THR D 464 8.18 -15.45 11.07
CA THR D 464 8.46 -15.67 12.48
C THR D 464 9.56 -16.70 12.63
N VAL D 465 9.43 -17.77 11.84
CA VAL D 465 10.40 -18.86 11.80
C VAL D 465 11.74 -18.36 11.28
N LYS D 466 11.67 -17.45 10.32
CA LYS D 466 12.82 -16.84 9.66
C LYS D 466 13.71 -17.86 8.96
N PHE D 467 13.07 -18.87 8.36
CA PHE D 467 13.77 -19.91 7.62
C PHE D 467 13.34 -19.84 6.16
N THR D 468 14.31 -19.82 5.25
CA THR D 468 14.01 -19.73 3.83
C THR D 468 13.71 -21.11 3.28
N TYR D 469 12.91 -21.14 2.21
CA TYR D 469 12.32 -22.39 1.73
C TYR D 469 12.08 -22.42 0.22
N ASP D 470 12.09 -23.62 -0.36
CA ASP D 470 11.80 -23.79 -1.78
C ASP D 470 10.45 -24.52 -1.97
N LEU D 471 9.58 -24.01 -2.82
CA LEU D 471 8.25 -24.60 -2.98
C LEU D 471 8.06 -25.20 -4.39
N TYR D 472 7.56 -26.43 -4.45
CA TYR D 472 7.24 -27.08 -5.72
C TYR D 472 5.91 -27.84 -5.66
N LEU D 473 5.50 -28.38 -6.80
CA LEU D 473 4.25 -29.13 -6.90
C LEU D 473 4.49 -30.61 -7.04
N VAL D 474 3.60 -31.40 -6.47
CA VAL D 474 3.70 -32.85 -6.53
C VAL D 474 3.26 -33.32 -7.90
N THR D 475 3.80 -34.47 -8.32
CA THR D 475 3.46 -35.08 -9.60
C THR D 475 2.65 -36.34 -9.35
N ASN D 476 3.24 -37.30 -8.65
CA ASN D 476 2.57 -38.59 -8.45
C ASN D 476 1.82 -38.86 -7.14
N GLY D 477 0.58 -39.30 -7.30
CA GLY D 477 -0.29 -39.70 -6.20
C GLY D 477 -1.19 -38.71 -5.49
N LYS D 478 -1.08 -37.41 -5.80
CA LYS D 478 -1.92 -36.39 -5.17
C LYS D 478 -1.85 -36.47 -3.63
N HIS D 479 -3.01 -36.46 -2.98
CA HIS D 479 -3.05 -36.57 -1.52
C HIS D 479 -2.48 -37.92 -1.15
N GLY D 480 -1.63 -37.97 -0.12
CA GLY D 480 -0.99 -39.22 0.21
C GLY D 480 -1.94 -40.41 0.25
N LYS D 481 -1.56 -41.50 -0.39
CA LYS D 481 -2.46 -42.68 -0.43
C LYS D 481 -1.71 -43.99 -0.21
N LYS D 482 -2.26 -44.92 0.57
CA LYS D 482 -1.55 -46.18 0.72
C LYS D 482 -2.22 -47.14 -0.27
N ILE D 483 -1.47 -47.51 -1.30
CA ILE D 483 -1.96 -48.46 -2.29
C ILE D 483 -1.05 -49.66 -2.13
N ASN D 484 -1.64 -50.84 -1.90
CA ASN D 484 -0.89 -52.07 -1.67
C ASN D 484 0.10 -51.80 -0.54
N GLY D 485 1.37 -52.11 -0.76
CA GLY D 485 2.38 -51.88 0.26
C GLY D 485 3.10 -50.54 0.22
N VAL D 486 2.81 -49.69 -0.77
CA VAL D 486 3.51 -48.41 -0.88
C VAL D 486 2.69 -47.11 -0.94
N TRP D 487 3.11 -46.14 -0.13
CA TRP D 487 2.52 -44.80 -0.07
C TRP D 487 2.68 -44.01 -1.38
N ASN D 488 1.85 -42.99 -1.56
CA ASN D 488 1.97 -42.11 -2.71
C ASN D 488 1.73 -40.67 -2.29
N GLY D 489 1.96 -39.74 -3.22
CA GLY D 489 1.72 -38.32 -3.04
C GLY D 489 2.87 -37.57 -2.38
N MET D 490 2.55 -36.40 -1.83
CA MET D 490 3.53 -35.53 -1.19
C MET D 490 4.27 -36.24 -0.06
N ILE D 491 3.56 -37.16 0.58
CA ILE D 491 4.11 -37.95 1.68
C ILE D 491 5.31 -38.75 1.21
N GLY D 492 5.27 -39.19 -0.04
CA GLY D 492 6.41 -39.90 -0.62
C GLY D 492 7.64 -39.03 -0.65
N GLU D 493 7.46 -37.77 -1.04
CA GLU D 493 8.57 -36.83 -1.10
C GLU D 493 9.01 -36.42 0.30
N VAL D 494 8.11 -36.61 1.27
CA VAL D 494 8.47 -36.39 2.67
C VAL D 494 9.28 -37.57 3.22
N VAL D 495 8.95 -38.76 2.72
CA VAL D 495 9.62 -40.00 3.10
C VAL D 495 10.93 -40.15 2.35
N THR D 496 10.92 -39.79 1.07
CA THR D 496 12.12 -39.84 0.23
C THR D 496 13.07 -38.73 0.62
N LYS D 497 12.63 -37.88 1.54
CA LYS D 497 13.36 -36.69 1.99
C LYS D 497 13.56 -35.73 0.82
N ARG D 498 12.67 -35.83 -0.16
CA ARG D 498 12.63 -34.88 -1.27
C ARG D 498 11.79 -33.68 -0.85
N ALA D 499 11.03 -33.86 0.23
CA ALA D 499 10.35 -32.76 0.88
C ALA D 499 10.54 -32.92 2.38
N TYR D 500 10.89 -31.84 3.06
CA TYR D 500 10.98 -31.88 4.51
C TYR D 500 9.58 -31.79 5.12
N MET D 501 8.85 -30.77 4.68
CA MET D 501 7.48 -30.54 5.15
C MET D 501 6.55 -30.39 3.96
N ALA D 502 5.37 -31.00 4.06
CA ALA D 502 4.36 -30.91 3.01
C ALA D 502 3.18 -30.05 3.46
N VAL D 503 2.79 -29.10 2.62
CA VAL D 503 1.72 -28.16 2.97
C VAL D 503 0.57 -28.26 1.98
N GLY D 504 -0.64 -27.97 2.42
CA GLY D 504 -1.81 -28.04 1.56
C GLY D 504 -3.12 -28.17 2.30
N SER D 505 -4.11 -28.75 1.61
CA SER D 505 -5.44 -29.01 2.18
C SER D 505 -5.46 -30.39 2.83
N LEU D 506 -4.26 -30.98 2.96
CA LEU D 506 -4.09 -32.33 3.48
C LEU D 506 -4.81 -32.57 4.81
N THR D 507 -5.61 -33.64 4.86
CA THR D 507 -6.32 -34.01 6.07
C THR D 507 -5.39 -34.81 6.97
N ILE D 508 -5.83 -35.12 8.19
CA ILE D 508 -5.02 -35.87 9.14
C ILE D 508 -5.62 -37.25 9.42
N ASN D 509 -4.76 -38.25 9.61
CA ASN D 509 -5.19 -39.60 9.96
C ASN D 509 -4.12 -40.33 10.76
N GLU D 510 -4.50 -41.43 11.40
CA GLU D 510 -3.62 -42.17 12.30
C GLU D 510 -2.35 -42.71 11.62
N GLU D 511 -2.50 -43.22 10.40
CA GLU D 511 -1.38 -43.77 9.65
C GLU D 511 -0.28 -42.73 9.36
N ARG D 512 -0.71 -41.56 8.90
CA ARG D 512 0.24 -40.52 8.53
C ARG D 512 0.86 -39.86 9.76
N SER D 513 0.08 -39.76 10.83
CA SER D 513 0.59 -39.27 12.11
C SER D 513 1.62 -40.25 12.63
N GLU D 514 1.40 -41.53 12.35
CA GLU D 514 2.35 -42.58 12.69
C GLU D 514 3.65 -42.40 11.93
N VAL D 515 3.56 -42.18 10.62
CA VAL D 515 4.79 -42.07 9.82
C VAL D 515 5.48 -40.71 9.93
N VAL D 516 4.71 -39.63 10.04
CA VAL D 516 5.28 -38.28 10.10
C VAL D 516 4.57 -37.42 11.14
N ASP D 517 5.33 -36.60 11.86
CA ASP D 517 4.75 -35.67 12.82
C ASP D 517 3.94 -34.58 12.11
N PHE D 518 2.78 -34.27 12.67
CA PHE D 518 1.88 -33.28 12.07
C PHE D 518 1.72 -32.02 12.91
N SER D 519 1.56 -30.89 12.23
CA SER D 519 1.24 -29.63 12.90
C SER D 519 -0.18 -29.65 13.45
N VAL D 520 -0.48 -28.72 14.36
CA VAL D 520 -1.85 -28.58 14.86
C VAL D 520 -2.69 -28.01 13.71
N PRO D 521 -3.96 -28.39 13.62
CA PRO D 521 -4.84 -27.93 12.53
C PRO D 521 -5.15 -26.42 12.51
N PHE D 522 -5.14 -25.82 11.32
CA PHE D 522 -5.42 -24.38 11.17
C PHE D 522 -6.83 -23.97 10.66
N ILE D 523 -7.66 -24.97 10.34
CA ILE D 523 -9.02 -24.71 9.86
C ILE D 523 -9.95 -25.89 10.13
N GLU D 524 -11.12 -25.59 10.69
CA GLU D 524 -12.09 -26.61 11.01
C GLU D 524 -12.66 -27.18 9.72
N THR D 525 -12.49 -28.48 9.55
CA THR D 525 -12.92 -29.16 8.32
C THR D 525 -13.20 -30.64 8.58
N GLY D 526 -13.37 -31.40 7.50
CA GLY D 526 -13.64 -32.82 7.62
C GLY D 526 -14.49 -33.35 6.49
N ILE D 527 -15.02 -34.56 6.65
CA ILE D 527 -15.95 -35.12 5.68
C ILE D 527 -17.27 -34.38 5.81
N SER D 528 -18.00 -34.21 4.71
CA SER D 528 -19.29 -33.55 4.75
C SER D 528 -20.07 -33.78 3.46
N VAL D 529 -21.31 -33.31 3.47
CA VAL D 529 -22.21 -33.51 2.35
C VAL D 529 -22.68 -32.18 1.77
N MET D 530 -22.91 -32.18 0.47
CA MET D 530 -23.38 -31.03 -0.29
C MET D 530 -24.51 -31.54 -1.16
N VAL D 531 -25.68 -30.94 -0.99
CA VAL D 531 -26.91 -31.37 -1.64
C VAL D 531 -27.83 -30.19 -1.95
N SER D 532 -28.93 -30.49 -2.66
CA SER D 532 -29.97 -29.50 -2.96
C SER D 532 -31.12 -29.74 -1.97
N ARG D 533 -31.63 -28.68 -1.33
CA ARG D 533 -32.77 -28.86 -0.41
C ARG D 533 -34.07 -28.62 -1.18
N SER D 534 -34.77 -29.72 -1.47
CA SER D 534 -36.01 -29.69 -2.26
C SER D 534 -37.32 -29.02 -1.76
N ASN D 535 -37.71 -29.25 -0.50
CA ASN D 535 -38.99 -28.71 -0.02
C ASN D 535 -39.18 -28.54 1.50
N GLY D 536 -40.22 -27.80 1.86
CA GLY D 536 -40.59 -27.55 3.25
C GLY D 536 -41.94 -28.14 3.64
N THR D 537 -42.01 -28.70 4.84
CA THR D 537 -43.18 -29.33 5.45
C THR D 537 -44.15 -28.38 6.14
N VAL D 538 -45.43 -28.66 5.94
CA VAL D 538 -46.50 -27.88 6.52
C VAL D 538 -47.28 -28.71 7.52
N SER D 539 -47.50 -28.10 8.67
CA SER D 539 -48.29 -28.68 9.73
C SER D 539 -49.26 -27.57 10.09
N PRO D 540 -50.55 -27.87 10.13
CA PRO D 540 -51.50 -26.82 10.49
C PRO D 540 -51.50 -26.82 11.99
N SER D 541 -50.71 -25.92 12.59
CA SER D 541 -50.65 -25.91 14.05
C SER D 541 -50.86 -24.51 14.63
N ALA D 542 -51.11 -23.53 13.77
CA ALA D 542 -51.29 -22.15 14.21
C ALA D 542 -52.51 -22.00 15.13
N PHE D 543 -53.60 -22.66 14.76
CA PHE D 543 -54.82 -22.63 15.56
C PHE D 543 -54.91 -23.81 16.53
N LEU D 544 -53.87 -24.63 16.56
CA LEU D 544 -53.83 -25.83 17.41
C LEU D 544 -53.90 -25.59 18.91
N GLU D 545 -53.26 -24.58 19.47
CA GLU D 545 -53.43 -24.41 20.92
C GLU D 545 -54.88 -24.06 21.32
N PRO D 546 -55.46 -23.13 20.57
CA PRO D 546 -56.83 -22.67 20.82
C PRO D 546 -57.82 -23.80 20.60
N PHE D 547 -57.60 -24.57 19.53
CA PHE D 547 -58.45 -25.70 19.21
C PHE D 547 -58.36 -26.75 20.31
N SER D 548 -57.20 -26.83 20.95
CA SER D 548 -56.97 -27.85 21.98
C SER D 548 -57.89 -27.88 23.21
N ALA D 549 -58.22 -26.73 23.81
CA ALA D 549 -59.07 -26.80 25.02
C ALA D 549 -60.22 -25.81 25.28
N ASP D 550 -59.88 -24.56 25.54
CA ASP D 550 -60.86 -23.52 25.90
C ASP D 550 -61.96 -23.09 24.93
N VAL D 551 -61.64 -22.98 23.64
CA VAL D 551 -62.60 -22.51 22.65
C VAL D 551 -63.86 -23.36 22.42
N TRP D 552 -63.70 -24.67 22.43
CA TRP D 552 -64.80 -25.59 22.14
C TRP D 552 -65.78 -25.67 23.31
N VAL D 553 -65.22 -25.75 24.52
CA VAL D 553 -66.04 -25.85 25.72
C VAL D 553 -66.86 -24.57 25.88
N MET D 554 -66.23 -23.44 25.62
CA MET D 554 -66.91 -22.15 25.72
C MET D 554 -68.03 -22.09 24.70
N MET D 555 -67.76 -22.57 23.49
CA MET D 555 -68.77 -22.57 22.44
C MET D 555 -69.96 -23.42 22.85
N PHE D 556 -69.72 -24.54 23.52
CA PHE D 556 -70.84 -25.36 23.96
C PHE D 556 -71.71 -24.62 24.99
N VAL D 557 -71.05 -23.89 25.89
CA VAL D 557 -71.74 -23.15 26.94
C VAL D 557 -72.63 -22.02 26.42
N MET D 558 -72.16 -21.32 25.40
CA MET D 558 -72.93 -20.23 24.81
C MET D 558 -74.22 -20.80 24.20
N LEU D 559 -74.09 -21.94 23.52
CA LEU D 559 -75.23 -22.61 22.92
C LEU D 559 -76.21 -23.04 24.01
N LEU D 560 -75.62 -23.67 25.02
CA LEU D 560 -76.32 -24.22 26.18
C LEU D 560 -76.99 -23.12 26.95
N ILE D 561 -76.31 -22.00 27.12
CA ILE D 561 -76.94 -20.89 27.81
C ILE D 561 -78.12 -20.44 26.94
N VAL D 562 -77.87 -20.30 25.64
CA VAL D 562 -78.88 -19.91 24.68
C VAL D 562 -79.97 -20.97 24.62
N SER D 563 -79.56 -22.23 24.65
CA SER D 563 -80.53 -23.31 24.58
C SER D 563 -81.47 -23.24 25.77
N ALA D 564 -80.93 -23.01 26.96
CA ALA D 564 -81.78 -22.91 28.13
C ALA D 564 -82.69 -21.71 27.99
N VAL D 565 -82.08 -20.58 27.67
CA VAL D 565 -82.81 -19.32 27.50
C VAL D 565 -83.78 -19.39 26.32
N ALA D 566 -83.32 -19.98 25.21
CA ALA D 566 -84.17 -20.07 24.03
C ALA D 566 -85.42 -20.91 24.27
N VAL D 567 -85.26 -22.07 24.91
CA VAL D 567 -86.42 -22.89 25.21
C VAL D 567 -87.29 -22.15 26.20
N PHE D 568 -86.70 -21.70 27.30
CA PHE D 568 -87.50 -20.97 28.27
C PHE D 568 -88.03 -19.66 27.70
N VAL D 569 -87.13 -18.89 27.07
CA VAL D 569 -87.53 -17.62 26.47
C VAL D 569 -88.43 -17.79 25.25
N PHE D 570 -88.05 -18.71 24.38
CA PHE D 570 -88.82 -18.95 23.17
C PHE D 570 -90.19 -19.47 23.53
N GLU D 571 -90.17 -20.47 24.41
CA GLU D 571 -91.39 -20.96 25.01
C GLU D 571 -92.05 -19.74 25.66
N TYR D 572 -91.23 -18.83 26.21
CA TYR D 572 -91.75 -17.60 26.78
C TYR D 572 -92.38 -16.83 25.64
N PHE D 573 -91.67 -16.73 24.53
CA PHE D 573 -92.22 -16.04 23.39
C PHE D 573 -93.39 -16.77 22.74
N SER D 574 -93.29 -18.08 22.59
CA SER D 574 -94.39 -18.85 22.03
C SER D 574 -94.76 -20.05 22.89
N PRO D 575 -96.01 -20.08 23.35
CA PRO D 575 -96.47 -21.17 24.21
C PRO D 575 -96.41 -22.52 23.50
N VAL D 576 -96.77 -22.51 22.21
CA VAL D 576 -96.74 -23.72 21.40
C VAL D 576 -95.43 -23.79 20.60
N PHE D 593 -86.80 -24.49 20.71
CA PHE D 593 -86.20 -25.81 20.91
C PHE D 593 -84.78 -25.84 20.37
N THR D 594 -83.89 -26.47 21.14
CA THR D 594 -82.50 -26.59 20.73
C THR D 594 -82.25 -28.03 20.30
N ILE D 595 -81.97 -28.17 19.01
CA ILE D 595 -81.69 -29.45 18.41
C ILE D 595 -80.30 -29.39 17.80
N GLY D 596 -80.10 -30.17 16.75
CA GLY D 596 -78.83 -30.16 16.06
C GLY D 596 -78.64 -28.75 15.53
N LYS D 597 -79.73 -28.14 15.09
CA LYS D 597 -79.67 -26.79 14.53
C LYS D 597 -78.83 -25.85 15.42
N ALA D 598 -78.97 -25.99 16.73
CA ALA D 598 -78.19 -25.18 17.69
C ALA D 598 -76.70 -25.48 17.56
N ILE D 599 -76.39 -26.76 17.35
CA ILE D 599 -75.01 -27.22 17.16
C ILE D 599 -74.46 -26.57 15.89
N TRP D 600 -75.29 -26.52 14.84
CA TRP D 600 -74.91 -25.88 13.57
C TRP D 600 -74.66 -24.39 13.80
N LEU D 601 -75.49 -23.78 14.63
CA LEU D 601 -75.37 -22.36 14.98
C LEU D 601 -74.03 -22.09 15.67
N LEU D 602 -73.58 -23.00 16.53
CA LEU D 602 -72.28 -22.82 17.17
C LEU D 602 -71.32 -22.87 15.98
N TRP D 603 -71.64 -23.79 15.07
CA TRP D 603 -70.93 -23.98 13.81
C TRP D 603 -71.06 -22.80 12.85
N GLY D 604 -72.27 -22.24 12.69
CA GLY D 604 -72.41 -21.09 11.82
C GLY D 604 -71.72 -19.82 12.27
N LEU D 605 -71.90 -19.48 13.54
CA LEU D 605 -71.29 -18.27 14.11
C LEU D 605 -69.78 -18.36 14.18
N VAL D 606 -69.31 -19.53 14.62
CA VAL D 606 -67.88 -19.83 14.84
C VAL D 606 -66.90 -19.84 13.66
N PHE D 607 -67.29 -20.37 12.50
CA PHE D 607 -66.33 -20.47 11.40
C PHE D 607 -66.69 -19.92 10.03
N ASN D 608 -66.59 -18.59 9.89
CA ASN D 608 -66.83 -17.90 8.62
C ASN D 608 -68.15 -18.17 7.94
N ASN D 609 -69.23 -18.24 8.73
CA ASN D 609 -70.58 -18.46 8.21
C ASN D 609 -70.74 -19.71 7.34
N SER D 610 -71.33 -19.52 6.17
CA SER D 610 -71.61 -20.61 5.22
C SER D 610 -72.53 -21.68 5.81
N LEU D 611 -73.41 -21.29 6.73
CA LEU D 611 -74.32 -22.26 7.33
C LEU D 611 -75.81 -21.95 7.10
N PRO D 612 -76.51 -22.76 6.33
CA PRO D 612 -77.90 -22.43 6.00
C PRO D 612 -79.04 -23.01 6.85
N VAL D 613 -78.78 -23.84 7.85
CA VAL D 613 -79.89 -24.46 8.57
C VAL D 613 -80.89 -23.62 9.40
N GLN D 614 -80.44 -22.73 10.28
CA GLN D 614 -81.35 -21.95 11.15
C GLN D 614 -80.81 -20.74 11.94
N ASN D 615 -81.75 -19.99 12.51
CA ASN D 615 -81.50 -18.91 13.46
C ASN D 615 -82.55 -18.95 14.57
N PRO D 616 -82.10 -18.90 15.82
CA PRO D 616 -83.03 -18.97 16.97
C PRO D 616 -83.98 -17.77 17.07
N LYS D 617 -85.24 -18.04 17.37
CA LYS D 617 -86.25 -16.99 17.50
C LYS D 617 -86.37 -16.42 18.93
N GLY D 618 -85.37 -15.65 19.34
CA GLY D 618 -85.38 -15.03 20.66
C GLY D 618 -84.53 -13.78 20.67
N THR D 619 -84.75 -12.88 21.62
CA THR D 619 -83.91 -11.67 21.64
C THR D 619 -82.56 -11.66 22.37
N THR D 620 -82.49 -12.17 23.59
CA THR D 620 -81.22 -12.13 24.35
C THR D 620 -80.02 -12.97 23.88
N SER D 621 -80.25 -14.25 23.59
CA SER D 621 -79.17 -15.15 23.16
C SER D 621 -78.55 -14.90 21.79
N LYS D 622 -79.42 -14.55 20.85
CA LYS D 622 -79.10 -14.35 19.46
C LYS D 622 -78.14 -13.19 19.35
N ILE D 623 -78.47 -12.13 20.08
CA ILE D 623 -77.65 -10.95 20.13
C ILE D 623 -76.31 -11.29 20.80
N MET D 624 -76.36 -12.04 21.89
CA MET D 624 -75.14 -12.41 22.60
C MET D 624 -74.21 -13.17 21.69
N VAL D 625 -74.77 -14.02 20.86
CA VAL D 625 -73.98 -14.77 19.94
C VAL D 625 -73.44 -13.90 18.85
N SER D 626 -74.20 -12.90 18.41
CA SER D 626 -73.63 -12.03 17.38
C SER D 626 -72.37 -11.37 17.93
N VAL D 627 -72.34 -11.12 19.24
CA VAL D 627 -71.15 -10.59 19.87
C VAL D 627 -70.06 -11.64 19.84
N TRP D 628 -70.44 -12.85 20.26
CA TRP D 628 -69.52 -13.97 20.20
C TRP D 628 -68.91 -14.14 18.85
N ALA D 629 -69.76 -14.09 17.83
CA ALA D 629 -69.36 -14.29 16.47
C ALA D 629 -68.36 -13.28 16.08
N PHE D 630 -68.60 -12.03 16.47
CA PHE D 630 -67.70 -10.94 16.13
C PHE D 630 -66.30 -11.15 16.72
N PHE D 631 -66.25 -11.55 17.98
CA PHE D 631 -64.99 -11.88 18.63
C PHE D 631 -64.37 -13.13 17.99
N ALA D 632 -65.23 -14.10 17.67
CA ALA D 632 -64.83 -15.34 17.09
C ALA D 632 -64.19 -15.06 15.73
N VAL D 633 -64.74 -14.09 15.01
CA VAL D 633 -64.20 -13.67 13.72
C VAL D 633 -62.82 -13.15 13.90
N ILE D 634 -62.62 -12.38 14.95
CA ILE D 634 -61.29 -11.92 15.24
C ILE D 634 -60.36 -13.10 15.39
N PHE D 635 -60.82 -14.12 16.10
CA PHE D 635 -60.01 -15.31 16.29
C PHE D 635 -59.77 -16.02 14.97
N LEU D 636 -60.78 -16.05 14.12
CA LEU D 636 -60.66 -16.64 12.82
C LEU D 636 -59.60 -15.92 12.02
N ALA D 637 -59.69 -14.61 12.05
CA ALA D 637 -58.74 -13.75 11.39
C ALA D 637 -57.36 -14.05 11.91
N SER D 638 -57.25 -14.21 13.23
CA SER D 638 -55.98 -14.50 13.82
C SER D 638 -55.50 -15.88 13.41
N TYR D 639 -56.45 -16.80 13.22
CA TYR D 639 -56.10 -18.15 12.80
C TYR D 639 -55.45 -18.07 11.42
N THR D 640 -55.99 -17.21 10.57
CA THR D 640 -55.44 -17.03 9.25
C THR D 640 -54.04 -16.48 9.41
N ALA D 641 -53.89 -15.49 10.29
CA ALA D 641 -52.60 -14.88 10.58
C ALA D 641 -51.64 -15.90 11.16
N ASN D 642 -52.14 -16.84 11.94
CA ASN D 642 -51.32 -17.85 12.55
C ASN D 642 -50.74 -18.72 11.48
N LEU D 643 -51.56 -19.07 10.53
CA LEU D 643 -51.11 -19.85 9.42
C LEU D 643 -50.25 -19.01 8.50
N ALA D 644 -50.52 -17.71 8.45
CA ALA D 644 -49.67 -16.82 7.69
C ALA D 644 -48.30 -16.84 8.30
N ALA D 645 -48.21 -16.90 9.64
CA ALA D 645 -46.93 -16.97 10.32
C ALA D 645 -46.14 -18.15 9.82
N PHE D 646 -46.83 -19.27 9.59
CA PHE D 646 -46.19 -20.45 9.04
C PHE D 646 -45.70 -20.14 7.62
N MET D 647 -46.53 -19.41 6.86
CA MET D 647 -46.18 -19.01 5.51
C MET D 647 -45.03 -18.01 5.47
N ILE D 648 -44.86 -17.23 6.54
CA ILE D 648 -43.78 -16.25 6.61
C ILE D 648 -42.42 -16.89 6.37
N GLN D 649 -42.19 -18.08 6.89
CA GLN D 649 -40.89 -18.68 6.66
C GLN D 649 -40.94 -20.16 6.78
N ARG D 650 -40.04 -20.83 6.10
CA ARG D 650 -40.03 -22.25 6.21
C ARG D 650 -38.68 -22.87 5.96
N ARG D 651 -38.39 -23.86 6.76
CA ARG D 651 -37.16 -24.57 6.70
C ARG D 651 -37.17 -25.57 5.57
N TYR D 652 -36.85 -25.10 4.36
CA TYR D 652 -36.80 -25.95 3.16
C TYR D 652 -35.52 -26.79 3.09
N VAL D 653 -35.31 -27.57 4.14
CA VAL D 653 -34.15 -28.39 4.36
C VAL D 653 -34.54 -29.73 4.98
N ASP D 654 -35.84 -30.01 5.02
CA ASP D 654 -36.36 -31.15 5.75
C ASP D 654 -35.67 -32.49 5.47
N GLN D 655 -35.39 -32.80 4.21
CA GLN D 655 -34.79 -34.08 3.95
C GLN D 655 -33.32 -34.09 4.23
N VAL D 656 -32.93 -34.79 5.27
CA VAL D 656 -31.53 -34.83 5.65
C VAL D 656 -31.05 -36.26 5.81
N SER D 657 -29.88 -36.54 5.23
CA SER D 657 -29.28 -37.85 5.38
C SER D 657 -28.15 -37.68 6.39
N GLY D 658 -28.40 -38.12 7.61
CA GLY D 658 -27.44 -38.02 8.69
C GLY D 658 -26.21 -38.88 8.45
N LEU D 659 -26.49 -40.05 7.87
CA LEU D 659 -25.59 -41.18 7.50
C LEU D 659 -25.38 -42.15 8.66
N SER D 660 -25.93 -41.80 9.82
CA SER D 660 -25.91 -42.65 11.00
C SER D 660 -27.31 -43.23 11.01
N ASP D 661 -28.10 -42.77 10.03
CA ASP D 661 -29.49 -43.19 9.86
C ASP D 661 -29.68 -44.56 9.20
N LYS D 662 -28.70 -44.95 8.38
CA LYS D 662 -28.55 -46.20 7.60
C LYS D 662 -29.28 -46.18 6.26
N LYS D 663 -29.90 -45.05 5.94
CA LYS D 663 -30.54 -44.91 4.64
C LYS D 663 -29.40 -44.94 3.61
N PHE D 664 -28.34 -44.18 3.90
CA PHE D 664 -27.15 -44.16 3.07
C PHE D 664 -26.51 -45.54 3.14
N GLN D 665 -26.50 -46.12 4.35
CA GLN D 665 -25.92 -47.45 4.54
C GLN D 665 -26.49 -48.39 3.49
N ARG D 666 -27.79 -48.32 3.24
CA ARG D 666 -28.28 -49.04 2.09
C ARG D 666 -29.18 -48.15 1.26
N PRO D 667 -28.88 -48.09 -0.04
CA PRO D 667 -29.72 -47.52 -1.10
C PRO D 667 -30.90 -48.43 -1.38
N ASN D 668 -30.62 -49.73 -1.31
CA ASN D 668 -31.56 -50.77 -1.68
C ASN D 668 -32.81 -50.81 -0.79
N ASP D 669 -32.68 -50.36 0.45
CA ASP D 669 -33.83 -50.30 1.35
C ASP D 669 -34.87 -49.36 0.76
N PHE D 670 -34.40 -48.26 0.16
CA PHE D 670 -35.28 -47.36 -0.56
C PHE D 670 -35.44 -47.84 -1.99
N SER D 671 -36.70 -48.02 -2.41
CA SER D 671 -37.01 -48.62 -3.71
C SER D 671 -36.45 -47.85 -4.89
N PRO D 672 -36.60 -46.51 -4.91
CA PRO D 672 -35.82 -45.88 -5.99
C PRO D 672 -34.35 -45.92 -5.62
N ALA D 673 -33.48 -45.97 -6.63
CA ALA D 673 -32.05 -46.07 -6.35
C ALA D 673 -31.57 -44.71 -5.85
N PHE D 674 -30.82 -44.70 -4.77
CA PHE D 674 -30.29 -43.43 -4.30
C PHE D 674 -28.89 -43.27 -4.85
N ARG D 675 -28.30 -42.10 -4.70
CA ARG D 675 -26.99 -41.87 -5.28
C ARG D 675 -26.14 -40.92 -4.44
N PHE D 676 -24.92 -41.34 -4.14
CA PHE D 676 -23.93 -40.47 -3.53
C PHE D 676 -22.55 -40.97 -3.89
N GLY D 677 -21.60 -40.06 -4.06
CA GLY D 677 -20.26 -40.42 -4.46
C GLY D 677 -19.21 -39.46 -3.95
N THR D 678 -17.96 -39.89 -4.01
CA THR D 678 -16.84 -39.05 -3.60
C THR D 678 -15.62 -39.31 -4.49
N VAL D 679 -14.64 -38.41 -4.40
CA VAL D 679 -13.42 -38.54 -5.18
C VAL D 679 -12.55 -39.67 -4.60
N PRO D 680 -12.07 -40.56 -5.47
CA PRO D 680 -11.21 -41.70 -5.11
C PRO D 680 -9.78 -41.31 -4.78
N ASN D 681 -9.04 -42.21 -4.17
CA ASN D 681 -7.65 -41.93 -3.80
C ASN D 681 -7.63 -40.81 -2.76
N GLY D 682 -8.72 -40.69 -2.01
CA GLY D 682 -8.84 -39.68 -0.97
C GLY D 682 -8.70 -40.27 0.42
N SER D 683 -8.41 -39.42 1.40
CA SER D 683 -8.40 -39.85 2.79
C SER D 683 -9.80 -40.26 3.20
N THR D 684 -10.78 -39.60 2.59
CA THR D 684 -12.18 -39.91 2.78
C THR D 684 -12.51 -41.33 2.33
N GLU D 685 -12.07 -41.68 1.12
CA GLU D 685 -12.34 -43.00 0.56
C GLU D 685 -11.66 -44.11 1.36
N ARG D 686 -10.40 -43.88 1.74
CA ARG D 686 -9.64 -44.83 2.55
C ARG D 686 -10.30 -45.04 3.91
N ASN D 687 -10.69 -43.94 4.53
CA ASN D 687 -11.41 -43.99 5.80
C ASN D 687 -12.71 -44.77 5.67
N ILE D 688 -13.46 -44.47 4.62
CA ILE D 688 -14.70 -45.17 4.30
C ILE D 688 -14.46 -46.67 4.22
N ARG D 689 -13.49 -47.07 3.40
CA ARG D 689 -13.17 -48.48 3.22
C ARG D 689 -12.76 -49.11 4.55
N ASN D 690 -12.08 -48.35 5.39
CA ASN D 690 -11.67 -48.86 6.69
C ASN D 690 -12.87 -49.14 7.60
N ASN D 691 -13.69 -48.11 7.83
CA ASN D 691 -14.88 -48.29 8.67
C ASN D 691 -16.09 -48.92 7.98
N TYR D 692 -16.52 -48.36 6.86
CA TYR D 692 -17.77 -48.82 6.22
C TYR D 692 -17.48 -49.40 4.83
N LEU D 693 -17.53 -50.73 4.73
CA LEU D 693 -17.19 -51.41 3.48
C LEU D 693 -18.27 -51.25 2.41
N GLU D 694 -19.49 -51.60 2.76
CA GLU D 694 -20.63 -51.57 1.84
C GLU D 694 -20.77 -50.23 1.13
N MET D 695 -20.55 -49.15 1.87
CA MET D 695 -20.63 -47.81 1.31
C MET D 695 -19.57 -47.61 0.23
N HIS D 696 -18.36 -48.10 0.48
CA HIS D 696 -17.27 -48.01 -0.48
C HIS D 696 -17.57 -48.82 -1.75
N SER D 697 -17.91 -50.09 -1.53
CA SER D 697 -18.19 -51.02 -2.61
C SER D 697 -19.37 -50.57 -3.46
N TYR D 698 -20.32 -49.87 -2.86
CA TYR D 698 -21.45 -49.33 -3.61
C TYR D 698 -21.09 -48.02 -4.32
N MET D 699 -20.34 -47.17 -3.64
CA MET D 699 -20.05 -45.83 -4.14
C MET D 699 -19.00 -45.82 -5.25
N VAL D 700 -18.28 -46.92 -5.43
CA VAL D 700 -17.28 -46.98 -6.50
C VAL D 700 -17.88 -46.64 -7.87
N LYS D 701 -19.15 -46.98 -8.07
CA LYS D 701 -19.86 -46.65 -9.31
C LYS D 701 -20.13 -45.15 -9.42
N PHE D 702 -20.31 -44.50 -8.27
CA PHE D 702 -20.65 -43.08 -8.24
C PHE D 702 -19.43 -42.17 -8.06
N ASN D 703 -18.24 -42.77 -8.02
CA ASN D 703 -17.00 -42.02 -7.93
C ASN D 703 -16.83 -41.10 -9.14
N GLN D 704 -16.26 -39.92 -8.91
CA GLN D 704 -16.15 -38.92 -9.96
C GLN D 704 -14.71 -38.45 -10.20
N ARG D 705 -14.42 -38.05 -11.43
CA ARG D 705 -13.08 -37.67 -11.87
C ARG D 705 -12.49 -36.51 -11.08
N SER D 706 -13.22 -35.41 -10.99
CA SER D 706 -12.71 -34.20 -10.35
C SER D 706 -13.82 -33.41 -9.67
N VAL D 707 -13.44 -32.52 -8.76
CA VAL D 707 -14.40 -31.76 -7.96
C VAL D 707 -15.32 -30.90 -8.83
N GLN D 708 -14.77 -30.34 -9.91
CA GLN D 708 -15.58 -29.61 -10.87
C GLN D 708 -16.55 -30.58 -11.57
N ASP D 709 -16.04 -31.75 -11.90
CA ASP D 709 -16.85 -32.80 -12.53
C ASP D 709 -17.81 -33.49 -11.56
N ALA D 710 -17.35 -33.79 -10.35
CA ALA D 710 -18.24 -34.24 -9.28
C ALA D 710 -19.39 -33.26 -9.14
N LEU D 711 -19.03 -31.98 -9.22
CA LEU D 711 -20.00 -30.90 -9.18
C LEU D 711 -20.89 -31.01 -10.40
N LEU D 712 -20.34 -31.44 -11.54
CA LEU D 712 -21.16 -31.62 -12.73
C LEU D 712 -22.22 -32.71 -12.52
N SER D 713 -21.85 -33.75 -11.78
CA SER D 713 -22.81 -34.82 -11.49
C SER D 713 -23.89 -34.34 -10.54
N LEU D 714 -23.55 -33.48 -9.59
CA LEU D 714 -24.58 -32.93 -8.70
C LEU D 714 -25.47 -31.90 -9.41
N LYS D 715 -24.83 -30.93 -10.06
CA LYS D 715 -25.46 -29.73 -10.60
C LYS D 715 -26.46 -29.97 -11.73
N SER D 716 -26.09 -30.82 -12.69
CA SER D 716 -26.93 -31.02 -13.88
C SER D 716 -27.96 -32.12 -13.65
N GLY D 717 -27.97 -32.68 -12.44
CA GLY D 717 -28.81 -33.82 -12.16
C GLY D 717 -28.01 -35.08 -12.43
N LYS D 718 -28.67 -36.23 -12.30
CA LYS D 718 -28.09 -37.57 -12.49
C LYS D 718 -27.31 -38.00 -11.25
N LEU D 719 -27.24 -37.11 -10.26
CA LEU D 719 -26.74 -37.47 -8.94
C LEU D 719 -27.44 -36.62 -7.89
N ASP D 720 -27.78 -37.24 -6.76
CA ASP D 720 -28.49 -36.55 -5.70
C ASP D 720 -27.54 -35.81 -4.76
N ALA D 721 -26.71 -36.57 -4.05
CA ALA D 721 -25.86 -36.00 -3.02
C ALA D 721 -24.39 -36.12 -3.38
N PHE D 722 -23.58 -35.17 -2.92
CA PHE D 722 -22.14 -35.26 -3.09
C PHE D 722 -21.45 -35.19 -1.75
N ILE D 723 -20.36 -35.92 -1.60
CA ILE D 723 -19.64 -35.93 -0.33
C ILE D 723 -18.18 -35.59 -0.57
N TYR D 724 -17.65 -34.69 0.27
CA TYR D 724 -16.28 -34.22 0.10
C TYR D 724 -15.80 -33.51 1.34
N ASP D 725 -14.61 -32.93 1.26
CA ASP D 725 -14.02 -32.22 2.37
C ASP D 725 -14.92 -31.05 2.79
N ALA D 726 -14.97 -30.78 4.10
CA ALA D 726 -15.95 -29.85 4.64
C ALA D 726 -15.62 -28.41 4.34
N ALA D 727 -14.33 -28.08 4.36
CA ALA D 727 -13.91 -26.72 4.05
C ALA D 727 -14.22 -26.37 2.59
N VAL D 728 -13.90 -27.31 1.70
CA VAL D 728 -14.16 -27.13 0.28
C VAL D 728 -15.65 -27.08 0.01
N LEU D 729 -16.41 -27.92 0.71
CA LEU D 729 -17.86 -27.98 0.53
C LEU D 729 -18.54 -26.74 1.09
N ASN D 730 -17.95 -26.15 2.12
CA ASN D 730 -18.47 -24.92 2.72
C ASN D 730 -18.16 -23.70 1.85
N TYR D 731 -16.93 -23.65 1.33
CA TYR D 731 -16.56 -22.59 0.42
C TYR D 731 -17.38 -22.65 -0.86
N MET D 732 -17.57 -23.89 -1.32
CA MET D 732 -18.35 -24.20 -2.52
C MET D 732 -19.78 -23.76 -2.30
N ALA D 733 -20.30 -23.98 -1.09
CA ALA D 733 -21.66 -23.56 -0.82
C ALA D 733 -21.73 -22.04 -0.93
N GLY D 734 -20.76 -21.35 -0.36
CA GLY D 734 -20.73 -19.90 -0.44
C GLY D 734 -20.48 -19.39 -1.85
N ARG D 735 -19.44 -19.92 -2.48
CA ARG D 735 -19.10 -19.56 -3.86
C ARG D 735 -19.81 -20.48 -4.84
N ASP D 736 -21.13 -20.32 -4.98
CA ASP D 736 -21.89 -21.16 -5.88
C ASP D 736 -22.85 -20.38 -6.77
N GLU D 737 -23.04 -20.85 -8.00
CA GLU D 737 -23.96 -20.22 -8.94
C GLU D 737 -25.39 -20.29 -8.41
N GLY D 738 -25.74 -21.44 -7.84
CA GLY D 738 -27.06 -21.65 -7.28
C GLY D 738 -26.97 -21.85 -5.78
N CYS D 739 -27.82 -21.17 -5.07
CA CYS D 739 -27.83 -21.32 -3.63
C CYS D 739 -28.66 -22.52 -3.18
N LYS D 740 -29.21 -23.25 -4.15
CA LYS D 740 -30.04 -24.40 -3.84
C LYS D 740 -29.21 -25.41 -3.06
N LEU D 741 -27.97 -25.61 -3.47
CA LEU D 741 -27.11 -26.51 -2.76
C LEU D 741 -26.83 -25.86 -1.41
N VAL D 742 -26.92 -26.62 -0.33
CA VAL D 742 -26.68 -26.10 1.00
C VAL D 742 -25.90 -27.11 1.81
N THR D 743 -25.12 -26.64 2.77
CA THR D 743 -24.35 -27.57 3.59
C THR D 743 -25.30 -28.50 4.33
N ILE D 744 -24.88 -29.75 4.56
CA ILE D 744 -25.72 -30.70 5.27
C ILE D 744 -25.94 -30.17 6.68
N GLY D 745 -27.17 -30.31 7.19
CA GLY D 745 -27.47 -29.80 8.51
C GLY D 745 -26.83 -28.44 8.74
N SER D 746 -26.10 -28.32 9.84
CA SER D 746 -25.35 -27.11 10.16
C SER D 746 -23.96 -27.18 9.51
N GLY D 747 -23.77 -28.20 8.67
CA GLY D 747 -22.46 -28.49 8.12
C GLY D 747 -21.54 -29.00 9.21
N LYS D 748 -22.13 -29.42 10.33
CA LYS D 748 -21.34 -29.97 11.41
C LYS D 748 -20.88 -31.34 10.96
N VAL D 749 -19.57 -31.51 10.89
CA VAL D 749 -18.99 -32.66 10.22
C VAL D 749 -18.56 -33.75 11.19
N PHE D 750 -18.78 -35.01 10.79
CA PHE D 750 -18.21 -36.11 11.55
C PHE D 750 -16.75 -36.19 11.12
N ALA D 751 -15.98 -37.07 11.76
CA ALA D 751 -14.55 -37.16 11.50
C ALA D 751 -13.93 -35.77 11.59
N THR D 752 -14.23 -35.06 12.66
CA THR D 752 -13.78 -33.69 12.82
C THR D 752 -12.26 -33.61 12.71
N THR D 753 -11.79 -32.88 11.72
CA THR D 753 -10.36 -32.77 11.46
C THR D 753 -9.98 -31.39 10.97
N GLY D 754 -8.69 -31.21 10.69
CA GLY D 754 -8.18 -29.96 10.18
C GLY D 754 -7.02 -30.25 9.25
N TYR D 755 -6.57 -29.23 8.51
CA TYR D 755 -5.45 -29.40 7.59
C TYR D 755 -4.22 -29.79 8.39
N GLY D 756 -3.42 -30.69 7.84
CA GLY D 756 -2.22 -31.17 8.50
C GLY D 756 -0.93 -30.88 7.78
N ILE D 757 0.08 -30.44 8.53
CA ILE D 757 1.39 -30.12 7.95
C ILE D 757 2.39 -31.22 8.30
N ALA D 758 3.07 -31.72 7.27
CA ALA D 758 4.04 -32.80 7.43
C ALA D 758 5.39 -32.32 7.95
N ILE D 759 6.11 -33.23 8.58
CA ILE D 759 7.48 -33.04 9.06
C ILE D 759 8.06 -34.46 8.87
N GLN D 760 9.33 -34.69 9.14
CA GLN D 760 9.92 -35.99 8.86
C GLN D 760 9.56 -36.99 9.95
N LYS D 761 10.07 -36.74 11.15
CA LYS D 761 9.94 -37.64 12.28
C LYS D 761 10.27 -36.86 13.54
N ASP D 762 10.48 -37.58 14.65
CA ASP D 762 10.72 -36.98 15.96
C ASP D 762 11.78 -35.88 15.92
N SER D 763 12.71 -35.98 14.97
CA SER D 763 13.68 -34.92 14.76
C SER D 763 13.12 -33.94 13.75
N GLY D 764 12.91 -32.70 14.17
CA GLY D 764 12.34 -31.68 13.31
C GLY D 764 12.17 -30.37 14.04
N TRP D 765 11.39 -29.46 13.46
CA TRP D 765 11.10 -28.15 14.06
C TRP D 765 10.34 -28.25 15.35
N LYS D 766 9.45 -29.21 15.39
CA LYS D 766 8.67 -29.52 16.60
C LYS D 766 7.89 -28.36 17.20
N ARG D 767 8.11 -28.12 18.49
CA ARG D 767 7.39 -27.08 19.23
C ARG D 767 7.56 -25.65 18.74
N GLN D 768 8.77 -25.25 18.36
CA GLN D 768 8.93 -23.87 17.92
C GLN D 768 7.99 -23.55 16.76
N VAL D 769 7.86 -24.49 15.83
CA VAL D 769 6.97 -24.32 14.68
C VAL D 769 5.50 -24.18 15.04
N ASP D 770 5.04 -24.99 16.00
CA ASP D 770 3.65 -24.95 16.43
C ASP D 770 3.31 -23.59 17.04
N LEU D 771 4.24 -23.09 17.84
CA LEU D 771 4.11 -21.78 18.49
C LEU D 771 3.65 -20.76 17.47
N ALA D 772 4.37 -20.69 16.34
CA ALA D 772 4.07 -19.72 15.29
C ALA D 772 2.59 -19.80 14.94
N ILE D 773 2.10 -21.03 14.80
CA ILE D 773 0.72 -21.26 14.40
C ILE D 773 -0.24 -20.57 15.36
N LEU D 774 -0.05 -20.75 16.66
CA LEU D 774 -1.01 -20.19 17.58
C LEU D 774 -0.77 -18.70 17.80
N GLN D 775 0.34 -18.23 17.24
CA GLN D 775 0.65 -16.82 17.20
C GLN D 775 -0.34 -16.18 16.22
N LEU D 776 -0.63 -16.90 15.14
CA LEU D 776 -1.50 -16.43 14.06
C LEU D 776 -2.90 -16.19 14.60
N PHE D 777 -3.36 -17.09 15.45
CA PHE D 777 -4.69 -16.96 16.05
C PHE D 777 -4.75 -15.70 16.92
N GLY D 778 -3.68 -15.46 17.65
CA GLY D 778 -3.59 -14.30 18.53
C GLY D 778 -3.56 -13.00 17.75
N ASP D 779 -2.79 -12.98 16.67
CA ASP D 779 -2.68 -11.80 15.82
C ASP D 779 -4.04 -11.50 15.20
N GLY D 780 -4.72 -12.56 14.79
CA GLY D 780 -6.03 -12.45 14.18
C GLY D 780 -6.03 -12.36 12.67
N GLU D 781 -4.90 -12.70 12.06
CA GLU D 781 -4.74 -12.65 10.61
C GLU D 781 -5.67 -13.64 9.91
N MET D 782 -5.82 -14.81 10.50
CA MET D 782 -6.64 -15.88 9.92
C MET D 782 -8.08 -15.48 9.64
N GLU D 783 -8.64 -14.60 10.46
CA GLU D 783 -10.00 -14.14 10.23
C GLU D 783 -10.08 -13.30 8.95
N GLU D 784 -9.10 -12.42 8.78
CA GLU D 784 -8.99 -11.61 7.58
C GLU D 784 -8.82 -12.48 6.35
N LEU D 785 -7.86 -13.40 6.42
CA LEU D 785 -7.59 -14.34 5.33
C LEU D 785 -8.81 -15.21 5.03
N GLU D 786 -9.62 -15.48 6.06
CA GLU D 786 -10.83 -16.24 5.89
C GLU D 786 -11.85 -15.43 5.11
N ALA D 787 -12.00 -14.16 5.47
CA ALA D 787 -12.92 -13.28 4.78
C ALA D 787 -12.51 -13.11 3.31
N LEU D 788 -11.21 -12.99 3.06
CA LEU D 788 -10.74 -12.83 1.69
C LEU D 788 -10.82 -14.11 0.86
N TRP D 789 -10.16 -15.17 1.31
CA TRP D 789 -10.08 -16.40 0.52
C TRP D 789 -11.23 -17.38 0.72
N LEU D 790 -11.69 -17.51 1.96
CA LEU D 790 -12.77 -18.44 2.32
C LEU D 790 -14.18 -17.83 2.35
N THR D 791 -14.33 -16.60 1.88
CA THR D 791 -15.64 -15.92 1.88
C THR D 791 -16.69 -16.67 1.06
N GLY D 792 -17.95 -16.65 1.52
CA GLY D 792 -19.02 -17.36 0.83
C GLY D 792 -20.27 -16.60 0.44
N ILE D 793 -20.77 -16.89 -0.75
CA ILE D 793 -21.99 -16.27 -1.30
C ILE D 793 -23.26 -16.79 -0.62
N CYS D 794 -24.34 -16.00 -0.66
CA CYS D 794 -25.61 -16.38 -0.02
C CYS D 794 -25.48 -16.75 1.45
N HIS D 795 -25.18 -15.75 2.32
CA HIS D 795 -24.88 -16.07 3.73
C HIS D 795 -25.98 -16.92 4.29
N ASN D 796 -25.55 -17.89 5.10
CA ASN D 796 -26.48 -18.88 5.57
C ASN D 796 -27.37 -18.49 6.72
N GLU D 797 -28.36 -17.69 6.36
CA GLU D 797 -29.47 -17.32 7.22
C GLU D 797 -30.52 -18.46 7.14
N LYS D 798 -31.55 -18.43 8.00
CA LYS D 798 -32.54 -19.50 7.93
C LYS D 798 -33.23 -19.18 6.62
N ASN D 799 -33.02 -20.05 5.63
CA ASN D 799 -33.64 -19.89 4.31
C ASN D 799 -35.16 -20.07 4.38
N GLU D 800 -35.88 -19.36 3.50
CA GLU D 800 -37.35 -19.43 3.49
C GLU D 800 -37.95 -19.67 2.09
N VAL D 801 -39.16 -20.20 2.08
CA VAL D 801 -39.90 -20.47 0.84
C VAL D 801 -41.33 -19.94 0.96
N MET D 802 -41.88 -19.45 -0.15
CA MET D 802 -43.24 -18.91 -0.13
C MET D 802 -44.14 -19.43 -1.24
N SER D 803 -45.43 -19.59 -0.93
CA SER D 803 -46.46 -20.06 -1.87
C SER D 803 -46.12 -21.39 -2.53
N SER D 804 -45.56 -22.31 -1.75
CA SER D 804 -45.17 -23.63 -2.27
C SER D 804 -46.34 -24.56 -2.61
N GLN D 805 -46.16 -25.32 -3.68
CA GLN D 805 -47.11 -26.31 -4.13
C GLN D 805 -47.67 -26.82 -2.82
N LEU D 806 -48.97 -26.92 -2.76
CA LEU D 806 -49.62 -27.29 -1.51
C LEU D 806 -49.91 -28.78 -1.42
N ASP D 807 -48.85 -29.56 -1.24
CA ASP D 807 -49.01 -30.99 -1.11
C ASP D 807 -49.30 -31.30 0.35
N ILE D 808 -50.36 -30.69 0.88
CA ILE D 808 -50.75 -30.94 2.23
C ILE D 808 -50.45 -32.34 2.66
N ASP D 809 -50.19 -32.50 3.93
CA ASP D 809 -49.95 -33.78 4.50
C ASP D 809 -50.73 -33.97 5.79
N ASN D 810 -50.90 -32.89 6.51
CA ASN D 810 -51.64 -32.88 7.73
C ASN D 810 -53.09 -32.63 7.43
N MET D 811 -53.35 -31.81 6.42
CA MET D 811 -54.72 -31.62 6.01
C MET D 811 -55.21 -32.88 5.34
N ALA D 812 -54.29 -33.61 4.71
CA ALA D 812 -54.67 -34.88 4.15
C ALA D 812 -55.16 -35.75 5.29
N GLY D 813 -54.41 -35.73 6.40
CA GLY D 813 -54.81 -36.43 7.62
C GLY D 813 -56.20 -35.98 8.05
N VAL D 814 -56.45 -34.67 8.02
CA VAL D 814 -57.74 -34.11 8.35
C VAL D 814 -58.84 -34.65 7.46
N PHE D 815 -58.54 -34.79 6.17
CA PHE D 815 -59.51 -35.31 5.24
C PHE D 815 -59.85 -36.75 5.61
N TYR D 816 -58.85 -37.46 6.12
CA TYR D 816 -59.05 -38.83 6.52
C TYR D 816 -59.90 -38.86 7.79
N MET D 817 -59.67 -37.88 8.68
CA MET D 817 -60.44 -37.73 9.92
C MET D 817 -61.89 -37.62 9.56
N LEU D 818 -62.17 -36.76 8.58
CA LEU D 818 -63.49 -36.59 8.02
C LEU D 818 -64.13 -37.89 7.58
N ALA D 819 -63.43 -38.63 6.74
CA ALA D 819 -63.95 -39.89 6.24
C ALA D 819 -64.28 -40.85 7.37
N ALA D 820 -63.39 -40.92 8.36
CA ALA D 820 -63.56 -41.80 9.49
C ALA D 820 -64.76 -41.40 10.33
N ALA D 821 -64.89 -40.11 10.59
CA ALA D 821 -65.98 -39.58 11.37
C ALA D 821 -67.29 -39.90 10.68
N MET D 822 -67.31 -39.79 9.36
CA MET D 822 -68.48 -40.14 8.60
C MET D 822 -68.86 -41.58 8.84
N ALA D 823 -67.90 -42.47 8.64
CA ALA D 823 -68.12 -43.90 8.80
C ALA D 823 -68.73 -44.18 10.16
N LEU D 824 -68.19 -43.53 11.18
CA LEU D 824 -68.71 -43.67 12.53
C LEU D 824 -70.18 -43.30 12.60
N SER D 825 -70.53 -42.14 12.07
CA SER D 825 -71.91 -41.72 12.10
C SER D 825 -72.81 -42.63 11.27
N LEU D 826 -72.26 -43.25 10.23
CA LEU D 826 -73.06 -44.16 9.42
C LEU D 826 -73.38 -45.42 10.19
N ILE D 827 -72.39 -45.95 10.89
CA ILE D 827 -72.62 -47.13 11.69
C ILE D 827 -73.39 -46.77 12.93
N THR D 828 -73.32 -45.50 13.32
CA THR D 828 -74.11 -45.01 14.43
C THR D 828 -75.56 -45.10 14.02
N PHE D 829 -75.88 -44.72 12.79
CA PHE D 829 -77.24 -44.80 12.30
C PHE D 829 -77.71 -46.23 12.26
N ILE D 830 -76.81 -47.14 11.88
CA ILE D 830 -77.12 -48.56 11.86
C ILE D 830 -77.41 -49.03 13.26
N MET D 831 -76.54 -48.65 14.18
CA MET D 831 -76.67 -48.94 15.59
C MET D 831 -78.01 -48.48 16.11
N GLU D 832 -78.33 -47.23 15.82
CA GLU D 832 -79.58 -46.61 16.22
C GLU D 832 -80.72 -47.41 15.67
N HIS D 833 -80.65 -47.73 14.38
CA HIS D 833 -81.67 -48.51 13.73
C HIS D 833 -81.91 -49.78 14.51
N LEU D 834 -80.82 -50.48 14.84
CA LEU D 834 -80.91 -51.72 15.59
C LEU D 834 -81.57 -51.50 16.95
N PHE D 835 -81.26 -50.36 17.56
CA PHE D 835 -81.85 -50.06 18.85
C PHE D 835 -83.30 -50.51 18.82
N TYR D 836 -83.95 -50.28 17.68
CA TYR D 836 -85.34 -50.63 17.48
C TYR D 836 -85.63 -52.13 17.54
N LYS D 837 -84.78 -52.94 16.93
CA LYS D 837 -84.99 -54.39 16.92
C LYS D 837 -84.26 -55.06 18.08
N UNK E 1 14.96 5.48 -51.95
CA UNK E 1 14.47 6.40 -50.91
C UNK E 1 12.94 6.42 -50.77
N UNK E 2 12.42 6.89 -49.64
CA UNK E 2 11.00 7.05 -49.44
C UNK E 2 10.54 8.22 -50.30
N UNK E 3 9.28 8.25 -50.75
CA UNK E 3 8.86 9.25 -51.68
C UNK E 3 8.57 10.58 -51.07
N UNK E 4 8.97 11.62 -51.79
CA UNK E 4 8.80 12.97 -51.36
C UNK E 4 7.64 13.70 -51.94
N UNK E 5 6.84 14.39 -51.11
CA UNK E 5 5.69 15.09 -51.57
C UNK E 5 5.85 16.56 -51.41
N UNK E 6 5.74 17.31 -52.50
CA UNK E 6 5.98 18.71 -52.44
C UNK E 6 4.68 19.44 -52.44
N UNK E 7 4.54 20.45 -51.58
CA UNK E 7 3.40 21.29 -51.67
C UNK E 7 3.92 22.67 -51.47
N UNK E 8 3.38 23.69 -52.12
CA UNK E 8 2.43 23.61 -53.18
C UNK E 8 3.12 23.02 -54.35
N UNK E 9 2.38 22.65 -55.35
CA UNK E 9 3.03 22.31 -56.55
C UNK E 9 3.52 23.56 -57.21
N UNK E 10 2.65 24.53 -57.27
CA UNK E 10 2.89 25.73 -57.96
C UNK E 10 2.61 26.82 -57.05
N UNK E 11 3.46 27.81 -56.96
CA UNK E 11 3.13 28.87 -56.04
C UNK E 11 3.14 30.18 -56.75
N UNK E 12 2.06 30.93 -56.69
CA UNK E 12 2.00 32.26 -57.23
C UNK E 12 2.30 33.26 -56.18
N UNK E 13 3.21 34.20 -56.32
CA UNK E 13 3.58 34.99 -55.16
C UNK E 13 3.95 36.42 -55.37
N UNK E 14 3.45 37.31 -54.53
CA UNK E 14 3.82 38.69 -54.60
C UNK E 14 5.28 38.98 -54.59
N UNK E 15 5.69 39.80 -55.57
CA UNK E 15 7.03 40.25 -55.77
C UNK E 15 7.75 40.55 -54.50
N UNK E 16 8.98 40.11 -54.45
CA UNK E 16 9.77 40.23 -53.29
C UNK E 16 9.36 39.49 -52.05
N UNK E 17 8.15 38.97 -51.92
CA UNK E 17 7.78 38.32 -50.70
C UNK E 17 8.74 37.27 -50.12
N UNK E 18 8.60 37.01 -48.81
CA UNK E 18 9.21 35.87 -48.21
C UNK E 18 8.35 34.71 -48.50
N UNK E 19 8.87 33.67 -49.11
CA UNK E 19 8.10 32.56 -49.51
C UNK E 19 8.67 31.31 -48.95
N UNK E 20 7.86 30.25 -48.79
CA UNK E 20 8.27 28.99 -48.26
C UNK E 20 7.60 27.76 -48.85
N UNK E 21 8.33 26.85 -49.51
CA UNK E 21 7.83 25.59 -50.00
C UNK E 21 8.18 24.40 -49.13
N UNK E 22 7.23 23.48 -48.94
CA UNK E 22 7.32 22.41 -47.98
C UNK E 22 7.46 21.07 -48.62
N UNK E 23 8.00 20.16 -47.85
CA UNK E 23 8.30 18.86 -48.30
C UNK E 23 7.81 17.93 -47.27
N UNK E 24 6.80 17.14 -47.59
CA UNK E 24 6.25 16.18 -46.68
C UNK E 24 6.75 14.86 -47.13
N UNK E 25 7.09 13.96 -46.21
CA UNK E 25 7.77 12.75 -46.61
C UNK E 25 6.96 11.49 -46.51
N UNK E 26 7.32 10.41 -47.28
CA UNK E 26 6.67 9.11 -47.19
C UNK E 26 7.08 8.25 -46.01
N UNK E 27 8.29 8.41 -45.47
CA UNK E 27 8.75 7.73 -44.29
C UNK E 27 9.91 8.52 -43.75
N UNK E 28 10.22 8.47 -42.45
CA UNK E 28 11.28 9.28 -41.88
C UNK E 28 12.74 8.96 -42.19
N UNK E 29 13.66 9.95 -42.09
CA UNK E 29 15.05 9.72 -42.32
C UNK E 29 15.88 10.58 -41.45
N UNK E 30 17.17 10.30 -41.42
CA UNK E 30 18.18 10.98 -40.67
C UNK E 30 18.21 12.46 -40.79
N UNK E 31 18.98 13.11 -39.90
CA UNK E 31 19.03 14.54 -39.86
C UNK E 31 19.41 15.25 -41.12
N UNK E 32 20.43 14.80 -41.81
CA UNK E 32 20.84 15.52 -42.97
C UNK E 32 20.21 15.02 -44.26
N UNK E 33 19.27 14.07 -44.15
CA UNK E 33 18.66 13.33 -45.25
C UNK E 33 18.18 14.03 -46.53
N UNK E 34 17.80 15.28 -46.44
CA UNK E 34 17.20 16.06 -47.48
C UNK E 34 18.03 17.05 -48.25
N UNK E 35 17.96 17.10 -49.58
CA UNK E 35 18.62 18.20 -50.27
C UNK E 35 17.63 18.93 -51.20
N UNK E 36 17.87 20.17 -51.61
CA UNK E 36 16.95 20.88 -52.47
C UNK E 36 17.76 21.36 -53.62
N UNK E 37 17.28 21.32 -54.85
CA UNK E 37 17.83 21.87 -56.05
C UNK E 37 16.77 22.74 -56.72
N UNK E 38 17.03 23.84 -57.41
CA UNK E 38 16.06 24.53 -58.23
C UNK E 38 16.48 24.47 -59.64
N UNK E 39 15.58 24.22 -60.56
CA UNK E 39 15.88 24.17 -61.95
C UNK E 39 14.95 25.06 -62.61
N UNK E 40 15.52 26.09 -63.16
CA UNK E 40 14.80 26.99 -63.98
C UNK E 40 14.70 26.31 -65.29
N UNK E 41 13.59 26.52 -65.98
CA UNK E 41 13.32 25.89 -67.23
C UNK E 41 14.45 26.01 -68.21
N UNK E 42 14.68 24.96 -68.98
CA UNK E 42 15.70 24.92 -69.99
C UNK E 42 17.09 25.27 -69.55
N UNK E 43 17.28 25.37 -68.28
CA UNK E 43 18.53 25.63 -67.75
C UNK E 43 18.63 24.46 -66.90
N UNK E 44 19.82 23.89 -66.78
CA UNK E 44 20.02 22.75 -65.95
C UNK E 44 19.51 23.01 -64.56
N UNK E 45 19.20 22.00 -63.82
CA UNK E 45 18.85 22.25 -62.47
C UNK E 45 20.06 22.64 -61.68
N UNK E 46 19.85 23.21 -60.50
CA UNK E 46 20.95 23.42 -59.62
C UNK E 46 20.61 23.00 -58.23
N UNK E 47 21.54 22.39 -57.56
CA UNK E 47 21.54 22.08 -56.18
C UNK E 47 21.50 23.28 -55.40
N UNK E 48 20.63 23.34 -54.44
CA UNK E 48 20.47 24.52 -53.71
C UNK E 48 20.89 24.39 -52.24
N UNK E 49 20.35 23.42 -51.56
CA UNK E 49 20.52 23.36 -50.17
C UNK E 49 20.85 22.00 -49.89
N UNK E 50 22.05 21.81 -49.46
CA UNK E 50 22.55 20.52 -49.30
C UNK E 50 22.35 20.07 -47.92
N UNK E 51 22.27 18.75 -47.75
CA UNK E 51 22.16 18.11 -46.48
C UNK E 51 21.33 18.89 -45.54
N UNK E 52 20.15 19.24 -45.99
CA UNK E 52 19.20 19.99 -45.26
C UNK E 52 19.62 21.33 -44.74
N UNK E 53 20.65 21.93 -45.25
CA UNK E 53 21.05 23.08 -44.54
C UNK E 53 22.01 23.85 -45.30
N UNK E 54 23.04 23.27 -45.85
CA UNK E 54 24.02 24.15 -46.38
C UNK E 54 23.56 24.70 -47.67
N UNK E 55 23.52 25.99 -47.74
CA UNK E 55 23.15 26.60 -48.94
C UNK E 55 24.34 26.58 -49.78
N UNK E 56 24.13 26.26 -51.02
CA UNK E 56 25.19 26.31 -51.96
C UNK E 56 25.96 27.58 -51.99
N UNK E 57 27.17 27.50 -52.49
CA UNK E 57 27.91 28.69 -52.70
C UNK E 57 27.26 29.50 -53.79
N UNK E 58 27.28 30.81 -53.65
CA UNK E 58 26.74 31.80 -54.56
C UNK E 58 25.26 31.90 -54.60
N UNK E 59 24.59 31.16 -53.76
CA UNK E 59 23.18 31.11 -53.80
C UNK E 59 22.47 32.34 -53.31
N UNK E 60 21.16 32.44 -53.56
CA UNK E 60 20.37 33.52 -53.02
C UNK E 60 20.26 33.33 -51.59
N UNK E 61 20.84 34.25 -50.88
CA UNK E 61 20.86 34.21 -49.48
C UNK E 61 19.45 34.20 -48.98
N UNK E 62 18.56 34.91 -49.67
CA UNK E 62 17.15 34.96 -49.35
C UNK E 62 16.57 33.62 -49.24
N UNK E 63 17.18 32.63 -49.85
CA UNK E 63 16.68 31.37 -49.61
C UNK E 63 17.38 30.75 -48.49
N UNK E 64 16.60 30.00 -47.73
CA UNK E 64 17.05 29.13 -46.73
C UNK E 64 15.98 28.15 -46.40
N UNK E 65 16.34 27.01 -45.87
CA UNK E 65 15.46 25.93 -45.56
C UNK E 65 15.77 25.28 -44.27
N UNK E 66 14.81 24.64 -43.66
CA UNK E 66 15.10 23.76 -42.57
C UNK E 66 14.10 22.67 -42.50
N UNK E 67 14.41 21.63 -41.71
CA UNK E 67 13.46 20.67 -41.20
C UNK E 67 13.78 19.24 -41.39
N UNK E 68 12.83 18.39 -41.05
CA UNK E 68 13.19 17.04 -40.78
C UNK E 68 12.02 16.17 -40.83
N UNK E 69 12.31 14.88 -40.78
CA UNK E 69 11.30 13.92 -40.57
C UNK E 69 10.27 13.90 -41.65
N UNK E 70 8.99 14.14 -41.34
CA UNK E 70 7.99 14.02 -42.37
C UNK E 70 7.66 15.33 -42.97
N UNK E 71 8.32 16.39 -42.50
CA UNK E 71 8.09 17.74 -42.92
C UNK E 71 9.29 18.65 -42.96
N UNK E 72 9.79 19.05 -44.12
CA UNK E 72 10.84 20.03 -44.11
C UNK E 72 10.38 21.11 -45.03
N UNK E 73 11.00 22.28 -45.00
CA UNK E 73 10.52 23.35 -45.82
C UNK E 73 11.59 24.36 -46.12
N UNK E 74 11.60 24.79 -47.35
CA UNK E 74 12.45 25.76 -47.92
C UNK E 74 11.82 27.09 -48.09
N UNK E 75 12.49 28.14 -47.69
CA UNK E 75 12.02 29.47 -47.75
C UNK E 75 12.89 30.46 -48.50
N UNK E 76 12.33 31.29 -49.38
CA UNK E 76 13.04 32.44 -49.90
C UNK E 76 12.46 33.70 -49.30
N UNK E 77 13.18 34.34 -48.39
CA UNK E 77 12.77 35.47 -47.60
C UNK E 77 12.37 36.63 -48.35
N UNK E 78 12.89 36.71 -49.51
CA UNK E 78 12.55 37.77 -50.28
C UNK E 78 12.75 37.18 -51.56
N UNK E 79 12.09 37.75 -52.54
CA UNK E 79 12.02 37.19 -53.86
C UNK E 79 12.60 38.05 -54.96
N UNK E 80 13.69 37.58 -55.57
CA UNK E 80 14.23 38.18 -56.75
C UNK E 80 13.41 37.94 -57.98
N UNK E 81 13.55 38.78 -59.00
CA UNK E 81 12.86 38.63 -60.25
C UNK E 81 13.20 37.38 -60.98
N UNK E 82 14.47 37.05 -61.10
CA UNK E 82 14.83 35.85 -61.78
C UNK E 82 14.45 34.61 -61.01
N UNK E 83 13.76 34.73 -59.89
CA UNK E 83 13.48 33.59 -59.09
C UNK E 83 12.48 32.58 -59.61
N UNK E 84 11.68 32.90 -60.60
CA UNK E 84 10.71 31.93 -61.04
C UNK E 84 11.35 30.65 -61.57
N UNK E 85 11.07 29.52 -60.95
CA UNK E 85 11.74 28.30 -61.30
C UNK E 85 10.86 27.15 -60.97
N UNK E 86 11.32 25.96 -61.29
CA UNK E 86 10.74 24.86 -60.60
C UNK E 86 11.81 24.46 -59.67
N UNK E 87 11.44 24.18 -58.47
CA UNK E 87 12.32 23.93 -57.43
C UNK E 87 12.09 22.57 -56.91
N UNK E 88 13.10 21.72 -56.88
CA UNK E 88 12.99 20.36 -56.47
C UNK E 88 13.75 19.91 -55.21
N UNK E 89 13.08 19.26 -54.25
CA UNK E 89 13.72 18.52 -53.16
C UNK E 89 14.07 17.04 -53.53
N UNK E 90 15.14 16.43 -53.00
CA UNK E 90 15.52 15.06 -53.29
C UNK E 90 16.18 14.35 -52.13
N UNK E 91 15.74 13.11 -51.95
CA UNK E 91 16.03 12.38 -50.78
C UNK E 91 17.13 11.44 -51.01
N UNK E 92 18.03 11.40 -50.04
CA UNK E 92 19.08 10.45 -50.04
C UNK E 92 19.03 9.53 -48.82
N UNK E 93 17.93 9.49 -48.04
CA UNK E 93 17.79 8.78 -46.77
C UNK E 93 18.38 7.42 -46.74
N UNK E 94 18.11 6.75 -47.84
CA UNK E 94 18.56 5.46 -48.18
C UNK E 94 18.59 5.49 -49.68
N UNK E 95 19.40 4.63 -50.29
CA UNK E 95 19.37 4.41 -51.71
C UNK E 95 18.02 3.81 -52.14
N UNK E 96 17.52 4.01 -53.36
CA UNK E 96 18.20 4.67 -54.44
C UNK E 96 17.82 6.06 -54.28
N UNK E 97 18.65 6.96 -54.75
CA UNK E 97 18.24 8.32 -54.74
C UNK E 97 17.01 8.61 -55.57
N UNK E 98 16.04 9.30 -54.95
CA UNK E 98 14.73 9.68 -55.45
C UNK E 98 14.48 11.16 -55.22
N UNK E 99 13.80 11.85 -56.16
CA UNK E 99 13.45 13.23 -56.02
C UNK E 99 11.99 13.36 -55.82
N UNK E 100 11.56 14.51 -55.30
CA UNK E 100 10.17 14.87 -55.40
C UNK E 100 10.02 15.39 -56.81
N UNK E 101 8.81 15.71 -57.27
CA UNK E 101 8.65 16.22 -58.61
C UNK E 101 9.19 17.59 -58.84
N UNK E 102 9.00 18.46 -57.84
CA UNK E 102 9.40 19.82 -57.79
C UNK E 102 8.19 20.63 -57.51
N UNK E 103 8.39 21.91 -57.44
CA UNK E 103 7.39 22.86 -57.26
C UNK E 103 7.70 23.99 -58.16
N UNK E 104 6.76 24.53 -58.90
CA UNK E 104 7.02 25.60 -59.81
C UNK E 104 6.57 26.95 -59.24
N UNK E 105 7.53 27.85 -59.16
CA UNK E 105 7.34 29.14 -58.61
C UNK E 105 6.90 30.10 -59.61
N UNK E 106 5.85 30.82 -59.30
CA UNK E 106 5.44 31.94 -60.05
C UNK E 106 5.25 33.14 -59.18
N UNK E 107 5.51 34.30 -59.71
CA UNK E 107 5.27 35.55 -59.07
C UNK E 107 3.82 35.90 -59.21
N UNK E 108 3.28 36.71 -58.35
CA UNK E 108 2.02 37.32 -58.54
C UNK E 108 2.31 38.66 -59.18
N UNK E 109 2.88 38.65 -60.39
CA UNK E 109 3.20 39.85 -61.11
C UNK E 109 2.00 40.68 -61.39
N UNK E 110 2.19 42.00 -61.31
CA UNK E 110 1.22 42.95 -61.75
C UNK E 110 0.68 42.75 -63.14
N UNK E 111 -0.49 43.32 -63.35
CA UNK E 111 -1.20 43.26 -64.57
C UNK E 111 -0.41 43.58 -65.78
N UNK E 112 -0.48 42.70 -66.74
CA UNK E 112 0.01 42.96 -68.04
C UNK E 112 -0.85 42.19 -69.01
N UNK E 113 -1.35 42.88 -70.03
CA UNK E 113 -2.08 42.30 -71.12
C UNK E 113 -1.11 42.27 -72.23
N UNK E 114 -0.99 41.18 -72.96
CA UNK E 114 0.03 41.09 -73.96
C UNK E 114 -0.01 42.09 -75.08
N UNK E 115 1.21 42.39 -75.51
CA UNK E 115 1.63 43.15 -76.65
C UNK E 115 1.76 42.31 -77.88
N UNK E 116 0.95 42.58 -78.87
CA UNK E 116 0.90 41.75 -80.02
C UNK E 116 1.85 42.23 -81.09
N UNK E 117 2.49 41.34 -81.88
CA UNK E 117 3.18 41.77 -83.07
C UNK E 117 3.05 40.72 -84.14
N UNK E 118 2.57 41.06 -85.36
CA UNK E 118 2.43 40.06 -86.40
C UNK E 118 3.44 40.26 -87.47
N UNK E 119 3.99 39.17 -87.96
CA UNK E 119 4.87 39.20 -89.06
C UNK E 119 4.35 38.24 -90.09
N UNK E 120 4.47 38.64 -91.36
CA UNK E 120 3.99 37.88 -92.46
C UNK E 120 5.03 36.93 -93.03
N UNK E 121 4.59 36.09 -93.98
CA UNK E 121 5.34 35.07 -94.66
C UNK E 121 6.54 35.55 -95.43
N UNK E 122 7.75 35.21 -95.01
CA UNK E 122 8.93 35.45 -95.79
C UNK E 122 8.82 34.98 -97.22
N UNK E 123 9.66 35.53 -98.08
CA UNK E 123 9.71 35.17 -99.46
C UNK E 123 10.21 33.74 -99.56
N UNK E 124 11.01 33.28 -98.59
CA UNK E 124 11.42 31.90 -98.54
C UNK E 124 10.27 30.99 -98.40
N UNK E 125 9.35 31.28 -97.47
CA UNK E 125 8.16 30.50 -97.26
C UNK E 125 7.31 30.57 -98.50
N UNK E 126 7.23 31.76 -99.09
CA UNK E 126 6.54 31.96 -100.34
C UNK E 126 7.11 31.19 -101.55
N UNK E 127 8.45 31.05 -101.71
CA UNK E 127 9.13 30.36 -102.80
C UNK E 127 8.75 28.89 -102.80
N UNK E 128 8.48 28.39 -101.61
CA UNK E 128 7.92 27.08 -101.36
C UNK E 128 6.45 26.97 -101.75
N UNK E 129 5.75 28.11 -101.76
CA UNK E 129 4.32 28.23 -101.97
C UNK E 129 3.69 27.98 -100.63
N UNK E 130 4.28 28.57 -99.60
CA UNK E 130 3.77 28.49 -98.28
C UNK E 130 3.51 29.85 -97.80
N UNK E 131 2.81 29.92 -96.67
CA UNK E 131 2.43 31.17 -96.09
C UNK E 131 2.31 31.08 -94.60
N UNK E 132 3.18 31.73 -93.83
CA UNK E 132 3.00 31.66 -92.42
C UNK E 132 2.63 33.02 -91.90
N UNK E 133 1.48 33.17 -91.25
CA UNK E 133 1.12 34.39 -90.57
C UNK E 133 1.44 34.26 -89.12
N UNK E 134 2.35 35.07 -88.64
CA UNK E 134 2.83 34.99 -87.32
C UNK E 134 2.37 36.14 -86.53
N UNK E 135 2.00 35.89 -85.30
CA UNK E 135 1.65 36.84 -84.30
C UNK E 135 2.42 36.55 -82.99
N UNK E 136 3.15 37.51 -82.37
CA UNK E 136 3.80 37.37 -81.08
C UNK E 136 3.01 38.10 -80.01
N UNK E 137 2.87 37.56 -78.80
CA UNK E 137 2.13 38.19 -77.73
C UNK E 137 2.90 38.12 -76.47
N UNK E 138 3.55 39.21 -76.14
CA UNK E 138 4.62 39.30 -75.21
C UNK E 138 4.18 39.97 -73.97
N UNK E 139 4.81 39.60 -72.86
CA UNK E 139 4.51 40.23 -71.64
C UNK E 139 3.09 40.28 -71.18
N UNK E 140 2.55 39.19 -70.67
CA UNK E 140 1.26 39.30 -70.07
C UNK E 140 1.43 38.74 -68.70
N UNK E 141 0.51 39.07 -67.79
CA UNK E 141 0.69 38.80 -66.39
C UNK E 141 -0.54 39.25 -65.67
N UNK E 142 -1.53 38.42 -65.39
CA UNK E 142 -1.49 37.01 -65.59
C UNK E 142 -1.26 36.67 -67.00
N UNK E 143 -0.58 35.56 -67.21
CA UNK E 143 -0.13 35.16 -68.51
C UNK E 143 -1.36 34.86 -69.32
N UNK E 144 -2.39 34.31 -68.63
CA UNK E 144 -3.65 33.80 -69.14
C UNK E 144 -4.45 34.77 -70.00
N UNK E 145 -5.03 34.30 -71.14
CA UNK E 145 -5.81 35.13 -72.04
C UNK E 145 -6.60 34.30 -73.03
N UNK E 146 -7.60 34.90 -73.70
CA UNK E 146 -8.41 34.24 -74.68
C UNK E 146 -8.37 34.92 -76.05
N UNK E 147 -7.66 34.35 -77.04
CA UNK E 147 -7.57 34.86 -78.39
C UNK E 147 -8.62 34.32 -79.31
N UNK E 148 -8.93 34.98 -80.41
CA UNK E 148 -9.74 34.35 -81.42
C UNK E 148 -9.50 34.99 -82.74
N UNK E 149 -9.57 34.20 -83.81
CA UNK E 149 -9.27 34.59 -85.15
C UNK E 149 -10.46 34.56 -86.05
N UNK E 150 -10.56 35.54 -86.96
CA UNK E 150 -11.51 35.55 -88.03
C UNK E 150 -10.76 35.79 -89.36
N UNK E 151 -10.89 34.86 -90.32
CA UNK E 151 -10.44 34.93 -91.69
C UNK E 151 -11.59 34.95 -92.65
N UNK E 152 -11.73 36.00 -93.46
CA UNK E 152 -12.83 36.22 -94.38
C UNK E 152 -14.18 35.94 -93.76
N UNK E 153 -14.35 36.51 -92.54
CA UNK E 153 -15.53 36.44 -91.72
C UNK E 153 -15.77 35.09 -91.11
N UNK E 154 -14.89 34.14 -91.36
CA UNK E 154 -15.03 32.84 -90.79
C UNK E 154 -14.00 32.65 -89.69
N UNK E 155 -14.44 32.21 -88.50
CA UNK E 155 -13.60 31.96 -87.35
C UNK E 155 -12.64 30.84 -87.60
N UNK E 156 -11.39 31.04 -87.21
CA UNK E 156 -10.35 30.05 -87.36
C UNK E 156 -9.61 29.67 -86.07
N UNK E 157 -9.42 28.36 -85.80
CA UNK E 157 -8.72 27.83 -84.64
C UNK E 157 -7.88 26.64 -85.08
N UNK E 158 -7.90 26.35 -86.39
CA UNK E 158 -7.19 25.32 -87.07
C UNK E 158 -6.23 25.96 -88.03
N UNK E 159 -5.20 25.22 -88.45
CA UNK E 159 -4.18 25.70 -89.36
C UNK E 159 -3.31 26.74 -88.71
N UNK E 160 -3.54 26.87 -87.42
CA UNK E 160 -2.94 27.77 -86.52
C UNK E 160 -2.27 26.97 -85.46
N UNK E 161 -1.04 27.35 -85.12
CA UNK E 161 -0.26 26.84 -84.04
C UNK E 161 -0.02 27.94 -83.01
N UNK E 162 -0.57 27.88 -81.79
CA UNK E 162 -0.22 28.82 -80.74
C UNK E 162 0.87 28.21 -79.90
N UNK E 163 1.85 28.98 -79.40
CA UNK E 163 2.95 28.42 -78.66
C UNK E 163 3.38 29.35 -77.60
N UNK E 164 3.25 28.94 -76.35
CA UNK E 164 3.65 29.82 -75.33
C UNK E 164 5.12 29.66 -75.10
N UNK E 165 5.71 30.73 -74.57
CA UNK E 165 7.04 30.80 -74.05
C UNK E 165 6.89 30.79 -72.54
N UNK E 166 7.95 30.42 -71.80
CA UNK E 166 8.13 30.54 -70.35
C UNK E 166 8.23 31.94 -69.68
N UNK E 167 7.93 32.13 -68.36
CA UNK E 167 8.00 33.42 -67.67
C UNK E 167 9.24 34.23 -67.95
N UNK E 168 9.14 35.54 -68.14
CA UNK E 168 10.27 36.37 -68.39
C UNK E 168 11.21 36.44 -67.25
N UNK E 169 12.44 35.95 -67.37
CA UNK E 169 13.37 35.98 -66.27
C UNK E 169 13.79 37.36 -65.94
N UNK E 170 13.76 38.21 -66.95
CA UNK E 170 14.15 39.56 -66.83
C UNK E 170 12.95 40.43 -66.59
N UNK E 171 11.76 39.87 -66.39
CA UNK E 171 10.66 40.77 -66.22
C UNK E 171 9.46 40.17 -65.61
N UNK E 172 9.42 38.87 -65.37
CA UNK E 172 8.32 38.22 -64.72
C UNK E 172 6.96 38.52 -65.32
N UNK E 173 6.82 38.21 -66.59
CA UNK E 173 5.61 38.39 -67.29
C UNK E 173 5.75 37.30 -68.28
N UNK E 174 4.72 37.01 -69.03
CA UNK E 174 4.73 35.82 -69.82
C UNK E 174 4.46 36.14 -71.25
N UNK E 175 4.69 35.15 -72.14
CA UNK E 175 4.61 35.37 -73.54
C UNK E 175 4.13 34.16 -74.30
N UNK E 176 3.34 34.39 -75.35
CA UNK E 176 2.88 33.42 -76.28
C UNK E 176 3.10 33.90 -77.71
N UNK E 177 3.29 32.97 -78.62
CA UNK E 177 3.49 33.16 -80.01
C UNK E 177 2.42 32.40 -80.78
N UNK E 178 1.55 33.02 -81.56
CA UNK E 178 0.62 32.34 -82.45
C UNK E 178 1.06 32.34 -83.91
N UNK E 179 0.90 31.23 -84.62
CA UNK E 179 1.39 31.10 -85.95
C UNK E 179 0.45 30.39 -86.85
N UNK E 180 -0.27 31.09 -87.68
CA UNK E 180 -1.03 30.40 -88.66
C UNK E 180 -0.15 29.99 -89.84
N UNK E 181 0.01 28.68 -90.15
CA UNK E 181 0.85 28.22 -91.26
C UNK E 181 0.15 27.43 -92.33
N UNK E 182 0.19 27.89 -93.59
CA UNK E 182 -0.41 27.20 -94.72
C UNK E 182 0.45 26.91 -95.93
N UNK E 183 -0.12 26.14 -96.83
CA UNK E 183 0.35 26.16 -98.17
C UNK E 183 -0.43 27.23 -98.91
N UNK E 184 0.15 27.75 -99.98
CA UNK E 184 -0.36 28.81 -100.82
C UNK E 184 -1.80 28.64 -101.29
N UNK E 185 -2.28 27.39 -101.42
CA UNK E 185 -3.60 27.10 -101.88
C UNK E 185 -4.66 27.67 -100.97
N UNK E 186 -4.78 27.11 -99.76
CA UNK E 186 -5.80 27.54 -98.84
C UNK E 186 -5.65 28.97 -98.46
N UNK E 187 -4.45 29.50 -98.62
CA UNK E 187 -4.22 30.89 -98.34
C UNK E 187 -4.84 31.92 -99.24
N UNK E 188 -4.95 31.63 -100.52
CA UNK E 188 -5.31 32.63 -101.51
C UNK E 188 -6.79 32.70 -101.60
N UNK E 189 -7.37 31.71 -100.96
CA UNK E 189 -8.73 31.54 -100.78
C UNK E 189 -9.30 32.57 -99.82
N UNK E 190 -8.51 33.39 -99.10
CA UNK E 190 -9.13 34.43 -98.30
C UNK E 190 -8.33 35.71 -98.18
N UNK E 191 -8.97 36.88 -98.25
CA UNK E 191 -8.18 38.07 -98.20
C UNK E 191 -8.05 38.48 -96.80
N UNK E 192 -9.10 38.85 -96.10
CA UNK E 192 -8.91 39.45 -94.81
C UNK E 192 -8.84 38.47 -93.69
N UNK E 193 -7.76 38.52 -92.94
CA UNK E 193 -7.57 37.67 -91.82
C UNK E 193 -7.21 38.49 -90.62
N UNK E 194 -7.85 38.20 -89.49
CA UNK E 194 -7.70 38.98 -88.31
C UNK E 194 -7.68 38.06 -87.10
N UNK E 195 -6.84 38.34 -86.09
CA UNK E 195 -6.93 37.66 -84.81
C UNK E 195 -6.96 38.69 -83.70
N UNK E 196 -7.87 38.54 -82.70
CA UNK E 196 -7.91 39.40 -81.54
C UNK E 196 -7.90 38.69 -80.19
N UNK E 197 -7.29 39.39 -79.24
CA UNK E 197 -6.84 38.96 -77.95
C UNK E 197 -7.55 39.46 -76.73
N UNK E 198 -8.33 38.67 -75.97
CA UNK E 198 -8.70 39.11 -74.63
C UNK E 198 -7.73 38.70 -73.50
N UNK E 199 -6.90 39.63 -72.95
CA UNK E 199 -6.01 39.43 -71.82
C UNK E 199 -6.71 39.05 -70.53
N UNK E 200 -5.97 38.64 -69.49
CA UNK E 200 -6.50 38.09 -68.25
C UNK E 200 -7.51 38.98 -67.58
N UNK E 201 -7.26 40.28 -67.57
CA UNK E 201 -8.17 41.21 -67.01
C UNK E 201 -8.86 41.97 -68.11
N UNK E 202 -8.72 41.58 -69.37
CA UNK E 202 -9.32 42.34 -70.43
C UNK E 202 -10.83 42.28 -70.50
N UNK E 203 -11.47 43.36 -71.00
CA UNK E 203 -12.90 43.49 -71.31
C UNK E 203 -13.14 43.81 -72.79
N UNK E 204 -12.10 43.64 -73.62
CA UNK E 204 -12.09 43.94 -75.03
C UNK E 204 -10.97 43.16 -75.63
N UNK E 205 -11.00 42.96 -76.93
CA UNK E 205 -10.01 42.20 -77.61
C UNK E 205 -9.19 43.06 -78.51
N UNK E 206 -7.89 42.91 -78.34
CA UNK E 206 -6.93 43.65 -79.07
C UNK E 206 -6.73 42.94 -80.36
N UNK E 207 -7.07 43.61 -81.45
CA UNK E 207 -7.08 42.96 -82.71
C UNK E 207 -5.85 43.29 -83.52
N UNK E 208 -5.25 42.29 -84.17
CA UNK E 208 -4.14 42.51 -85.06
C UNK E 208 -4.45 41.73 -86.29
N UNK E 209 -4.46 42.45 -87.38
CA UNK E 209 -4.95 41.94 -88.60
C UNK E 209 -4.02 42.23 -89.71
N UNK E 210 -4.25 41.49 -90.78
CA UNK E 210 -3.60 41.72 -92.03
C UNK E 210 -4.58 41.30 -93.09
N UNK E 211 -4.42 41.78 -94.33
CA UNK E 211 -5.20 41.21 -95.39
C UNK E 211 -4.20 40.59 -96.32
N UNK E 212 -4.65 39.54 -96.98
CA UNK E 212 -3.95 38.70 -97.90
C UNK E 212 -4.54 38.93 -99.25
N UNK E 213 -5.31 40.00 -99.36
CA UNK E 213 -5.76 40.47 -100.63
C UNK E 213 -4.58 40.80 -101.51
N UNK E 214 -3.54 41.47 -101.01
CA UNK E 214 -2.36 41.75 -101.79
C UNK E 214 -1.04 41.72 -101.00
N UNK F 1 36.28 25.78 -63.56
CA UNK F 1 35.60 24.82 -62.66
C UNK F 1 35.15 23.55 -63.30
N UNK F 2 34.52 22.72 -62.46
CA UNK F 2 33.99 21.47 -62.85
C UNK F 2 32.99 21.70 -63.91
N UNK F 3 33.10 20.90 -64.94
CA UNK F 3 32.36 21.12 -66.10
C UNK F 3 32.04 19.78 -66.63
N UNK F 4 30.78 19.59 -67.00
CA UNK F 4 30.31 18.35 -67.50
C UNK F 4 29.59 18.63 -68.80
N UNK F 5 29.85 17.89 -69.87
CA UNK F 5 29.19 18.11 -71.13
C UNK F 5 28.75 16.79 -71.63
N UNK F 6 27.42 16.60 -71.71
CA UNK F 6 26.90 15.33 -72.13
C UNK F 6 26.96 15.26 -73.60
N UNK F 7 27.45 14.13 -74.08
CA UNK F 7 27.59 13.92 -75.50
C UNK F 7 27.11 12.52 -75.90
N UNK F 8 27.00 12.25 -77.24
CA UNK F 8 26.48 11.04 -77.89
C UNK F 8 24.92 10.90 -77.85
N UNK F 9 24.22 12.01 -78.02
CA UNK F 9 22.76 12.01 -78.06
C UNK F 9 22.36 12.33 -79.49
N UNK F 10 21.53 11.46 -80.08
CA UNK F 10 21.10 11.61 -81.46
C UNK F 10 19.77 10.89 -81.69
N UNK F 11 19.17 11.12 -82.85
CA UNK F 11 17.90 10.46 -83.18
C UNK F 11 18.13 8.96 -83.13
N UNK F 12 17.19 8.25 -82.51
CA UNK F 12 17.32 6.83 -82.32
C UNK F 12 16.04 6.08 -82.74
N UNK F 13 16.17 4.90 -83.40
CA UNK F 13 15.11 3.95 -83.70
C UNK F 13 14.52 3.31 -82.46
N UNK F 14 13.22 3.07 -82.43
CA UNK F 14 12.62 2.37 -81.33
C UNK F 14 13.20 1.00 -81.16
N UNK F 15 13.20 0.53 -79.91
CA UNK F 15 13.73 -0.74 -79.57
C UNK F 15 15.20 -0.84 -79.83
N UNK F 16 15.96 0.17 -79.42
CA UNK F 16 17.40 0.23 -79.58
C UNK F 16 18.14 0.44 -78.24
N UNK F 17 19.46 0.22 -78.22
CA UNK F 17 20.27 0.34 -77.04
C UNK F 17 21.34 1.30 -77.35
N UNK F 18 21.66 2.22 -76.45
CA UNK F 18 22.69 3.15 -76.82
C UNK F 18 23.46 3.56 -75.65
N UNK F 19 24.74 3.91 -75.89
CA UNK F 19 25.70 4.21 -74.86
C UNK F 19 26.14 5.60 -74.91
N UNK F 20 25.74 6.28 -73.86
CA UNK F 20 25.90 7.66 -73.68
C UNK F 20 27.21 7.90 -73.14
N UNK F 21 27.74 9.10 -73.38
CA UNK F 21 29.04 9.45 -72.93
C UNK F 21 28.99 10.80 -72.30
N UNK F 22 29.92 11.09 -71.41
CA UNK F 22 29.88 12.37 -70.74
C UNK F 22 31.28 12.81 -70.55
N UNK F 23 31.59 13.95 -71.20
CA UNK F 23 32.94 14.43 -71.20
C UNK F 23 33.09 15.22 -69.94
N UNK F 24 34.08 14.85 -69.11
CA UNK F 24 34.27 15.42 -67.80
C UNK F 24 35.45 16.34 -67.71
N UNK F 25 35.35 17.41 -66.90
CA UNK F 25 36.48 18.26 -66.74
C UNK F 25 36.52 19.01 -65.39
N UNK F 26 37.71 18.90 -64.76
CA UNK F 26 38.29 19.49 -63.55
C UNK F 26 37.84 18.91 -62.21
N UNK F 27 37.84 17.59 -62.08
CA UNK F 27 37.47 16.99 -60.83
C UNK F 27 38.37 15.86 -60.67
N UNK F 28 38.37 15.26 -59.50
CA UNK F 28 39.13 14.09 -59.29
C UNK F 28 38.25 12.95 -59.66
N UNK F 29 38.41 12.43 -60.87
CA UNK F 29 37.55 11.42 -61.44
C UNK F 29 37.42 10.16 -60.66
N UNK F 30 38.46 9.82 -59.89
CA UNK F 30 38.41 8.62 -59.13
C UNK F 30 37.84 8.95 -57.81
N UNK F 31 37.64 10.21 -57.52
CA UNK F 31 37.10 10.58 -56.25
C UNK F 31 35.61 10.72 -56.33
N UNK F 32 35.12 11.48 -57.30
CA UNK F 32 33.70 11.71 -57.45
C UNK F 32 33.00 10.46 -57.92
N UNK F 33 31.67 10.42 -57.84
CA UNK F 33 30.87 9.38 -58.41
C UNK F 33 30.08 9.97 -59.52
N UNK F 34 29.65 9.13 -60.47
CA UNK F 34 28.82 9.53 -61.60
C UNK F 34 27.37 9.25 -61.44
N UNK F 35 26.51 9.94 -62.20
CA UNK F 35 25.11 9.61 -62.19
C UNK F 35 24.35 9.91 -63.45
N UNK F 36 23.44 9.03 -63.80
CA UNK F 36 22.60 9.24 -64.91
C UNK F 36 21.33 9.68 -64.40
N UNK F 37 20.83 10.80 -64.86
CA UNK F 37 19.52 11.23 -64.54
C UNK F 37 18.77 11.60 -65.78
N UNK F 38 17.63 11.03 -66.02
CA UNK F 38 16.88 11.37 -67.16
C UNK F 38 15.90 12.38 -66.81
N UNK F 39 15.50 13.14 -67.77
CA UNK F 39 14.50 14.09 -67.56
C UNK F 39 13.51 13.93 -68.68
N UNK F 40 12.34 13.45 -68.29
CA UNK F 40 11.15 13.33 -69.09
C UNK F 40 10.58 14.62 -69.61
N UNK F 41 9.85 14.59 -70.72
CA UNK F 41 9.15 15.71 -71.32
C UNK F 41 7.95 16.17 -70.55
N UNK F 42 7.35 15.27 -69.77
CA UNK F 42 6.39 15.59 -68.75
C UNK F 42 7.05 16.17 -67.54
N UNK F 43 8.18 16.81 -67.84
CA UNK F 43 8.99 17.57 -67.00
C UNK F 43 9.24 16.79 -65.78
N UNK F 44 9.61 15.56 -66.00
CA UNK F 44 9.73 14.73 -64.87
C UNK F 44 11.14 14.27 -64.81
N UNK F 45 11.76 14.57 -63.68
CA UNK F 45 13.12 14.22 -63.42
C UNK F 45 13.23 12.82 -62.88
N UNK F 46 14.22 12.08 -63.37
CA UNK F 46 14.54 10.83 -62.82
C UNK F 46 15.98 10.63 -62.84
N UNK F 47 16.48 10.60 -61.63
CA UNK F 47 17.76 10.13 -61.35
C UNK F 47 17.71 8.71 -61.58
N UNK F 48 18.68 8.22 -62.26
CA UNK F 48 18.61 6.86 -62.49
C UNK F 48 19.52 6.26 -61.49
N UNK F 49 20.75 6.73 -61.52
CA UNK F 49 21.76 5.86 -61.05
C UNK F 49 22.92 6.59 -60.63
N UNK F 50 23.66 5.96 -59.74
CA UNK F 50 24.91 6.48 -59.36
C UNK F 50 25.93 5.41 -59.46
N UNK F 51 27.14 5.70 -59.97
CA UNK F 51 28.24 4.74 -60.06
C UNK F 51 29.64 5.21 -59.60
N UNK F 52 30.41 4.42 -58.81
CA UNK F 52 31.69 4.78 -58.26
C UNK F 52 32.74 4.43 -59.24
N UNK F 53 33.57 5.40 -59.67
CA UNK F 53 34.59 5.19 -60.68
C UNK F 53 35.58 4.23 -60.18
N UNK F 54 36.07 4.49 -58.98
CA UNK F 54 36.91 3.54 -58.31
C UNK F 54 36.14 2.31 -58.03
N UNK F 55 36.71 1.18 -58.39
CA UNK F 55 36.04 -0.06 -58.23
C UNK F 55 34.74 -0.18 -59.00
N UNK F 56 34.49 0.74 -59.94
CA UNK F 56 33.34 0.72 -60.79
C UNK F 56 32.06 0.35 -60.11
N UNK F 57 31.80 0.86 -58.91
CA UNK F 57 30.63 0.34 -58.28
C UNK F 57 29.45 1.04 -58.79
N UNK F 58 28.66 0.38 -59.60
CA UNK F 58 27.56 1.02 -60.21
C UNK F 58 26.31 0.45 -59.72
N UNK F 59 25.38 1.33 -59.37
CA UNK F 59 24.11 0.91 -58.88
C UNK F 59 22.94 1.64 -59.50
N UNK F 60 21.86 0.89 -59.77
CA UNK F 60 20.70 1.46 -60.38
C UNK F 60 19.36 1.24 -59.61
N UNK F 61 18.44 2.20 -59.83
CA UNK F 61 17.06 2.32 -59.37
C UNK F 61 16.06 1.43 -60.09
N UNK F 62 14.99 1.00 -59.42
CA UNK F 62 14.07 -0.01 -59.89
C UNK F 62 13.79 -0.01 -61.34
N UNK F 63 13.13 1.01 -61.85
CA UNK F 63 12.74 1.03 -63.24
C UNK F 63 13.88 0.87 -64.18
N UNK F 64 14.91 1.66 -63.92
CA UNK F 64 16.07 1.71 -64.81
C UNK F 64 17.26 0.79 -64.55
N UNK F 65 17.23 0.00 -63.49
CA UNK F 65 18.38 -0.86 -63.22
C UNK F 65 18.64 -1.87 -64.32
N UNK F 66 17.58 -2.53 -64.80
CA UNK F 66 17.73 -3.52 -65.88
C UNK F 66 18.12 -2.94 -67.24
N UNK F 67 17.48 -1.83 -67.60
CA UNK F 67 17.70 -1.17 -68.89
C UNK F 67 19.08 -0.54 -69.13
N UNK F 68 19.62 0.09 -68.10
CA UNK F 68 20.86 0.76 -68.19
C UNK F 68 21.99 0.11 -67.44
N UNK F 69 23.19 0.45 -67.94
CA UNK F 69 24.49 0.03 -67.52
C UNK F 69 25.53 1.16 -67.56
N UNK F 70 26.01 1.61 -66.42
CA UNK F 70 26.98 2.68 -66.43
C UNK F 70 28.35 2.19 -66.61
N UNK F 71 29.18 2.95 -67.28
CA UNK F 71 30.49 2.52 -67.55
C UNK F 71 31.36 3.72 -67.49
N UNK F 72 32.64 3.54 -67.19
CA UNK F 72 33.54 4.64 -67.06
C UNK F 72 34.84 4.38 -67.69
N UNK F 73 35.46 5.39 -68.25
CA UNK F 73 36.78 5.34 -68.78
C UNK F 73 37.50 6.52 -68.25
N UNK F 74 38.18 6.28 -67.14
CA UNK F 74 38.85 7.28 -66.39
C UNK F 74 40.02 7.91 -67.11
N UNK F 75 40.91 7.10 -67.69
CA UNK F 75 42.04 7.59 -68.45
C UNK F 75 41.68 8.24 -69.75
N UNK F 76 40.41 8.09 -70.13
CA UNK F 76 39.91 8.76 -71.29
C UNK F 76 39.02 9.92 -70.85
N UNK F 77 38.79 10.14 -69.54
CA UNK F 77 37.96 11.21 -69.03
C UNK F 77 36.54 11.11 -69.57
N UNK F 78 36.13 9.88 -69.84
CA UNK F 78 34.95 9.56 -70.56
C UNK F 78 34.20 8.50 -69.83
N UNK F 79 32.97 8.77 -69.50
CA UNK F 79 32.05 7.76 -69.02
C UNK F 79 31.23 7.15 -70.10
N UNK F 80 30.99 5.84 -70.19
CA UNK F 80 30.07 5.40 -71.20
C UNK F 80 28.88 4.86 -70.48
N UNK F 81 27.74 4.78 -71.11
CA UNK F 81 26.57 4.43 -70.37
C UNK F 81 25.56 3.85 -71.26
N UNK F 82 25.48 2.54 -71.32
CA UNK F 82 24.60 1.81 -72.20
C UNK F 82 23.25 1.55 -71.67
N UNK F 83 22.28 1.90 -72.47
CA UNK F 83 20.90 1.80 -72.14
C UNK F 83 20.34 0.84 -73.10
N UNK F 84 19.39 0.07 -72.62
CA UNK F 84 18.82 -1.00 -73.34
C UNK F 84 17.36 -0.96 -73.25
N UNK F 85 16.75 -1.42 -74.36
CA UNK F 85 15.35 -1.62 -74.59
C UNK F 85 14.57 -0.41 -75.12
N UNK F 86 15.15 0.50 -75.94
CA UNK F 86 14.50 1.73 -76.33
C UNK F 86 13.08 1.67 -76.75
N UNK F 87 12.39 2.76 -76.47
CA UNK F 87 11.06 2.87 -76.85
C UNK F 87 10.70 4.28 -76.83
N UNK F 88 9.69 4.66 -77.61
CA UNK F 88 9.18 5.98 -77.63
C UNK F 88 8.65 6.36 -76.27
N UNK F 89 8.01 5.41 -75.55
CA UNK F 89 7.55 5.62 -74.21
C UNK F 89 8.64 5.89 -73.22
N UNK F 90 9.89 5.80 -73.65
CA UNK F 90 10.97 6.13 -72.80
C UNK F 90 11.89 7.30 -73.21
N UNK F 91 11.79 7.99 -74.37
CA UNK F 91 12.77 9.05 -74.75
C UNK F 91 13.08 10.22 -73.78
N UNK F 92 14.31 10.82 -73.72
CA UNK F 92 14.53 11.83 -72.70
C UNK F 92 15.74 12.68 -72.84
N UNK F 93 15.73 13.70 -72.04
CA UNK F 93 16.84 14.52 -71.77
C UNK F 93 17.65 13.95 -70.71
N UNK F 94 18.75 13.43 -71.11
CA UNK F 94 19.60 12.76 -70.22
C UNK F 94 20.57 13.65 -69.59
N UNK F 95 20.48 13.88 -68.31
CA UNK F 95 21.49 14.66 -67.70
C UNK F 95 22.54 13.80 -67.04
N UNK F 96 23.80 14.22 -67.29
CA UNK F 96 25.03 13.70 -66.75
C UNK F 96 25.60 14.48 -65.55
N UNK F 97 25.68 13.91 -64.31
CA UNK F 97 26.26 14.66 -63.15
C UNK F 97 27.38 14.02 -62.36
N UNK F 98 28.26 14.87 -61.79
CA UNK F 98 29.35 14.42 -60.98
C UNK F 98 29.01 14.79 -59.59
N UNK F 99 29.39 13.89 -58.76
CA UNK F 99 28.84 13.90 -57.49
C UNK F 99 29.95 13.60 -56.66
N UNK F 100 30.25 14.44 -55.73
CA UNK F 100 31.18 13.96 -54.77
C UNK F 100 30.34 13.33 -53.71
N UNK F 101 29.04 13.56 -53.73
CA UNK F 101 28.21 12.96 -52.76
C UNK F 101 26.99 12.72 -53.43
N UNK F 102 26.23 11.79 -52.91
CA UNK F 102 25.03 11.37 -53.50
C UNK F 102 24.01 12.41 -53.49
N UNK F 103 24.01 13.26 -52.45
CA UNK F 103 22.97 14.22 -52.19
C UNK F 103 22.74 15.06 -53.38
N UNK F 104 21.79 14.62 -54.18
CA UNK F 104 21.49 15.09 -55.48
C UNK F 104 22.69 15.19 -56.39
N UNK F 105 23.87 14.67 -56.03
CA UNK F 105 25.02 14.81 -56.84
C UNK F 105 25.34 16.24 -57.18
N UNK F 106 25.20 16.56 -58.45
CA UNK F 106 25.38 17.82 -59.10
C UNK F 106 26.37 18.76 -58.57
N UNK F 107 27.62 18.35 -58.48
CA UNK F 107 28.73 19.21 -58.11
C UNK F 107 28.87 20.26 -59.18
N UNK F 108 28.67 19.73 -60.36
CA UNK F 108 28.45 20.38 -61.57
C UNK F 108 27.53 19.37 -62.14
N UNK F 109 26.39 19.74 -62.66
CA UNK F 109 25.60 18.75 -63.29
C UNK F 109 25.63 19.29 -64.67
N UNK F 110 25.81 18.44 -65.68
CA UNK F 110 25.85 18.89 -67.05
C UNK F 110 24.50 19.34 -67.50
N UNK F 111 24.44 20.14 -68.55
CA UNK F 111 23.18 20.48 -69.11
C UNK F 111 22.63 19.39 -70.00
N UNK F 112 22.86 18.10 -69.66
CA UNK F 112 22.28 16.98 -70.35
C UNK F 112 22.56 16.83 -71.81
N UNK F 113 22.04 15.75 -72.38
CA UNK F 113 21.94 15.54 -73.78
C UNK F 113 20.58 14.93 -74.11
N UNK F 114 20.01 15.31 -75.24
CA UNK F 114 18.69 14.92 -75.60
C UNK F 114 18.74 13.72 -76.44
N UNK F 115 17.96 12.79 -76.00
CA UNK F 115 17.76 11.58 -76.66
C UNK F 115 16.35 11.48 -77.07
N UNK F 116 16.20 11.15 -78.35
CA UNK F 116 14.94 10.89 -78.92
C UNK F 116 14.88 9.46 -79.47
N UNK F 117 13.90 8.66 -79.02
CA UNK F 117 13.65 7.31 -79.49
C UNK F 117 12.38 7.28 -80.34
N UNK F 118 12.52 7.19 -81.66
CA UNK F 118 11.43 7.24 -82.60
C UNK F 118 11.80 6.56 -83.89
N UNK F 119 10.77 6.28 -84.68
CA UNK F 119 10.96 5.71 -86.01
C UNK F 119 11.61 6.69 -87.01
N UNK F 120 11.23 7.97 -86.92
CA UNK F 120 11.65 9.05 -87.83
C UNK F 120 13.10 9.60 -87.85
N UNK F 121 13.47 10.15 -89.01
CA UNK F 121 14.77 10.77 -89.31
C UNK F 121 14.94 12.20 -88.77
N UNK F 122 16.18 12.71 -88.79
CA UNK F 122 16.47 14.05 -88.26
C UNK F 122 16.65 15.05 -89.39
N UNK F 123 16.00 16.21 -89.27
CA UNK F 123 16.01 17.15 -90.34
C UNK F 123 16.44 18.48 -89.87
N UNK F 124 17.02 19.20 -90.84
CA UNK F 124 17.38 20.57 -90.74
C UNK F 124 16.15 21.37 -90.48
N UNK F 125 16.29 22.54 -89.87
CA UNK F 125 15.14 23.37 -89.79
C UNK F 125 15.08 24.27 -91.01
N UNK F 126 13.89 24.45 -91.59
CA UNK F 126 13.65 25.45 -92.60
C UNK F 126 13.36 26.79 -91.98
N UNK F 127 14.20 27.79 -92.26
CA UNK F 127 13.97 29.06 -91.67
C UNK F 127 12.96 29.85 -92.46
N UNK F 128 12.10 30.59 -91.79
CA UNK F 128 11.23 31.53 -92.43
C UNK F 128 11.25 32.71 -91.47
N UNK F 129 11.89 33.83 -91.85
CA UNK F 129 12.02 34.99 -90.97
C UNK F 129 11.55 36.26 -91.66
N UNK F 130 10.93 37.19 -90.91
CA UNK F 130 10.44 38.42 -91.51
C UNK F 130 10.31 39.52 -90.50
N UNK F 131 10.30 40.79 -90.97
CA UNK F 131 10.01 41.89 -90.09
C UNK F 131 8.50 42.09 -89.92
N UNK F 132 8.03 42.49 -88.72
CA UNK F 132 6.67 42.97 -88.56
C UNK F 132 6.62 44.39 -89.19
N UNK F 133 5.48 44.88 -89.69
CA UNK F 133 4.16 44.28 -89.76
C UNK F 133 3.65 43.68 -91.10
N UNK F 134 2.62 42.80 -90.99
CA UNK F 134 1.94 42.12 -92.06
C UNK F 134 0.91 42.99 -92.86
N UNK F 135 8.64 52.82 -85.70
CA UNK F 135 8.28 53.02 -84.28
C UNK F 135 9.50 53.03 -83.40
N UNK F 136 9.28 53.05 -82.06
CA UNK F 136 10.28 53.11 -81.03
C UNK F 136 11.13 51.90 -81.06
N UNK F 137 10.47 50.80 -81.30
CA UNK F 137 11.17 49.59 -81.42
C UNK F 137 10.71 48.98 -82.69
N UNK F 138 11.55 48.16 -83.30
CA UNK F 138 11.13 47.40 -84.43
C UNK F 138 11.26 45.98 -84.00
N UNK F 139 10.26 45.18 -84.34
CA UNK F 139 10.08 43.82 -83.90
C UNK F 139 10.12 42.80 -85.03
N UNK F 140 11.08 41.87 -84.98
CA UNK F 140 11.21 40.83 -85.98
C UNK F 140 10.85 39.43 -85.47
N UNK F 141 10.62 38.45 -86.40
CA UNK F 141 10.43 37.07 -85.99
C UNK F 141 10.98 35.97 -86.92
N UNK F 142 11.03 34.72 -86.38
CA UNK F 142 11.58 33.54 -87.02
C UNK F 142 10.93 32.23 -86.70
N UNK F 143 10.52 31.51 -87.75
CA UNK F 143 9.94 30.19 -87.73
C UNK F 143 10.87 29.15 -88.32
N UNK F 144 11.35 28.24 -87.47
CA UNK F 144 12.24 27.16 -87.80
C UNK F 144 11.43 25.92 -87.93
N UNK F 145 11.23 25.52 -89.17
CA UNK F 145 10.19 24.62 -89.48
C UNK F 145 10.67 23.30 -90.00
N UNK F 146 9.96 22.21 -89.68
CA UNK F 146 10.12 20.92 -90.29
C UNK F 146 11.51 20.42 -90.04
N UNK F 147 11.85 20.30 -88.76
CA UNK F 147 13.14 19.75 -88.34
C UNK F 147 12.88 18.52 -87.46
N UNK F 148 13.46 17.38 -87.82
CA UNK F 148 13.28 16.14 -87.06
C UNK F 148 14.28 15.95 -85.92
N UNK F 149 14.07 16.71 -84.84
CA UNK F 149 13.58 16.31 -83.52
C UNK F 149 14.01 17.46 -82.63
N UNK F 150 15.33 17.60 -82.48
CA UNK F 150 15.86 18.70 -81.81
C UNK F 150 17.11 18.82 -82.66
N UNK F 151 17.92 19.89 -82.57
CA UNK F 151 17.84 20.97 -81.64
C UNK F 151 18.22 22.16 -82.41
N UNK F 152 17.41 23.15 -82.23
CA UNK F 152 17.65 24.37 -82.85
C UNK F 152 18.24 25.35 -81.90
N UNK F 153 19.34 25.96 -82.25
CA UNK F 153 19.87 27.04 -81.48
C UNK F 153 19.56 28.34 -82.23
N UNK F 154 18.77 29.27 -81.67
CA UNK F 154 18.48 30.55 -82.30
C UNK F 154 19.04 31.72 -81.46
N UNK F 155 19.91 32.55 -82.02
CA UNK F 155 20.52 33.67 -81.39
C UNK F 155 20.33 34.88 -82.19
N UNK F 156 20.51 35.99 -81.54
CA UNK F 156 20.28 37.25 -82.13
C UNK F 156 21.58 37.94 -82.33
N UNK F 157 21.72 38.67 -83.44
CA UNK F 157 22.91 39.40 -83.83
C UNK F 157 24.15 38.57 -83.73
N UNK F 158 24.15 37.42 -84.43
CA UNK F 158 25.21 36.44 -84.39
C UNK F 158 25.45 35.82 -83.03
N UNK F 159 24.50 35.98 -82.10
CA UNK F 159 24.61 35.52 -80.75
C UNK F 159 25.18 36.56 -79.84
N UNK F 160 25.17 37.84 -80.21
CA UNK F 160 25.65 38.88 -79.32
C UNK F 160 24.53 39.71 -78.73
N UNK F 161 23.31 39.66 -79.26
CA UNK F 161 22.24 40.39 -78.62
C UNK F 161 21.53 39.57 -77.59
N UNK F 162 21.03 40.16 -76.49
CA UNK F 162 20.43 39.39 -75.41
C UNK F 162 19.24 40.06 -74.72
N UNK F 163 18.80 41.20 -75.25
CA UNK F 163 17.66 41.91 -74.73
C UNK F 163 16.52 41.77 -75.70
N UNK F 164 15.34 41.40 -75.21
CA UNK F 164 14.13 41.34 -75.98
C UNK F 164 14.03 40.25 -77.02
N UNK F 165 14.41 39.05 -76.64
CA UNK F 165 14.22 37.89 -77.44
C UNK F 165 13.20 37.09 -76.67
N UNK F 166 12.11 36.70 -77.28
CA UNK F 166 11.15 35.89 -76.62
C UNK F 166 11.02 34.69 -77.48
N UNK F 167 11.62 33.59 -77.04
CA UNK F 167 11.64 32.38 -77.79
C UNK F 167 10.52 31.55 -77.33
N UNK F 168 9.65 31.24 -78.24
CA UNK F 168 8.50 30.46 -78.01
C UNK F 168 8.92 29.04 -78.16
N UNK F 169 8.47 28.19 -77.24
CA UNK F 169 8.79 26.80 -77.24
C UNK F 169 8.32 26.10 -78.50
N UNK F 170 9.06 25.14 -79.04
CA UNK F 170 8.75 24.38 -80.24
C UNK F 170 7.58 23.39 -80.15
N UNK F 171 6.92 23.03 -81.25
CA UNK F 171 5.92 22.02 -81.23
C UNK F 171 6.16 21.01 -82.32
N UNK F 172 6.29 19.73 -81.92
CA UNK F 172 6.40 18.65 -82.86
C UNK F 172 5.04 18.45 -83.41
N UNK F 173 4.99 18.31 -84.70
CA UNK F 173 3.76 18.06 -85.31
C UNK F 173 4.15 17.07 -86.30
N UNK F 174 3.61 15.85 -86.10
CA UNK F 174 3.81 14.64 -86.85
C UNK F 174 5.12 14.64 -87.54
N UNK F 175 6.22 14.61 -86.79
CA UNK F 175 7.53 14.56 -87.38
C UNK F 175 7.91 15.74 -88.22
N UNK F 176 7.47 16.89 -87.80
CA UNK F 176 8.13 18.03 -88.29
C UNK F 176 8.07 18.75 -87.01
N UNK F 177 9.20 19.25 -86.54
CA UNK F 177 9.25 20.06 -85.37
C UNK F 177 9.26 21.45 -85.85
N UNK F 178 8.49 22.29 -85.18
CA UNK F 178 8.38 23.66 -85.52
C UNK F 178 8.72 24.51 -84.34
N UNK F 179 9.63 25.51 -84.46
CA UNK F 179 9.94 26.41 -83.36
C UNK F 179 9.96 27.90 -83.77
N UNK F 180 9.66 28.86 -82.86
CA UNK F 180 9.82 30.26 -83.19
C UNK F 180 10.28 31.20 -82.11
N UNK F 181 10.86 32.32 -82.51
CA UNK F 181 11.28 33.35 -81.59
C UNK F 181 10.92 34.68 -82.15
N UNK F 182 10.87 35.70 -81.30
CA UNK F 182 10.65 37.05 -81.71
C UNK F 182 11.70 37.88 -81.05
N UNK F 183 12.32 38.81 -81.78
CA UNK F 183 13.26 39.72 -81.19
C UNK F 183 12.77 41.13 -81.43
N UNK F 184 12.78 42.02 -80.43
CA UNK F 184 12.44 43.44 -80.58
C UNK F 184 13.53 44.45 -80.16
N UNK F 185 14.09 45.30 -81.04
CA UNK F 185 15.12 46.23 -80.57
C UNK F 185 14.78 47.67 -80.81
N UNK F 186 15.63 48.55 -80.28
CA UNK F 186 15.51 49.97 -80.42
C UNK F 186 15.66 50.39 -81.84
N UNK F 187 14.80 51.32 -82.28
CA UNK F 187 14.61 51.76 -83.63
C UNK F 187 15.85 52.27 -84.33
N UNK F 188 16.85 52.80 -83.59
CA UNK F 188 18.14 53.19 -84.12
C UNK F 188 19.00 52.01 -84.50
N UNK F 189 18.58 50.84 -84.06
CA UNK F 189 19.17 49.60 -84.42
C UNK F 189 18.24 48.98 -85.44
N UNK F 190 17.06 48.54 -85.00
CA UNK F 190 16.16 47.76 -85.80
C UNK F 190 15.24 48.54 -86.72
N UNK F 191 15.23 48.40 -88.05
CA UNK F 191 16.03 47.53 -88.86
C UNK F 191 17.04 48.29 -89.66
N UNK F 192 17.21 49.59 -89.46
CA UNK F 192 18.09 50.36 -90.29
C UNK F 192 19.53 49.96 -90.37
N UNK F 193 20.21 49.93 -89.23
CA UNK F 193 21.60 49.61 -89.22
C UNK F 193 21.80 48.15 -89.34
N UNK F 194 20.94 47.37 -88.66
CA UNK F 194 21.12 45.95 -88.61
C UNK F 194 19.80 45.24 -88.36
N UNK F 195 19.73 43.88 -88.65
CA UNK F 195 18.61 42.95 -88.38
C UNK F 195 18.87 41.40 -88.53
N UNK F 196 19.91 40.75 -87.87
CA UNK F 196 20.11 39.29 -88.02
C UNK F 196 19.74 38.34 -86.84
N UNK F 197 19.26 37.15 -87.23
CA UNK F 197 18.87 36.03 -86.43
C UNK F 197 19.79 34.87 -86.76
N UNK F 198 20.47 34.35 -85.77
CA UNK F 198 21.44 33.35 -85.97
C UNK F 198 20.81 32.09 -85.53
N UNK F 199 20.43 31.29 -86.46
CA UNK F 199 19.76 30.08 -86.26
C UNK F 199 20.70 28.95 -86.58
N UNK F 200 20.79 27.92 -85.76
CA UNK F 200 21.61 26.77 -86.02
C UNK F 200 20.78 25.53 -85.81
N UNK F 201 20.83 24.54 -86.73
CA UNK F 201 20.02 23.34 -86.65
C UNK F 201 20.94 22.21 -86.47
N UNK F 202 21.18 21.85 -85.21
CA UNK F 202 22.06 20.81 -84.80
C UNK F 202 21.71 19.51 -85.47
N UNK F 203 20.41 19.27 -85.68
CA UNK F 203 19.90 18.11 -86.35
C UNK F 203 20.44 17.84 -87.76
N UNK F 204 20.71 18.91 -88.51
CA UNK F 204 21.36 18.83 -89.79
C UNK F 204 22.72 19.44 -89.70
N UNK F 205 23.21 19.72 -88.48
CA UNK F 205 24.44 20.42 -88.20
C UNK F 205 24.63 21.62 -89.07
N UNK F 206 23.63 22.47 -89.08
CA UNK F 206 23.49 23.63 -89.91
C UNK F 206 23.67 24.87 -89.03
N UNK F 207 24.44 25.91 -89.41
CA UNK F 207 24.43 27.15 -88.62
C UNK F 207 24.45 28.44 -89.47
N UNK F 208 23.31 29.17 -89.56
CA UNK F 208 23.00 30.36 -90.36
C UNK F 208 22.64 31.66 -89.63
N UNK F 209 23.23 32.84 -89.93
CA UNK F 209 22.67 34.12 -89.45
C UNK F 209 22.03 34.91 -90.58
N UNK F 210 20.73 35.05 -90.48
CA UNK F 210 19.87 35.53 -91.52
C UNK F 210 19.31 36.88 -91.18
N UNK F 211 19.11 37.80 -92.13
CA UNK F 211 18.59 39.07 -91.72
C UNK F 211 17.14 39.21 -92.10
N UNK F 212 16.34 39.69 -91.19
CA UNK F 212 14.93 39.78 -91.43
C UNK F 212 14.48 41.14 -91.87
N UNK F 213 15.41 42.10 -92.09
CA UNK F 213 15.06 43.46 -92.54
C UNK F 213 14.32 43.47 -93.86
N UNK F 214 13.33 44.38 -93.97
CA UNK F 214 12.44 44.45 -95.09
C UNK F 214 13.10 44.63 -96.42
N UNK F 215 14.09 45.51 -96.48
CA UNK F 215 14.84 45.80 -97.67
C UNK F 215 16.30 45.50 -97.36
C1 NAG G . 63.04 -8.55 43.60
C2 NAG G . 63.92 -7.55 44.34
C3 NAG G . 64.53 -8.16 45.59
C4 NAG G . 63.45 -8.84 46.44
C5 NAG G . 62.58 -9.76 45.59
C6 NAG G . 61.46 -10.37 46.41
C7 NAG G . 65.29 -5.80 43.33
C8 NAG G . 66.34 -5.48 42.32
N2 NAG G . 64.98 -7.10 43.45
O3 NAG G . 65.16 -7.14 46.37
O4 NAG G . 64.06 -9.60 47.48
O5 NAG G . 62.03 -9.02 44.50
O6 NAG G . 60.46 -9.37 46.67
O7 NAG G . 64.74 -4.94 44.00
C1 NAG G . 63.80 -8.94 48.74
C2 NAG G . 64.01 -9.92 49.88
C3 NAG G . 63.77 -9.26 51.23
C4 NAG G . 64.54 -7.95 51.33
C5 NAG G . 64.29 -7.08 50.11
C6 NAG G . 65.11 -5.79 50.18
C7 NAG G . 61.86 -11.02 50.14
C8 NAG G . 61.18 -9.68 50.05
N2 NAG G . 63.12 -11.06 49.71
O3 NAG G . 64.18 -10.14 52.28
O4 NAG G . 64.11 -7.25 52.51
O5 NAG G . 64.65 -7.80 48.93
O6 NAG G . 64.25 -4.68 50.45
O7 NAG G . 61.29 -12.00 50.57
C1 NAG H . 12.40 -35.94 60.76
C2 NAG H . 12.22 -37.24 61.54
C3 NAG H . 11.08 -38.07 60.95
C4 NAG H . 9.83 -37.22 60.76
C5 NAG H . 10.16 -35.92 60.03
C6 NAG H . 8.92 -35.04 59.91
C7 NAG H . 13.50 -39.24 62.01
C8 NAG H . 13.72 -40.33 61.00
N2 NAG H . 13.45 -38.00 61.52
O3 NAG H . 10.79 -39.15 61.84
O4 NAG H . 8.87 -37.96 60.00
O5 NAG H . 11.17 -35.21 60.74
O6 NAG H . 8.46 -34.67 61.21
O7 NAG H . 13.40 -39.47 63.20
C1 NAG H . 7.81 -38.37 60.89
C2 NAG H . 6.50 -38.45 60.12
C3 NAG H . 5.36 -38.91 61.02
C4 NAG H . 5.75 -40.15 61.80
C5 NAG H . 7.11 -39.98 62.48
C6 NAG H . 7.52 -41.25 63.20
C7 NAG H . 5.27 -37.03 58.59
C8 NAG H . 5.65 -36.14 57.43
N2 NAG H . 6.19 -37.15 59.54
O3 NAG H . 4.20 -39.19 60.22
O4 NAG H . 4.76 -40.43 62.80
O5 NAG H . 8.08 -39.64 61.49
O6 NAG H . 8.39 -40.92 64.29
O7 NAG H . 4.18 -37.57 58.66
C1 NAG I . 53.51 -31.87 42.04
C2 NAG I . 53.42 -33.29 41.50
C3 NAG I . 54.71 -34.06 41.73
C4 NAG I . 55.91 -33.25 41.27
C5 NAG I . 55.87 -31.82 41.81
C6 NAG I . 57.03 -30.99 41.28
C7 NAG I . 51.77 -35.07 41.59
C8 NAG I . 50.80 -35.82 42.47
N2 NAG I . 52.31 -33.99 42.13
O3 NAG I . 54.67 -35.30 41.03
O4 NAG I . 57.12 -33.88 41.70
O5 NAG I . 54.63 -31.21 41.45
O6 NAG I . 56.77 -30.62 39.92
O7 NAG I . 52.03 -35.43 40.46
C1 NAG I . 57.76 -34.50 40.57
C2 NAG I . 59.27 -34.47 40.75
C3 NAG I . 59.98 -35.12 39.57
C4 NAG I . 59.37 -36.48 39.27
C5 NAG I . 57.86 -36.40 39.17
C6 NAG I . 57.26 -37.78 38.94
C7 NAG I . 59.84 -32.29 39.84
C8 NAG I . 58.97 -32.60 38.67
N2 NAG I . 59.71 -33.09 40.89
O3 NAG I . 61.37 -35.27 39.88
O4 NAG I . 59.91 -36.98 38.03
O5 NAG I . 57.34 -35.84 40.38
O6 NAG I . 57.26 -38.07 37.54
O7 NAG I . 60.63 -31.35 39.83
C1 NAG J . 64.48 29.14 -18.79
C2 NAG J . 65.71 28.32 -19.13
C3 NAG J . 66.33 28.78 -20.45
C4 NAG J . 65.27 28.87 -21.54
C5 NAG J . 64.05 29.65 -21.06
C6 NAG J . 62.96 29.68 -22.12
C7 NAG J . 67.56 27.46 -17.79
C8 NAG J . 68.74 27.84 -16.96
N2 NAG J . 66.70 28.45 -18.06
O3 NAG J . 67.34 27.85 -20.84
O4 NAG J . 65.82 29.51 -22.69
O5 NAG J . 63.54 29.06 -19.86
O6 NAG J . 62.45 28.35 -22.30
O7 NAG J . 67.38 26.32 -18.19
C1 NAG J . 66.03 28.52 -23.71
C2 NAG J . 66.16 29.22 -25.06
C3 NAG J . 66.39 28.20 -26.17
C4 NAG J . 67.51 27.23 -25.81
C5 NAG J . 67.30 26.66 -24.41
C6 NAG J . 68.45 25.75 -24.01
C7 NAG J . 63.97 29.48 -26.07
C8 NAG J . 63.58 28.07 -25.76
N2 NAG J . 64.96 29.98 -25.35
O3 NAG J . 66.74 28.89 -27.38
O4 NAG J . 67.56 26.17 -26.76
O5 NAG J . 67.19 27.72 -23.47
O6 NAG J . 68.48 24.59 -24.85
O7 NAG J . 63.41 30.13 -26.95
C1 NAG K . 8.38 30.40 -39.05
C2 NAG K . 7.76 30.83 -40.38
C3 NAG K . 6.25 31.03 -40.24
C4 NAG K . 5.60 29.84 -39.55
C5 NAG K . 6.36 29.46 -38.28
C6 NAG K . 5.77 28.21 -37.63
C7 NAG K . 8.15 32.54 -42.06
C8 NAG K . 8.62 31.68 -43.19
N2 NAG K . 8.38 32.06 -40.85
O3 NAG K . 5.67 31.21 -41.53
O4 NAG K . 4.25 30.14 -39.22
O5 NAG K . 7.74 29.23 -38.59
O6 NAG K . 6.11 27.06 -38.40
O7 NAG K . 7.59 33.61 -42.25
C1 NAG K . 3.38 29.43 -40.13
C2 NAG K . 2.11 29.04 -39.40
C3 NAG K . 1.15 28.30 -40.33
C4 NAG K . 0.98 29.05 -41.65
C5 NAG K . 2.33 29.43 -42.24
C6 NAG K . 2.16 30.25 -43.52
C7 NAG K . 2.39 26.89 -38.33
C8 NAG K . 3.13 26.29 -39.48
N2 NAG K . 2.42 28.22 -38.25
O3 NAG K . -0.12 28.16 -39.70
O4 NAG K . 0.27 28.22 -42.58
O5 NAG K . 3.06 30.20 -41.29
O6 NAG K . 3.21 29.93 -44.43
O7 NAG K . 1.81 26.20 -37.50
C1 NAG L . 45.03 47.19 -19.96
C2 NAG L . 44.56 48.59 -19.56
C3 NAG L . 45.75 49.52 -19.32
C4 NAG L . 46.77 48.87 -18.39
C5 NAG L . 47.11 47.45 -18.85
C6 NAG L . 48.07 46.78 -17.89
C7 NAG L . 42.69 49.94 -20.30
C8 NAG L . 41.95 50.51 -21.48
N2 NAG L . 43.70 49.14 -20.59
O3 NAG L . 45.28 50.74 -18.73
O4 NAG L . 47.96 49.66 -18.38
O5 NAG L . 45.90 46.69 -18.94
O6 NAG L . 47.39 46.49 -16.66
O7 NAG L . 42.36 50.19 -19.16
C1 NAG L . 48.13 50.20 -17.05
C2 NAG L . 49.57 50.69 -16.88
C3 NAG L . 49.78 51.28 -15.50
C4 NAG L . 48.69 52.29 -15.16
C5 NAG L . 47.31 51.72 -15.43
C6 NAG L . 46.22 52.75 -15.17
C7 NAG L . 50.69 48.65 -16.16
C8 NAG L . 49.56 48.46 -15.19
N2 NAG L . 50.49 49.58 -17.09
O3 NAG L . 51.07 51.92 -15.45
O4 NAG L . 48.80 52.67 -13.79
O5 NAG L . 47.23 51.28 -16.79
O6 NAG L . 46.05 52.92 -13.76
O7 NAG L . 51.72 48.00 -16.10
C1 NAG M . 20.37 -1.16 -38.36
C2 NAG M . 19.03 -0.52 -38.03
C3 NAG M . 17.89 -1.49 -38.31
C4 NAG M . 18.03 -2.12 -39.69
C5 NAG M . 19.43 -2.66 -39.91
C6 NAG M . 19.59 -3.22 -41.32
C7 NAG M . 18.70 1.16 -36.32
C8 NAG M . 18.69 2.15 -37.44
N2 NAG M . 19.00 -0.10 -36.65
O3 NAG M . 16.63 -0.80 -38.22
O4 NAG M . 17.08 -3.19 -39.82
O5 NAG M . 20.38 -1.61 -39.71
O6 NAG M . 19.79 -2.14 -42.24
O7 NAG M . 18.45 1.48 -35.16
C1 NAG M . 16.10 -2.82 -40.82
C2 NAG M . 15.32 -4.05 -41.25
C3 NAG M . 14.26 -3.70 -42.29
C4 NAG M . 13.44 -2.51 -41.83
C5 NAG M . 14.32 -1.36 -41.36
C6 NAG M . 13.49 -0.20 -40.84
C7 NAG M . 16.29 -5.31 -43.09
C8 NAG M . 16.62 -4.14 -43.96
N2 NAG M . 16.23 -5.05 -41.78
O3 NAG M . 13.41 -4.83 -42.50
O4 NAG M . 12.61 -2.06 -42.92
O5 NAG M . 15.19 -1.83 -40.33
O6 NAG M . 13.31 0.76 -41.88
O7 NAG M . 16.10 -6.42 -43.54
C1 NAG N . -6.18 -43.26 -8.21
C2 NAG N . -6.97 -44.40 -8.83
C3 NAG N . -6.03 -45.47 -9.39
C4 NAG N . -4.96 -44.86 -10.26
C5 NAG N . -4.28 -43.68 -9.56
C6 NAG N . -3.26 -43.01 -10.47
C7 NAG N . -8.73 -45.93 -8.17
C8 NAG N . -9.91 -45.49 -8.97
N2 NAG N . -7.86 -44.98 -7.85
O3 NAG N . -6.80 -46.41 -10.15
O4 NAG N . -3.97 -45.85 -10.57
O5 NAG N . -5.28 -42.73 -9.18
O6 NAG N . -3.93 -42.22 -11.45
O7 NAG N . -8.57 -47.10 -7.83
C1 NAG N . -4.13 -46.23 -11.96
C2 NAG N . -2.90 -47.04 -12.40
C3 NAG N . -3.04 -47.48 -13.85
C4 NAG N . -4.41 -48.12 -14.10
C5 NAG N . -5.53 -47.25 -13.55
C6 NAG N . -6.88 -47.94 -13.73
C7 NAG N . -1.62 -45.00 -12.70
C8 NAG N . -2.58 -44.66 -13.79
N2 NAG N . -1.70 -46.24 -12.24
O3 NAG N . -2.01 -48.41 -14.16
O4 NAG N . -4.60 -48.32 -15.50
O5 NAG N . -5.30 -47.00 -12.16
O6 NAG N . -7.35 -47.71 -15.06
O7 NAG N . -0.81 -44.20 -12.25
N GLU O . -19.40 22.14 14.09
CA GLU O . -18.75 23.31 14.68
C GLU O . -18.26 22.99 16.10
O GLU O . -17.94 21.85 16.41
CB GLU O . -19.71 24.49 14.72
CG GLU O . -21.15 24.13 15.07
CD GLU O . -22.14 24.59 14.04
OE1 GLU O . -23.18 25.17 14.41
OE2 GLU O . -21.89 24.36 12.83
OXT GLU O . -18.15 23.88 16.94
C7 BMK P . -63.83 -15.40 4.15
C BMK P . -63.16 -14.19 4.81
C5 BMK P . -62.27 -13.43 3.88
C10 BMK P . -61.76 -13.98 2.72
C14 BMK P . -60.93 -13.22 1.91
C15 BMK P . -60.60 -11.91 2.25
C11 BMK P . -61.09 -11.31 3.41
C6 BMK P . -61.91 -12.03 4.26
C4 BMK P . -62.47 -11.41 5.53
C1 BMK P . -63.35 -12.38 6.32
N BMK P . -64.07 -13.23 5.38
C3 BMK P . -62.47 -13.40 6.93
C9 BMK P . -61.83 -13.42 8.15
C13 BMK P . -61.07 -14.56 8.44
C12 BMK P . -60.95 -15.64 7.55
C8 BMK P . -61.60 -15.64 6.32
C2 BMK P . -62.36 -14.53 6.01
#